data_9AUX
#
_entry.id   9AUX
#
_cell.length_a   112.689
_cell.length_b   126.412
_cell.length_c   126.387
_cell.angle_alpha   90.00
_cell.angle_beta   101.32
_cell.angle_gamma   90.00
#
_symmetry.space_group_name_H-M   'P 1 21 1'
#
loop_
_entity.id
_entity.type
_entity.pdbx_description
1 polymer "Inosine-5'-monophosphate dehydrogenase"
2 non-polymer 'INOSINIC ACID'
3 non-polymer 9-{(1R)-1-[(5P)-5-(4-chloro-1H-imidazol-2-yl)pyridin-3-yl]ethoxy}-1,4-dihydro-2H-pyrano[3,4-c]quinoline
4 water water
#
_entity_poly.entity_id   1
_entity_poly.type   'polypeptide(L)'
_entity_poly.pdbx_seq_one_letter_code
;MHHHHHHGENLYFQGSMLTIVQEALTFDDVLLLPAYSTVLPKDVSLKTRLTRGIYLNIPLVSAAMDTVTESRMAIAMAQN
GGIGILHKNMDIAAQAAEVRRVKKFEAGKAESYPNSCKDDLGRLRVGAAVGTGADTPSRVEALVEAGVDVIVVDTAHGHS
AGVIERVRWVKQNFPQVQVIGGNIATGDAALALLDAGADAVKVGIGPGSICTTRIVAGIGMPQISAIDSVASALKDQIPL
IADGGIRFSGDMAKAIGAGASTIMVGSLLAGTEEAPGEVEFFQGRYYKAYRGMGSLGAMAGATGSADRYFQDSKAGAEKL
VPEGIEGRVPYKGPMGNIVHQMMGGLRSSMGYTGSAVIEDLRQNAKFVKITSAGMSESHVHDVTITKEAPNYRVG
;
_entity_poly.pdbx_strand_id   A,B,C,D,E,F,G,H
#
# COMPACT_ATOMS: atom_id res chain seq x y z
N SER A 16 -40.34 -14.82 27.05
CA SER A 16 -39.68 -14.64 25.75
C SER A 16 -40.16 -15.67 24.72
N MET A 17 -40.41 -15.23 23.49
CA MET A 17 -40.88 -16.12 22.44
C MET A 17 -39.76 -16.66 21.55
N LEU A 18 -38.57 -16.04 21.60
CA LEU A 18 -37.44 -16.46 20.77
C LEU A 18 -37.04 -17.90 21.10
N THR A 19 -37.11 -18.77 20.10
CA THR A 19 -36.75 -20.18 20.26
C THR A 19 -35.31 -20.35 19.80
N ILE A 20 -34.39 -20.44 20.75
CA ILE A 20 -32.96 -20.68 20.47
C ILE A 20 -32.70 -22.14 20.80
N VAL A 21 -32.55 -22.98 19.77
CA VAL A 21 -32.53 -24.42 20.01
C VAL A 21 -31.25 -24.88 20.72
N GLN A 22 -30.12 -24.18 20.53
CA GLN A 22 -28.84 -24.54 21.13
C GLN A 22 -27.82 -23.51 20.67
N GLU A 23 -26.64 -23.52 21.30
CA GLU A 23 -25.50 -22.82 20.73
C GLU A 23 -24.80 -23.77 19.76
N ALA A 24 -24.82 -23.44 18.48
CA ALA A 24 -24.30 -24.35 17.46
C ALA A 24 -22.84 -24.06 17.18
N LEU A 25 -22.09 -25.12 16.86
CA LEU A 25 -20.64 -25.10 16.81
C LEU A 25 -20.12 -25.47 15.43
N THR A 26 -19.14 -24.72 14.95
CA THR A 26 -18.47 -25.07 13.71
C THR A 26 -17.09 -25.66 14.03
N PHE A 27 -16.26 -25.82 12.99
CA PHE A 27 -15.00 -26.52 13.18
C PHE A 27 -14.10 -25.74 14.12
N ASP A 28 -14.02 -24.42 13.92
CA ASP A 28 -13.11 -23.56 14.68
C ASP A 28 -13.52 -23.43 16.14
N ASP A 29 -14.67 -23.95 16.52
CA ASP A 29 -15.10 -23.82 17.90
C ASP A 29 -14.55 -24.93 18.79
N VAL A 30 -14.03 -26.01 18.22
CA VAL A 30 -13.74 -27.21 18.99
C VAL A 30 -12.36 -27.76 18.62
N LEU A 31 -11.78 -28.50 19.57
CA LEU A 31 -10.58 -29.28 19.33
C LEU A 31 -10.81 -30.70 19.81
N LEU A 32 -10.24 -31.66 19.09
CA LEU A 32 -10.12 -33.02 19.60
C LEU A 32 -9.08 -33.06 20.71
N LEU A 33 -9.36 -33.88 21.75
CA LEU A 33 -8.46 -34.13 22.89
C LEU A 33 -7.58 -35.34 22.63
N PRO A 34 -6.27 -35.25 22.82
CA PRO A 34 -5.43 -36.45 22.72
C PRO A 34 -5.82 -37.43 23.82
N ALA A 35 -5.60 -38.72 23.57
CA ALA A 35 -5.98 -39.73 24.55
C ALA A 35 -4.93 -40.85 24.53
N TYR A 36 -5.13 -41.84 25.40
CA TYR A 36 -4.19 -42.96 25.44
C TYR A 36 -4.13 -43.67 24.10
N SER A 37 -2.92 -43.98 23.63
CA SER A 37 -2.73 -44.44 22.25
C SER A 37 -1.65 -45.49 22.15
N THR A 38 -1.97 -46.58 21.42
CA THR A 38 -1.00 -47.62 21.10
C THR A 38 -0.77 -47.80 19.61
N VAL A 39 -1.45 -47.04 18.75
CA VAL A 39 -1.39 -47.25 17.30
C VAL A 39 -0.64 -46.09 16.65
N LEU A 40 0.19 -46.43 15.69
CA LEU A 40 0.90 -45.35 15.03
C LEU A 40 0.09 -44.83 13.84
N PRO A 41 0.12 -43.51 13.61
CA PRO A 41 -0.46 -42.93 12.38
C PRO A 41 -0.32 -43.82 11.16
N LYS A 42 0.89 -44.36 10.94
CA LYS A 42 1.15 -45.16 9.75
C LYS A 42 0.37 -46.47 9.72
N ASP A 43 -0.10 -46.96 10.88
CA ASP A 43 -0.78 -48.24 10.98
C ASP A 43 -2.31 -48.14 11.07
N VAL A 44 -2.88 -46.95 11.12
CA VAL A 44 -4.30 -46.87 11.32
C VAL A 44 -5.02 -47.17 10.01
N SER A 45 -6.28 -47.60 10.12
CA SER A 45 -7.13 -47.88 8.98
C SER A 45 -8.07 -46.71 8.72
N LEU A 46 -8.12 -46.25 7.47
CA LEU A 46 -8.99 -45.16 7.02
C LEU A 46 -10.28 -45.65 6.34
N LYS A 47 -10.49 -46.96 6.27
CA LYS A 47 -11.68 -47.50 5.61
C LYS A 47 -12.95 -47.10 6.37
N THR A 48 -14.05 -46.88 5.61
CA THR A 48 -15.31 -46.38 6.18
C THR A 48 -16.45 -46.66 5.18
N ARG A 49 -17.69 -46.34 5.60
CA ARG A 49 -18.90 -46.49 4.77
C ARG A 49 -19.27 -45.18 4.11
N LEU A 50 -19.45 -45.21 2.78
CA LEU A 50 -20.17 -44.14 2.10
C LEU A 50 -21.68 -44.30 2.29
N THR A 51 -22.21 -45.47 1.97
CA THR A 51 -23.61 -45.79 2.22
C THR A 51 -23.67 -47.09 3.00
N ARG A 52 -24.88 -47.52 3.36
N ARG A 52 -24.88 -47.52 3.36
CA ARG A 52 -24.95 -48.77 4.09
CA ARG A 52 -24.99 -48.79 4.07
C ARG A 52 -24.59 -49.98 3.22
C ARG A 52 -24.46 -49.95 3.24
N GLY A 53 -24.34 -49.78 1.93
CA GLY A 53 -23.91 -50.84 1.05
C GLY A 53 -22.61 -50.61 0.30
N ILE A 54 -22.06 -49.39 0.34
CA ILE A 54 -20.81 -49.07 -0.34
C ILE A 54 -19.77 -48.65 0.70
N TYR A 55 -18.61 -49.30 0.68
CA TYR A 55 -17.49 -48.96 1.54
C TYR A 55 -16.43 -48.23 0.73
N LEU A 56 -15.72 -47.31 1.37
CA LEU A 56 -14.59 -46.65 0.73
C LEU A 56 -13.33 -47.01 1.50
N ASN A 57 -12.18 -46.74 0.88
CA ASN A 57 -10.92 -46.98 1.57
C ASN A 57 -10.36 -45.74 2.26
N ILE A 58 -10.78 -44.54 1.85
CA ILE A 58 -10.52 -43.31 2.59
C ILE A 58 -11.86 -42.59 2.66
N PRO A 59 -12.11 -41.78 3.68
CA PRO A 59 -13.44 -41.16 3.85
C PRO A 59 -13.61 -39.85 3.10
N LEU A 60 -13.31 -39.86 1.80
CA LEU A 60 -13.30 -38.63 1.00
C LEU A 60 -14.20 -38.78 -0.21
N VAL A 61 -15.01 -37.76 -0.47
CA VAL A 61 -15.91 -37.70 -1.62
C VAL A 61 -15.67 -36.37 -2.31
N SER A 62 -15.52 -36.38 -3.64
CA SER A 62 -15.41 -35.11 -4.31
C SER A 62 -16.82 -34.54 -4.58
N ALA A 63 -16.94 -33.22 -4.54
CA ALA A 63 -18.25 -32.55 -4.58
C ALA A 63 -18.87 -32.57 -5.98
N ALA A 64 -20.20 -32.60 -6.03
CA ALA A 64 -20.97 -32.64 -7.28
C ALA A 64 -21.11 -31.24 -7.87
N MET A 65 -20.00 -30.75 -8.38
CA MET A 65 -19.88 -29.38 -8.84
C MET A 65 -19.20 -29.35 -10.20
N ASP A 66 -19.65 -28.44 -11.06
CA ASP A 66 -19.13 -28.39 -12.43
C ASP A 66 -17.78 -27.71 -12.51
N THR A 67 -17.16 -27.45 -11.36
CA THR A 67 -15.76 -27.02 -11.27
C THR A 67 -14.92 -28.00 -10.46
N VAL A 68 -15.44 -29.18 -10.14
CA VAL A 68 -14.75 -30.07 -9.23
C VAL A 68 -14.73 -31.49 -9.78
N THR A 69 -15.91 -32.06 -10.06
CA THR A 69 -16.02 -33.48 -10.36
C THR A 69 -16.66 -33.74 -11.72
N GLU A 70 -15.85 -34.12 -12.69
CA GLU A 70 -16.33 -34.87 -13.85
C GLU A 70 -15.49 -36.15 -13.91
N SER A 71 -15.61 -36.89 -15.01
CA SER A 71 -15.06 -38.25 -14.99
C SER A 71 -13.58 -38.25 -14.60
N ARG A 72 -12.81 -37.31 -15.15
CA ARG A 72 -11.39 -37.29 -14.85
C ARG A 72 -11.15 -37.27 -13.34
N MET A 73 -11.82 -36.35 -12.63
CA MET A 73 -11.67 -36.28 -11.17
C MET A 73 -12.21 -37.53 -10.49
N ALA A 74 -13.37 -38.03 -10.94
CA ALA A 74 -13.98 -39.20 -10.33
C ALA A 74 -13.11 -40.43 -10.47
N ILE A 75 -12.38 -40.55 -11.59
CA ILE A 75 -11.46 -41.67 -11.72
C ILE A 75 -10.34 -41.52 -10.71
N ALA A 76 -9.80 -40.30 -10.58
CA ALA A 76 -8.75 -40.03 -9.60
C ALA A 76 -9.22 -40.32 -8.18
N MET A 77 -10.46 -39.94 -7.85
CA MET A 77 -11.02 -40.22 -6.53
C MET A 77 -11.06 -41.72 -6.26
N ALA A 78 -11.65 -42.48 -7.19
CA ALA A 78 -11.79 -43.93 -7.01
C ALA A 78 -10.43 -44.59 -6.86
N GLN A 79 -9.48 -44.18 -7.71
CA GLN A 79 -8.16 -44.75 -7.68
C GLN A 79 -7.52 -44.57 -6.32
N ASN A 80 -7.86 -43.49 -5.62
CA ASN A 80 -7.22 -43.17 -4.33
C ASN A 80 -8.00 -43.71 -3.13
N GLY A 81 -9.08 -44.44 -3.35
CA GLY A 81 -9.83 -45.05 -2.25
C GLY A 81 -11.18 -44.44 -2.00
N GLY A 82 -11.48 -43.28 -2.57
CA GLY A 82 -12.73 -42.61 -2.30
C GLY A 82 -13.71 -42.76 -3.44
N ILE A 83 -14.42 -41.68 -3.75
CA ILE A 83 -15.42 -41.68 -4.81
C ILE A 83 -15.74 -40.24 -5.15
N GLY A 84 -16.10 -40.01 -6.41
CA GLY A 84 -16.47 -38.70 -6.90
C GLY A 84 -17.94 -38.73 -7.30
N ILE A 85 -18.64 -37.62 -7.06
CA ILE A 85 -20.04 -37.47 -7.42
C ILE A 85 -20.10 -36.57 -8.64
N LEU A 86 -20.31 -37.18 -9.81
CA LEU A 86 -20.48 -36.43 -11.05
C LEU A 86 -21.60 -35.41 -10.91
N HIS A 87 -21.39 -34.21 -11.45
CA HIS A 87 -22.38 -33.18 -11.30
C HIS A 87 -23.46 -33.30 -12.38
N LYS A 88 -24.57 -32.58 -12.18
CA LYS A 88 -25.75 -32.69 -13.01
C LYS A 88 -25.98 -31.51 -13.94
N ASN A 89 -25.07 -30.55 -13.97
CA ASN A 89 -25.13 -29.43 -14.92
C ASN A 89 -24.74 -29.92 -16.31
N MET A 90 -25.35 -31.00 -16.78
CA MET A 90 -25.10 -31.51 -18.12
C MET A 90 -26.30 -32.36 -18.50
N ASP A 91 -26.53 -32.51 -19.82
CA ASP A 91 -27.71 -33.27 -20.19
C ASP A 91 -27.51 -34.73 -19.83
N ILE A 92 -28.60 -35.50 -19.91
CA ILE A 92 -28.58 -36.88 -19.42
C ILE A 92 -27.55 -37.71 -20.16
N ALA A 93 -27.40 -37.48 -21.47
CA ALA A 93 -26.50 -38.29 -22.28
C ALA A 93 -25.04 -38.08 -21.89
N ALA A 94 -24.64 -36.82 -21.72
CA ALA A 94 -23.26 -36.53 -21.33
C ALA A 94 -22.97 -37.09 -19.96
N GLN A 95 -23.94 -37.01 -19.04
CA GLN A 95 -23.71 -37.53 -17.70
C GLN A 95 -23.67 -39.04 -17.69
N ALA A 96 -24.58 -39.69 -18.43
CA ALA A 96 -24.54 -41.14 -18.54
C ALA A 96 -23.22 -41.59 -19.16
N ALA A 97 -22.73 -40.83 -20.14
CA ALA A 97 -21.42 -41.12 -20.74
C ALA A 97 -20.28 -40.94 -19.74
N GLU A 98 -20.37 -39.90 -18.90
CA GLU A 98 -19.35 -39.75 -17.86
C GLU A 98 -19.31 -40.96 -16.93
N VAL A 99 -20.48 -41.46 -16.51
CA VAL A 99 -20.52 -42.64 -15.67
C VAL A 99 -19.75 -43.78 -16.32
N ARG A 100 -19.98 -44.01 -17.62
CA ARG A 100 -19.35 -45.13 -18.30
C ARG A 100 -17.83 -44.94 -18.41
N ARG A 101 -17.37 -43.72 -18.68
CA ARG A 101 -15.92 -43.51 -18.71
C ARG A 101 -15.28 -43.98 -17.41
N VAL A 102 -15.92 -43.70 -16.27
CA VAL A 102 -15.42 -44.18 -15.00
C VAL A 102 -15.56 -45.69 -14.91
N LYS A 103 -16.77 -46.19 -15.19
CA LYS A 103 -17.03 -47.61 -15.04
C LYS A 103 -16.13 -48.46 -15.93
N LYS A 104 -15.73 -47.95 -17.09
CA LYS A 104 -14.96 -48.71 -18.06
C LYS A 104 -13.47 -48.47 -17.98
N PHE A 105 -13.03 -47.46 -17.22
CA PHE A 105 -11.64 -47.07 -17.25
C PHE A 105 -10.73 -48.25 -16.90
N GLU A 106 -9.61 -48.36 -17.62
CA GLU A 106 -8.63 -49.41 -17.40
C GLU A 106 -7.25 -48.80 -17.24
N ALA A 107 -6.51 -49.26 -16.24
CA ALA A 107 -5.19 -48.73 -15.91
C ALA A 107 -4.11 -49.42 -16.75
N GLY A 108 -2.87 -48.96 -16.58
CA GLY A 108 -1.73 -49.53 -17.27
C GLY A 108 -1.32 -50.92 -16.81
N TYR A 113 -2.51 -48.75 -8.24
CA TYR A 113 -3.46 -48.21 -7.26
C TYR A 113 -4.02 -49.30 -6.35
N PRO A 114 -3.26 -49.66 -5.32
CA PRO A 114 -3.68 -50.78 -4.44
C PRO A 114 -4.88 -50.46 -3.56
N ASN A 115 -5.20 -49.19 -3.32
CA ASN A 115 -6.35 -48.82 -2.50
C ASN A 115 -7.60 -48.50 -3.31
N SER A 116 -7.56 -48.68 -4.63
CA SER A 116 -8.71 -48.43 -5.51
C SER A 116 -10.03 -48.84 -4.86
N CYS A 117 -11.05 -48.02 -5.09
CA CYS A 117 -12.38 -48.29 -4.59
C CYS A 117 -13.18 -48.87 -5.75
N LYS A 118 -13.69 -50.09 -5.58
CA LYS A 118 -14.19 -50.87 -6.70
C LYS A 118 -15.44 -51.63 -6.31
N ASP A 119 -16.28 -51.91 -7.31
CA ASP A 119 -17.50 -52.68 -7.11
C ASP A 119 -17.16 -54.18 -7.10
N ASP A 120 -18.19 -55.02 -7.06
CA ASP A 120 -17.97 -56.47 -7.05
C ASP A 120 -17.33 -56.94 -8.34
N LEU A 121 -17.64 -56.30 -9.45
CA LEU A 121 -17.03 -56.62 -10.74
C LEU A 121 -15.64 -56.00 -10.91
N GLY A 122 -15.04 -55.46 -9.86
CA GLY A 122 -13.72 -54.85 -9.98
C GLY A 122 -13.63 -53.56 -10.77
N ARG A 123 -14.75 -52.86 -10.99
CA ARG A 123 -14.70 -51.57 -11.67
C ARG A 123 -14.65 -50.43 -10.66
N LEU A 124 -13.95 -49.36 -11.02
CA LEU A 124 -13.93 -48.19 -10.16
C LEU A 124 -15.37 -47.77 -9.85
N ARG A 125 -15.61 -47.41 -8.60
CA ARG A 125 -16.92 -46.91 -8.23
C ARG A 125 -17.06 -45.45 -8.60
N VAL A 126 -18.30 -45.04 -8.90
CA VAL A 126 -18.61 -43.65 -9.25
C VAL A 126 -20.04 -43.35 -8.78
N GLY A 127 -20.37 -42.05 -8.74
CA GLY A 127 -21.68 -41.62 -8.30
C GLY A 127 -22.14 -40.46 -9.14
N ALA A 128 -23.45 -40.23 -9.14
CA ALA A 128 -24.00 -39.17 -9.96
C ALA A 128 -25.07 -38.39 -9.20
N ALA A 129 -25.02 -37.06 -9.31
CA ALA A 129 -26.06 -36.21 -8.73
C ALA A 129 -27.30 -36.19 -9.62
N VAL A 130 -28.48 -36.21 -9.02
CA VAL A 130 -29.71 -35.83 -9.71
C VAL A 130 -30.45 -34.78 -8.90
N GLY A 131 -31.44 -34.17 -9.53
CA GLY A 131 -32.31 -33.18 -8.94
C GLY A 131 -33.63 -33.80 -8.54
N THR A 132 -34.69 -32.98 -8.58
CA THR A 132 -36.04 -33.49 -8.36
C THR A 132 -37.05 -33.07 -9.42
N GLY A 133 -36.64 -32.21 -10.36
CA GLY A 133 -37.50 -31.78 -11.45
C GLY A 133 -37.87 -32.91 -12.39
N ALA A 134 -38.63 -32.52 -13.43
CA ALA A 134 -39.33 -33.45 -14.32
C ALA A 134 -38.41 -34.34 -15.16
N ASP A 135 -37.11 -34.06 -15.22
CA ASP A 135 -36.17 -34.90 -15.97
C ASP A 135 -35.53 -35.99 -15.10
N THR A 136 -35.85 -36.03 -13.81
CA THR A 136 -35.15 -36.92 -12.89
C THR A 136 -35.45 -38.39 -13.17
N PRO A 137 -36.66 -38.77 -13.56
CA PRO A 137 -36.88 -40.18 -13.93
C PRO A 137 -36.02 -40.65 -15.08
N SER A 138 -35.87 -39.85 -16.14
CA SER A 138 -35.05 -40.26 -17.27
C SER A 138 -33.58 -40.27 -16.91
N ARG A 139 -33.12 -39.20 -16.23
CA ARG A 139 -31.74 -39.13 -15.78
C ARG A 139 -31.38 -40.34 -14.91
N VAL A 140 -32.20 -40.63 -13.90
CA VAL A 140 -31.90 -41.76 -13.03
C VAL A 140 -31.76 -43.03 -13.85
N GLU A 141 -32.77 -43.33 -14.67
CA GLU A 141 -32.75 -44.51 -15.51
C GLU A 141 -31.45 -44.62 -16.30
N ALA A 142 -31.11 -43.56 -17.05
CA ALA A 142 -29.89 -43.58 -17.85
C ALA A 142 -28.65 -43.84 -17.00
N LEU A 143 -28.54 -43.17 -15.85
CA LEU A 143 -27.34 -43.34 -15.03
C LEU A 143 -27.24 -44.75 -14.48
N VAL A 144 -28.36 -45.31 -14.02
CA VAL A 144 -28.36 -46.69 -13.54
C VAL A 144 -27.96 -47.66 -14.66
N GLU A 145 -28.45 -47.45 -15.87
CA GLU A 145 -28.06 -48.35 -16.94
C GLU A 145 -26.61 -48.15 -17.32
N ALA A 146 -26.09 -46.95 -17.12
CA ALA A 146 -24.68 -46.75 -17.37
C ALA A 146 -23.80 -47.37 -16.27
N GLY A 147 -24.38 -47.96 -15.23
CA GLY A 147 -23.64 -48.66 -14.20
C GLY A 147 -23.25 -47.84 -12.97
N VAL A 148 -23.90 -46.68 -12.74
CA VAL A 148 -23.56 -45.84 -11.60
C VAL A 148 -23.77 -46.62 -10.30
N ASP A 149 -22.89 -46.37 -9.31
CA ASP A 149 -22.97 -47.08 -8.04
C ASP A 149 -23.91 -46.44 -7.03
N VAL A 150 -24.02 -45.12 -7.03
CA VAL A 150 -24.89 -44.45 -6.07
C VAL A 150 -25.54 -43.24 -6.73
N ILE A 151 -26.86 -43.10 -6.57
CA ILE A 151 -27.58 -41.91 -7.00
C ILE A 151 -27.60 -40.93 -5.85
N VAL A 152 -27.20 -39.68 -6.11
CA VAL A 152 -27.27 -38.62 -5.10
C VAL A 152 -28.41 -37.68 -5.50
N VAL A 153 -29.53 -37.76 -4.78
CA VAL A 153 -30.57 -36.74 -4.86
C VAL A 153 -30.01 -35.50 -4.17
N ASP A 154 -29.56 -34.53 -4.97
CA ASP A 154 -28.68 -33.45 -4.57
C ASP A 154 -29.41 -32.10 -4.67
N THR A 155 -30.00 -31.64 -3.56
CA THR A 155 -30.76 -30.38 -3.54
C THR A 155 -30.28 -29.46 -2.41
N ALA A 156 -30.72 -28.21 -2.49
CA ALA A 156 -30.34 -27.23 -1.49
C ALA A 156 -31.06 -27.44 -0.17
N HIS A 157 -32.22 -28.09 -0.18
CA HIS A 157 -33.04 -28.25 1.02
C HIS A 157 -33.63 -29.66 1.00
N GLY A 158 -32.90 -30.62 1.58
CA GLY A 158 -33.33 -32.00 1.53
C GLY A 158 -34.53 -32.32 2.41
N HIS A 159 -34.87 -31.42 3.34
CA HIS A 159 -35.96 -31.67 4.28
C HIS A 159 -37.29 -31.18 3.71
N SER A 160 -37.59 -31.67 2.52
CA SER A 160 -38.72 -31.19 1.75
C SER A 160 -39.47 -32.39 1.19
N ALA A 161 -40.76 -32.17 0.92
CA ALA A 161 -41.58 -33.25 0.38
C ALA A 161 -41.01 -33.77 -0.94
N GLY A 162 -40.49 -32.87 -1.78
CA GLY A 162 -39.99 -33.29 -3.07
C GLY A 162 -38.78 -34.20 -2.98
N VAL A 163 -37.84 -33.89 -2.09
CA VAL A 163 -36.64 -34.71 -1.98
C VAL A 163 -36.96 -36.01 -1.28
N ILE A 164 -37.81 -35.95 -0.26
CA ILE A 164 -38.23 -37.15 0.44
C ILE A 164 -38.90 -38.12 -0.53
N GLU A 165 -39.84 -37.63 -1.33
N GLU A 165 -39.84 -37.60 -1.32
CA GLU A 165 -40.54 -38.57 -2.19
CA GLU A 165 -40.60 -38.44 -2.24
C GLU A 165 -39.69 -39.02 -3.37
C GLU A 165 -39.71 -38.99 -3.35
N ARG A 166 -38.79 -38.17 -3.87
CA ARG A 166 -37.90 -38.62 -4.93
C ARG A 166 -36.91 -39.67 -4.43
N VAL A 167 -36.47 -39.57 -3.17
CA VAL A 167 -35.64 -40.62 -2.59
C VAL A 167 -36.41 -41.93 -2.54
N ARG A 168 -37.68 -41.87 -2.14
CA ARG A 168 -38.50 -43.08 -2.10
C ARG A 168 -38.65 -43.68 -3.49
N TRP A 169 -38.78 -42.83 -4.51
CA TRP A 169 -39.03 -43.30 -5.86
C TRP A 169 -37.83 -44.05 -6.40
N VAL A 170 -36.63 -43.55 -6.09
CA VAL A 170 -35.44 -44.21 -6.58
C VAL A 170 -35.26 -45.55 -5.88
N LYS A 171 -35.51 -45.61 -4.57
CA LYS A 171 -35.43 -46.88 -3.89
C LYS A 171 -36.47 -47.86 -4.42
N GLN A 172 -37.73 -47.42 -4.51
CA GLN A 172 -38.78 -48.30 -5.01
C GLN A 172 -38.44 -48.81 -6.42
N ASN A 173 -37.93 -47.93 -7.29
CA ASN A 173 -37.86 -48.28 -8.71
C ASN A 173 -36.47 -48.64 -9.20
N PHE A 174 -35.44 -48.42 -8.40
CA PHE A 174 -34.08 -48.88 -8.75
C PHE A 174 -33.42 -49.39 -7.48
N PRO A 175 -34.05 -50.37 -6.83
CA PRO A 175 -33.51 -50.88 -5.55
C PRO A 175 -32.09 -51.42 -5.66
N GLN A 176 -31.59 -51.70 -6.87
CA GLN A 176 -30.26 -52.26 -7.07
C GLN A 176 -29.16 -51.21 -7.05
N VAL A 177 -29.48 -49.95 -6.78
CA VAL A 177 -28.46 -48.92 -6.67
C VAL A 177 -28.66 -48.24 -5.33
N GLN A 178 -27.55 -47.75 -4.75
CA GLN A 178 -27.62 -47.01 -3.49
C GLN A 178 -28.09 -45.58 -3.76
N VAL A 179 -28.85 -45.02 -2.83
N VAL A 179 -28.84 -45.03 -2.82
CA VAL A 179 -29.40 -43.67 -2.95
CA VAL A 179 -29.40 -43.68 -2.93
C VAL A 179 -28.98 -42.84 -1.74
C VAL A 179 -28.96 -42.84 -1.74
N ILE A 180 -28.54 -41.61 -2.00
CA ILE A 180 -28.18 -40.64 -0.96
C ILE A 180 -29.08 -39.42 -1.11
N GLY A 181 -29.58 -38.89 0.02
CA GLY A 181 -30.39 -37.68 0.00
C GLY A 181 -29.79 -36.56 0.83
N GLY A 182 -30.01 -35.32 0.37
CA GLY A 182 -29.58 -34.14 1.08
C GLY A 182 -29.89 -32.91 0.25
N ASN A 183 -29.43 -31.76 0.75
CA ASN A 183 -28.75 -31.63 2.04
C ASN A 183 -29.68 -31.31 3.22
N ILE A 184 -29.25 -31.71 4.41
CA ILE A 184 -30.02 -31.58 5.64
C ILE A 184 -29.10 -31.09 6.74
N ALA A 185 -29.70 -30.73 7.86
CA ALA A 185 -28.85 -30.32 8.98
C ALA A 185 -29.49 -30.58 10.33
N THR A 186 -30.53 -31.41 10.42
CA THR A 186 -31.17 -31.68 11.70
C THR A 186 -31.47 -33.16 11.82
N GLY A 187 -31.57 -33.63 13.06
CA GLY A 187 -32.04 -34.99 13.29
C GLY A 187 -33.36 -35.28 12.61
N ASP A 188 -34.29 -34.32 12.66
CA ASP A 188 -35.60 -34.50 12.06
C ASP A 188 -35.49 -34.83 10.58
N ALA A 189 -34.78 -33.99 9.83
CA ALA A 189 -34.62 -34.23 8.40
C ALA A 189 -33.96 -35.59 8.14
N ALA A 190 -32.94 -35.93 8.93
CA ALA A 190 -32.26 -37.21 8.76
C ALA A 190 -33.23 -38.37 8.98
N LEU A 191 -34.04 -38.27 10.03
CA LEU A 191 -35.06 -39.28 10.27
C LEU A 191 -36.03 -39.35 9.10
N ALA A 192 -36.34 -38.21 8.49
CA ALA A 192 -37.27 -38.20 7.36
C ALA A 192 -36.70 -38.91 6.16
N LEU A 193 -35.44 -38.65 5.81
CA LEU A 193 -34.85 -39.32 4.65
C LEU A 193 -34.62 -40.81 4.91
N LEU A 194 -34.30 -41.18 6.14
CA LEU A 194 -34.13 -42.59 6.49
C LEU A 194 -35.41 -43.37 6.22
N ASP A 195 -36.55 -42.85 6.66
CA ASP A 195 -37.80 -43.54 6.39
C ASP A 195 -38.16 -43.53 4.92
N ALA A 196 -37.64 -42.57 4.16
CA ALA A 196 -37.82 -42.57 2.72
C ALA A 196 -37.09 -43.72 2.03
N GLY A 197 -36.11 -44.33 2.69
CA GLY A 197 -35.34 -45.43 2.13
C GLY A 197 -33.90 -45.12 1.81
N ALA A 198 -33.43 -43.93 2.15
CA ALA A 198 -32.09 -43.51 1.77
C ALA A 198 -31.05 -44.40 2.41
N ASP A 199 -29.96 -44.62 1.69
CA ASP A 199 -28.87 -45.43 2.19
C ASP A 199 -27.82 -44.60 2.90
N ALA A 200 -27.98 -43.28 2.86
CA ALA A 200 -27.05 -42.32 3.43
C ALA A 200 -27.67 -40.94 3.29
N VAL A 201 -27.37 -40.03 4.23
CA VAL A 201 -27.78 -38.64 4.15
C VAL A 201 -26.52 -37.78 4.01
N LYS A 202 -26.67 -36.64 3.34
CA LYS A 202 -25.57 -35.70 3.17
C LYS A 202 -25.89 -34.46 4.00
N VAL A 203 -24.95 -34.06 4.86
CA VAL A 203 -25.16 -33.05 5.91
C VAL A 203 -24.39 -31.79 5.56
N GLY A 204 -25.10 -30.65 5.59
CA GLY A 204 -24.52 -29.35 5.29
C GLY A 204 -25.50 -28.30 4.77
N ILE A 205 -25.96 -27.39 5.62
CA ILE A 205 -26.77 -26.25 5.20
C ILE A 205 -26.05 -25.00 5.67
N GLY A 206 -25.33 -24.35 4.76
CA GLY A 206 -24.63 -23.12 5.08
C GLY A 206 -23.11 -23.18 5.20
N PRO A 207 -22.50 -24.35 5.42
CA PRO A 207 -21.07 -24.36 5.78
C PRO A 207 -20.13 -24.12 4.61
N GLY A 208 -20.61 -24.29 3.38
CA GLY A 208 -19.69 -24.36 2.25
C GLY A 208 -18.94 -23.07 2.02
N SER A 209 -17.73 -23.22 1.45
CA SER A 209 -16.85 -22.09 1.24
C SER A 209 -17.45 -21.05 0.30
N ILE A 210 -18.22 -21.47 -0.69
CA ILE A 210 -18.79 -20.54 -1.67
C ILE A 210 -20.28 -20.28 -1.39
N CYS A 211 -20.73 -20.53 -0.16
CA CYS A 211 -22.13 -20.41 0.20
C CYS A 211 -22.46 -18.99 0.67
N THR A 212 -23.53 -18.43 0.14
CA THR A 212 -24.08 -17.17 0.65
C THR A 212 -25.50 -17.35 1.18
N THR A 213 -25.96 -18.58 1.34
CA THR A 213 -27.27 -18.80 1.97
C THR A 213 -27.35 -18.08 3.30
N ARG A 214 -26.28 -18.17 4.11
CA ARG A 214 -26.28 -17.53 5.43
C ARG A 214 -26.65 -16.06 5.34
N ILE A 215 -26.17 -15.39 4.29
CA ILE A 215 -26.43 -13.98 4.09
C ILE A 215 -27.74 -13.76 3.35
N VAL A 216 -28.06 -14.60 2.36
CA VAL A 216 -29.23 -14.34 1.51
C VAL A 216 -30.52 -14.70 2.22
N ALA A 217 -30.55 -15.87 2.88
CA ALA A 217 -31.74 -16.38 3.55
C ALA A 217 -31.67 -16.35 5.07
N GLY A 218 -30.50 -16.09 5.66
CA GLY A 218 -30.36 -16.15 7.11
C GLY A 218 -30.45 -17.56 7.66
N ILE A 219 -30.12 -18.54 6.84
CA ILE A 219 -30.36 -19.95 7.13
C ILE A 219 -29.03 -20.64 7.33
N GLY A 220 -28.92 -21.51 8.33
CA GLY A 220 -27.69 -22.24 8.55
C GLY A 220 -27.67 -23.08 9.80
N MET A 221 -26.73 -24.00 9.83
CA MET A 221 -26.47 -24.76 11.04
C MET A 221 -24.98 -25.01 11.08
N PRO A 222 -24.26 -24.44 12.04
CA PRO A 222 -22.82 -24.77 12.18
C PRO A 222 -22.53 -26.27 12.02
N GLN A 223 -21.49 -26.60 11.24
CA GLN A 223 -21.38 -27.96 10.73
C GLN A 223 -21.18 -28.98 11.85
N ILE A 224 -20.36 -28.68 12.87
CA ILE A 224 -20.11 -29.66 13.93
C ILE A 224 -21.43 -30.02 14.61
N SER A 225 -22.18 -29.01 15.04
CA SER A 225 -23.49 -29.26 15.64
C SER A 225 -24.45 -29.90 14.64
N ALA A 226 -24.28 -29.63 13.35
CA ALA A 226 -25.12 -30.27 12.35
C ALA A 226 -24.85 -31.77 12.31
N ILE A 227 -23.58 -32.14 12.09
CA ILE A 227 -23.15 -33.53 12.15
C ILE A 227 -23.66 -34.19 13.42
N ASP A 228 -23.45 -33.54 14.57
CA ASP A 228 -23.90 -34.15 15.83
C ASP A 228 -25.40 -34.42 15.82
N SER A 229 -26.19 -33.48 15.29
CA SER A 229 -27.65 -33.62 15.28
C SER A 229 -28.09 -34.80 14.41
N VAL A 230 -27.57 -34.89 13.19
CA VAL A 230 -27.94 -35.99 12.29
C VAL A 230 -27.49 -37.33 12.87
N ALA A 231 -26.19 -37.46 13.17
CA ALA A 231 -25.65 -38.70 13.71
C ALA A 231 -26.41 -39.16 14.95
N SER A 232 -26.67 -38.25 15.88
CA SER A 232 -27.34 -38.63 17.12
C SER A 232 -28.72 -39.20 16.86
N ALA A 233 -29.42 -38.67 15.86
CA ALA A 233 -30.75 -39.18 15.53
C ALA A 233 -30.67 -40.49 14.75
N LEU A 234 -29.62 -40.65 13.94
CA LEU A 234 -29.52 -41.80 13.04
C LEU A 234 -29.14 -43.08 13.78
N LYS A 235 -28.35 -42.97 14.84
CA LYS A 235 -27.91 -44.13 15.64
C LYS A 235 -27.26 -45.19 14.76
N ASP A 236 -26.50 -44.73 13.77
CA ASP A 236 -25.70 -45.57 12.88
C ASP A 236 -26.53 -46.46 11.94
N GLN A 237 -27.84 -46.22 11.83
CA GLN A 237 -28.61 -46.99 10.85
C GLN A 237 -28.13 -46.73 9.43
N ILE A 238 -27.70 -45.50 9.15
CA ILE A 238 -27.07 -45.20 7.87
C ILE A 238 -25.96 -44.19 8.10
N PRO A 239 -24.92 -44.25 7.29
CA PRO A 239 -23.84 -43.26 7.39
C PRO A 239 -24.32 -41.87 7.01
N LEU A 240 -23.55 -40.85 7.41
CA LEU A 240 -23.75 -39.49 6.93
C LEU A 240 -22.47 -38.98 6.28
N ILE A 241 -22.61 -38.23 5.20
CA ILE A 241 -21.52 -37.52 4.53
C ILE A 241 -21.56 -36.07 5.01
N ALA A 242 -20.47 -35.59 5.64
CA ALA A 242 -20.36 -34.20 6.09
C ALA A 242 -19.90 -33.34 4.92
N ASP A 243 -20.78 -32.50 4.41
CA ASP A 243 -20.55 -31.81 3.14
C ASP A 243 -20.44 -30.31 3.35
N GLY A 244 -19.27 -29.75 3.00
CA GLY A 244 -19.05 -28.32 3.04
C GLY A 244 -18.20 -27.85 4.21
N GLY A 245 -17.32 -26.89 3.96
CA GLY A 245 -16.63 -26.18 5.01
C GLY A 245 -15.33 -26.80 5.47
N ILE A 246 -14.92 -27.92 4.88
CA ILE A 246 -13.63 -28.50 5.19
C ILE A 246 -12.55 -27.61 4.58
N ARG A 247 -11.65 -27.11 5.43
CA ARG A 247 -10.53 -26.32 4.95
C ARG A 247 -9.18 -26.97 5.17
N PHE A 248 -9.06 -27.87 6.15
CA PHE A 248 -7.79 -28.45 6.51
C PHE A 248 -8.04 -29.88 6.95
N SER A 249 -6.95 -30.67 6.99
CA SER A 249 -7.11 -32.04 7.42
C SER A 249 -7.72 -32.10 8.83
N GLY A 250 -7.37 -31.15 9.69
CA GLY A 250 -7.98 -31.14 11.01
C GLY A 250 -9.50 -31.13 10.96
N ASP A 251 -10.08 -30.37 10.03
CA ASP A 251 -11.54 -30.31 9.96
C ASP A 251 -12.12 -31.70 9.75
N MET A 252 -11.43 -32.52 8.93
CA MET A 252 -11.89 -33.87 8.63
C MET A 252 -12.00 -34.72 9.89
N ALA A 253 -11.01 -34.64 10.79
CA ALA A 253 -11.07 -35.45 12.00
C ALA A 253 -12.14 -34.92 12.94
N LYS A 254 -12.28 -33.61 13.06
CA LYS A 254 -13.39 -33.07 13.85
C LYS A 254 -14.73 -33.58 13.32
N ALA A 255 -14.94 -33.52 11.99
CA ALA A 255 -16.18 -34.02 11.41
C ALA A 255 -16.40 -35.49 11.74
N ILE A 256 -15.40 -36.34 11.45
CA ILE A 256 -15.54 -37.77 11.73
C ILE A 256 -15.76 -38.01 13.21
N GLY A 257 -15.01 -37.29 14.06
CA GLY A 257 -15.19 -37.41 15.48
C GLY A 257 -16.55 -36.95 15.95
N ALA A 258 -17.11 -35.94 15.28
CA ALA A 258 -18.46 -35.51 15.60
C ALA A 258 -19.51 -36.50 15.11
N GLY A 259 -19.13 -37.46 14.28
CA GLY A 259 -20.07 -38.50 13.90
C GLY A 259 -20.16 -38.79 12.42
N ALA A 260 -19.42 -38.05 11.59
CA ALA A 260 -19.46 -38.29 10.15
C ALA A 260 -18.85 -39.65 9.80
N SER A 261 -19.28 -40.20 8.66
CA SER A 261 -18.58 -41.35 8.10
C SER A 261 -17.65 -40.99 6.96
N THR A 262 -18.01 -39.96 6.19
CA THR A 262 -17.20 -39.44 5.10
C THR A 262 -17.33 -37.94 5.07
N ILE A 263 -16.54 -37.32 4.20
CA ILE A 263 -16.42 -35.87 4.09
C ILE A 263 -16.43 -35.56 2.60
N MET A 264 -17.26 -34.61 2.18
CA MET A 264 -17.31 -34.17 0.80
C MET A 264 -16.63 -32.80 0.72
N VAL A 265 -15.76 -32.60 -0.25
CA VAL A 265 -14.95 -31.39 -0.32
C VAL A 265 -15.08 -30.85 -1.72
N GLY A 266 -15.28 -29.54 -1.84
CA GLY A 266 -15.27 -28.88 -3.13
C GLY A 266 -14.04 -28.03 -3.29
N SER A 267 -13.94 -26.95 -2.49
CA SER A 267 -12.80 -26.05 -2.60
C SER A 267 -11.46 -26.79 -2.52
N LEU A 268 -11.35 -27.81 -1.65
CA LEU A 268 -10.05 -28.44 -1.46
C LEU A 268 -9.52 -29.06 -2.75
N LEU A 269 -10.41 -29.64 -3.58
CA LEU A 269 -10.02 -30.25 -4.84
C LEU A 269 -10.19 -29.34 -6.04
N ALA A 270 -10.84 -28.19 -5.88
CA ALA A 270 -10.93 -27.23 -6.97
C ALA A 270 -9.53 -26.70 -7.30
N GLY A 271 -9.27 -26.51 -8.58
CA GLY A 271 -7.97 -26.05 -9.02
C GLY A 271 -6.94 -27.14 -9.20
N THR A 272 -7.28 -28.39 -8.95
CA THR A 272 -6.35 -29.48 -9.21
C THR A 272 -6.36 -29.82 -10.70
N GLU A 273 -5.31 -30.52 -11.12
CA GLU A 273 -5.19 -30.98 -12.50
C GLU A 273 -6.48 -31.65 -12.98
N GLU A 274 -6.98 -32.61 -12.21
CA GLU A 274 -8.10 -33.46 -12.59
C GLU A 274 -9.46 -32.76 -12.54
N ALA A 275 -9.55 -31.59 -11.92
CA ALA A 275 -10.81 -30.89 -11.89
C ALA A 275 -11.13 -30.28 -13.24
N PRO A 276 -12.41 -30.17 -13.61
CA PRO A 276 -12.78 -29.58 -14.90
C PRO A 276 -12.34 -28.12 -14.97
N GLY A 277 -12.13 -27.65 -16.19
CA GLY A 277 -11.82 -26.26 -16.44
C GLY A 277 -10.38 -26.06 -16.87
N GLU A 278 -10.14 -24.98 -17.60
CA GLU A 278 -8.82 -24.71 -18.12
C GLU A 278 -8.03 -23.89 -17.10
N VAL A 279 -6.72 -24.14 -17.07
CA VAL A 279 -5.83 -23.30 -16.26
C VAL A 279 -5.72 -21.94 -16.91
N GLU A 280 -5.92 -20.89 -16.12
CA GLU A 280 -5.94 -19.52 -16.61
C GLU A 280 -4.75 -18.76 -16.01
N PHE A 281 -4.05 -18.01 -16.86
CA PHE A 281 -2.88 -17.25 -16.44
C PHE A 281 -3.30 -15.83 -16.13
N PHE A 282 -3.04 -15.39 -14.90
CA PHE A 282 -3.47 -14.07 -14.45
C PHE A 282 -2.42 -13.49 -13.53
N GLN A 283 -1.80 -12.40 -13.95
CA GLN A 283 -0.82 -11.69 -13.14
C GLN A 283 0.23 -12.64 -12.60
N GLY A 284 0.75 -13.49 -13.49
CA GLY A 284 1.89 -14.33 -13.18
C GLY A 284 1.59 -15.59 -12.38
N ARG A 285 0.37 -15.77 -11.90
CA ARG A 285 -0.01 -16.99 -11.21
C ARG A 285 -0.98 -17.79 -12.08
N TYR A 286 -1.26 -19.01 -11.64
CA TYR A 286 -2.13 -19.93 -12.36
C TYR A 286 -3.36 -20.25 -11.53
N TYR A 287 -4.53 -20.19 -12.17
CA TYR A 287 -5.81 -20.31 -11.48
C TYR A 287 -6.76 -21.21 -12.25
N LYS A 288 -7.76 -21.72 -11.52
CA LYS A 288 -8.93 -22.34 -12.11
C LYS A 288 -10.17 -21.72 -11.48
N ALA A 289 -11.30 -21.89 -12.16
CA ALA A 289 -12.55 -21.34 -11.67
C ALA A 289 -13.16 -22.25 -10.61
N TYR A 290 -13.76 -21.64 -9.60
CA TYR A 290 -14.52 -22.36 -8.58
C TYR A 290 -15.78 -21.57 -8.27
N ARG A 291 -16.94 -22.20 -8.39
CA ARG A 291 -18.21 -21.48 -8.23
C ARG A 291 -19.26 -22.37 -7.61
N GLY A 292 -20.10 -21.78 -6.75
CA GLY A 292 -21.23 -22.52 -6.24
C GLY A 292 -22.17 -22.96 -7.36
N MET A 293 -22.82 -24.11 -7.17
CA MET A 293 -23.84 -24.49 -8.14
C MET A 293 -25.03 -23.55 -8.10
N GLY A 294 -25.18 -22.79 -7.02
CA GLY A 294 -26.20 -21.79 -6.87
C GLY A 294 -25.78 -20.38 -7.24
N SER A 295 -24.62 -20.23 -7.88
CA SER A 295 -24.17 -18.93 -8.38
C SER A 295 -24.90 -18.57 -9.66
N LEU A 296 -24.91 -17.27 -9.97
CA LEU A 296 -25.49 -16.79 -11.21
C LEU A 296 -24.96 -17.55 -12.42
N GLY A 297 -23.64 -17.55 -12.59
CA GLY A 297 -23.05 -18.22 -13.74
C GLY A 297 -23.40 -19.70 -13.80
N ALA A 298 -23.42 -20.37 -12.64
CA ALA A 298 -23.82 -21.77 -12.61
C ALA A 298 -25.22 -21.94 -13.20
N MET A 299 -26.15 -21.08 -12.78
CA MET A 299 -27.55 -21.27 -13.13
C MET A 299 -27.88 -20.74 -14.52
N ALA A 300 -27.00 -19.94 -15.13
CA ALA A 300 -27.23 -19.36 -16.46
C ALA A 300 -27.05 -20.35 -17.61
N LEU A 320 -35.29 -17.47 -8.48
CA LEU A 320 -34.34 -17.84 -7.42
C LEU A 320 -33.09 -16.95 -7.35
N VAL A 321 -32.96 -16.16 -6.29
CA VAL A 321 -31.77 -15.31 -6.13
C VAL A 321 -30.56 -16.22 -5.95
N PRO A 322 -29.41 -15.82 -6.46
CA PRO A 322 -28.20 -16.62 -6.23
C PRO A 322 -27.97 -16.88 -4.75
N GLU A 323 -27.39 -18.04 -4.45
CA GLU A 323 -26.99 -18.37 -3.09
C GLU A 323 -25.53 -18.81 -3.04
N GLY A 324 -24.75 -18.42 -4.04
CA GLY A 324 -23.35 -18.83 -4.11
C GLY A 324 -22.57 -17.81 -4.90
N ILE A 325 -21.26 -17.79 -4.67
CA ILE A 325 -20.37 -16.91 -5.39
C ILE A 325 -19.64 -17.73 -6.44
N GLU A 326 -18.93 -17.04 -7.35
CA GLU A 326 -18.09 -17.69 -8.32
C GLU A 326 -16.78 -16.92 -8.47
N GLY A 327 -15.68 -17.64 -8.58
CA GLY A 327 -14.38 -16.99 -8.66
C GLY A 327 -13.28 -17.96 -9.02
N ARG A 328 -12.04 -17.53 -8.74
CA ARG A 328 -10.83 -18.26 -9.09
C ARG A 328 -10.18 -18.81 -7.84
N VAL A 329 -9.64 -20.02 -7.96
CA VAL A 329 -8.82 -20.59 -6.89
C VAL A 329 -7.43 -20.84 -7.48
N PRO A 330 -6.38 -20.86 -6.69
CA PRO A 330 -5.05 -21.09 -7.26
C PRO A 330 -4.96 -22.48 -7.83
N TYR A 331 -4.15 -22.63 -8.87
CA TYR A 331 -3.87 -23.95 -9.42
C TYR A 331 -3.09 -24.78 -8.42
N LYS A 332 -3.51 -26.03 -8.22
CA LYS A 332 -2.97 -26.89 -7.17
C LYS A 332 -2.17 -28.08 -7.67
N GLY A 333 -2.21 -28.38 -8.96
CA GLY A 333 -1.50 -29.52 -9.47
C GLY A 333 -2.26 -30.80 -9.22
N PRO A 334 -1.57 -31.94 -9.27
CA PRO A 334 -2.26 -33.23 -9.14
C PRO A 334 -2.99 -33.37 -7.81
N MET A 335 -4.25 -33.79 -7.89
CA MET A 335 -5.05 -33.95 -6.68
C MET A 335 -4.49 -35.03 -5.77
N GLY A 336 -3.75 -35.99 -6.31
CA GLY A 336 -3.10 -36.99 -5.46
C GLY A 336 -2.36 -36.41 -4.26
N ASN A 337 -1.47 -35.44 -4.51
CA ASN A 337 -0.76 -34.81 -3.40
C ASN A 337 -1.72 -34.29 -2.34
N ILE A 338 -2.83 -33.64 -2.75
CA ILE A 338 -3.77 -33.11 -1.78
C ILE A 338 -4.38 -34.24 -0.95
N VAL A 339 -4.79 -35.32 -1.60
CA VAL A 339 -5.40 -36.44 -0.87
C VAL A 339 -4.40 -37.00 0.14
N HIS A 340 -3.18 -37.31 -0.31
N HIS A 340 -3.19 -37.32 -0.32
CA HIS A 340 -2.21 -37.89 0.61
CA HIS A 340 -2.17 -37.85 0.58
C HIS A 340 -1.95 -36.95 1.80
C HIS A 340 -2.00 -36.95 1.80
N GLN A 341 -1.88 -35.64 1.56
CA GLN A 341 -1.70 -34.71 2.66
C GLN A 341 -2.89 -34.74 3.62
N MET A 342 -4.12 -34.69 3.10
CA MET A 342 -5.29 -34.70 3.97
C MET A 342 -5.37 -35.99 4.81
N MET A 343 -4.97 -37.12 4.25
CA MET A 343 -5.09 -38.37 4.98
C MET A 343 -3.94 -38.55 5.95
N GLY A 344 -2.75 -38.07 5.59
CA GLY A 344 -1.70 -37.94 6.60
C GLY A 344 -2.15 -37.16 7.81
N GLY A 345 -2.84 -36.04 7.59
CA GLY A 345 -3.36 -35.28 8.72
C GLY A 345 -4.32 -36.10 9.56
N LEU A 346 -5.22 -36.83 8.91
CA LEU A 346 -6.22 -37.59 9.65
C LEU A 346 -5.58 -38.77 10.37
N ARG A 347 -4.60 -39.42 9.72
CA ARG A 347 -3.82 -40.46 10.39
C ARG A 347 -3.14 -39.91 11.63
N SER A 348 -2.56 -38.71 11.52
CA SER A 348 -1.97 -38.11 12.71
C SER A 348 -3.02 -37.93 13.81
N SER A 349 -4.22 -37.46 13.44
N SER A 349 -4.21 -37.46 13.44
CA SER A 349 -5.25 -37.22 14.44
CA SER A 349 -5.25 -37.22 14.44
C SER A 349 -5.65 -38.51 15.16
C SER A 349 -5.63 -38.50 15.16
N MET A 350 -5.86 -39.58 14.40
CA MET A 350 -6.25 -40.83 15.04
C MET A 350 -5.08 -41.43 15.81
N GLY A 351 -3.86 -40.98 15.53
CA GLY A 351 -2.74 -41.30 16.40
C GLY A 351 -2.86 -40.64 17.78
N TYR A 352 -3.17 -39.34 17.80
CA TYR A 352 -3.36 -38.62 19.07
C TYR A 352 -4.55 -39.13 19.87
N THR A 353 -5.59 -39.61 19.18
CA THR A 353 -6.81 -40.05 19.83
C THR A 353 -6.80 -41.53 20.17
N GLY A 354 -5.76 -42.25 19.72
CA GLY A 354 -5.72 -43.67 19.93
C GLY A 354 -6.82 -44.41 19.22
N SER A 355 -7.10 -44.05 17.97
CA SER A 355 -8.17 -44.65 17.18
C SER A 355 -7.53 -45.53 16.12
N ALA A 356 -7.72 -46.83 16.25
CA ALA A 356 -7.04 -47.72 15.32
C ALA A 356 -7.77 -47.81 13.99
N VAL A 357 -9.08 -47.51 13.97
CA VAL A 357 -9.91 -47.53 12.77
C VAL A 357 -10.94 -46.39 12.86
N ILE A 358 -11.61 -46.13 11.75
CA ILE A 358 -12.49 -44.96 11.68
C ILE A 358 -13.58 -45.04 12.75
N GLU A 359 -14.21 -46.20 12.92
CA GLU A 359 -15.24 -46.32 13.94
C GLU A 359 -14.77 -45.87 15.31
N ASP A 360 -13.49 -46.10 15.65
CA ASP A 360 -12.99 -45.66 16.96
C ASP A 360 -13.04 -44.13 17.09
N LEU A 361 -12.63 -43.41 16.05
CA LEU A 361 -12.73 -41.96 16.11
C LEU A 361 -14.18 -41.53 16.30
N ARG A 362 -15.10 -42.13 15.53
CA ARG A 362 -16.52 -41.79 15.60
C ARG A 362 -17.11 -42.03 16.99
N GLN A 363 -16.75 -43.11 17.65
CA GLN A 363 -17.38 -43.45 18.92
C GLN A 363 -16.67 -42.86 20.15
N ASN A 364 -15.39 -42.50 20.05
CA ASN A 364 -14.61 -42.26 21.24
C ASN A 364 -14.01 -40.87 21.34
N ALA A 365 -14.06 -40.05 20.29
CA ALA A 365 -13.41 -38.76 20.37
C ALA A 365 -14.04 -37.94 21.49
N LYS A 366 -13.20 -37.15 22.15
CA LYS A 366 -13.61 -36.14 23.12
C LYS A 366 -13.19 -34.79 22.61
N PHE A 367 -14.05 -33.78 22.81
CA PHE A 367 -13.80 -32.43 22.37
C PHE A 367 -13.73 -31.46 23.57
N VAL A 368 -13.03 -30.35 23.35
CA VAL A 368 -13.17 -29.15 24.17
C VAL A 368 -13.67 -28.04 23.27
N LYS A 369 -14.43 -27.11 23.87
CA LYS A 369 -14.85 -25.90 23.17
C LYS A 369 -13.84 -24.79 23.47
N ILE A 370 -13.36 -24.14 22.43
CA ILE A 370 -12.42 -23.05 22.60
C ILE A 370 -13.10 -21.73 22.27
N THR A 371 -12.46 -20.64 22.69
CA THR A 371 -12.98 -19.28 22.55
C THR A 371 -12.35 -18.59 21.35
N SER A 372 -12.68 -17.31 21.20
CA SER A 372 -12.11 -16.50 20.13
C SER A 372 -10.59 -16.46 20.21
N ALA A 373 -10.06 -16.31 21.43
CA ALA A 373 -8.62 -16.35 21.62
C ALA A 373 -8.05 -17.66 21.07
N GLY A 374 -8.49 -18.79 21.62
CA GLY A 374 -8.12 -20.08 21.06
C GLY A 374 -8.53 -20.21 19.61
N SER B 16 -22.75 -8.01 41.35
CA SER B 16 -23.57 -8.30 42.52
C SER B 16 -24.67 -7.25 42.69
N MET B 17 -24.35 -5.98 42.44
CA MET B 17 -25.37 -4.96 42.27
C MET B 17 -25.62 -4.63 40.80
N LEU B 18 -24.76 -5.11 39.90
CA LEU B 18 -24.94 -4.90 38.47
C LEU B 18 -26.17 -5.67 37.99
N THR B 19 -27.10 -4.97 37.36
CA THR B 19 -28.30 -5.62 36.83
C THR B 19 -28.05 -5.85 35.34
N ILE B 20 -27.74 -7.09 34.99
CA ILE B 20 -27.63 -7.50 33.60
C ILE B 20 -28.94 -8.19 33.25
N VAL B 21 -29.76 -7.53 32.42
CA VAL B 21 -31.10 -8.05 32.15
C VAL B 21 -31.05 -9.34 31.34
N GLN B 22 -29.99 -9.55 30.55
CA GLN B 22 -29.87 -10.68 29.64
C GLN B 22 -28.68 -10.48 28.72
N GLU B 23 -28.28 -11.53 28.00
CA GLU B 23 -27.36 -11.37 26.88
C GLU B 23 -28.19 -11.11 25.63
N ALA B 24 -28.17 -9.88 25.15
CA ALA B 24 -28.94 -9.51 23.98
C ALA B 24 -28.21 -9.93 22.70
N LEU B 25 -28.99 -10.35 21.71
CA LEU B 25 -28.47 -10.89 20.46
C LEU B 25 -28.72 -9.96 19.30
N THR B 26 -27.75 -9.81 18.41
CA THR B 26 -27.99 -9.13 17.15
C THR B 26 -28.13 -10.15 16.02
N PHE B 27 -28.37 -9.64 14.80
CA PHE B 27 -28.61 -10.49 13.65
C PHE B 27 -27.49 -11.52 13.48
N ASP B 28 -26.24 -11.07 13.43
CA ASP B 28 -25.07 -11.95 13.28
C ASP B 28 -24.91 -12.96 14.41
N ASP B 29 -25.69 -12.90 15.47
CA ASP B 29 -25.51 -13.89 16.53
C ASP B 29 -26.32 -15.17 16.30
N VAL B 30 -27.24 -15.17 15.33
CA VAL B 30 -28.21 -16.25 15.21
C VAL B 30 -28.37 -16.65 13.75
N LEU B 31 -28.82 -17.89 13.56
CA LEU B 31 -29.23 -18.37 12.24
C LEU B 31 -30.56 -19.07 12.36
N LEU B 32 -31.37 -18.94 11.32
CA LEU B 32 -32.59 -19.72 11.21
C LEU B 32 -32.28 -21.17 10.79
N LEU B 33 -32.99 -22.11 11.39
CA LEU B 33 -32.90 -23.53 11.11
C LEU B 33 -33.85 -23.90 9.96
N PRO B 34 -33.39 -24.67 8.97
CA PRO B 34 -34.34 -25.24 7.99
C PRO B 34 -35.27 -26.23 8.65
N ALA B 35 -36.50 -26.31 8.14
CA ALA B 35 -37.51 -27.19 8.69
C ALA B 35 -38.23 -27.87 7.54
N TYR B 36 -39.07 -28.86 7.86
CA TYR B 36 -39.81 -29.55 6.81
C TYR B 36 -40.64 -28.58 5.99
N SER B 37 -40.63 -28.77 4.66
CA SER B 37 -41.13 -27.75 3.74
C SER B 37 -41.84 -28.38 2.54
N THR B 38 -43.08 -27.93 2.29
CA THR B 38 -43.88 -28.35 1.15
C THR B 38 -44.13 -27.22 0.17
N VAL B 39 -43.56 -26.03 0.36
CA VAL B 39 -43.96 -24.85 -0.38
C VAL B 39 -42.73 -24.21 -1.01
N LEU B 40 -42.83 -23.90 -2.30
CA LEU B 40 -41.65 -23.37 -3.00
C LEU B 40 -41.51 -21.87 -2.79
N PRO B 41 -40.25 -21.39 -2.72
CA PRO B 41 -39.99 -19.95 -2.61
C PRO B 41 -40.88 -19.10 -3.50
N LYS B 42 -41.04 -19.48 -4.77
CA LYS B 42 -41.85 -18.67 -5.67
C LYS B 42 -43.32 -18.61 -5.25
N ASP B 43 -43.80 -19.57 -4.46
CA ASP B 43 -45.22 -19.64 -4.09
C ASP B 43 -45.54 -19.06 -2.71
N VAL B 44 -44.57 -18.55 -1.96
CA VAL B 44 -44.86 -18.07 -0.62
C VAL B 44 -45.54 -16.71 -0.70
N SER B 45 -46.28 -16.37 0.34
CA SER B 45 -46.93 -15.07 0.45
C SER B 45 -46.11 -14.13 1.34
N LEU B 46 -45.82 -12.93 0.83
CA LEU B 46 -45.14 -11.89 1.58
C LEU B 46 -46.10 -10.89 2.24
N LYS B 47 -47.41 -11.06 2.10
CA LYS B 47 -48.34 -10.09 2.65
C LYS B 47 -48.23 -10.03 4.18
N THR B 48 -48.44 -8.82 4.73
CA THR B 48 -48.25 -8.60 6.17
C THR B 48 -48.87 -7.26 6.55
N ARG B 49 -48.91 -6.98 7.86
CA ARG B 49 -49.46 -5.75 8.43
C ARG B 49 -48.39 -4.70 8.68
N LEU B 50 -48.62 -3.48 8.23
CA LEU B 50 -47.85 -2.35 8.70
C LEU B 50 -48.36 -1.87 10.06
N THR B 51 -49.67 -1.70 10.20
CA THR B 51 -50.31 -1.33 11.44
C THR B 51 -51.48 -2.26 11.67
N ARG B 52 -52.18 -2.10 12.77
CA ARG B 52 -53.33 -2.99 12.88
C ARG B 52 -54.41 -2.70 11.85
N GLY B 53 -54.24 -1.68 11.00
CA GLY B 53 -55.23 -1.32 10.02
C GLY B 53 -54.78 -1.27 8.57
N ILE B 54 -53.49 -1.02 8.33
CA ILE B 54 -52.93 -0.98 6.98
C ILE B 54 -52.15 -2.27 6.73
N TYR B 55 -52.44 -2.93 5.61
CA TYR B 55 -51.71 -4.12 5.19
C TYR B 55 -50.82 -3.76 4.01
N LEU B 56 -49.68 -4.43 3.93
CA LEU B 56 -48.76 -4.26 2.82
C LEU B 56 -48.64 -5.58 2.12
N ASN B 57 -48.14 -5.53 0.88
CA ASN B 57 -47.95 -6.75 0.12
C ASN B 57 -46.55 -7.32 0.26
N ILE B 58 -45.58 -6.51 0.65
CA ILE B 58 -44.24 -6.98 0.99
C ILE B 58 -43.92 -6.33 2.32
N PRO B 59 -43.09 -6.94 3.17
CA PRO B 59 -42.85 -6.41 4.52
C PRO B 59 -41.71 -5.39 4.59
N LEU B 60 -41.70 -4.42 3.67
CA LEU B 60 -40.61 -3.45 3.51
C LEU B 60 -41.12 -2.02 3.66
N VAL B 61 -40.43 -1.24 4.49
CA VAL B 61 -40.75 0.16 4.76
C VAL B 61 -39.46 0.97 4.59
N SER B 62 -39.52 2.06 3.83
CA SER B 62 -38.32 2.87 3.62
C SER B 62 -38.25 3.96 4.70
N ALA B 63 -37.03 4.22 5.18
CA ALA B 63 -36.82 5.03 6.37
C ALA B 63 -37.15 6.52 6.15
N ALA B 64 -37.51 7.19 7.25
CA ALA B 64 -37.92 8.61 7.22
C ALA B 64 -36.70 9.51 7.44
N MET B 65 -35.90 9.63 6.37
CA MET B 65 -34.62 10.29 6.42
C MET B 65 -34.50 11.19 5.20
N ASP B 66 -33.84 12.33 5.36
CA ASP B 66 -33.78 13.21 4.20
C ASP B 66 -32.79 12.73 3.16
N THR B 67 -32.24 11.52 3.28
CA THR B 67 -31.47 10.95 2.17
C THR B 67 -32.10 9.67 1.64
N VAL B 68 -33.32 9.35 2.03
CA VAL B 68 -33.93 8.07 1.65
C VAL B 68 -35.32 8.26 1.06
N THR B 69 -36.22 8.95 1.77
CA THR B 69 -37.65 8.97 1.41
C THR B 69 -38.21 10.38 1.23
N GLU B 70 -38.44 10.76 -0.01
CA GLU B 70 -39.36 11.82 -0.39
C GLU B 70 -40.40 11.21 -1.33
N SER B 71 -41.19 12.06 -2.01
CA SER B 71 -42.34 11.52 -2.74
C SER B 71 -41.92 10.47 -3.74
N ARG B 72 -40.87 10.74 -4.51
CA ARG B 72 -40.48 9.81 -5.59
C ARG B 72 -40.15 8.42 -5.04
N MET B 73 -39.43 8.35 -3.92
CA MET B 73 -39.15 7.07 -3.30
C MET B 73 -40.40 6.47 -2.67
N ALA B 74 -41.23 7.30 -2.05
CA ALA B 74 -42.47 6.79 -1.44
C ALA B 74 -43.38 6.19 -2.50
N ILE B 75 -43.33 6.71 -3.73
CA ILE B 75 -44.16 6.15 -4.77
C ILE B 75 -43.62 4.81 -5.24
N ALA B 76 -42.31 4.72 -5.38
CA ALA B 76 -41.67 3.44 -5.72
C ALA B 76 -41.97 2.38 -4.66
N MET B 77 -41.98 2.77 -3.37
CA MET B 77 -42.24 1.80 -2.31
C MET B 77 -43.64 1.23 -2.44
N ALA B 78 -44.65 2.10 -2.45
CA ALA B 78 -46.03 1.68 -2.65
C ALA B 78 -46.18 0.86 -3.92
N GLN B 79 -45.56 1.33 -5.01
CA GLN B 79 -45.67 0.65 -6.28
C GLN B 79 -45.19 -0.80 -6.19
N ASN B 80 -44.20 -1.07 -5.32
CA ASN B 80 -43.66 -2.41 -5.11
C ASN B 80 -44.36 -3.19 -3.99
N GLY B 81 -45.41 -2.65 -3.39
CA GLY B 81 -46.17 -3.36 -2.39
C GLY B 81 -45.87 -2.94 -0.97
N GLY B 82 -44.88 -2.07 -0.79
CA GLY B 82 -44.48 -1.53 0.49
C GLY B 82 -44.99 -0.11 0.71
N ILE B 83 -44.30 0.62 1.58
CA ILE B 83 -44.70 1.98 1.94
C ILE B 83 -43.45 2.75 2.35
N GLY B 84 -43.43 4.04 2.02
CA GLY B 84 -42.38 4.94 2.44
C GLY B 84 -42.90 5.89 3.50
N ILE B 85 -42.04 6.25 4.44
CA ILE B 85 -42.38 7.23 5.48
C ILE B 85 -41.62 8.49 5.12
N LEU B 86 -42.32 9.48 4.56
CA LEU B 86 -41.67 10.73 4.20
C LEU B 86 -41.01 11.38 5.42
N HIS B 87 -39.82 11.91 5.23
CA HIS B 87 -39.13 12.47 6.37
C HIS B 87 -39.74 13.84 6.75
N LYS B 88 -39.34 14.35 7.93
CA LYS B 88 -39.93 15.54 8.50
C LYS B 88 -38.98 16.74 8.55
N ASN B 89 -37.87 16.67 7.84
N ASN B 89 -37.84 16.67 7.88
CA ASN B 89 -36.92 17.78 7.78
CA ASN B 89 -36.93 17.82 7.82
C ASN B 89 -37.31 18.72 6.63
C ASN B 89 -37.32 18.71 6.64
N MET B 90 -38.56 19.19 6.70
CA MET B 90 -39.08 20.15 5.73
C MET B 90 -40.29 20.82 6.36
N ASP B 91 -40.64 21.99 5.85
CA ASP B 91 -41.74 22.71 6.49
C ASP B 91 -43.03 21.93 6.30
N ILE B 92 -44.05 22.32 7.06
CA ILE B 92 -45.33 21.62 6.99
C ILE B 92 -45.88 21.66 5.57
N ALA B 93 -45.65 22.76 4.86
CA ALA B 93 -46.23 22.90 3.52
C ALA B 93 -45.60 21.92 2.53
N ALA B 94 -44.28 21.80 2.57
CA ALA B 94 -43.61 20.90 1.65
C ALA B 94 -43.96 19.46 1.96
N GLN B 95 -43.97 19.10 3.25
CA GLN B 95 -44.31 17.73 3.58
C GLN B 95 -45.72 17.39 3.09
N ALA B 96 -46.69 18.27 3.36
CA ALA B 96 -48.08 18.00 2.96
C ALA B 96 -48.20 17.83 1.45
N ALA B 97 -47.41 18.58 0.66
CA ALA B 97 -47.46 18.40 -0.78
C ALA B 97 -46.83 17.08 -1.21
N GLU B 98 -45.79 16.63 -0.48
CA GLU B 98 -45.22 15.31 -0.75
C GLU B 98 -46.27 14.23 -0.56
N VAL B 99 -47.07 14.35 0.49
CA VAL B 99 -48.19 13.42 0.67
C VAL B 99 -49.09 13.43 -0.56
N ARG B 100 -49.53 14.62 -1.02
CA ARG B 100 -50.46 14.69 -2.14
C ARG B 100 -49.84 14.10 -3.41
N ARG B 101 -48.58 14.44 -3.67
CA ARG B 101 -47.91 13.92 -4.86
C ARG B 101 -47.98 12.39 -4.90
N VAL B 102 -47.95 11.75 -3.73
CA VAL B 102 -48.06 10.29 -3.66
C VAL B 102 -49.51 9.87 -3.82
N LYS B 103 -50.41 10.55 -3.14
CA LYS B 103 -51.80 10.12 -3.12
C LYS B 103 -52.45 10.29 -4.50
N LYS B 104 -52.00 11.27 -5.27
CA LYS B 104 -52.57 11.57 -6.58
C LYS B 104 -51.74 11.01 -7.73
N PHE B 105 -50.55 10.48 -7.45
CA PHE B 105 -49.77 9.91 -8.54
C PHE B 105 -50.59 8.90 -9.31
N GLU B 106 -50.56 9.01 -10.64
CA GLU B 106 -51.22 8.08 -11.54
C GLU B 106 -50.21 7.55 -12.53
N ALA B 107 -50.20 6.25 -12.76
CA ALA B 107 -49.28 5.67 -13.71
C ALA B 107 -49.93 5.59 -15.09
N GLY B 108 -49.08 5.42 -16.11
CA GLY B 108 -49.52 5.28 -17.49
C GLY B 108 -50.51 4.14 -17.71
N TYR B 113 -47.85 -2.46 -12.33
CA TYR B 113 -47.54 -2.68 -10.91
C TYR B 113 -48.68 -3.44 -10.25
N PRO B 114 -48.69 -4.77 -10.40
CA PRO B 114 -49.79 -5.56 -9.84
C PRO B 114 -49.74 -5.73 -8.32
N ASN B 115 -48.64 -5.39 -7.65
CA ASN B 115 -48.58 -5.52 -6.21
C ASN B 115 -48.67 -4.20 -5.47
N SER B 116 -49.00 -3.11 -6.16
CA SER B 116 -49.26 -1.83 -5.52
C SER B 116 -49.94 -1.99 -4.17
N CYS B 117 -49.51 -1.20 -3.21
CA CYS B 117 -50.16 -1.12 -1.91
C CYS B 117 -51.02 0.13 -1.90
N LYS B 118 -52.33 -0.05 -1.74
CA LYS B 118 -53.27 1.03 -1.95
C LYS B 118 -54.35 1.05 -0.88
N ASP B 119 -54.99 2.21 -0.74
CA ASP B 119 -56.08 2.43 0.18
C ASP B 119 -57.41 2.04 -0.47
N ASP B 120 -58.52 2.32 0.22
CA ASP B 120 -59.84 1.89 -0.25
C ASP B 120 -60.21 2.55 -1.57
N LEU B 121 -59.76 3.77 -1.81
CA LEU B 121 -60.01 4.50 -3.04
C LEU B 121 -58.99 4.18 -4.15
N GLY B 122 -58.18 3.14 -3.98
CA GLY B 122 -57.17 2.79 -4.96
C GLY B 122 -55.98 3.72 -5.09
N ARG B 123 -55.66 4.50 -4.07
CA ARG B 123 -54.52 5.40 -4.13
C ARG B 123 -53.32 4.77 -3.42
N LEU B 124 -52.14 5.01 -3.95
CA LEU B 124 -50.94 4.55 -3.27
C LEU B 124 -50.98 4.99 -1.82
N ARG B 125 -50.58 4.10 -0.92
CA ARG B 125 -50.51 4.45 0.49
C ARG B 125 -49.18 5.13 0.79
N VAL B 126 -49.20 6.00 1.80
CA VAL B 126 -48.00 6.75 2.20
C VAL B 126 -48.08 7.04 3.69
N GLY B 127 -46.91 7.27 4.29
CA GLY B 127 -46.83 7.63 5.68
C GLY B 127 -45.98 8.88 5.83
N ALA B 128 -46.13 9.55 6.97
CA ALA B 128 -45.35 10.76 7.24
C ALA B 128 -44.87 10.81 8.69
N ALA B 129 -43.60 11.14 8.89
CA ALA B 129 -43.02 11.27 10.22
C ALA B 129 -43.33 12.64 10.84
N VAL B 130 -43.76 12.65 12.09
CA VAL B 130 -43.81 13.89 12.84
C VAL B 130 -43.01 13.70 14.12
N GLY B 131 -42.67 14.82 14.76
CA GLY B 131 -41.98 14.81 16.02
C GLY B 131 -42.93 15.11 17.17
N THR B 132 -42.34 15.57 18.29
CA THR B 132 -43.14 15.94 19.45
C THR B 132 -43.16 17.44 19.72
N GLY B 133 -42.34 18.24 19.02
CA GLY B 133 -42.20 19.67 19.22
C GLY B 133 -43.44 20.51 18.91
N ALA B 134 -43.30 21.84 18.94
CA ALA B 134 -44.49 22.69 19.04
C ALA B 134 -45.26 22.80 17.73
N ASP B 135 -44.67 22.42 16.61
CA ASP B 135 -45.35 22.45 15.32
C ASP B 135 -46.18 21.20 15.06
N THR B 136 -46.03 20.18 15.91
CA THR B 136 -46.62 18.87 15.62
C THR B 136 -48.12 18.95 15.39
N PRO B 137 -48.89 19.72 16.17
CA PRO B 137 -50.33 19.86 15.87
C PRO B 137 -50.60 20.34 14.45
N SER B 138 -49.99 21.45 14.05
CA SER B 138 -50.17 21.96 12.69
C SER B 138 -49.79 20.90 11.66
N ARG B 139 -48.57 20.35 11.79
CA ARG B 139 -48.09 19.33 10.86
C ARG B 139 -49.08 18.18 10.75
N VAL B 140 -49.49 17.60 11.87
CA VAL B 140 -50.34 16.42 11.82
C VAL B 140 -51.61 16.73 11.04
N GLU B 141 -52.22 17.88 11.33
CA GLU B 141 -53.48 18.23 10.68
C GLU B 141 -53.30 18.36 9.17
N ALA B 142 -52.25 19.06 8.73
CA ALA B 142 -52.01 19.20 7.30
C ALA B 142 -51.81 17.85 6.63
N LEU B 143 -51.08 16.93 7.29
CA LEU B 143 -50.81 15.63 6.70
C LEU B 143 -52.07 14.80 6.57
N VAL B 144 -52.84 14.70 7.66
CA VAL B 144 -54.13 14.04 7.61
C VAL B 144 -54.98 14.64 6.51
N GLU B 145 -55.01 15.98 6.48
CA GLU B 145 -55.78 16.71 5.46
C GLU B 145 -55.26 16.42 4.07
N ALA B 146 -53.97 16.18 3.92
CA ALA B 146 -53.45 15.78 2.63
C ALA B 146 -53.73 14.32 2.28
N GLY B 147 -54.37 13.53 3.16
CA GLY B 147 -54.72 12.14 2.86
C GLY B 147 -53.70 11.09 3.30
N VAL B 148 -52.65 11.46 4.05
CA VAL B 148 -51.66 10.50 4.53
C VAL B 148 -52.36 9.32 5.19
N ASP B 149 -51.79 8.13 5.01
CA ASP B 149 -52.40 6.93 5.59
C ASP B 149 -51.94 6.65 7.02
N VAL B 150 -50.75 7.08 7.41
CA VAL B 150 -50.23 6.71 8.73
C VAL B 150 -49.33 7.83 9.22
N ILE B 151 -49.51 8.22 10.47
CA ILE B 151 -48.65 9.19 11.13
C ILE B 151 -47.61 8.43 11.92
N VAL B 152 -46.34 8.76 11.73
CA VAL B 152 -45.25 8.18 12.49
C VAL B 152 -44.71 9.25 13.43
N VAL B 153 -45.02 9.12 14.73
CA VAL B 153 -44.36 9.92 15.75
C VAL B 153 -42.96 9.37 15.89
N ASP B 154 -41.99 10.10 15.35
CA ASP B 154 -40.67 9.60 15.01
C ASP B 154 -39.57 10.26 15.86
N THR B 155 -39.20 9.63 16.98
CA THR B 155 -38.14 10.16 17.85
C THR B 155 -37.07 9.13 18.15
N ALA B 156 -35.97 9.64 18.70
CA ALA B 156 -34.87 8.79 19.15
C ALA B 156 -35.22 7.98 20.39
N HIS B 157 -36.19 8.43 21.21
CA HIS B 157 -36.50 7.77 22.49
C HIS B 157 -38.01 7.77 22.66
N GLY B 158 -38.66 6.72 22.15
CA GLY B 158 -40.11 6.62 22.25
C GLY B 158 -40.62 6.29 23.64
N HIS B 159 -39.76 5.82 24.53
CA HIS B 159 -40.22 5.48 25.87
C HIS B 159 -40.17 6.70 26.79
N SER B 160 -40.79 7.77 26.31
CA SER B 160 -40.76 9.07 26.97
C SER B 160 -42.17 9.63 27.03
N ALA B 161 -42.46 10.33 28.14
CA ALA B 161 -43.73 11.03 28.30
C ALA B 161 -44.12 11.79 27.03
N GLY B 162 -43.17 12.57 26.48
CA GLY B 162 -43.46 13.35 25.28
C GLY B 162 -44.07 12.52 24.16
N VAL B 163 -43.44 11.39 23.83
CA VAL B 163 -43.93 10.61 22.69
C VAL B 163 -45.20 9.87 23.05
N ILE B 164 -45.31 9.38 24.29
CA ILE B 164 -46.52 8.65 24.67
C ILE B 164 -47.73 9.58 24.60
N GLU B 165 -47.57 10.82 25.09
CA GLU B 165 -48.68 11.76 25.06
C GLU B 165 -49.02 12.15 23.64
N ARG B 166 -47.99 12.37 22.80
CA ARG B 166 -48.25 12.80 21.43
C ARG B 166 -48.94 11.71 20.62
N VAL B 167 -48.66 10.44 20.92
CA VAL B 167 -49.32 9.36 20.22
C VAL B 167 -50.78 9.27 20.64
N ARG B 168 -51.06 9.54 21.91
CA ARG B 168 -52.46 9.58 22.33
C ARG B 168 -53.18 10.74 21.65
N TRP B 169 -52.51 11.88 21.55
CA TRP B 169 -53.12 13.08 21.00
C TRP B 169 -53.50 12.89 19.56
N VAL B 170 -52.73 12.08 18.82
CA VAL B 170 -53.05 11.83 17.42
C VAL B 170 -54.23 10.87 17.31
N LYS B 171 -54.27 9.86 18.17
CA LYS B 171 -55.38 8.90 18.14
C LYS B 171 -56.70 9.58 18.50
N GLN B 172 -56.69 10.41 19.55
CA GLN B 172 -57.91 11.07 20.00
C GLN B 172 -58.36 12.14 19.03
N ASN B 173 -57.43 12.82 18.38
CA ASN B 173 -57.78 13.97 17.57
C ASN B 173 -57.90 13.66 16.10
N PHE B 174 -57.41 12.51 15.66
CA PHE B 174 -57.51 12.08 14.26
C PHE B 174 -57.69 10.57 14.23
N PRO B 175 -58.77 10.08 14.82
CA PRO B 175 -59.04 8.63 14.80
C PRO B 175 -58.97 8.03 13.41
N GLN B 176 -59.18 8.85 12.38
CA GLN B 176 -59.28 8.30 11.02
C GLN B 176 -57.91 8.06 10.38
N VAL B 177 -56.82 8.29 11.09
CA VAL B 177 -55.51 7.96 10.56
C VAL B 177 -54.81 6.99 11.51
N GLN B 178 -53.99 6.11 10.94
CA GLN B 178 -53.20 5.19 11.76
C GLN B 178 -51.99 5.91 12.35
N VAL B 179 -51.60 5.50 13.55
N VAL B 179 -51.62 5.52 13.58
CA VAL B 179 -50.50 6.15 14.25
CA VAL B 179 -50.50 6.12 14.29
C VAL B 179 -49.47 5.11 14.70
C VAL B 179 -49.48 5.05 14.62
N ILE B 180 -48.19 5.36 14.36
CA ILE B 180 -47.07 4.54 14.80
C ILE B 180 -46.21 5.40 15.73
N GLY B 181 -45.69 4.79 16.80
CA GLY B 181 -44.79 5.48 17.73
C GLY B 181 -43.49 4.72 17.86
N GLY B 182 -42.38 5.45 17.96
CA GLY B 182 -41.07 4.85 18.15
C GLY B 182 -40.06 5.94 18.44
N ASN B 183 -38.80 5.54 18.61
CA ASN B 183 -38.36 4.14 18.61
C ASN B 183 -38.25 3.55 20.01
N ILE B 184 -38.33 2.23 20.09
CA ILE B 184 -38.34 1.53 21.36
C ILE B 184 -37.49 0.27 21.24
N ALA B 185 -37.11 -0.28 22.39
CA ALA B 185 -36.33 -1.49 22.42
C ALA B 185 -36.77 -2.48 23.48
N THR B 186 -37.84 -2.22 24.23
CA THR B 186 -38.22 -3.11 25.31
C THR B 186 -39.72 -3.39 25.30
N GLY B 187 -40.09 -4.50 25.95
CA GLY B 187 -41.49 -4.78 26.17
C GLY B 187 -42.20 -3.65 26.90
N ASP B 188 -41.60 -3.17 27.98
CA ASP B 188 -42.23 -2.11 28.76
C ASP B 188 -42.61 -0.92 27.89
N ALA B 189 -41.68 -0.45 27.05
CA ALA B 189 -41.98 0.68 26.17
C ALA B 189 -43.07 0.33 25.17
N ALA B 190 -43.08 -0.91 24.68
CA ALA B 190 -44.12 -1.35 23.75
C ALA B 190 -45.48 -1.31 24.42
N LEU B 191 -45.56 -1.83 25.64
CA LEU B 191 -46.83 -1.80 26.37
C LEU B 191 -47.30 -0.37 26.62
N ALA B 192 -46.37 0.56 26.82
CA ALA B 192 -46.76 1.95 27.06
C ALA B 192 -47.40 2.54 25.80
N LEU B 193 -46.74 2.41 24.66
CA LEU B 193 -47.31 2.94 23.43
C LEU B 193 -48.65 2.26 23.10
N LEU B 194 -48.73 0.94 23.26
CA LEU B 194 -50.00 0.22 23.08
C LEU B 194 -51.12 0.90 23.88
N ASP B 195 -50.89 1.11 25.17
CA ASP B 195 -51.86 1.79 26.02
C ASP B 195 -52.16 3.20 25.53
N ALA B 196 -51.16 3.89 25.00
CA ALA B 196 -51.36 5.20 24.39
C ALA B 196 -52.26 5.16 23.16
N GLY B 197 -52.56 3.98 22.63
CA GLY B 197 -53.37 3.87 21.44
C GLY B 197 -52.65 3.64 20.13
N ALA B 198 -51.33 3.40 20.16
CA ALA B 198 -50.59 3.21 18.92
C ALA B 198 -51.14 2.03 18.13
N ASP B 199 -51.12 2.14 16.81
CA ASP B 199 -51.53 1.03 15.97
C ASP B 199 -50.36 0.14 15.56
N ALA B 200 -49.15 0.49 16.00
CA ALA B 200 -47.91 -0.24 15.73
C ALA B 200 -46.79 0.54 16.39
N VAL B 201 -45.70 -0.16 16.69
CA VAL B 201 -44.53 0.41 17.34
C VAL B 201 -43.32 0.22 16.43
N LYS B 202 -42.39 1.17 16.46
CA LYS B 202 -41.18 1.06 15.66
C LYS B 202 -40.01 0.73 16.60
N VAL B 203 -39.37 -0.42 16.36
CA VAL B 203 -38.35 -1.00 17.23
C VAL B 203 -36.95 -0.78 16.66
N GLY B 204 -36.05 -0.28 17.49
CA GLY B 204 -34.66 -0.05 17.10
C GLY B 204 -34.03 1.07 17.90
N ILE B 205 -33.18 0.75 18.87
CA ILE B 205 -32.40 1.72 19.63
C ILE B 205 -30.94 1.34 19.48
N GLY B 206 -30.23 1.98 18.55
CA GLY B 206 -28.81 1.72 18.37
C GLY B 206 -28.37 0.87 17.18
N PRO B 207 -29.30 0.20 16.47
CA PRO B 207 -28.87 -0.72 15.42
C PRO B 207 -28.55 -0.08 14.07
N GLY B 208 -28.81 1.21 13.87
CA GLY B 208 -28.76 1.77 12.54
C GLY B 208 -27.34 1.90 12.04
N SER B 209 -27.16 1.70 10.73
CA SER B 209 -25.81 1.73 10.15
C SER B 209 -25.08 3.03 10.46
N ILE B 210 -25.81 4.14 10.58
CA ILE B 210 -25.17 5.45 10.75
C ILE B 210 -25.30 5.97 12.17
N CYS B 211 -25.35 5.07 13.15
CA CYS B 211 -25.75 5.39 14.52
C CYS B 211 -24.55 5.33 15.45
N THR B 212 -24.25 6.45 16.10
CA THR B 212 -23.20 6.53 17.09
C THR B 212 -23.76 6.57 18.52
N THR B 213 -25.08 6.40 18.67
CA THR B 213 -25.68 6.38 20.01
C THR B 213 -24.95 5.42 20.94
N ARG B 214 -24.60 4.23 20.43
CA ARG B 214 -23.84 3.28 21.25
C ARG B 214 -22.56 3.91 21.81
N ILE B 215 -21.92 4.76 21.03
CA ILE B 215 -20.66 5.38 21.44
C ILE B 215 -20.91 6.67 22.24
N VAL B 216 -21.95 7.43 21.91
CA VAL B 216 -22.15 8.73 22.55
C VAL B 216 -22.79 8.58 23.93
N ALA B 217 -23.83 7.73 24.03
CA ALA B 217 -24.63 7.60 25.24
C ALA B 217 -24.52 6.24 25.91
N GLY B 218 -23.82 5.29 25.30
CA GLY B 218 -23.68 3.97 25.90
C GLY B 218 -24.98 3.20 25.95
N ILE B 219 -25.89 3.52 25.05
CA ILE B 219 -27.28 3.06 25.10
C ILE B 219 -27.49 2.18 23.90
N GLY B 220 -28.25 1.11 24.08
CA GLY B 220 -28.53 0.25 22.95
C GLY B 220 -29.19 -1.06 23.31
N MET B 221 -29.83 -1.69 22.33
CA MET B 221 -30.35 -3.05 22.49
C MET B 221 -30.06 -3.82 21.22
N PRO B 222 -29.32 -4.92 21.28
CA PRO B 222 -29.20 -5.75 20.08
C PRO B 222 -30.56 -6.07 19.49
N GLN B 223 -30.66 -6.00 18.16
CA GLN B 223 -31.97 -5.88 17.51
C GLN B 223 -32.78 -7.18 17.58
N ILE B 224 -32.16 -8.36 17.49
CA ILE B 224 -32.95 -9.59 17.63
C ILE B 224 -33.62 -9.63 18.99
N SER B 225 -32.86 -9.33 20.05
CA SER B 225 -33.44 -9.26 21.39
C SER B 225 -34.43 -8.11 21.52
N ALA B 226 -34.16 -6.98 20.89
CA ALA B 226 -35.12 -5.88 20.86
C ALA B 226 -36.46 -6.34 20.31
N ILE B 227 -36.45 -6.93 19.10
CA ILE B 227 -37.66 -7.46 18.48
C ILE B 227 -38.34 -8.45 19.42
N ASP B 228 -37.57 -9.42 19.94
CA ASP B 228 -38.18 -10.45 20.78
C ASP B 228 -38.83 -9.83 22.01
N SER B 229 -38.09 -8.97 22.71
CA SER B 229 -38.66 -8.31 23.88
C SER B 229 -39.99 -7.62 23.53
N VAL B 230 -40.01 -6.83 22.46
CA VAL B 230 -41.24 -6.14 22.06
C VAL B 230 -42.32 -7.13 21.63
N ALA B 231 -41.97 -8.04 20.71
CA ALA B 231 -42.94 -9.02 20.23
C ALA B 231 -43.55 -9.79 21.40
N SER B 232 -42.72 -10.24 22.32
CA SER B 232 -43.22 -11.11 23.38
C SER B 232 -44.22 -10.37 24.26
N ALA B 233 -43.97 -9.08 24.53
CA ALA B 233 -44.85 -8.32 25.40
C ALA B 233 -46.17 -7.97 24.69
N LEU B 234 -46.11 -7.68 23.38
CA LEU B 234 -47.31 -7.26 22.66
C LEU B 234 -48.31 -8.38 22.47
N LYS B 235 -47.84 -9.62 22.27
CA LYS B 235 -48.72 -10.77 22.02
C LYS B 235 -49.65 -10.53 20.83
N ASP B 236 -49.08 -9.98 19.76
CA ASP B 236 -49.74 -9.71 18.49
C ASP B 236 -50.90 -8.72 18.57
N GLN B 237 -51.08 -8.02 19.70
CA GLN B 237 -52.13 -7.00 19.73
C GLN B 237 -51.90 -5.91 18.69
N ILE B 238 -50.64 -5.58 18.39
CA ILE B 238 -50.33 -4.69 17.27
C ILE B 238 -49.01 -5.15 16.65
N PRO B 239 -48.80 -4.98 15.35
CA PRO B 239 -47.52 -5.37 14.75
C PRO B 239 -46.39 -4.49 15.25
N LEU B 240 -45.15 -4.95 15.03
CA LEU B 240 -43.98 -4.10 15.21
C LEU B 240 -43.18 -4.04 13.91
N ILE B 241 -42.55 -2.89 13.70
CA ILE B 241 -41.67 -2.60 12.59
C ILE B 241 -40.23 -2.66 13.10
N ALA B 242 -39.41 -3.53 12.48
CA ALA B 242 -38.00 -3.69 12.84
C ALA B 242 -37.17 -2.65 12.09
N ASP B 243 -36.69 -1.63 12.80
CA ASP B 243 -36.10 -0.46 12.16
C ASP B 243 -34.62 -0.38 12.50
N GLY B 244 -33.77 -0.70 11.53
CA GLY B 244 -32.36 -0.39 11.58
C GLY B 244 -31.47 -1.63 11.66
N GLY B 245 -30.26 -1.51 11.12
CA GLY B 245 -29.29 -2.58 11.11
C GLY B 245 -29.49 -3.63 10.03
N ILE B 246 -30.50 -3.51 9.17
CA ILE B 246 -30.69 -4.47 8.11
C ILE B 246 -29.60 -4.26 7.07
N ARG B 247 -28.81 -5.30 6.81
CA ARG B 247 -27.78 -5.24 5.78
C ARG B 247 -28.03 -6.21 4.63
N PHE B 248 -28.69 -7.33 4.89
CA PHE B 248 -28.92 -8.34 3.90
C PHE B 248 -30.32 -8.89 4.06
N SER B 249 -30.83 -9.49 2.97
CA SER B 249 -32.11 -10.15 3.03
C SER B 249 -32.16 -11.17 4.16
N GLY B 250 -31.04 -11.87 4.41
CA GLY B 250 -30.99 -12.75 5.55
C GLY B 250 -31.42 -12.07 6.83
N ASP B 251 -30.99 -10.83 7.03
CA ASP B 251 -31.41 -10.07 8.21
C ASP B 251 -32.93 -9.92 8.26
N MET B 252 -33.58 -9.68 7.12
CA MET B 252 -35.03 -9.49 7.14
C MET B 252 -35.74 -10.74 7.60
N ALA B 253 -35.25 -11.92 7.17
CA ALA B 253 -35.86 -13.17 7.63
C ALA B 253 -35.64 -13.36 9.12
N LYS B 254 -34.45 -13.07 9.63
CA LYS B 254 -34.23 -13.19 11.07
C LYS B 254 -35.15 -12.25 11.84
N ALA B 255 -35.21 -10.97 11.44
CA ALA B 255 -36.13 -10.04 12.10
C ALA B 255 -37.57 -10.56 12.09
N ILE B 256 -38.07 -11.02 10.95
CA ILE B 256 -39.45 -11.50 10.94
C ILE B 256 -39.58 -12.73 11.82
N GLY B 257 -38.64 -13.66 11.72
CA GLY B 257 -38.69 -14.84 12.59
C GLY B 257 -38.58 -14.49 14.06
N ALA B 258 -37.83 -13.45 14.38
CA ALA B 258 -37.80 -12.95 15.76
C ALA B 258 -39.12 -12.30 16.18
N GLY B 259 -39.97 -11.90 15.23
CA GLY B 259 -41.29 -11.43 15.60
C GLY B 259 -41.74 -10.15 14.93
N ALA B 260 -40.91 -9.59 14.06
CA ALA B 260 -41.31 -8.40 13.32
C ALA B 260 -42.42 -8.73 12.33
N SER B 261 -43.21 -7.71 12.01
CA SER B 261 -44.16 -7.82 10.91
C SER B 261 -43.69 -7.09 9.67
N THR B 262 -42.91 -6.03 9.83
CA THR B 262 -42.24 -5.38 8.73
C THR B 262 -40.82 -4.99 9.12
N ILE B 263 -40.13 -4.35 8.18
CA ILE B 263 -38.72 -4.05 8.24
C ILE B 263 -38.58 -2.63 7.70
N MET B 264 -37.93 -1.75 8.45
CA MET B 264 -37.61 -0.43 7.92
C MET B 264 -36.13 -0.42 7.57
N VAL B 265 -35.79 0.19 6.44
CA VAL B 265 -34.42 0.21 5.92
C VAL B 265 -34.12 1.62 5.45
N GLY B 266 -32.91 2.09 5.76
CA GLY B 266 -32.45 3.35 5.24
C GLY B 266 -31.27 3.11 4.32
N SER B 267 -30.23 2.44 4.84
CA SER B 267 -29.00 2.26 4.07
C SER B 267 -29.22 1.46 2.79
N LEU B 268 -30.01 0.38 2.86
CA LEU B 268 -30.21 -0.43 1.65
C LEU B 268 -30.85 0.37 0.53
N LEU B 269 -31.71 1.36 0.84
CA LEU B 269 -32.33 2.17 -0.19
C LEU B 269 -31.60 3.49 -0.44
N ALA B 270 -30.67 3.89 0.42
CA ALA B 270 -29.88 5.06 0.12
C ALA B 270 -29.01 4.80 -1.09
N GLY B 271 -28.90 5.78 -1.97
CA GLY B 271 -28.12 5.63 -3.18
C GLY B 271 -28.88 5.12 -4.38
N THR B 272 -30.14 4.74 -4.23
CA THR B 272 -30.93 4.38 -5.40
C THR B 272 -31.33 5.64 -6.15
N GLU B 273 -31.79 5.44 -7.39
CA GLU B 273 -32.17 6.59 -8.21
C GLU B 273 -33.30 7.38 -7.57
N GLU B 274 -34.25 6.69 -6.94
CA GLU B 274 -35.43 7.35 -6.40
C GLU B 274 -35.17 8.04 -5.05
N ALA B 275 -34.08 7.74 -4.38
CA ALA B 275 -33.82 8.44 -3.13
C ALA B 275 -33.49 9.91 -3.41
N PRO B 276 -33.78 10.79 -2.46
CA PRO B 276 -33.45 12.21 -2.66
C PRO B 276 -31.95 12.38 -2.84
N GLY B 277 -31.58 13.38 -3.64
CA GLY B 277 -30.19 13.74 -3.74
C GLY B 277 -29.60 13.57 -5.14
N GLU B 278 -28.54 14.34 -5.40
CA GLU B 278 -27.86 14.28 -6.68
C GLU B 278 -26.77 13.22 -6.64
N VAL B 279 -26.48 12.66 -7.81
CA VAL B 279 -25.34 11.78 -7.97
C VAL B 279 -24.09 12.63 -8.12
N GLU B 280 -23.06 12.32 -7.35
CA GLU B 280 -21.81 13.03 -7.42
C GLU B 280 -20.73 12.10 -7.95
N PHE B 281 -19.86 12.63 -8.81
CA PHE B 281 -18.75 11.87 -9.34
C PHE B 281 -17.53 12.13 -8.47
N PHE B 282 -16.86 11.06 -8.04
CA PHE B 282 -15.66 11.22 -7.22
C PHE B 282 -14.73 10.04 -7.49
N GLN B 283 -13.58 10.33 -8.10
CA GLN B 283 -12.55 9.35 -8.33
C GLN B 283 -13.10 8.14 -9.08
N GLY B 284 -13.80 8.42 -10.19
CA GLY B 284 -14.30 7.38 -11.07
C GLY B 284 -15.43 6.54 -10.52
N ARG B 285 -16.01 6.91 -9.39
CA ARG B 285 -17.15 6.22 -8.81
C ARG B 285 -18.31 7.19 -8.67
N TYR B 286 -19.51 6.63 -8.55
CA TYR B 286 -20.75 7.40 -8.43
C TYR B 286 -21.36 7.16 -7.06
N TYR B 287 -21.70 8.24 -6.37
CA TYR B 287 -22.18 8.17 -4.99
C TYR B 287 -23.41 9.04 -4.79
N LYS B 288 -24.19 8.68 -3.78
CA LYS B 288 -25.15 9.58 -3.16
C LYS B 288 -24.79 9.76 -1.68
N ALA B 289 -25.35 10.81 -1.09
CA ALA B 289 -25.11 11.09 0.32
C ALA B 289 -26.05 10.26 1.17
N TYR B 290 -25.54 9.78 2.29
CA TYR B 290 -26.36 9.12 3.31
C TYR B 290 -25.88 9.62 4.65
N ARG B 291 -26.82 10.02 5.51
CA ARG B 291 -26.47 10.62 6.81
C ARG B 291 -27.60 10.38 7.78
N GLY B 292 -27.24 10.20 9.05
CA GLY B 292 -28.25 10.03 10.07
C GLY B 292 -29.04 11.31 10.30
N MET B 293 -30.25 11.15 10.83
CA MET B 293 -31.03 12.34 11.19
C MET B 293 -30.50 13.01 12.46
N GLY B 294 -29.65 12.32 13.22
CA GLY B 294 -28.96 12.88 14.35
C GLY B 294 -27.57 13.38 14.05
N SER B 295 -27.21 13.51 12.77
CA SER B 295 -25.89 13.99 12.38
C SER B 295 -25.83 15.52 12.44
N LEU B 296 -24.60 16.06 12.37
CA LEU B 296 -24.42 17.50 12.48
C LEU B 296 -25.01 18.22 11.28
N GLY B 297 -24.73 17.73 10.07
CA GLY B 297 -25.27 18.36 8.87
C GLY B 297 -26.79 18.29 8.80
N ALA B 298 -27.38 17.21 9.32
CA ALA B 298 -28.83 17.11 9.34
C ALA B 298 -29.44 18.11 10.31
N MET B 299 -28.89 18.16 11.53
CA MET B 299 -29.51 18.96 12.57
C MET B 299 -29.33 20.45 12.31
N ALA B 300 -28.25 20.84 11.64
CA ALA B 300 -28.06 22.22 11.21
C ALA B 300 -28.76 22.47 9.86
N LEU B 320 -27.88 19.33 21.56
CA LEU B 320 -27.70 17.88 21.53
C LEU B 320 -26.46 17.51 20.73
N VAL B 321 -25.59 16.70 21.33
CA VAL B 321 -24.45 16.16 20.60
C VAL B 321 -24.99 15.32 19.44
N PRO B 322 -24.31 15.29 18.31
CA PRO B 322 -24.70 14.39 17.24
C PRO B 322 -24.81 12.96 17.73
N GLU B 323 -25.69 12.18 17.10
CA GLU B 323 -25.76 10.75 17.36
C GLU B 323 -25.69 9.97 16.06
N GLY B 324 -25.08 10.54 15.02
CA GLY B 324 -24.95 9.83 13.75
C GLY B 324 -23.91 10.48 12.88
N ILE B 325 -23.53 9.74 11.85
CA ILE B 325 -22.53 10.21 10.90
C ILE B 325 -23.21 10.57 9.59
N GLU B 326 -22.49 11.35 8.76
CA GLU B 326 -22.82 11.68 7.38
C GLU B 326 -21.77 11.06 6.47
N GLY B 327 -22.12 10.84 5.21
CA GLY B 327 -21.16 10.33 4.26
C GLY B 327 -21.82 9.85 2.98
N ARG B 328 -21.01 9.21 2.15
CA ARG B 328 -21.40 8.76 0.82
C ARG B 328 -21.78 7.28 0.83
N VAL B 329 -22.72 6.93 -0.04
CA VAL B 329 -22.94 5.52 -0.32
C VAL B 329 -22.88 5.38 -1.83
N PRO B 330 -22.38 4.26 -2.35
CA PRO B 330 -22.31 4.09 -3.80
C PRO B 330 -23.68 4.26 -4.43
N TYR B 331 -23.70 4.84 -5.64
CA TYR B 331 -24.94 4.89 -6.39
C TYR B 331 -25.36 3.47 -6.79
N LYS B 332 -26.67 3.22 -6.70
CA LYS B 332 -27.18 1.86 -6.83
C LYS B 332 -28.21 1.70 -7.93
N GLY B 333 -28.59 2.76 -8.63
CA GLY B 333 -29.60 2.65 -9.67
C GLY B 333 -30.97 2.40 -9.07
N PRO B 334 -31.91 1.95 -9.88
CA PRO B 334 -33.32 1.97 -9.44
C PRO B 334 -33.59 1.03 -8.28
N MET B 335 -34.37 1.53 -7.31
CA MET B 335 -34.63 0.79 -6.10
C MET B 335 -35.28 -0.56 -6.38
N GLY B 336 -36.03 -0.66 -7.49
CA GLY B 336 -36.75 -1.91 -7.77
C GLY B 336 -35.88 -3.15 -7.76
N ASN B 337 -34.72 -3.09 -8.40
CA ASN B 337 -33.79 -4.21 -8.35
C ASN B 337 -33.43 -4.57 -6.91
N ILE B 338 -33.20 -3.57 -6.06
CA ILE B 338 -32.85 -3.85 -4.67
C ILE B 338 -34.01 -4.52 -3.95
N VAL B 339 -35.22 -4.01 -4.15
CA VAL B 339 -36.37 -4.61 -3.49
C VAL B 339 -36.54 -6.06 -3.94
N HIS B 340 -36.54 -6.27 -5.26
N HIS B 340 -36.50 -6.30 -5.25
CA HIS B 340 -36.67 -7.62 -5.80
CA HIS B 340 -36.71 -7.66 -5.74
C HIS B 340 -35.60 -8.55 -5.23
C HIS B 340 -35.59 -8.59 -5.30
N GLN B 341 -34.34 -8.10 -5.28
CA GLN B 341 -33.26 -8.90 -4.68
C GLN B 341 -33.57 -9.22 -3.22
N MET B 342 -34.05 -8.23 -2.46
CA MET B 342 -34.29 -8.45 -1.03
C MET B 342 -35.45 -9.41 -0.82
N MET B 343 -36.54 -9.25 -1.56
CA MET B 343 -37.69 -10.15 -1.37
C MET B 343 -37.39 -11.55 -1.88
N GLY B 344 -36.55 -11.69 -2.89
CA GLY B 344 -36.17 -13.02 -3.31
C GLY B 344 -35.43 -13.79 -2.23
N GLY B 345 -34.53 -13.10 -1.51
CA GLY B 345 -33.82 -13.75 -0.42
C GLY B 345 -34.77 -14.20 0.68
N LEU B 346 -35.80 -13.39 0.95
CA LEU B 346 -36.76 -13.74 2.00
C LEU B 346 -37.62 -14.93 1.60
N ARG B 347 -38.10 -14.96 0.35
CA ARG B 347 -38.78 -16.14 -0.15
C ARG B 347 -37.90 -17.40 -0.02
N SER B 348 -36.64 -17.29 -0.41
CA SER B 348 -35.73 -18.40 -0.18
C SER B 348 -35.76 -18.86 1.28
N SER B 349 -35.73 -17.92 2.23
N SER B 349 -35.72 -17.92 2.24
CA SER B 349 -35.75 -18.26 3.65
CA SER B 349 -35.75 -18.28 3.64
C SER B 349 -37.05 -18.97 4.03
C SER B 349 -37.05 -18.98 4.01
N MET B 350 -38.18 -18.41 3.60
CA MET B 350 -39.46 -19.05 3.89
C MET B 350 -39.58 -20.42 3.22
N GLY B 351 -38.90 -20.62 2.09
CA GLY B 351 -38.75 -21.97 1.57
C GLY B 351 -38.01 -22.89 2.53
N TYR B 352 -36.83 -22.45 3.00
CA TYR B 352 -36.03 -23.27 3.91
C TYR B 352 -36.77 -23.60 5.20
N THR B 353 -37.62 -22.69 5.66
CA THR B 353 -38.27 -22.84 6.95
C THR B 353 -39.68 -23.43 6.83
N GLY B 354 -40.16 -23.66 5.62
CA GLY B 354 -41.51 -24.18 5.42
C GLY B 354 -42.58 -23.19 5.83
N SER B 355 -42.37 -21.91 5.55
CA SER B 355 -43.34 -20.87 5.87
C SER B 355 -44.04 -20.48 4.58
N ALA B 356 -45.34 -20.75 4.51
CA ALA B 356 -46.11 -20.43 3.32
C ALA B 356 -46.58 -19.00 3.30
N VAL B 357 -46.67 -18.37 4.48
CA VAL B 357 -47.10 -16.98 4.62
C VAL B 357 -46.28 -16.38 5.75
N ILE B 358 -46.22 -15.04 5.77
CA ILE B 358 -45.34 -14.35 6.70
C ILE B 358 -45.60 -14.83 8.12
N GLU B 359 -46.87 -15.01 8.49
CA GLU B 359 -47.20 -15.38 9.85
C GLU B 359 -46.61 -16.74 10.24
N ASP B 360 -46.47 -17.65 9.27
CA ASP B 360 -45.78 -18.91 9.56
C ASP B 360 -44.36 -18.69 10.04
N LEU B 361 -43.62 -17.78 9.40
CA LEU B 361 -42.28 -17.46 9.85
C LEU B 361 -42.28 -16.85 11.25
N ARG B 362 -43.23 -15.94 11.50
CA ARG B 362 -43.26 -15.24 12.79
C ARG B 362 -43.51 -16.17 13.95
N GLN B 363 -44.24 -17.26 13.73
CA GLN B 363 -44.66 -18.16 14.79
C GLN B 363 -43.81 -19.41 14.92
N ASN B 364 -43.17 -19.87 13.85
CA ASN B 364 -42.56 -21.19 13.83
C ASN B 364 -41.08 -21.16 13.58
N ALA B 365 -40.47 -19.98 13.53
CA ALA B 365 -39.04 -19.90 13.29
C ALA B 365 -38.28 -20.44 14.48
N LYS B 366 -37.26 -21.23 14.19
CA LYS B 366 -36.35 -21.67 15.23
C LYS B 366 -34.96 -21.16 14.88
N PHE B 367 -34.21 -20.79 15.91
CA PHE B 367 -32.88 -20.25 15.75
C PHE B 367 -31.86 -21.13 16.46
N VAL B 368 -30.63 -21.03 16.00
CA VAL B 368 -29.48 -21.42 16.82
C VAL B 368 -28.63 -20.17 17.02
N LYS B 369 -28.05 -20.06 18.20
CA LYS B 369 -27.03 -19.05 18.46
C LYS B 369 -25.68 -19.55 17.97
N ILE B 370 -24.90 -18.64 17.40
CA ILE B 370 -23.61 -19.02 16.85
C ILE B 370 -22.52 -18.12 17.45
N THR B 371 -21.29 -18.63 17.42
CA THR B 371 -20.14 -18.00 18.02
C THR B 371 -19.47 -17.03 17.04
N SER B 372 -18.40 -16.40 17.52
CA SER B 372 -17.68 -15.44 16.69
C SER B 372 -17.06 -16.13 15.49
N ALA B 373 -16.54 -17.35 15.68
CA ALA B 373 -16.04 -18.11 14.54
C ALA B 373 -17.15 -18.35 13.52
N GLY B 374 -18.31 -18.82 13.98
CA GLY B 374 -19.47 -18.98 13.13
C GLY B 374 -19.92 -17.66 12.54
N SER C 16 -11.30 -29.85 39.78
CA SER C 16 -10.52 -28.78 39.17
C SER C 16 -10.12 -27.73 40.19
N MET C 17 -8.85 -27.34 40.13
CA MET C 17 -8.30 -26.40 41.11
C MET C 17 -8.32 -24.95 40.62
N LEU C 18 -8.51 -24.70 39.32
CA LEU C 18 -8.49 -23.34 38.80
C LEU C 18 -9.63 -22.54 39.43
N THR C 19 -9.30 -21.42 40.08
CA THR C 19 -10.29 -20.56 40.73
C THR C 19 -10.63 -19.41 39.78
N ILE C 20 -11.76 -19.51 39.09
CA ILE C 20 -12.27 -18.43 38.25
C ILE C 20 -13.41 -17.77 39.01
N VAL C 21 -13.19 -16.51 39.42
CA VAL C 21 -14.14 -15.80 40.28
C VAL C 21 -15.39 -15.38 39.51
N GLN C 22 -15.29 -15.17 38.20
CA GLN C 22 -16.41 -14.65 37.42
C GLN C 22 -15.93 -14.35 36.00
N GLU C 23 -16.85 -14.17 35.05
CA GLU C 23 -16.49 -13.56 33.78
C GLU C 23 -16.61 -12.05 33.94
N ALA C 24 -15.48 -11.37 34.00
CA ALA C 24 -15.48 -9.94 34.20
C ALA C 24 -15.70 -9.21 32.86
N LEU C 25 -16.44 -8.10 32.92
CA LEU C 25 -16.84 -7.34 31.75
C LEU C 25 -16.11 -6.01 31.69
N THR C 26 -15.77 -5.59 30.48
CA THR C 26 -15.32 -4.24 30.24
C THR C 26 -16.45 -3.42 29.62
N PHE C 27 -16.18 -2.16 29.30
CA PHE C 27 -17.20 -1.29 28.75
C PHE C 27 -17.82 -1.89 27.48
N ASP C 28 -16.99 -2.45 26.60
CA ASP C 28 -17.50 -2.94 25.33
C ASP C 28 -18.33 -4.21 25.46
N ASP C 29 -18.42 -4.80 26.64
CA ASP C 29 -19.24 -5.99 26.80
C ASP C 29 -20.70 -5.67 27.10
N VAL C 30 -21.03 -4.42 27.43
CA VAL C 30 -22.35 -4.08 27.97
C VAL C 30 -22.91 -2.83 27.32
N LEU C 31 -24.23 -2.74 27.30
CA LEU C 31 -24.93 -1.53 26.87
C LEU C 31 -26.01 -1.18 27.87
N LEU C 32 -26.16 0.11 28.14
CA LEU C 32 -27.27 0.59 28.94
C LEU C 32 -28.57 0.49 28.14
N LEU C 33 -29.68 0.13 28.86
CA LEU C 33 -31.03 0.02 28.34
C LEU C 33 -31.79 1.32 28.50
N PRO C 34 -32.45 1.81 27.45
CA PRO C 34 -33.33 2.98 27.63
C PRO C 34 -34.48 2.59 28.56
N ALA C 35 -34.95 3.56 29.32
CA ALA C 35 -36.08 3.33 30.21
C ALA C 35 -37.04 4.52 30.12
N TYR C 36 -38.17 4.42 30.82
CA TYR C 36 -39.17 5.48 30.78
C TYR C 36 -38.58 6.79 31.31
N SER C 37 -38.80 7.88 30.57
CA SER C 37 -38.12 9.14 30.84
C SER C 37 -39.08 10.32 30.81
N THR C 38 -38.80 11.31 31.68
CA THR C 38 -39.53 12.58 31.70
C THR C 38 -38.64 13.82 31.66
N VAL C 39 -37.33 13.71 31.82
CA VAL C 39 -36.47 14.89 31.88
C VAL C 39 -35.54 14.91 30.68
N LEU C 40 -35.58 16.00 29.92
CA LEU C 40 -34.73 16.10 28.73
C LEU C 40 -33.25 16.14 29.10
N PRO C 41 -32.38 15.73 28.17
CA PRO C 41 -30.92 15.82 28.40
C PRO C 41 -30.45 17.18 28.87
N LYS C 42 -31.00 18.24 28.27
CA LYS C 42 -30.60 19.59 28.65
C LYS C 42 -30.95 19.91 30.10
N ASP C 43 -31.87 19.15 30.70
CA ASP C 43 -32.33 19.43 32.06
C ASP C 43 -31.71 18.54 33.13
N VAL C 44 -30.93 17.50 32.78
CA VAL C 44 -30.43 16.65 33.84
C VAL C 44 -29.38 17.41 34.65
N SER C 45 -29.16 16.95 35.88
CA SER C 45 -28.08 17.44 36.72
C SER C 45 -26.90 16.48 36.66
N LEU C 46 -25.70 17.04 36.48
CA LEU C 46 -24.47 16.26 36.45
C LEU C 46 -23.72 16.29 37.79
N LYS C 47 -24.25 16.96 38.79
CA LYS C 47 -23.58 17.09 40.08
C LYS C 47 -23.37 15.71 40.71
N THR C 48 -22.23 15.53 41.38
CA THR C 48 -21.86 14.26 42.00
C THR C 48 -20.73 14.53 42.97
N ARG C 49 -20.32 13.51 43.73
CA ARG C 49 -19.31 13.70 44.78
C ARG C 49 -18.00 12.99 44.46
N LEU C 50 -16.91 13.76 44.44
CA LEU C 50 -15.56 13.20 44.42
C LEU C 50 -15.26 12.38 45.66
N THR C 51 -15.46 12.97 46.84
CA THR C 51 -15.24 12.25 48.09
C THR C 51 -16.47 12.44 48.95
N ARG C 52 -16.45 11.84 50.14
CA ARG C 52 -17.60 12.09 51.01
C ARG C 52 -17.65 13.55 51.43
N GLY C 53 -16.57 14.30 51.24
CA GLY C 53 -16.55 15.70 51.56
C GLY C 53 -16.70 16.65 50.37
N ILE C 54 -16.10 16.31 49.23
CA ILE C 54 -16.03 17.23 48.09
C ILE C 54 -17.01 16.80 47.00
N TYR C 55 -17.81 17.75 46.53
CA TYR C 55 -18.74 17.56 45.43
C TYR C 55 -18.22 18.27 44.19
N LEU C 56 -18.53 17.71 43.04
CA LEU C 56 -18.19 18.35 41.78
C LEU C 56 -19.50 18.66 41.05
N ASN C 57 -19.41 19.59 40.10
CA ASN C 57 -20.60 19.86 39.31
C ASN C 57 -20.67 19.02 38.04
N ILE C 58 -19.57 18.40 37.62
CA ILE C 58 -19.58 17.37 36.57
C ILE C 58 -18.74 16.21 37.09
N PRO C 59 -18.98 14.97 36.65
CA PRO C 59 -18.31 13.82 37.29
C PRO C 59 -16.99 13.45 36.65
N LEU C 60 -16.19 14.44 36.29
CA LEU C 60 -14.95 14.29 35.52
C LEU C 60 -13.75 14.73 36.34
N VAL C 61 -12.70 13.90 36.32
CA VAL C 61 -11.46 14.13 37.07
C VAL C 61 -10.31 13.90 36.10
N SER C 62 -9.40 14.87 36.00
CA SER C 62 -8.27 14.69 35.08
C SER C 62 -7.13 13.91 35.75
N ALA C 63 -6.37 13.17 34.93
CA ALA C 63 -5.46 12.14 35.44
C ALA C 63 -4.14 12.71 35.98
N ALA C 64 -3.63 12.11 37.06
CA ALA C 64 -2.39 12.58 37.72
C ALA C 64 -1.16 12.10 36.95
N MET C 65 -0.95 12.69 35.79
CA MET C 65 0.06 12.24 34.84
C MET C 65 0.85 13.42 34.34
N ASP C 66 2.15 13.22 34.10
CA ASP C 66 2.96 14.36 33.71
C ASP C 66 2.77 14.74 32.25
N THR C 67 1.86 14.09 31.53
CA THR C 67 1.43 14.58 30.23
C THR C 67 -0.02 15.04 30.23
N VAL C 68 -0.65 15.15 31.41
CA VAL C 68 -2.06 15.48 31.46
C VAL C 68 -2.33 16.65 32.39
N THR C 69 -1.92 16.56 33.65
CA THR C 69 -2.39 17.49 34.69
C THR C 69 -1.25 18.23 35.39
N GLU C 70 -1.03 19.47 35.01
CA GLU C 70 -0.35 20.46 35.85
C GLU C 70 -1.36 21.58 36.11
N SER C 71 -0.90 22.67 36.73
CA SER C 71 -1.85 23.66 37.24
C SER C 71 -2.75 24.20 36.14
N ARG C 72 -2.20 24.39 34.94
CA ARG C 72 -2.98 24.97 33.87
C ARG C 72 -4.23 24.14 33.60
N MET C 73 -4.06 22.81 33.44
CA MET C 73 -5.18 21.91 33.25
C MET C 73 -6.04 21.79 34.50
N ALA C 74 -5.42 21.86 35.67
CA ALA C 74 -6.18 21.75 36.92
C ALA C 74 -7.15 22.90 37.05
N ILE C 75 -6.79 24.07 36.50
CA ILE C 75 -7.68 25.22 36.60
C ILE C 75 -8.85 25.04 35.63
N ALA C 76 -8.55 24.60 34.41
CA ALA C 76 -9.60 24.28 33.44
C ALA C 76 -10.58 23.26 34.01
N MET C 77 -10.07 22.20 34.63
CA MET C 77 -10.96 21.19 35.20
C MET C 77 -11.91 21.82 36.20
N ALA C 78 -11.36 22.60 37.13
CA ALA C 78 -12.17 23.26 38.15
C ALA C 78 -13.18 24.22 37.54
N GLN C 79 -12.76 24.98 36.54
CA GLN C 79 -13.64 25.97 35.95
C GLN C 79 -14.86 25.30 35.34
N ASN C 80 -14.66 24.13 34.70
CA ASN C 80 -15.72 23.36 34.05
C ASN C 80 -16.51 22.49 35.03
N GLY C 81 -16.30 22.66 36.34
CA GLY C 81 -17.07 21.96 37.34
C GLY C 81 -16.43 20.70 37.89
N GLY C 82 -15.34 20.24 37.28
CA GLY C 82 -14.60 19.09 37.75
C GLY C 82 -13.40 19.48 38.60
N ILE C 83 -12.36 18.64 38.54
CA ILE C 83 -11.17 18.80 39.37
C ILE C 83 -10.03 18.03 38.73
N GLY C 84 -8.80 18.46 39.02
CA GLY C 84 -7.62 17.80 38.50
C GLY C 84 -6.71 17.35 39.62
N ILE C 85 -6.01 16.25 39.39
CA ILE C 85 -5.05 15.70 40.35
C ILE C 85 -3.67 15.95 39.77
N LEU C 86 -2.98 16.96 40.31
CA LEU C 86 -1.63 17.29 39.87
C LEU C 86 -0.70 16.10 40.07
N HIS C 87 0.14 15.83 39.06
CA HIS C 87 1.00 14.67 39.20
C HIS C 87 2.13 14.95 40.19
N LYS C 88 2.79 13.86 40.59
CA LYS C 88 3.86 13.86 41.60
C LYS C 88 5.24 13.63 40.99
N ASN C 89 5.36 13.65 39.66
CA ASN C 89 6.67 13.57 39.03
C ASN C 89 7.34 14.93 39.04
N MET C 90 7.42 15.55 40.22
CA MET C 90 8.13 16.81 40.38
C MET C 90 8.48 16.95 41.85
N ASP C 91 9.46 17.80 42.13
CA ASP C 91 9.90 17.93 43.52
C ASP C 91 8.78 18.56 44.34
N ILE C 92 8.97 18.51 45.65
CA ILE C 92 7.91 18.94 46.56
C ILE C 92 7.62 20.42 46.39
N ALA C 93 8.64 21.24 46.24
CA ALA C 93 8.41 22.67 46.11
C ALA C 93 7.71 23.02 44.81
N ALA C 94 7.97 22.26 43.75
CA ALA C 94 7.33 22.56 42.48
C ALA C 94 5.86 22.20 42.51
N GLN C 95 5.54 21.10 43.19
CA GLN C 95 4.15 20.65 43.25
C GLN C 95 3.32 21.56 44.14
N ALA C 96 3.89 21.95 45.30
CA ALA C 96 3.22 22.91 46.17
C ALA C 96 2.99 24.24 45.47
N ALA C 97 3.91 24.66 44.59
CA ALA C 97 3.68 25.89 43.81
C ALA C 97 2.56 25.70 42.80
N GLU C 98 2.49 24.54 42.15
CA GLU C 98 1.36 24.23 41.29
C GLU C 98 0.04 24.34 42.07
N VAL C 99 0.02 23.85 43.31
CA VAL C 99 -1.22 23.90 44.09
C VAL C 99 -1.65 25.34 44.34
N ARG C 100 -0.73 26.18 44.84
CA ARG C 100 -1.07 27.59 45.10
C ARG C 100 -1.53 28.29 43.83
N ARG C 101 -0.87 28.00 42.70
CA ARG C 101 -1.28 28.53 41.40
C ARG C 101 -2.76 28.30 41.14
N VAL C 102 -3.26 27.11 41.43
CA VAL C 102 -4.69 26.85 41.27
C VAL C 102 -5.48 27.57 42.35
N LYS C 103 -5.00 27.46 43.59
CA LYS C 103 -5.77 27.94 44.72
C LYS C 103 -5.93 29.45 44.72
N LYS C 104 -5.04 30.18 44.04
CA LYS C 104 -5.11 31.62 44.03
C LYS C 104 -5.51 32.18 42.69
N PHE C 105 -5.71 31.33 41.69
CA PHE C 105 -6.04 31.83 40.37
C PHE C 105 -7.24 32.78 40.44
N GLU C 106 -7.19 33.84 39.63
CA GLU C 106 -8.26 34.82 39.54
C GLU C 106 -8.58 35.03 38.07
N ALA C 107 -9.87 34.99 37.74
CA ALA C 107 -10.32 35.25 36.38
C ALA C 107 -10.81 36.68 36.25
N GLY C 108 -10.99 37.12 35.00
CA GLY C 108 -11.43 38.48 34.72
C GLY C 108 -12.78 38.83 35.30
N TYR C 113 -17.41 31.52 34.41
CA TYR C 113 -17.37 30.07 34.65
C TYR C 113 -18.36 29.74 35.75
N PRO C 114 -19.65 29.81 35.40
CA PRO C 114 -20.68 29.68 36.43
C PRO C 114 -20.68 28.32 37.11
N ASN C 115 -20.17 27.28 36.45
CA ASN C 115 -20.13 25.94 37.02
C ASN C 115 -18.84 25.63 37.76
N SER C 116 -18.05 26.64 38.07
CA SER C 116 -16.76 26.43 38.72
C SER C 116 -16.91 25.59 39.96
N CYS C 117 -15.93 24.71 40.19
CA CYS C 117 -15.90 23.89 41.39
C CYS C 117 -15.00 24.58 42.41
N LYS C 118 -15.54 24.83 43.61
CA LYS C 118 -14.88 25.75 44.52
C LYS C 118 -15.05 25.30 45.97
N ASP C 119 -14.09 25.70 46.82
CA ASP C 119 -14.16 25.44 48.26
C ASP C 119 -15.04 26.50 48.95
N ASP C 120 -15.10 26.47 50.28
CA ASP C 120 -15.91 27.42 51.03
C ASP C 120 -15.43 28.86 50.82
N LEU C 121 -14.14 29.05 50.65
CA LEU C 121 -13.59 30.38 50.44
C LEU C 121 -13.68 30.85 48.98
N GLY C 122 -14.35 30.10 48.11
CA GLY C 122 -14.50 30.48 46.72
C GLY C 122 -13.30 30.21 45.82
N ARG C 123 -12.29 29.47 46.29
CA ARG C 123 -11.15 29.14 45.45
C ARG C 123 -11.41 27.87 44.64
N LEU C 124 -10.89 27.86 43.42
CA LEU C 124 -10.93 26.64 42.62
C LEU C 124 -10.37 25.48 43.40
N ARG C 125 -11.08 24.35 43.37
CA ARG C 125 -10.61 23.14 44.02
C ARG C 125 -9.50 22.49 43.19
N VAL C 126 -8.60 21.80 43.88
CA VAL C 126 -7.48 21.11 43.24
C VAL C 126 -7.07 19.93 44.11
N GLY C 127 -6.40 18.96 43.49
CA GLY C 127 -5.95 17.79 44.21
C GLY C 127 -4.54 17.45 43.78
N ALA C 128 -3.91 16.57 44.56
CA ALA C 128 -2.49 16.31 44.36
C ALA C 128 -2.19 14.86 44.70
N ALA C 129 -1.35 14.24 43.87
CA ALA C 129 -0.96 12.84 44.04
C ALA C 129 0.28 12.75 44.91
N VAL C 130 0.30 11.78 45.80
CA VAL C 130 1.53 11.41 46.49
C VAL C 130 1.70 9.91 46.42
N GLY C 131 2.90 9.46 46.80
CA GLY C 131 3.24 8.06 46.77
C GLY C 131 3.32 7.49 48.17
N THR C 132 4.21 6.54 48.38
CA THR C 132 4.45 6.02 49.71
C THR C 132 5.92 6.06 50.10
N GLY C 133 6.79 6.63 49.28
CA GLY C 133 8.22 6.62 49.53
C GLY C 133 8.60 7.53 50.69
N ALA C 134 9.92 7.60 50.94
CA ALA C 134 10.42 8.30 52.12
C ALA C 134 10.00 9.77 52.18
N ASP C 135 9.63 10.35 51.04
CA ASP C 135 9.37 11.78 50.92
C ASP C 135 7.94 12.16 51.21
N THR C 136 7.07 11.20 51.51
CA THR C 136 5.65 11.46 51.52
C THR C 136 5.24 12.38 52.67
N PRO C 137 5.80 12.21 53.87
CA PRO C 137 5.45 13.14 54.96
C PRO C 137 5.69 14.60 54.59
N SER C 138 6.86 14.91 54.03
CA SER C 138 7.14 16.27 53.61
C SER C 138 6.17 16.71 52.52
N ARG C 139 6.03 15.87 51.48
CA ARG C 139 5.15 16.19 50.37
C ARG C 139 3.74 16.50 50.85
N VAL C 140 3.15 15.57 51.62
CA VAL C 140 1.79 15.81 52.11
C VAL C 140 1.73 17.15 52.82
N GLU C 141 2.70 17.40 53.70
CA GLU C 141 2.67 18.60 54.52
C GLU C 141 2.70 19.85 53.67
N ALA C 142 3.61 19.92 52.71
CA ALA C 142 3.66 21.10 51.85
C ALA C 142 2.35 21.28 51.09
N LEU C 143 1.79 20.18 50.56
CA LEU C 143 0.57 20.27 49.78
C LEU C 143 -0.58 20.79 50.63
N VAL C 144 -0.74 20.25 51.85
CA VAL C 144 -1.84 20.68 52.70
C VAL C 144 -1.71 22.14 53.07
N GLU C 145 -0.48 22.60 53.36
CA GLU C 145 -0.28 24.00 53.67
C GLU C 145 -0.49 24.89 52.44
N ALA C 146 -0.24 24.36 51.25
CA ALA C 146 -0.54 25.16 50.06
C ALA C 146 -2.03 25.24 49.75
N GLY C 147 -2.87 24.49 50.47
CA GLY C 147 -4.31 24.59 50.32
C GLY C 147 -4.97 23.53 49.45
N VAL C 148 -4.24 22.47 49.10
CA VAL C 148 -4.82 21.39 48.31
C VAL C 148 -6.10 20.91 48.95
N ASP C 149 -7.09 20.59 48.12
CA ASP C 149 -8.36 20.13 48.65
C ASP C 149 -8.38 18.65 48.97
N VAL C 150 -7.58 17.84 48.29
CA VAL C 150 -7.64 16.39 48.50
C VAL C 150 -6.27 15.79 48.19
N ILE C 151 -5.86 14.86 49.05
CA ILE C 151 -4.63 14.10 48.84
C ILE C 151 -5.00 12.77 48.18
N VAL C 152 -4.29 12.40 47.12
CA VAL C 152 -4.49 11.13 46.43
C VAL C 152 -3.24 10.30 46.65
N VAL C 153 -3.34 9.29 47.51
CA VAL C 153 -2.28 8.30 47.63
C VAL C 153 -2.36 7.42 46.38
N ASP C 154 -1.44 7.66 45.46
CA ASP C 154 -1.56 7.29 44.05
C ASP C 154 -0.51 6.23 43.73
N THR C 155 -0.90 4.96 43.74
CA THR C 155 0.03 3.86 43.50
C THR C 155 -0.54 2.89 42.49
N ALA C 156 0.31 1.94 42.08
CA ALA C 156 -0.13 0.93 41.13
C ALA C 156 -0.97 -0.15 41.79
N HIS C 157 -0.81 -0.36 43.12
CA HIS C 157 -1.41 -1.51 43.80
C HIS C 157 -1.89 -1.06 45.19
N GLY C 158 -3.07 -0.45 45.25
CA GLY C 158 -3.58 0.05 46.50
C GLY C 158 -3.87 -1.00 47.54
N HIS C 159 -4.03 -2.25 47.14
CA HIS C 159 -4.38 -3.27 48.13
C HIS C 159 -3.10 -3.77 48.80
N SER C 160 -2.33 -2.83 49.34
CA SER C 160 -1.02 -3.15 49.92
C SER C 160 -0.90 -2.50 51.30
N ALA C 161 -0.06 -3.13 52.13
CA ALA C 161 0.21 -2.59 53.46
C ALA C 161 0.64 -1.13 53.39
N GLY C 162 1.54 -0.80 52.47
CA GLY C 162 2.02 0.57 52.38
C GLY C 162 0.89 1.57 52.17
N VAL C 163 0.03 1.30 51.19
CA VAL C 163 -0.98 2.28 50.82
C VAL C 163 -2.02 2.40 51.92
N ILE C 164 -2.47 1.27 52.46
CA ILE C 164 -3.45 1.32 53.54
C ILE C 164 -2.92 2.11 54.73
N GLU C 165 -1.66 1.87 55.10
N GLU C 165 -1.65 1.85 55.10
CA GLU C 165 -1.12 2.58 56.27
CA GLU C 165 -1.05 2.55 56.25
C GLU C 165 -0.85 4.05 55.95
C GLU C 165 -0.85 4.03 55.94
N ARG C 166 -0.36 4.34 54.74
CA ARG C 166 -0.14 5.73 54.36
C ARG C 166 -1.45 6.51 54.35
N VAL C 167 -2.51 5.89 53.84
CA VAL C 167 -3.83 6.51 53.84
C VAL C 167 -4.29 6.78 55.27
N ARG C 168 -4.09 5.79 56.15
CA ARG C 168 -4.41 6.02 57.56
C ARG C 168 -3.59 7.18 58.12
N TRP C 169 -2.31 7.27 57.76
CA TRP C 169 -1.46 8.31 58.33
C TRP C 169 -1.83 9.69 57.82
N VAL C 170 -2.31 9.79 56.57
CA VAL C 170 -2.75 11.09 56.08
C VAL C 170 -4.01 11.53 56.81
N LYS C 171 -4.88 10.57 57.14
CA LYS C 171 -6.16 10.90 57.76
C LYS C 171 -6.01 11.20 59.25
N GLN C 172 -5.10 10.51 59.92
CA GLN C 172 -4.85 10.79 61.34
C GLN C 172 -4.14 12.13 61.51
N ASN C 173 -3.21 12.45 60.62
CA ASN C 173 -2.32 13.57 60.78
C ASN C 173 -2.76 14.84 60.07
N PHE C 174 -3.62 14.72 59.07
CA PHE C 174 -4.19 15.88 58.38
C PHE C 174 -5.67 15.66 58.18
N PRO C 175 -6.42 15.55 59.28
CA PRO C 175 -7.88 15.34 59.16
C PRO C 175 -8.60 16.44 58.41
N GLN C 176 -7.94 17.57 58.15
CA GLN C 176 -8.56 18.71 57.48
C GLN C 176 -8.47 18.65 55.95
N VAL C 177 -7.79 17.65 55.40
CA VAL C 177 -7.84 17.44 53.96
C VAL C 177 -8.48 16.09 53.71
N GLN C 178 -9.15 15.97 52.56
CA GLN C 178 -9.75 14.71 52.14
C GLN C 178 -8.69 13.84 51.47
N VAL C 179 -8.81 12.53 51.65
CA VAL C 179 -7.79 11.61 51.16
C VAL C 179 -8.44 10.48 50.34
N ILE C 180 -7.84 10.16 49.20
CA ILE C 180 -8.27 9.06 48.35
C ILE C 180 -7.14 8.06 48.23
N GLY C 181 -7.48 6.78 48.11
CA GLY C 181 -6.49 5.72 47.94
C GLY C 181 -6.77 4.89 46.70
N GLY C 182 -5.71 4.49 46.01
CA GLY C 182 -5.86 3.64 44.84
C GLY C 182 -4.50 3.20 44.36
N ASN C 183 -4.50 2.42 43.27
CA ASN C 183 -5.73 1.95 42.63
C ASN C 183 -6.11 0.56 43.12
N ILE C 184 -7.40 0.25 43.06
CA ILE C 184 -7.90 -1.05 43.47
C ILE C 184 -8.81 -1.58 42.38
N ALA C 185 -9.38 -2.77 42.64
CA ALA C 185 -10.20 -3.44 41.64
C ALA C 185 -11.05 -4.54 42.24
N THR C 186 -11.04 -4.70 43.56
CA THR C 186 -11.88 -5.71 44.19
C THR C 186 -12.64 -5.12 45.37
N GLY C 187 -13.73 -5.81 45.73
CA GLY C 187 -14.44 -5.45 46.95
C GLY C 187 -13.57 -5.49 48.19
N ASP C 188 -12.72 -6.51 48.31
CA ASP C 188 -11.89 -6.65 49.51
C ASP C 188 -10.98 -5.44 49.70
N ALA C 189 -10.31 -5.02 48.64
CA ALA C 189 -9.43 -3.86 48.72
C ALA C 189 -10.20 -2.58 49.08
N ALA C 190 -11.39 -2.40 48.49
CA ALA C 190 -12.20 -1.22 48.81
C ALA C 190 -12.54 -1.19 50.29
N LEU C 191 -12.95 -2.34 50.82
CA LEU C 191 -13.20 -2.43 52.26
C LEU C 191 -11.96 -2.05 53.06
N ALA C 192 -10.78 -2.50 52.61
CA ALA C 192 -9.56 -2.24 53.37
C ALA C 192 -9.26 -0.74 53.39
N LEU C 193 -9.38 -0.08 52.25
CA LEU C 193 -9.12 1.35 52.23
C LEU C 193 -10.19 2.11 53.01
N LEU C 194 -11.44 1.65 52.96
CA LEU C 194 -12.49 2.24 53.78
C LEU C 194 -12.08 2.28 55.24
N ASP C 195 -11.65 1.14 55.78
CA ASP C 195 -11.30 1.09 57.19
C ASP C 195 -10.05 1.91 57.50
N ALA C 196 -9.19 2.11 56.51
CA ALA C 196 -8.05 3.01 56.66
C ALA C 196 -8.44 4.47 56.85
N GLY C 197 -9.70 4.83 56.58
CA GLY C 197 -10.11 6.22 56.61
C GLY C 197 -10.20 6.92 55.27
N ALA C 198 -10.07 6.22 54.16
CA ALA C 198 -10.19 6.86 52.85
C ALA C 198 -11.53 7.56 52.73
N ASP C 199 -11.54 8.75 52.11
CA ASP C 199 -12.79 9.44 51.85
C ASP C 199 -13.33 9.14 50.47
N ALA C 200 -12.55 8.40 49.66
CA ALA C 200 -12.97 7.77 48.42
C ALA C 200 -11.90 6.75 48.07
N VAL C 201 -12.21 5.88 47.11
CA VAL C 201 -11.24 4.97 46.54
C VAL C 201 -11.26 5.17 45.03
N LYS C 202 -10.13 4.86 44.41
CA LYS C 202 -9.93 5.03 42.97
C LYS C 202 -9.78 3.64 42.35
N VAL C 203 -10.64 3.33 41.38
CA VAL C 203 -10.80 1.99 40.85
C VAL C 203 -10.19 1.90 39.46
N GLY C 204 -9.30 0.91 39.25
CA GLY C 204 -8.64 0.69 37.97
C GLY C 204 -7.30 -0.02 38.01
N ILE C 205 -7.29 -1.33 37.78
CA ILE C 205 -6.06 -2.10 37.63
C ILE C 205 -6.11 -2.71 36.24
N GLY C 206 -5.42 -2.09 35.28
CA GLY C 206 -5.37 -2.63 33.95
C GLY C 206 -6.02 -1.84 32.82
N PRO C 207 -7.10 -1.10 33.08
CA PRO C 207 -7.93 -0.62 31.96
C PRO C 207 -7.28 0.46 31.11
N GLY C 208 -6.25 1.14 31.61
CA GLY C 208 -5.83 2.39 31.02
C GLY C 208 -5.30 2.23 29.60
N SER C 209 -5.50 3.29 28.80
CA SER C 209 -5.11 3.25 27.39
C SER C 209 -3.63 2.90 27.22
N ILE C 210 -2.75 3.39 28.10
CA ILE C 210 -1.31 3.20 27.95
C ILE C 210 -0.78 2.05 28.82
N CYS C 211 -1.68 1.20 29.33
CA CYS C 211 -1.29 0.16 30.27
C CYS C 211 -0.76 -1.06 29.56
N THR C 212 0.30 -1.65 30.11
CA THR C 212 0.80 -2.95 29.65
C THR C 212 0.84 -3.95 30.79
N THR C 213 0.32 -3.60 31.97
CA THR C 213 0.36 -4.51 33.09
C THR C 213 -0.23 -5.87 32.73
N ARG C 214 -1.31 -5.88 31.95
CA ARG C 214 -1.89 -7.16 31.54
C ARG C 214 -0.88 -8.00 30.75
N ILE C 215 0.01 -7.36 30.01
CA ILE C 215 1.00 -8.05 29.18
C ILE C 215 2.25 -8.38 29.99
N VAL C 216 2.62 -7.49 30.92
CA VAL C 216 3.84 -7.66 31.69
C VAL C 216 3.60 -8.60 32.87
N ALA C 217 2.49 -8.39 33.60
CA ALA C 217 2.19 -9.12 34.83
C ALA C 217 1.04 -10.10 34.70
N GLY C 218 0.27 -10.06 33.61
CA GLY C 218 -0.94 -10.88 33.52
C GLY C 218 -1.98 -10.50 34.56
N ILE C 219 -2.05 -9.22 34.94
CA ILE C 219 -2.87 -8.75 36.04
C ILE C 219 -3.88 -7.75 35.50
N GLY C 220 -5.09 -7.80 36.03
CA GLY C 220 -6.15 -6.98 35.49
C GLY C 220 -7.54 -7.37 35.94
N MET C 221 -8.43 -6.37 35.97
CA MET C 221 -9.85 -6.55 36.23
C MET C 221 -10.57 -5.76 35.16
N PRO C 222 -11.32 -6.40 34.26
CA PRO C 222 -12.16 -5.61 33.33
C PRO C 222 -12.94 -4.54 34.09
N GLN C 223 -12.97 -3.33 33.55
CA GLN C 223 -13.30 -2.18 34.40
C GLN C 223 -14.75 -2.19 34.88
N ILE C 224 -15.71 -2.56 34.03
CA ILE C 224 -17.12 -2.57 34.47
C ILE C 224 -17.29 -3.50 35.67
N SER C 225 -16.66 -4.68 35.62
CA SER C 225 -16.74 -5.59 36.76
C SER C 225 -15.95 -5.06 37.95
N ALA C 226 -14.84 -4.38 37.69
CA ALA C 226 -14.10 -3.75 38.78
C ALA C 226 -15.00 -2.78 39.53
N ILE C 227 -15.57 -1.81 38.81
CA ILE C 227 -16.49 -0.85 39.42
C ILE C 227 -17.58 -1.56 40.19
N ASP C 228 -18.17 -2.61 39.60
CA ASP C 228 -19.28 -3.29 40.26
C ASP C 228 -18.84 -3.93 41.57
N SER C 229 -17.65 -4.54 41.56
CA SER C 229 -17.16 -5.21 42.77
C SER C 229 -16.82 -4.20 43.87
N VAL C 230 -16.20 -3.08 43.51
CA VAL C 230 -15.93 -2.04 44.51
C VAL C 230 -17.23 -1.41 45.01
N ALA C 231 -18.15 -1.06 44.10
CA ALA C 231 -19.38 -0.37 44.49
C ALA C 231 -20.26 -1.25 45.37
N SER C 232 -20.35 -2.55 45.04
CA SER C 232 -21.18 -3.45 45.83
C SER C 232 -20.65 -3.61 47.24
N ALA C 233 -19.32 -3.63 47.39
CA ALA C 233 -18.74 -3.81 48.71
C ALA C 233 -18.98 -2.59 49.60
N LEU C 234 -18.85 -1.40 49.02
CA LEU C 234 -18.86 -0.14 49.76
C LEU C 234 -20.26 0.25 50.23
N LYS C 235 -21.29 -0.05 49.43
CA LYS C 235 -22.66 0.32 49.75
C LYS C 235 -22.77 1.82 50.04
N ASP C 236 -22.18 2.61 49.15
CA ASP C 236 -22.27 4.07 49.12
C ASP C 236 -21.65 4.76 50.35
N GLN C 237 -21.00 4.01 51.24
CA GLN C 237 -20.33 4.66 52.37
C GLN C 237 -19.33 5.71 51.89
N ILE C 238 -18.58 5.40 50.83
CA ILE C 238 -17.75 6.41 50.19
C ILE C 238 -17.82 6.24 48.68
N PRO C 239 -17.67 7.34 47.94
CA PRO C 239 -17.70 7.26 46.48
C PRO C 239 -16.47 6.52 45.94
N LEU C 240 -16.59 6.06 44.67
CA LEU C 240 -15.47 5.51 43.93
C LEU C 240 -15.22 6.33 42.66
N ILE C 241 -13.96 6.42 42.26
CA ILE C 241 -13.53 7.08 41.02
C ILE C 241 -13.11 5.98 40.05
N ALA C 242 -13.74 5.97 38.87
CA ALA C 242 -13.48 4.94 37.86
C ALA C 242 -12.37 5.46 36.95
N ASP C 243 -11.17 4.92 37.13
CA ASP C 243 -9.96 5.49 36.56
C ASP C 243 -9.38 4.52 35.53
N GLY C 244 -9.30 4.97 34.27
CA GLY C 244 -8.72 4.19 33.19
C GLY C 244 -9.72 3.57 32.24
N GLY C 245 -9.39 3.53 30.93
CA GLY C 245 -10.21 2.84 29.96
C GLY C 245 -11.37 3.62 29.36
N ILE C 246 -11.51 4.90 29.66
CA ILE C 246 -12.59 5.72 29.10
C ILE C 246 -12.17 6.18 27.70
N ARG C 247 -12.96 5.83 26.69
CA ARG C 247 -12.64 6.23 25.32
C ARG C 247 -13.65 7.18 24.70
N PHE C 248 -14.93 7.06 25.07
CA PHE C 248 -15.98 7.93 24.53
C PHE C 248 -16.93 8.31 25.66
N SER C 249 -17.83 9.26 25.39
CA SER C 249 -18.77 9.64 26.43
C SER C 249 -19.58 8.43 26.89
N GLY C 250 -19.92 7.53 25.96
CA GLY C 250 -20.70 6.37 26.36
C GLY C 250 -20.06 5.59 27.48
N ASP C 251 -18.73 5.51 27.51
CA ASP C 251 -18.09 4.75 28.58
C ASP C 251 -18.38 5.37 29.93
N MET C 252 -18.45 6.70 29.99
CA MET C 252 -18.74 7.38 31.26
C MET C 252 -20.11 7.00 31.79
N ALA C 253 -21.10 6.90 30.90
CA ALA C 253 -22.44 6.51 31.34
C ALA C 253 -22.42 5.10 31.91
N LYS C 254 -21.67 4.19 31.29
CA LYS C 254 -21.64 2.83 31.82
C LYS C 254 -20.89 2.77 33.14
N ALA C 255 -19.73 3.43 33.22
CA ALA C 255 -19.02 3.47 34.50
C ALA C 255 -19.93 3.99 35.62
N ILE C 256 -20.63 5.10 35.38
CA ILE C 256 -21.51 5.64 36.43
C ILE C 256 -22.66 4.66 36.72
N GLY C 257 -23.30 4.13 35.67
CA GLY C 257 -24.34 3.14 35.88
C GLY C 257 -23.87 1.88 36.57
N ALA C 258 -22.63 1.45 36.28
CA ALA C 258 -22.01 0.33 37.00
C ALA C 258 -21.76 0.64 38.47
N GLY C 259 -21.72 1.92 38.86
CA GLY C 259 -21.50 2.23 40.26
C GLY C 259 -20.63 3.43 40.55
N ALA C 260 -19.93 3.95 39.54
CA ALA C 260 -18.98 5.03 39.75
C ALA C 260 -19.70 6.32 40.11
N SER C 261 -19.01 7.15 40.92
CA SER C 261 -19.48 8.50 41.14
C SER C 261 -18.73 9.54 40.31
N THR C 262 -17.45 9.29 40.01
CA THR C 262 -16.65 10.11 39.11
C THR C 262 -15.88 9.23 38.13
N ILE C 263 -15.29 9.90 37.16
CA ILE C 263 -14.56 9.27 36.07
C ILE C 263 -13.25 10.02 35.95
N MET C 264 -12.13 9.30 35.96
CA MET C 264 -10.84 9.90 35.72
C MET C 264 -10.36 9.51 34.34
N VAL C 265 -9.81 10.46 33.60
CA VAL C 265 -9.38 10.23 32.24
C VAL C 265 -7.99 10.82 32.06
N GLY C 266 -7.16 10.14 31.29
CA GLY C 266 -5.88 10.68 30.88
C GLY C 266 -5.85 10.90 29.38
N SER C 267 -5.92 9.79 28.64
CA SER C 267 -5.94 9.85 27.17
C SER C 267 -6.88 10.93 26.63
N LEU C 268 -8.12 11.01 27.11
CA LEU C 268 -9.05 11.94 26.45
C LEU C 268 -8.62 13.39 26.59
N LEU C 269 -7.86 13.73 27.64
CA LEU C 269 -7.43 15.10 27.84
C LEU C 269 -5.99 15.34 27.41
N ALA C 270 -5.23 14.28 27.13
CA ALA C 270 -3.88 14.46 26.62
C ALA C 270 -3.92 15.09 25.24
N GLY C 271 -2.92 15.90 24.93
CA GLY C 271 -2.91 16.63 23.69
C GLY C 271 -3.81 17.85 23.63
N THR C 272 -4.56 18.14 24.69
CA THR C 272 -5.27 19.40 24.73
C THR C 272 -4.27 20.52 24.95
N GLU C 273 -4.70 21.74 24.64
CA GLU C 273 -3.82 22.88 24.78
C GLU C 273 -3.33 23.05 26.22
N GLU C 274 -4.23 22.87 27.18
CA GLU C 274 -3.92 23.10 28.59
C GLU C 274 -3.09 21.98 29.19
N ALA C 275 -3.04 20.80 28.58
CA ALA C 275 -2.23 19.73 29.12
C ALA C 275 -0.75 20.12 29.09
N PRO C 276 0.07 19.48 29.92
CA PRO C 276 1.52 19.77 29.90
C PRO C 276 2.15 19.38 28.58
N GLY C 277 3.09 20.21 28.13
CA GLY C 277 3.91 19.85 26.99
C GLY C 277 3.81 20.76 25.78
N GLU C 278 4.78 20.62 24.89
CA GLU C 278 4.81 21.39 23.66
C GLU C 278 4.15 20.62 22.54
N VAL C 279 3.55 21.36 21.61
CA VAL C 279 3.04 20.77 20.38
C VAL C 279 4.21 20.56 19.42
N GLU C 280 4.30 19.36 18.87
CA GLU C 280 5.35 19.03 17.91
C GLU C 280 4.73 18.87 16.53
N PHE C 281 5.49 19.28 15.51
CA PHE C 281 5.07 19.13 14.12
C PHE C 281 5.69 17.87 13.55
N PHE C 282 4.89 17.09 12.84
CA PHE C 282 5.34 15.81 12.31
C PHE C 282 4.47 15.48 11.11
N GLN C 283 5.07 15.42 9.92
CA GLN C 283 4.41 14.96 8.70
C GLN C 283 3.05 15.63 8.53
N GLY C 284 2.98 16.92 8.85
CA GLY C 284 1.78 17.71 8.61
C GLY C 284 0.78 17.73 9.74
N ARG C 285 0.76 16.72 10.59
CA ARG C 285 -0.10 16.72 11.76
C ARG C 285 0.58 17.43 12.94
N TYR C 286 -0.21 17.69 13.98
CA TYR C 286 0.26 18.31 15.22
C TYR C 286 -0.02 17.38 16.39
N TYR C 287 0.99 17.16 17.22
CA TYR C 287 0.90 16.12 18.25
C TYR C 287 1.34 16.67 19.59
N LYS C 288 0.95 15.96 20.65
CA LYS C 288 1.51 16.11 21.98
C LYS C 288 1.89 14.74 22.53
N ALA C 289 2.78 14.73 23.50
CA ALA C 289 3.23 13.48 24.12
C ALA C 289 2.20 12.95 25.10
N TYR C 290 2.05 11.62 25.14
CA TYR C 290 1.27 10.93 26.17
C TYR C 290 1.99 9.64 26.53
N ARG C 291 2.26 9.45 27.83
CA ARG C 291 3.02 8.29 28.28
C ARG C 291 2.56 7.89 29.67
N GLY C 292 2.56 6.57 29.94
CA GLY C 292 2.18 6.11 31.26
C GLY C 292 3.16 6.56 32.32
N MET C 293 2.67 6.62 33.56
CA MET C 293 3.57 6.94 34.65
C MET C 293 4.49 5.78 34.95
N GLY C 294 4.23 4.60 34.38
CA GLY C 294 5.09 3.44 34.57
C GLY C 294 5.85 3.09 33.31
N SER C 295 6.04 4.08 32.43
CA SER C 295 6.85 3.88 31.24
C SER C 295 8.33 4.13 31.55
N LEU C 296 9.18 3.74 30.60
CA LEU C 296 10.63 3.92 30.72
C LEU C 296 11.00 5.39 30.87
N GLY C 297 10.47 6.24 29.99
CA GLY C 297 10.74 7.66 30.08
C GLY C 297 10.24 8.27 31.38
N ALA C 298 8.99 7.98 31.74
CA ALA C 298 8.44 8.60 32.94
C ALA C 298 9.24 8.21 34.17
N MET C 299 9.78 7.00 34.19
CA MET C 299 10.50 6.58 35.38
C MET C 299 11.94 7.09 35.37
N ALA C 300 12.47 7.38 34.19
CA ALA C 300 13.84 7.86 34.00
C ALA C 300 13.94 9.39 33.98
N LEU C 320 12.12 -1.87 38.79
CA LEU C 320 10.82 -2.30 38.27
C LEU C 320 10.80 -2.30 36.74
N VAL C 321 10.33 -3.40 36.14
CA VAL C 321 10.17 -3.40 34.68
C VAL C 321 9.00 -2.49 34.31
N PRO C 322 9.09 -1.74 33.22
CA PRO C 322 8.03 -0.78 32.89
C PRO C 322 6.68 -1.45 32.70
N GLU C 323 5.61 -0.70 33.01
CA GLU C 323 4.25 -1.21 32.86
C GLU C 323 3.39 -0.27 32.03
N GLY C 324 4.02 0.55 31.17
CA GLY C 324 3.26 1.43 30.30
C GLY C 324 4.13 1.85 29.13
N ILE C 325 3.49 2.49 28.16
CA ILE C 325 4.13 2.89 26.92
C ILE C 325 4.20 4.40 26.84
N GLU C 326 5.02 4.89 25.90
CA GLU C 326 5.19 6.30 25.57
C GLU C 326 4.76 6.54 24.13
N GLY C 327 4.25 7.72 23.85
CA GLY C 327 3.85 8.00 22.48
C GLY C 327 3.26 9.39 22.33
N ARG C 328 2.74 9.62 21.14
CA ARG C 328 2.10 10.87 20.77
C ARG C 328 0.59 10.67 20.67
N VAL C 329 -0.14 11.76 20.86
CA VAL C 329 -1.56 11.80 20.56
C VAL C 329 -1.82 13.06 19.75
N PRO C 330 -2.83 13.04 18.86
CA PRO C 330 -3.16 14.26 18.10
C PRO C 330 -3.46 15.44 18.99
N TYR C 331 -2.96 16.61 18.61
CA TYR C 331 -3.30 17.85 19.29
C TYR C 331 -4.78 18.16 19.12
N LYS C 332 -5.47 18.43 20.23
CA LYS C 332 -6.94 18.55 20.22
C LYS C 332 -7.47 19.94 20.49
N GLY C 333 -6.60 20.91 20.85
CA GLY C 333 -7.06 22.24 21.15
C GLY C 333 -7.56 22.37 22.58
N PRO C 334 -8.38 23.38 22.83
CA PRO C 334 -8.82 23.66 24.21
C PRO C 334 -9.65 22.53 24.79
N MET C 335 -9.23 22.04 25.96
CA MET C 335 -9.93 20.94 26.62
C MET C 335 -11.42 21.25 26.79
N GLY C 336 -11.79 22.53 26.85
CA GLY C 336 -13.18 22.88 27.08
C GLY C 336 -14.16 22.24 26.11
N ASN C 337 -13.79 22.13 24.84
CA ASN C 337 -14.66 21.45 23.89
C ASN C 337 -14.77 19.97 24.19
N ILE C 338 -13.67 19.33 24.62
CA ILE C 338 -13.73 17.91 24.94
C ILE C 338 -14.67 17.68 26.11
N VAL C 339 -14.50 18.46 27.17
CA VAL C 339 -15.38 18.30 28.32
C VAL C 339 -16.84 18.45 27.88
N HIS C 340 -17.13 19.45 27.06
N HIS C 340 -17.12 19.46 27.07
CA HIS C 340 -18.51 19.70 26.67
CA HIS C 340 -18.50 19.72 26.64
C HIS C 340 -19.09 18.56 25.84
C HIS C 340 -19.06 18.53 25.87
N GLN C 341 -18.31 18.01 24.89
CA GLN C 341 -18.80 16.85 24.14
C GLN C 341 -19.02 15.65 25.06
N MET C 342 -18.08 15.40 25.98
CA MET C 342 -18.23 14.28 26.91
C MET C 342 -19.51 14.42 27.72
N MET C 343 -19.76 15.63 28.23
CA MET C 343 -20.92 15.83 29.10
C MET C 343 -22.21 15.83 28.29
N GLY C 344 -22.18 16.34 27.06
CA GLY C 344 -23.30 16.15 26.17
C GLY C 344 -23.71 14.69 26.06
N GLY C 345 -22.73 13.80 25.80
CA GLY C 345 -23.07 12.39 25.65
C GLY C 345 -23.65 11.80 26.92
N LEU C 346 -23.14 12.22 28.08
CA LEU C 346 -23.69 11.73 29.33
C LEU C 346 -25.10 12.25 29.57
N ARG C 347 -25.36 13.52 29.22
CA ARG C 347 -26.71 14.05 29.28
C ARG C 347 -27.66 13.24 28.40
N SER C 348 -27.23 13.00 27.16
CA SER C 348 -28.02 12.18 26.25
C SER C 348 -28.33 10.82 26.87
N SER C 349 -27.33 10.21 27.51
CA SER C 349 -27.51 8.90 28.10
C SER C 349 -28.50 8.92 29.26
N MET C 350 -28.42 9.96 30.11
CA MET C 350 -29.36 10.12 31.21
C MET C 350 -30.75 10.47 30.71
N GLY C 351 -30.86 11.08 29.53
CA GLY C 351 -32.15 11.14 28.88
C GLY C 351 -32.72 9.77 28.59
N TYR C 352 -31.95 8.92 27.90
CA TYR C 352 -32.43 7.60 27.51
C TYR C 352 -32.81 6.74 28.71
N THR C 353 -32.17 6.97 29.86
CA THR C 353 -32.36 6.13 31.04
C THR C 353 -33.34 6.70 32.04
N GLY C 354 -33.88 7.89 31.78
CA GLY C 354 -34.80 8.48 32.73
C GLY C 354 -34.14 8.86 34.03
N SER C 355 -32.94 9.44 33.96
CA SER C 355 -32.16 9.78 35.14
C SER C 355 -32.10 11.28 35.18
N ALA C 356 -32.73 11.87 36.19
CA ALA C 356 -32.70 13.32 36.31
C ALA C 356 -31.43 13.79 37.01
N VAL C 357 -30.84 12.94 37.84
CA VAL C 357 -29.63 13.25 38.59
C VAL C 357 -28.68 12.06 38.51
N ILE C 358 -27.38 12.35 38.70
CA ILE C 358 -26.36 11.31 38.63
C ILE C 358 -26.79 10.10 39.45
N GLU C 359 -27.30 10.33 40.64
CA GLU C 359 -27.61 9.22 41.52
C GLU C 359 -28.71 8.33 40.96
N ASP C 360 -29.56 8.84 40.07
CA ASP C 360 -30.55 7.98 39.43
C ASP C 360 -29.89 6.97 38.49
N LEU C 361 -28.89 7.44 37.73
CA LEU C 361 -28.13 6.54 36.88
C LEU C 361 -27.39 5.50 37.72
N ARG C 362 -26.84 5.91 38.87
CA ARG C 362 -26.14 4.97 39.75
C ARG C 362 -27.06 3.87 40.26
N GLN C 363 -28.27 4.22 40.69
CA GLN C 363 -29.12 3.21 41.29
C GLN C 363 -30.03 2.49 40.29
N ASN C 364 -30.29 3.06 39.11
CA ASN C 364 -31.37 2.53 38.28
C ASN C 364 -30.95 1.94 36.94
N ALA C 365 -29.71 2.08 36.53
CA ALA C 365 -29.29 1.57 35.23
C ALA C 365 -29.50 0.06 35.14
N LYS C 366 -30.04 -0.39 34.01
CA LYS C 366 -30.08 -1.80 33.64
C LYS C 366 -29.18 -1.99 32.42
N PHE C 367 -28.40 -3.06 32.43
CA PHE C 367 -27.52 -3.36 31.30
C PHE C 367 -28.00 -4.62 30.58
N VAL C 368 -27.53 -4.77 29.35
CA VAL C 368 -27.50 -6.05 28.68
C VAL C 368 -26.04 -6.36 28.36
N LYS C 369 -25.67 -7.64 28.47
CA LYS C 369 -24.40 -8.11 27.93
C LYS C 369 -24.54 -8.37 26.44
N ILE C 370 -23.50 -8.01 25.68
CA ILE C 370 -23.50 -8.18 24.24
C ILE C 370 -22.29 -9.00 23.83
N THR C 371 -22.33 -9.49 22.59
CA THR C 371 -21.34 -10.41 22.07
C THR C 371 -20.31 -9.64 21.24
N SER C 372 -19.31 -10.37 20.74
CA SER C 372 -18.32 -9.79 19.85
C SER C 372 -18.98 -9.13 18.63
N ALA C 373 -19.91 -9.84 17.98
CA ALA C 373 -20.50 -9.32 16.75
C ALA C 373 -21.06 -7.91 16.98
N GLY C 374 -21.84 -7.74 18.05
CA GLY C 374 -22.42 -6.46 18.40
C GLY C 374 -21.55 -5.60 19.29
N SER D 16 -27.84 -36.13 22.10
CA SER D 16 -26.58 -35.56 21.61
C SER D 16 -25.40 -36.45 21.99
N MET D 17 -24.73 -37.02 21.00
CA MET D 17 -23.57 -37.85 21.24
C MET D 17 -22.28 -37.04 21.34
N LEU D 18 -22.35 -35.72 21.17
CA LEU D 18 -21.16 -34.87 21.13
C LEU D 18 -20.64 -34.65 22.54
N THR D 19 -19.51 -35.28 22.86
CA THR D 19 -18.92 -35.24 24.19
C THR D 19 -18.02 -34.00 24.26
N ILE D 20 -18.52 -32.94 24.90
CA ILE D 20 -17.75 -31.73 25.18
C ILE D 20 -17.32 -31.81 26.63
N VAL D 21 -16.02 -31.95 26.86
CA VAL D 21 -15.56 -32.16 28.24
C VAL D 21 -15.57 -30.87 29.05
N GLN D 22 -15.45 -29.71 28.39
CA GLN D 22 -15.40 -28.42 29.07
C GLN D 22 -15.19 -27.33 28.03
N GLU D 23 -15.27 -26.08 28.50
CA GLU D 23 -14.73 -24.97 27.72
C GLU D 23 -13.29 -24.77 28.17
N ALA D 24 -12.36 -24.85 27.23
CA ALA D 24 -10.95 -24.78 27.55
C ALA D 24 -10.42 -23.38 27.31
N LEU D 25 -9.56 -22.93 28.22
CA LEU D 25 -9.01 -21.58 28.24
C LEU D 25 -7.53 -21.57 27.85
N THR D 26 -7.18 -20.66 26.94
CA THR D 26 -5.78 -20.30 26.71
C THR D 26 -5.38 -19.13 27.64
N PHE D 27 -4.22 -18.53 27.36
CA PHE D 27 -3.68 -17.48 28.23
C PHE D 27 -4.47 -16.19 28.10
N ASP D 28 -4.82 -15.82 26.88
CA ASP D 28 -5.60 -14.61 26.60
C ASP D 28 -7.02 -14.69 27.10
N ASP D 29 -7.47 -15.82 27.65
CA ASP D 29 -8.82 -15.93 28.16
C ASP D 29 -8.97 -15.44 29.59
N VAL D 30 -7.86 -15.21 30.31
CA VAL D 30 -7.88 -15.03 31.75
C VAL D 30 -6.92 -13.93 32.15
N LEU D 31 -7.16 -13.40 33.36
CA LEU D 31 -6.26 -12.45 34.01
C LEU D 31 -6.23 -12.78 35.49
N LEU D 32 -5.05 -12.64 36.10
CA LEU D 32 -4.90 -12.78 37.53
C LEU D 32 -5.44 -11.54 38.24
N LEU D 33 -6.14 -11.76 39.36
CA LEU D 33 -6.63 -10.69 40.22
C LEU D 33 -5.55 -10.22 41.19
N PRO D 34 -5.43 -8.92 41.40
CA PRO D 34 -4.59 -8.43 42.48
C PRO D 34 -5.22 -8.76 43.82
N ALA D 35 -4.36 -8.97 44.82
CA ALA D 35 -4.80 -9.35 46.17
C ALA D 35 -3.97 -8.60 47.21
N TYR D 36 -4.39 -8.69 48.48
CA TYR D 36 -3.64 -8.04 49.55
C TYR D 36 -2.18 -8.47 49.53
N SER D 37 -1.28 -7.49 49.62
CA SER D 37 0.14 -7.72 49.39
C SER D 37 0.99 -6.97 50.42
N THR D 38 2.05 -7.63 50.88
CA THR D 38 3.04 -7.04 51.79
C THR D 38 4.45 -7.14 51.24
N VAL D 39 4.63 -7.57 50.01
CA VAL D 39 5.96 -7.89 49.50
C VAL D 39 6.23 -7.14 48.21
N LEU D 40 7.44 -6.63 48.09
CA LEU D 40 7.82 -5.85 46.93
C LEU D 40 8.40 -6.75 45.84
N PRO D 41 8.00 -6.49 44.60
CA PRO D 41 8.53 -7.26 43.47
C PRO D 41 9.98 -7.66 43.66
N LYS D 42 10.80 -6.71 44.13
CA LYS D 42 12.23 -6.95 44.29
C LYS D 42 12.55 -8.00 45.35
N ASP D 43 11.65 -8.25 46.30
CA ASP D 43 11.93 -9.15 47.43
C ASP D 43 11.32 -10.54 47.27
N VAL D 44 10.60 -10.82 46.20
CA VAL D 44 9.98 -12.12 46.03
C VAL D 44 11.03 -13.11 45.57
N SER D 45 10.84 -14.38 45.93
CA SER D 45 11.69 -15.47 45.48
C SER D 45 11.10 -16.16 44.25
N LEU D 46 11.94 -16.38 43.24
CA LEU D 46 11.58 -17.10 42.02
C LEU D 46 12.01 -18.57 42.03
N LYS D 47 12.52 -19.06 43.16
CA LYS D 47 13.00 -20.43 43.21
C LYS D 47 11.84 -21.43 43.14
N THR D 48 12.07 -22.56 42.48
CA THR D 48 11.04 -23.59 42.31
C THR D 48 11.74 -24.88 41.89
N ARG D 49 10.95 -25.94 41.67
CA ARG D 49 11.50 -27.24 41.33
C ARG D 49 11.16 -27.60 39.88
N LEU D 50 12.18 -28.04 39.14
CA LEU D 50 12.02 -28.57 37.80
C LEU D 50 11.47 -29.98 37.85
N THR D 51 12.05 -30.83 38.68
CA THR D 51 11.57 -32.18 38.93
C THR D 51 11.45 -32.35 40.45
N ARG D 52 10.96 -33.52 40.86
CA ARG D 52 10.80 -33.67 42.30
C ARG D 52 12.13 -33.68 43.04
N GLY D 53 13.24 -33.85 42.33
CA GLY D 53 14.55 -33.75 42.95
C GLY D 53 15.48 -32.63 42.47
N ILE D 54 15.06 -31.83 41.50
CA ILE D 54 15.91 -30.75 40.97
C ILE D 54 15.21 -29.41 41.16
N TYR D 55 15.89 -28.48 41.83
CA TYR D 55 15.40 -27.12 42.01
C TYR D 55 16.12 -26.16 41.07
N LEU D 56 15.37 -25.22 40.51
CA LEU D 56 15.93 -24.10 39.75
C LEU D 56 15.81 -22.83 40.56
N ASN D 57 16.62 -21.84 40.20
CA ASN D 57 16.49 -20.55 40.88
C ASN D 57 15.49 -19.63 40.21
N ILE D 58 15.20 -19.83 38.92
CA ILE D 58 14.11 -19.16 38.21
C ILE D 58 13.30 -20.22 37.50
N PRO D 59 11.99 -20.04 37.30
CA PRO D 59 11.18 -21.11 36.70
C PRO D 59 11.18 -21.14 35.18
N LEU D 60 12.34 -20.97 34.55
CA LEU D 60 12.47 -20.87 33.10
C LEU D 60 13.27 -22.04 32.57
N VAL D 61 12.74 -22.71 31.54
CA VAL D 61 13.38 -23.86 30.90
C VAL D 61 13.41 -23.57 29.40
N SER D 62 14.58 -23.71 28.76
CA SER D 62 14.63 -23.44 27.32
C SER D 62 14.36 -24.72 26.53
N ALA D 63 13.83 -24.54 25.32
CA ALA D 63 13.15 -25.62 24.60
C ALA D 63 14.14 -26.51 23.85
N ALA D 64 13.84 -27.80 23.80
CA ALA D 64 14.71 -28.80 23.17
C ALA D 64 14.61 -28.73 21.64
N MET D 65 15.07 -27.61 21.09
CA MET D 65 14.90 -27.36 19.67
C MET D 65 16.22 -26.98 19.03
N ASP D 66 16.42 -27.45 17.80
CA ASP D 66 17.68 -27.21 17.13
C ASP D 66 17.82 -25.76 16.70
N THR D 67 16.90 -24.88 17.07
CA THR D 67 17.08 -23.44 16.89
C THR D 67 17.07 -22.67 18.21
N VAL D 68 17.16 -23.37 19.34
CA VAL D 68 17.05 -22.70 20.64
C VAL D 68 18.18 -23.13 21.58
N THR D 69 18.25 -24.42 21.89
CA THR D 69 19.16 -24.92 22.93
C THR D 69 20.21 -25.86 22.35
N GLU D 70 21.43 -25.37 22.20
CA GLU D 70 22.62 -26.20 22.27
C GLU D 70 23.42 -25.75 23.48
N SER D 71 24.65 -26.26 23.61
CA SER D 71 25.35 -26.09 24.87
C SER D 71 25.51 -24.61 25.22
N ARG D 72 25.81 -23.78 24.24
CA ARG D 72 25.98 -22.36 24.51
C ARG D 72 24.75 -21.79 25.22
N MET D 73 23.55 -22.21 24.78
CA MET D 73 22.33 -21.71 25.41
C MET D 73 22.07 -22.38 26.75
N ALA D 74 22.36 -23.68 26.87
CA ALA D 74 22.14 -24.35 28.15
C ALA D 74 23.03 -23.75 29.23
N ILE D 75 24.24 -23.31 28.88
CA ILE D 75 25.12 -22.70 29.87
C ILE D 75 24.56 -21.35 30.32
N ALA D 76 24.10 -20.55 29.36
CA ALA D 76 23.45 -19.29 29.72
C ALA D 76 22.28 -19.53 30.65
N MET D 77 21.44 -20.52 30.32
CA MET D 77 20.27 -20.80 31.14
C MET D 77 20.66 -21.20 32.56
N ALA D 78 21.62 -22.12 32.69
CA ALA D 78 22.09 -22.51 34.01
C ALA D 78 22.62 -21.29 34.76
N GLN D 79 23.48 -20.52 34.10
CA GLN D 79 24.08 -19.35 34.72
C GLN D 79 23.03 -18.38 35.24
N ASN D 80 21.85 -18.35 34.60
CA ASN D 80 20.80 -17.41 34.97
C ASN D 80 19.79 -18.00 35.94
N GLY D 81 20.02 -19.22 36.45
CA GLY D 81 19.18 -19.81 37.49
C GLY D 81 18.22 -20.87 36.98
N GLY D 82 18.16 -21.08 35.67
CA GLY D 82 17.32 -22.09 35.09
C GLY D 82 18.10 -23.23 34.46
N ILE D 83 17.56 -23.78 33.37
CA ILE D 83 18.13 -24.98 32.76
C ILE D 83 17.69 -25.03 31.30
N GLY D 84 18.56 -25.60 30.46
CA GLY D 84 18.25 -25.87 29.07
C GLY D 84 18.16 -27.37 28.82
N ILE D 85 17.31 -27.74 27.87
CA ILE D 85 17.19 -29.14 27.44
C ILE D 85 17.77 -29.22 26.06
N LEU D 86 18.95 -29.84 25.95
CA LEU D 86 19.59 -29.98 24.66
C LEU D 86 18.72 -30.78 23.71
N HIS D 87 18.67 -30.36 22.45
CA HIS D 87 17.81 -31.06 21.53
C HIS D 87 18.48 -32.36 21.04
N LYS D 88 17.67 -33.25 20.49
CA LYS D 88 18.10 -34.58 20.05
C LYS D 88 18.33 -34.66 18.54
N ASN D 89 18.30 -33.53 17.84
CA ASN D 89 18.50 -33.53 16.40
C ASN D 89 20.00 -33.54 16.09
N MET D 90 20.68 -34.54 16.65
CA MET D 90 22.11 -34.71 16.46
C MET D 90 22.46 -36.12 16.93
N ASP D 91 23.54 -36.66 16.39
CA ASP D 91 23.86 -38.02 16.75
C ASP D 91 24.24 -38.10 18.22
N ILE D 92 24.32 -39.33 18.74
CA ILE D 92 24.54 -39.54 20.16
C ILE D 92 25.87 -38.93 20.62
N ALA D 93 26.94 -39.15 19.85
CA ALA D 93 28.23 -38.55 20.17
C ALA D 93 28.14 -37.04 20.35
N ALA D 94 27.43 -36.37 19.45
CA ALA D 94 27.32 -34.92 19.50
C ALA D 94 26.52 -34.48 20.73
N GLN D 95 25.44 -35.20 21.06
CA GLN D 95 24.65 -34.82 22.22
C GLN D 95 25.46 -34.98 23.51
N ALA D 96 26.22 -36.08 23.62
CA ALA D 96 27.01 -36.33 24.82
C ALA D 96 28.10 -35.29 24.99
N ALA D 97 28.72 -34.85 23.90
CA ALA D 97 29.69 -33.77 23.98
C ALA D 97 29.02 -32.47 24.45
N GLU D 98 27.82 -32.17 23.94
CA GLU D 98 27.09 -30.99 24.41
C GLU D 98 26.89 -31.04 25.92
N VAL D 99 26.41 -32.18 26.44
CA VAL D 99 26.26 -32.32 27.88
C VAL D 99 27.59 -31.98 28.56
N ARG D 100 28.69 -32.58 28.07
CA ARG D 100 29.98 -32.44 28.72
C ARG D 100 30.47 -30.99 28.68
N ARG D 101 30.21 -30.27 27.59
CA ARG D 101 30.64 -28.88 27.55
C ARG D 101 29.98 -28.09 28.68
N VAL D 102 28.68 -28.26 28.86
CA VAL D 102 27.97 -27.54 29.91
C VAL D 102 28.43 -28.01 31.28
N LYS D 103 28.71 -29.30 31.43
CA LYS D 103 28.96 -29.87 32.76
C LYS D 103 30.33 -29.49 33.30
N LYS D 104 31.32 -29.31 32.43
CA LYS D 104 32.63 -28.87 32.88
C LYS D 104 32.94 -27.44 32.47
N PHE D 105 31.97 -26.71 31.94
CA PHE D 105 32.18 -25.28 31.74
C PHE D 105 32.62 -24.63 33.07
N GLU D 106 33.65 -23.80 33.00
CA GLU D 106 34.15 -23.04 34.14
C GLU D 106 34.15 -21.57 33.79
N ALA D 107 33.66 -20.75 34.71
CA ALA D 107 33.48 -19.32 34.48
C ALA D 107 34.75 -18.54 34.80
N GLY D 108 35.00 -17.47 34.04
CA GLY D 108 36.12 -16.59 34.29
C GLY D 108 36.33 -16.21 35.75
N TYR D 113 28.16 -15.02 38.65
CA TYR D 113 26.80 -15.55 38.43
C TYR D 113 26.22 -16.14 39.71
N PRO D 114 25.83 -15.26 40.63
CA PRO D 114 25.39 -15.70 41.97
C PRO D 114 24.12 -16.55 41.97
N ASN D 115 23.40 -16.62 40.86
CA ASN D 115 22.15 -17.38 40.82
C ASN D 115 22.30 -18.69 40.06
N SER D 116 23.51 -19.07 39.65
CA SER D 116 23.74 -20.29 38.88
C SER D 116 22.96 -21.46 39.45
N CYS D 117 22.50 -22.34 38.56
CA CYS D 117 21.84 -23.56 38.97
C CYS D 117 22.83 -24.72 38.81
N LYS D 118 23.09 -25.44 39.91
CA LYS D 118 24.21 -26.38 39.97
C LYS D 118 23.83 -27.66 40.70
N ASP D 119 24.53 -28.74 40.35
CA ASP D 119 24.32 -30.04 41.00
C ASP D 119 25.06 -30.08 42.32
N ASP D 120 25.18 -31.29 42.91
CA ASP D 120 25.86 -31.42 44.20
C ASP D 120 27.34 -31.13 44.09
N LEU D 121 27.96 -31.39 42.94
CA LEU D 121 29.37 -31.12 42.73
C LEU D 121 29.63 -29.69 42.25
N GLY D 122 28.66 -28.79 42.36
CA GLY D 122 28.87 -27.42 41.91
C GLY D 122 28.97 -27.23 40.41
N ARG D 123 28.49 -28.18 39.61
CA ARG D 123 28.53 -28.07 38.15
C ARG D 123 27.19 -27.55 37.64
N LEU D 124 27.26 -26.70 36.61
CA LEU D 124 26.03 -26.21 36.00
C LEU D 124 25.17 -27.39 35.57
N ARG D 125 23.86 -27.32 35.87
CA ARG D 125 22.92 -28.34 35.45
C ARG D 125 22.63 -28.24 33.96
N VAL D 126 22.20 -29.36 33.37
CA VAL D 126 21.77 -29.44 31.98
C VAL D 126 20.83 -30.63 31.82
N GLY D 127 19.93 -30.54 30.84
CA GLY D 127 19.04 -31.62 30.50
C GLY D 127 19.25 -32.03 29.05
N ALA D 128 18.72 -33.21 28.70
CA ALA D 128 18.86 -33.68 27.32
C ALA D 128 17.61 -34.45 26.91
N ALA D 129 17.14 -34.18 25.70
CA ALA D 129 15.96 -34.83 25.17
C ALA D 129 16.33 -36.15 24.51
N VAL D 130 15.51 -37.17 24.73
CA VAL D 130 15.56 -38.38 23.92
C VAL D 130 14.17 -38.64 23.35
N GLY D 131 14.09 -39.58 22.41
CA GLY D 131 12.87 -40.02 21.79
C GLY D 131 12.42 -41.35 22.34
N THR D 132 11.77 -42.16 21.48
CA THR D 132 11.48 -43.54 21.81
C THR D 132 12.02 -44.54 20.79
N GLY D 133 12.73 -44.07 19.75
CA GLY D 133 13.26 -44.96 18.73
C GLY D 133 14.34 -45.89 19.25
N ALA D 134 14.70 -46.86 18.40
CA ALA D 134 15.58 -47.94 18.84
C ALA D 134 16.97 -47.46 19.23
N ASP D 135 17.31 -46.19 18.98
CA ASP D 135 18.59 -45.63 19.40
C ASP D 135 18.59 -45.14 20.84
N THR D 136 17.46 -45.22 21.52
CA THR D 136 17.22 -44.54 22.78
C THR D 136 18.05 -45.14 23.91
N PRO D 137 18.17 -46.47 23.98
CA PRO D 137 19.06 -47.06 25.00
C PRO D 137 20.48 -46.52 24.93
N SER D 138 21.11 -46.48 23.75
CA SER D 138 22.48 -45.99 23.68
C SER D 138 22.55 -44.50 23.99
N ARG D 139 21.58 -43.73 23.49
CA ARG D 139 21.55 -42.29 23.74
C ARG D 139 21.48 -42.00 25.23
N VAL D 140 20.50 -42.59 25.92
CA VAL D 140 20.35 -42.37 27.35
C VAL D 140 21.65 -42.71 28.07
N GLU D 141 22.19 -43.91 27.79
CA GLU D 141 23.41 -44.33 28.45
C GLU D 141 24.52 -43.30 28.27
N ALA D 142 24.72 -42.86 27.03
CA ALA D 142 25.79 -41.90 26.80
C ALA D 142 25.54 -40.60 27.55
N LEU D 143 24.28 -40.10 27.53
CA LEU D 143 23.98 -38.83 28.19
C LEU D 143 24.18 -38.91 29.70
N VAL D 144 23.68 -39.99 30.31
CA VAL D 144 23.93 -40.20 31.74
C VAL D 144 25.42 -40.29 32.01
N GLU D 145 26.10 -41.16 31.28
CA GLU D 145 27.54 -41.29 31.45
C GLU D 145 28.24 -39.94 31.38
N ALA D 146 27.73 -39.04 30.55
CA ALA D 146 28.40 -37.74 30.43
C ALA D 146 28.03 -36.76 31.54
N GLY D 147 27.09 -37.10 32.41
CA GLY D 147 26.75 -36.29 33.55
C GLY D 147 25.48 -35.45 33.43
N VAL D 148 24.62 -35.74 32.44
CA VAL D 148 23.37 -35.01 32.31
C VAL D 148 22.58 -35.11 33.61
N ASP D 149 21.86 -34.04 33.96
CA ASP D 149 21.09 -34.03 35.20
C ASP D 149 19.68 -34.61 35.04
N VAL D 150 19.07 -34.49 33.86
CA VAL D 150 17.71 -34.96 33.67
C VAL D 150 17.52 -35.41 32.23
N ILE D 151 16.89 -36.57 32.07
CA ILE D 151 16.51 -37.11 30.77
C ILE D 151 15.09 -36.65 30.47
N VAL D 152 14.89 -36.00 29.31
CA VAL D 152 13.56 -35.56 28.86
C VAL D 152 13.14 -36.50 27.72
N VAL D 153 12.28 -37.46 28.04
CA VAL D 153 11.68 -38.29 27.01
C VAL D 153 10.67 -37.43 26.28
N ASP D 154 11.01 -37.02 25.06
CA ASP D 154 10.44 -35.85 24.38
C ASP D 154 9.68 -36.27 23.11
N THR D 155 8.36 -36.40 23.19
CA THR D 155 7.56 -36.77 22.01
C THR D 155 6.40 -35.82 21.79
N ALA D 156 5.75 -36.00 20.64
CA ALA D 156 4.55 -35.23 20.34
C ALA D 156 3.36 -35.70 21.16
N HIS D 157 3.29 -36.99 21.53
CA HIS D 157 2.11 -37.51 22.21
C HIS D 157 2.57 -38.41 23.35
N GLY D 158 2.71 -37.82 24.55
CA GLY D 158 3.20 -38.58 25.68
C GLY D 158 2.21 -39.55 26.27
N HIS D 159 0.92 -39.40 25.96
CA HIS D 159 -0.08 -40.35 26.47
C HIS D 159 -0.15 -41.57 25.56
N SER D 160 0.98 -42.28 25.50
CA SER D 160 1.13 -43.42 24.62
C SER D 160 1.98 -44.48 25.32
N ALA D 161 1.81 -45.72 24.86
CA ALA D 161 2.54 -46.84 25.47
C ALA D 161 4.05 -46.69 25.28
N GLY D 162 4.48 -46.22 24.12
CA GLY D 162 5.90 -46.07 23.86
C GLY D 162 6.58 -45.11 24.82
N VAL D 163 5.91 -44.01 25.18
CA VAL D 163 6.52 -43.03 26.06
C VAL D 163 6.36 -43.46 27.51
N ILE D 164 5.22 -44.06 27.86
CA ILE D 164 5.06 -44.56 29.22
C ILE D 164 6.09 -45.63 29.52
N GLU D 165 6.23 -46.61 28.62
N GLU D 165 6.20 -46.63 28.63
CA GLU D 165 7.21 -47.68 28.87
CA GLU D 165 7.19 -47.69 28.78
C GLU D 165 8.64 -47.17 28.79
C GLU D 165 8.60 -47.12 28.84
N ARG D 166 8.90 -46.14 27.98
CA ARG D 166 10.25 -45.58 27.92
C ARG D 166 10.56 -44.78 29.18
N VAL D 167 9.57 -44.09 29.74
CA VAL D 167 9.80 -43.40 31.02
C VAL D 167 10.07 -44.41 32.12
N ARG D 168 9.33 -45.52 32.13
CA ARG D 168 9.55 -46.53 33.17
C ARG D 168 10.92 -47.19 33.00
N TRP D 169 11.36 -47.37 31.75
CA TRP D 169 12.65 -48.02 31.51
C TRP D 169 13.82 -47.13 31.92
N VAL D 170 13.65 -45.81 31.86
CA VAL D 170 14.74 -44.91 32.28
C VAL D 170 14.84 -44.87 33.80
N LYS D 171 13.70 -44.82 34.49
CA LYS D 171 13.70 -44.82 35.96
C LYS D 171 14.24 -46.14 36.50
N GLN D 172 13.83 -47.26 35.91
N GLN D 172 13.84 -47.26 35.92
CA GLN D 172 14.32 -48.56 36.34
CA GLN D 172 14.33 -48.55 36.37
C GLN D 172 15.83 -48.68 36.14
C GLN D 172 15.85 -48.67 36.14
N ASN D 173 16.30 -48.34 34.93
CA ASN D 173 17.69 -48.63 34.54
C ASN D 173 18.69 -47.53 34.87
N PHE D 174 18.26 -46.29 35.12
CA PHE D 174 19.18 -45.20 35.48
C PHE D 174 18.56 -44.37 36.59
N PRO D 175 18.28 -44.99 37.74
CA PRO D 175 17.59 -44.27 38.82
C PRO D 175 18.37 -43.08 39.36
N GLN D 176 19.66 -42.96 39.06
CA GLN D 176 20.50 -41.87 39.54
C GLN D 176 20.43 -40.63 38.68
N VAL D 177 19.46 -40.55 37.77
CA VAL D 177 19.21 -39.35 36.98
C VAL D 177 17.71 -39.10 36.98
N GLN D 178 17.32 -37.83 36.96
CA GLN D 178 15.90 -37.45 36.92
C GLN D 178 15.35 -37.60 35.50
N VAL D 179 14.08 -38.00 35.39
CA VAL D 179 13.44 -38.22 34.09
C VAL D 179 12.10 -37.46 34.00
N ILE D 180 11.89 -36.74 32.90
CA ILE D 180 10.63 -36.05 32.62
C ILE D 180 9.97 -36.69 31.41
N GLY D 181 8.64 -36.76 31.42
CA GLY D 181 7.87 -37.29 30.32
C GLY D 181 6.88 -36.29 29.76
N GLY D 182 6.63 -36.38 28.46
CA GLY D 182 5.70 -35.50 27.78
C GLY D 182 5.77 -35.72 26.29
N ASN D 183 5.05 -34.89 25.55
CA ASN D 183 4.15 -33.88 26.09
C ASN D 183 2.73 -34.43 26.34
N ILE D 184 2.06 -33.91 27.37
CA ILE D 184 0.73 -34.35 27.76
C ILE D 184 -0.14 -33.12 27.97
N ALA D 185 -1.47 -33.37 28.09
CA ALA D 185 -2.40 -32.26 28.26
C ALA D 185 -3.64 -32.63 29.05
N THR D 186 -3.70 -33.82 29.66
CA THR D 186 -4.87 -34.21 30.45
C THR D 186 -4.42 -34.78 31.77
N GLY D 187 -5.28 -34.65 32.78
CA GLY D 187 -5.01 -35.32 34.04
C GLY D 187 -4.71 -36.79 33.85
N ASP D 188 -5.48 -37.45 32.97
CA ASP D 188 -5.29 -38.88 32.75
C ASP D 188 -3.85 -39.17 32.32
N ALA D 189 -3.37 -38.48 31.29
CA ALA D 189 -2.01 -38.75 30.82
C ALA D 189 -0.97 -38.44 31.90
N ALA D 190 -1.26 -37.48 32.77
CA ALA D 190 -0.32 -37.15 33.83
C ALA D 190 -0.24 -38.28 34.84
N LEU D 191 -1.39 -38.88 35.16
CA LEU D 191 -1.40 -40.02 36.06
C LEU D 191 -0.65 -41.20 35.45
N ALA D 192 -0.75 -41.39 34.13
CA ALA D 192 -0.06 -42.51 33.50
C ALA D 192 1.45 -42.35 33.62
N LEU D 193 1.94 -41.13 33.42
CA LEU D 193 3.37 -40.88 33.51
C LEU D 193 3.84 -40.92 34.96
N LEU D 194 3.04 -40.37 35.88
CA LEU D 194 3.34 -40.47 37.30
C LEU D 194 3.52 -41.91 37.72
N ASP D 195 2.61 -42.77 37.27
CA ASP D 195 2.68 -44.19 37.57
C ASP D 195 3.89 -44.85 36.94
N ALA D 196 4.43 -44.27 35.87
CA ALA D 196 5.57 -44.83 35.15
C ALA D 196 6.91 -44.51 35.79
N GLY D 197 6.95 -43.58 36.76
CA GLY D 197 8.20 -43.20 37.41
C GLY D 197 8.65 -41.78 37.14
N ALA D 198 8.01 -41.07 36.22
CA ALA D 198 8.41 -39.70 35.88
C ALA D 198 8.58 -38.87 37.14
N ASP D 199 9.59 -37.99 37.12
CA ASP D 199 9.83 -37.06 38.22
C ASP D 199 9.19 -35.70 37.97
N ALA D 200 8.57 -35.53 36.80
CA ALA D 200 7.81 -34.37 36.36
C ALA D 200 7.22 -34.70 34.99
N VAL D 201 6.24 -33.93 34.58
CA VAL D 201 5.68 -34.08 33.24
C VAL D 201 5.75 -32.74 32.53
N LYS D 202 5.72 -32.79 31.21
CA LYS D 202 5.78 -31.59 30.37
C LYS D 202 4.42 -31.44 29.67
N VAL D 203 3.76 -30.30 29.89
CA VAL D 203 2.37 -30.06 29.49
C VAL D 203 2.32 -29.12 28.28
N GLY D 204 1.60 -29.54 27.25
CA GLY D 204 1.50 -28.74 26.05
C GLY D 204 1.24 -29.56 24.79
N ILE D 205 0.00 -29.57 24.32
CA ILE D 205 -0.37 -30.20 23.05
C ILE D 205 -1.07 -29.12 22.23
N GLY D 206 -0.34 -28.51 21.29
CA GLY D 206 -0.92 -27.54 20.38
C GLY D 206 -0.67 -26.06 20.65
N PRO D 207 -0.14 -25.68 21.82
CA PRO D 207 -0.11 -24.24 22.14
C PRO D 207 1.06 -23.48 21.52
N GLY D 208 2.06 -24.18 21.00
CA GLY D 208 3.30 -23.52 20.65
C GLY D 208 3.18 -22.62 19.43
N SER D 209 4.09 -21.64 19.37
CA SER D 209 4.03 -20.62 18.33
C SER D 209 4.27 -21.18 16.94
N ILE D 210 5.00 -22.29 16.83
CA ILE D 210 5.27 -22.90 15.53
C ILE D 210 4.41 -24.14 15.28
N CYS D 211 3.36 -24.34 16.07
CA CYS D 211 2.58 -25.57 16.04
C CYS D 211 1.41 -25.43 15.07
N THR D 212 1.37 -26.32 14.09
CA THR D 212 0.24 -26.43 13.18
C THR D 212 -0.61 -27.66 13.51
N THR D 213 -0.29 -28.36 14.59
CA THR D 213 -1.04 -29.56 14.97
C THR D 213 -2.54 -29.27 15.08
N ARG D 214 -2.89 -28.09 15.57
CA ARG D 214 -4.30 -27.69 15.61
C ARG D 214 -4.93 -27.80 14.23
N ILE D 215 -4.21 -27.39 13.18
CA ILE D 215 -4.75 -27.37 11.83
C ILE D 215 -4.66 -28.74 11.17
N VAL D 216 -3.55 -29.46 11.36
CA VAL D 216 -3.31 -30.69 10.63
C VAL D 216 -4.14 -31.84 11.19
N ALA D 217 -4.19 -31.95 12.52
CA ALA D 217 -4.85 -33.07 13.19
C ALA D 217 -6.12 -32.64 13.93
N GLY D 218 -6.42 -31.35 14.01
CA GLY D 218 -7.54 -30.90 14.81
C GLY D 218 -7.40 -31.26 16.27
N ILE D 219 -6.16 -31.35 16.77
CA ILE D 219 -5.84 -31.82 18.10
C ILE D 219 -5.30 -30.66 18.91
N GLY D 220 -5.67 -30.59 20.18
CA GLY D 220 -5.24 -29.48 21.02
C GLY D 220 -5.97 -29.37 22.36
N MET D 221 -5.34 -28.68 23.30
CA MET D 221 -5.91 -28.39 24.61
C MET D 221 -5.41 -27.01 24.99
N PRO D 222 -6.26 -25.99 25.03
CA PRO D 222 -5.79 -24.67 25.47
C PRO D 222 -4.95 -24.77 26.72
N GLN D 223 -3.86 -23.98 26.78
CA GLN D 223 -2.79 -24.29 27.71
C GLN D 223 -3.19 -24.06 29.18
N ILE D 224 -4.00 -23.05 29.48
CA ILE D 224 -4.39 -22.80 30.88
C ILE D 224 -5.18 -23.99 31.42
N SER D 225 -6.21 -24.42 30.69
CA SER D 225 -6.95 -25.62 31.06
C SER D 225 -6.07 -26.86 31.06
N ALA D 226 -5.12 -26.94 30.13
CA ALA D 226 -4.19 -28.06 30.13
C ALA D 226 -3.44 -28.14 31.46
N ILE D 227 -2.81 -27.03 31.87
CA ILE D 227 -2.09 -26.97 33.13
C ILE D 227 -3.01 -27.34 34.30
N ASP D 228 -4.20 -26.72 34.36
CA ASP D 228 -5.10 -27.00 35.47
C ASP D 228 -5.47 -28.49 35.54
N SER D 229 -5.80 -29.09 34.39
CA SER D 229 -6.16 -30.50 34.35
C SER D 229 -5.02 -31.41 34.83
N VAL D 230 -3.80 -31.13 34.38
CA VAL D 230 -2.65 -31.91 34.83
C VAL D 230 -2.33 -31.64 36.31
N ALA D 231 -2.18 -30.36 36.68
CA ALA D 231 -1.90 -30.05 38.07
C ALA D 231 -2.97 -30.63 39.01
N SER D 232 -4.24 -30.57 38.60
CA SER D 232 -5.29 -31.03 39.51
C SER D 232 -5.14 -32.51 39.80
N ALA D 233 -4.77 -33.30 38.78
CA ALA D 233 -4.70 -34.75 38.96
C ALA D 233 -3.47 -35.14 39.77
N LEU D 234 -2.36 -34.42 39.57
CA LEU D 234 -1.09 -34.79 40.20
C LEU D 234 -1.08 -34.52 41.70
N LYS D 235 -1.81 -33.50 42.16
CA LYS D 235 -1.88 -33.16 43.58
C LYS D 235 -0.49 -32.96 44.17
N ASP D 236 0.36 -32.27 43.43
CA ASP D 236 1.70 -31.88 43.84
C ASP D 236 2.66 -33.05 44.05
N GLN D 237 2.32 -34.26 43.57
CA GLN D 237 3.25 -35.37 43.71
C GLN D 237 4.51 -35.16 42.88
N ILE D 238 4.36 -34.72 41.63
CA ILE D 238 5.49 -34.24 40.85
C ILE D 238 5.11 -32.89 40.27
N PRO D 239 6.10 -32.08 39.90
CA PRO D 239 5.80 -30.83 39.20
C PRO D 239 5.51 -31.04 37.71
N LEU D 240 4.91 -30.03 37.10
CA LEU D 240 4.72 -29.99 35.65
C LEU D 240 5.48 -28.80 35.08
N ILE D 241 5.97 -28.97 33.84
CA ILE D 241 6.57 -27.91 33.03
C ILE D 241 5.52 -27.44 32.01
N ALA D 242 5.18 -26.16 32.03
CA ALA D 242 4.26 -25.58 31.06
C ALA D 242 5.01 -25.27 29.77
N ASP D 243 4.76 -26.05 28.73
CA ASP D 243 5.58 -25.98 27.53
C ASP D 243 4.79 -25.47 26.34
N GLY D 244 5.21 -24.34 25.79
CA GLY D 244 4.72 -23.78 24.55
C GLY D 244 3.69 -22.67 24.77
N GLY D 245 3.67 -21.72 23.85
CA GLY D 245 2.64 -20.69 23.82
C GLY D 245 2.89 -19.50 24.72
N ILE D 246 4.04 -19.42 25.38
CA ILE D 246 4.39 -18.26 26.19
C ILE D 246 4.80 -17.13 25.27
N ARG D 247 4.18 -15.97 25.43
CA ARG D 247 4.47 -14.83 24.60
C ARG D 247 4.99 -13.64 25.36
N PHE D 248 4.59 -13.47 26.63
CA PHE D 248 4.96 -12.32 27.43
C PHE D 248 5.21 -12.77 28.86
N SER D 249 5.82 -11.90 29.67
CA SER D 249 6.01 -12.28 31.07
C SER D 249 4.67 -12.59 31.74
N GLY D 250 3.61 -11.88 31.36
CA GLY D 250 2.31 -12.18 31.95
C GLY D 250 1.87 -13.62 31.72
N ASP D 251 2.24 -14.21 30.57
CA ASP D 251 1.84 -15.59 30.33
C ASP D 251 2.43 -16.51 31.39
N MET D 252 3.66 -16.21 31.84
CA MET D 252 4.31 -17.05 32.83
C MET D 252 3.59 -16.98 34.16
N ALA D 253 3.15 -15.79 34.55
CA ALA D 253 2.42 -15.66 35.81
C ALA D 253 1.16 -16.48 35.77
N LYS D 254 0.41 -16.37 34.67
CA LYS D 254 -0.78 -17.20 34.50
C LYS D 254 -0.44 -18.68 34.57
N ALA D 255 0.59 -19.10 33.82
CA ALA D 255 0.95 -20.52 33.86
C ALA D 255 1.20 -20.99 35.29
N ILE D 256 2.02 -20.24 36.05
CA ILE D 256 2.33 -20.70 37.41
C ILE D 256 1.08 -20.62 38.27
N GLY D 257 0.27 -19.57 38.10
CA GLY D 257 -0.96 -19.47 38.85
C GLY D 257 -1.92 -20.61 38.58
N ALA D 258 -1.97 -21.07 37.32
CA ALA D 258 -2.80 -22.20 36.95
C ALA D 258 -2.25 -23.53 37.44
N GLY D 259 -1.01 -23.56 37.92
CA GLY D 259 -0.48 -24.73 38.60
C GLY D 259 0.90 -25.15 38.14
N ALA D 260 1.43 -24.45 37.14
CA ALA D 260 2.75 -24.77 36.64
C ALA D 260 3.80 -24.61 37.73
N SER D 261 4.89 -25.35 37.59
CA SER D 261 6.07 -25.13 38.42
C SER D 261 7.20 -24.47 37.64
N THR D 262 7.33 -24.78 36.34
CA THR D 262 8.26 -24.09 35.47
C THR D 262 7.59 -23.81 34.12
N ILE D 263 8.32 -23.10 33.27
CA ILE D 263 7.86 -22.63 31.96
C ILE D 263 8.96 -22.96 30.96
N MET D 264 8.65 -23.72 29.93
CA MET D 264 9.55 -23.93 28.80
C MET D 264 9.16 -22.99 27.67
N VAL D 265 10.17 -22.38 27.05
CA VAL D 265 9.96 -21.39 25.99
C VAL D 265 10.91 -21.71 24.85
N GLY D 266 10.45 -21.51 23.62
CA GLY D 266 11.35 -21.59 22.49
C GLY D 266 11.41 -20.28 21.73
N SER D 267 10.23 -19.77 21.34
N SER D 267 10.24 -19.77 21.33
CA SER D 267 10.19 -18.56 20.53
CA SER D 267 10.22 -18.55 20.52
C SER D 267 10.85 -17.38 21.26
C SER D 267 10.87 -17.38 21.26
N LEU D 268 10.62 -17.25 22.57
CA LEU D 268 11.14 -16.10 23.30
C LEU D 268 12.66 -16.08 23.35
N LEU D 269 13.31 -17.25 23.30
CA LEU D 269 14.77 -17.31 23.31
C LEU D 269 15.35 -17.51 21.93
N ALA D 270 14.52 -17.80 20.93
CA ALA D 270 15.05 -17.97 19.60
C ALA D 270 15.45 -16.61 19.05
N GLY D 271 16.51 -16.60 18.26
CA GLY D 271 17.05 -15.37 17.74
C GLY D 271 17.98 -14.65 18.68
N THR D 272 18.14 -15.12 19.92
CA THR D 272 19.10 -14.48 20.80
C THR D 272 20.51 -14.90 20.40
N GLU D 273 21.50 -14.25 21.01
CA GLU D 273 22.88 -14.50 20.61
C GLU D 273 23.29 -15.93 20.88
N GLU D 274 22.90 -16.46 22.04
CA GLU D 274 23.34 -17.78 22.49
C GLU D 274 22.60 -18.94 21.82
N ALA D 275 21.43 -18.71 21.25
CA ALA D 275 20.72 -19.76 20.53
C ALA D 275 21.51 -20.17 19.28
N PRO D 276 21.34 -21.42 18.84
CA PRO D 276 22.12 -21.89 17.68
C PRO D 276 21.76 -21.15 16.40
N GLY D 277 22.67 -21.24 15.43
CA GLY D 277 22.45 -20.69 14.10
C GLY D 277 23.24 -19.42 13.88
N GLU D 278 23.30 -19.03 12.60
CA GLU D 278 23.97 -17.82 12.17
C GLU D 278 22.98 -16.65 12.07
N VAL D 279 23.49 -15.45 12.28
CA VAL D 279 22.68 -14.24 12.06
C VAL D 279 22.74 -13.90 10.58
N GLU D 280 21.57 -13.78 9.95
CA GLU D 280 21.48 -13.49 8.53
C GLU D 280 20.99 -12.06 8.35
N PHE D 281 21.59 -11.35 7.40
CA PHE D 281 21.14 -10.01 7.03
C PHE D 281 20.11 -10.12 5.92
N PHE D 282 19.07 -9.28 5.98
CA PHE D 282 17.95 -9.40 5.05
C PHE D 282 17.14 -8.11 5.10
N GLN D 283 17.20 -7.33 4.03
CA GLN D 283 16.45 -6.07 3.93
C GLN D 283 16.55 -5.29 5.24
N GLY D 284 17.78 -4.93 5.60
CA GLY D 284 18.00 -4.15 6.79
C GLY D 284 18.13 -4.97 8.06
N ARG D 285 17.03 -5.58 8.49
CA ARG D 285 17.00 -6.29 9.76
C ARG D 285 17.97 -7.47 9.78
N TYR D 286 18.23 -7.95 11.00
CA TYR D 286 18.99 -9.18 11.25
C TYR D 286 18.05 -10.21 11.85
N TYR D 287 18.24 -11.47 11.47
CA TYR D 287 17.37 -12.54 11.92
C TYR D 287 18.18 -13.77 12.30
N LYS D 288 17.50 -14.69 12.98
CA LYS D 288 17.92 -16.07 13.06
C LYS D 288 16.73 -16.93 12.66
N ALA D 289 17.01 -18.20 12.35
CA ALA D 289 15.97 -19.15 12.00
C ALA D 289 15.25 -19.65 13.26
N TYR D 290 13.97 -20.01 13.08
CA TYR D 290 13.18 -20.65 14.13
C TYR D 290 12.18 -21.58 13.46
N ARG D 291 12.13 -22.83 13.91
CA ARG D 291 11.27 -23.81 13.26
C ARG D 291 10.91 -24.88 14.28
N GLY D 292 9.72 -25.46 14.13
CA GLY D 292 9.34 -26.55 14.99
C GLY D 292 10.14 -27.81 14.69
N MET D 293 10.16 -28.74 15.64
CA MET D 293 10.78 -30.01 15.33
C MET D 293 9.89 -30.86 14.44
N GLY D 294 8.64 -30.44 14.21
CA GLY D 294 7.73 -31.10 13.32
C GLY D 294 7.68 -30.53 11.93
N SER D 295 8.53 -29.54 11.62
CA SER D 295 8.59 -28.96 10.30
C SER D 295 9.32 -29.87 9.31
N LEU D 296 8.96 -29.73 8.03
CA LEU D 296 9.73 -30.37 6.96
C LEU D 296 11.23 -30.22 7.18
N GLY D 297 11.69 -28.99 7.39
CA GLY D 297 13.12 -28.76 7.52
C GLY D 297 13.73 -29.55 8.67
N ALA D 298 13.02 -29.63 9.79
CA ALA D 298 13.56 -30.33 10.95
C ALA D 298 13.59 -31.83 10.75
N MET D 299 12.61 -32.38 10.05
CA MET D 299 12.52 -33.83 9.92
C MET D 299 13.36 -34.35 8.75
N ALA D 300 13.53 -33.55 7.70
CA ALA D 300 14.42 -33.88 6.59
C ALA D 300 15.75 -34.46 7.08
N LYS D 319 5.76 -41.69 6.26
CA LYS D 319 6.33 -40.45 6.81
C LYS D 319 5.22 -39.56 7.36
N LEU D 320 5.42 -39.06 8.56
CA LEU D 320 4.47 -38.11 9.15
C LEU D 320 4.44 -36.82 8.34
N VAL D 321 3.23 -36.31 8.08
CA VAL D 321 3.07 -34.98 7.53
C VAL D 321 3.55 -33.95 8.56
N PRO D 322 4.13 -32.84 8.13
CA PRO D 322 4.61 -31.83 9.07
C PRO D 322 3.52 -31.43 10.06
N GLU D 323 3.96 -31.03 11.26
CA GLU D 323 3.06 -30.47 12.25
C GLU D 323 3.59 -29.16 12.82
N GLY D 324 4.55 -28.52 12.15
CA GLY D 324 5.04 -27.22 12.54
C GLY D 324 5.57 -26.46 11.33
N ILE D 325 5.95 -25.21 11.55
CA ILE D 325 6.44 -24.35 10.48
C ILE D 325 7.90 -24.00 10.75
N GLU D 326 8.55 -23.49 9.70
CA GLU D 326 9.91 -22.99 9.77
C GLU D 326 9.96 -21.54 9.31
N GLY D 327 10.72 -20.71 10.02
CA GLY D 327 10.82 -19.32 9.62
C GLY D 327 11.96 -18.58 10.30
N ARG D 328 11.96 -17.27 10.09
CA ARG D 328 12.94 -16.35 10.67
C ARG D 328 12.33 -15.59 11.83
N VAL D 329 13.14 -15.34 12.84
CA VAL D 329 12.71 -14.48 13.95
C VAL D 329 13.77 -13.40 14.10
N PRO D 330 13.42 -12.21 14.56
CA PRO D 330 14.38 -11.11 14.55
C PRO D 330 15.49 -11.34 15.56
N TYR D 331 16.71 -11.01 15.17
CA TYR D 331 17.83 -11.16 16.09
C TYR D 331 17.59 -10.32 17.33
N LYS D 332 17.84 -10.91 18.50
CA LYS D 332 17.48 -10.29 19.75
C LYS D 332 18.65 -9.89 20.64
N GLY D 333 19.86 -10.36 20.37
CA GLY D 333 20.98 -10.06 21.23
C GLY D 333 21.06 -11.01 22.39
N PRO D 334 21.84 -10.66 23.41
CA PRO D 334 22.11 -11.61 24.50
C PRO D 334 20.83 -12.02 25.23
N MET D 335 20.74 -13.31 25.53
CA MET D 335 19.52 -13.85 26.13
C MET D 335 19.29 -13.29 27.53
N GLY D 336 20.36 -12.91 28.24
CA GLY D 336 20.20 -12.43 29.60
C GLY D 336 19.22 -11.28 29.75
N ASN D 337 19.28 -10.30 28.84
CA ASN D 337 18.32 -9.21 28.87
C ASN D 337 16.89 -9.74 28.78
N ILE D 338 16.66 -10.76 27.94
CA ILE D 338 15.32 -11.31 27.80
C ILE D 338 14.89 -11.98 29.11
N VAL D 339 15.77 -12.78 29.68
CA VAL D 339 15.41 -13.45 30.93
C VAL D 339 15.14 -12.42 32.02
N HIS D 340 15.93 -11.33 32.06
N HIS D 340 15.93 -11.34 32.06
CA HIS D 340 15.72 -10.35 33.11
CA HIS D 340 15.75 -10.32 33.08
C HIS D 340 14.39 -9.62 32.95
C HIS D 340 14.38 -9.65 32.94
N GLN D 341 14.00 -9.28 31.72
CA GLN D 341 12.66 -8.70 31.53
C GLN D 341 11.57 -9.71 31.88
N MET D 342 11.73 -10.99 31.47
CA MET D 342 10.75 -12.01 31.78
C MET D 342 10.54 -12.14 33.28
N MET D 343 11.63 -12.17 34.03
CA MET D 343 11.52 -12.39 35.47
C MET D 343 11.08 -11.12 36.17
N GLY D 344 11.50 -9.96 35.67
CA GLY D 344 10.99 -8.70 36.20
C GLY D 344 9.47 -8.62 36.10
N GLY D 345 8.92 -8.97 34.93
CA GLY D 345 7.47 -9.01 34.80
C GLY D 345 6.84 -9.98 35.78
N LEU D 346 7.46 -11.15 35.96
CA LEU D 346 6.93 -12.12 36.90
C LEU D 346 7.00 -11.60 38.33
N ARG D 347 8.05 -10.85 38.66
CA ARG D 347 8.16 -10.21 39.96
C ARG D 347 7.08 -9.15 40.15
N SER D 348 6.80 -8.39 39.09
CA SER D 348 5.64 -7.50 39.12
C SER D 348 4.37 -8.26 39.50
N SER D 349 4.19 -9.46 38.94
N SER D 349 4.18 -9.46 38.93
CA SER D 349 2.92 -10.18 39.14
CA SER D 349 2.93 -10.19 39.13
C SER D 349 2.78 -10.71 40.56
C SER D 349 2.79 -10.70 40.56
N MET D 350 3.86 -11.26 41.13
CA MET D 350 3.77 -11.77 42.49
C MET D 350 3.63 -10.63 43.50
N GLY D 351 4.16 -9.45 43.18
CA GLY D 351 3.82 -8.28 43.97
C GLY D 351 2.31 -8.02 44.00
N TYR D 352 1.68 -7.98 42.81
CA TYR D 352 0.23 -7.74 42.72
C TYR D 352 -0.58 -8.82 43.44
N THR D 353 -0.12 -10.05 43.40
CA THR D 353 -0.87 -11.17 43.97
C THR D 353 -0.54 -11.41 45.44
N GLY D 354 0.39 -10.66 46.01
CA GLY D 354 0.81 -10.92 47.37
C GLY D 354 1.47 -12.27 47.53
N SER D 355 2.30 -12.67 46.56
CA SER D 355 3.00 -13.95 46.58
C SER D 355 4.47 -13.70 46.87
N ALA D 356 4.94 -14.15 48.03
CA ALA D 356 6.35 -13.96 48.37
C ALA D 356 7.23 -15.03 47.74
N VAL D 357 6.71 -16.24 47.50
CA VAL D 357 7.43 -17.30 46.80
C VAL D 357 6.52 -17.97 45.77
N ILE D 358 7.15 -18.73 44.88
CA ILE D 358 6.44 -19.34 43.77
C ILE D 358 5.24 -20.13 44.28
N GLU D 359 5.42 -20.89 45.35
CA GLU D 359 4.32 -21.70 45.87
C GLU D 359 3.11 -20.85 46.26
N ASP D 360 3.32 -19.62 46.75
CA ASP D 360 2.17 -18.76 47.01
C ASP D 360 1.37 -18.49 45.75
N LEU D 361 2.06 -18.27 44.64
CA LEU D 361 1.38 -17.99 43.39
C LEU D 361 0.62 -19.22 42.91
N ARG D 362 1.22 -20.41 43.03
CA ARG D 362 0.56 -21.64 42.63
C ARG D 362 -0.72 -21.88 43.43
N GLN D 363 -0.65 -21.70 44.74
CA GLN D 363 -1.76 -22.10 45.60
C GLN D 363 -2.85 -21.03 45.72
N ASN D 364 -2.52 -19.75 45.55
CA ASN D 364 -3.44 -18.69 45.97
C ASN D 364 -4.01 -17.85 44.84
N ALA D 365 -3.48 -17.94 43.63
CA ALA D 365 -3.96 -17.13 42.53
C ALA D 365 -5.47 -17.29 42.31
N LYS D 366 -6.17 -16.17 42.21
CA LYS D 366 -7.55 -16.12 41.73
C LYS D 366 -7.55 -15.56 40.32
N PHE D 367 -8.42 -16.11 39.47
CA PHE D 367 -8.54 -15.66 38.09
C PHE D 367 -9.91 -15.07 37.84
N VAL D 368 -10.01 -14.27 36.80
CA VAL D 368 -11.28 -13.99 36.14
C VAL D 368 -11.15 -14.34 34.66
N LYS D 369 -12.28 -14.75 34.08
CA LYS D 369 -12.40 -15.00 32.65
C LYS D 369 -12.81 -13.70 31.98
N ILE D 370 -12.13 -13.34 30.90
CA ILE D 370 -12.44 -12.12 30.17
C ILE D 370 -12.98 -12.51 28.80
N THR D 371 -13.59 -11.55 28.12
CA THR D 371 -14.17 -11.82 26.82
C THR D 371 -13.19 -11.42 25.73
N SER D 372 -13.64 -11.63 24.49
CA SER D 372 -12.88 -11.19 23.32
C SER D 372 -12.71 -9.67 23.29
N ALA D 373 -13.68 -8.90 23.82
CA ALA D 373 -13.50 -7.46 23.84
C ALA D 373 -12.25 -7.07 24.63
N GLY D 374 -12.14 -7.54 25.87
CA GLY D 374 -11.00 -7.22 26.71
C GLY D 374 -9.85 -8.22 26.63
N SER E 16 38.79 23.74 -22.29
CA SER E 16 38.35 22.54 -21.58
C SER E 16 39.16 21.29 -21.96
N MET E 17 39.66 20.57 -20.95
CA MET E 17 40.43 19.36 -21.19
C MET E 17 39.55 18.12 -21.32
N LEU E 18 38.25 18.24 -21.12
CA LEU E 18 37.39 17.06 -21.11
C LEU E 18 37.30 16.45 -22.51
N THR E 19 37.50 15.14 -22.59
CA THR E 19 37.47 14.41 -23.85
C THR E 19 36.14 13.67 -23.95
N ILE E 20 35.15 14.32 -24.55
CA ILE E 20 33.84 13.69 -24.78
C ILE E 20 33.81 13.24 -26.24
N VAL E 21 33.92 11.93 -26.45
CA VAL E 21 34.11 11.41 -27.81
C VAL E 21 32.83 11.58 -28.64
N GLN E 22 31.67 11.43 -28.01
CA GLN E 22 30.37 11.56 -28.67
C GLN E 22 29.28 11.49 -27.62
N GLU E 23 28.04 11.78 -28.05
CA GLU E 23 26.87 11.35 -27.29
C GLU E 23 26.51 9.94 -27.74
N ALA E 24 26.37 9.03 -26.79
CA ALA E 24 26.26 7.61 -27.08
C ALA E 24 24.83 7.14 -26.87
N LEU E 25 24.36 6.27 -27.75
CA LEU E 25 22.95 5.90 -27.84
C LEU E 25 22.74 4.45 -27.50
N THR E 26 21.81 4.19 -26.60
CA THR E 26 21.33 2.86 -26.31
C THR E 26 20.06 2.58 -27.12
N PHE E 27 19.42 1.44 -26.86
CA PHE E 27 18.32 1.00 -27.70
C PHE E 27 17.11 1.94 -27.59
N ASP E 28 16.85 2.50 -26.40
CA ASP E 28 15.67 3.34 -26.23
C ASP E 28 15.86 4.75 -26.79
N ASP E 29 17.07 5.11 -27.17
CA ASP E 29 17.26 6.44 -27.72
C ASP E 29 16.85 6.53 -29.18
N VAL E 30 16.58 5.40 -29.86
CA VAL E 30 16.36 5.43 -31.30
C VAL E 30 15.16 4.59 -31.70
N LEU E 31 14.60 4.91 -32.87
CA LEU E 31 13.64 4.08 -33.56
C LEU E 31 14.07 3.86 -35.00
N LEU E 32 13.75 2.68 -35.53
CA LEU E 32 13.92 2.42 -36.96
C LEU E 32 12.79 3.08 -37.73
N LEU E 33 13.13 3.63 -38.90
CA LEU E 33 12.14 4.31 -39.73
C LEU E 33 11.54 3.35 -40.75
N PRO E 34 10.24 3.42 -40.98
CA PRO E 34 9.65 2.60 -42.07
C PRO E 34 10.06 3.11 -43.44
N ALA E 35 10.19 2.18 -44.37
CA ALA E 35 10.64 2.51 -45.71
C ALA E 35 9.80 1.75 -46.72
N TYR E 36 9.89 2.17 -47.99
CA TYR E 36 9.23 1.45 -49.09
C TYR E 36 9.52 -0.04 -48.98
N SER E 37 8.47 -0.86 -49.02
CA SER E 37 8.62 -2.31 -48.86
C SER E 37 7.75 -3.07 -49.85
N THR E 38 8.34 -4.10 -50.46
CA THR E 38 7.60 -5.08 -51.25
C THR E 38 7.71 -6.47 -50.63
N VAL E 39 7.96 -6.57 -49.32
CA VAL E 39 8.03 -7.85 -48.65
C VAL E 39 7.23 -7.82 -47.37
N LEU E 40 6.58 -8.94 -47.08
CA LEU E 40 5.72 -9.32 -45.97
C LEU E 40 6.54 -10.01 -44.88
N PRO E 41 6.23 -9.76 -43.61
CA PRO E 41 7.00 -10.40 -42.54
C PRO E 41 7.20 -11.90 -42.76
N LYS E 42 6.17 -12.61 -43.23
CA LYS E 42 6.27 -14.07 -43.36
C LYS E 42 7.36 -14.49 -44.34
N ASP E 43 7.71 -13.65 -45.31
CA ASP E 43 8.58 -14.05 -46.42
C ASP E 43 10.03 -13.57 -46.30
N VAL E 44 10.41 -12.87 -45.24
CA VAL E 44 11.79 -12.41 -45.10
C VAL E 44 12.65 -13.58 -44.64
N SER E 45 13.92 -13.57 -45.03
CA SER E 45 14.88 -14.58 -44.57
C SER E 45 15.63 -14.07 -43.34
N LEU E 46 15.72 -14.90 -42.30
CA LEU E 46 16.45 -14.57 -41.08
C LEU E 46 17.86 -15.18 -41.01
N LYS E 47 18.35 -15.78 -42.10
CA LYS E 47 19.69 -16.36 -42.12
C LYS E 47 20.76 -15.28 -41.98
N THR E 48 21.85 -15.60 -41.26
CA THR E 48 22.94 -14.63 -41.04
C THR E 48 24.23 -15.35 -40.69
N ARG E 49 25.35 -14.60 -40.68
CA ARG E 49 26.67 -15.11 -40.26
C ARG E 49 26.86 -14.99 -38.76
N LEU E 50 27.33 -16.06 -38.12
CA LEU E 50 27.89 -15.92 -36.76
C LEU E 50 29.38 -15.57 -36.79
N THR E 51 30.15 -16.19 -37.66
CA THR E 51 31.54 -15.81 -37.88
C THR E 51 31.74 -15.69 -39.37
N ARG E 52 32.97 -15.51 -39.84
CA ARG E 52 33.04 -15.47 -41.29
C ARG E 52 32.88 -16.87 -41.89
N GLY E 53 32.88 -17.92 -41.07
CA GLY E 53 32.73 -19.26 -41.60
C GLY E 53 31.47 -19.99 -41.19
N ILE E 54 30.76 -19.51 -40.17
CA ILE E 54 29.58 -20.19 -39.64
C ILE E 54 28.34 -19.33 -39.87
N TYR E 55 27.41 -19.83 -40.69
CA TYR E 55 26.11 -19.20 -40.86
C TYR E 55 25.11 -19.80 -39.90
N LEU E 56 24.16 -18.97 -39.47
CA LEU E 56 23.05 -19.38 -38.62
C LEU E 56 21.75 -19.16 -39.38
N ASN E 57 20.71 -19.87 -38.99
CA ASN E 57 19.43 -19.65 -39.66
C ASN E 57 18.57 -18.60 -38.98
N ILE E 58 18.85 -18.29 -37.71
CA ILE E 58 18.31 -17.09 -37.06
C ILE E 58 19.42 -16.43 -36.26
N PRO E 59 19.37 -15.10 -36.15
CA PRO E 59 20.52 -14.38 -35.58
C PRO E 59 20.52 -14.35 -34.07
N LEU E 60 20.21 -15.48 -33.45
CA LEU E 60 20.11 -15.57 -31.99
C LEU E 60 21.26 -16.44 -31.47
N VAL E 61 21.98 -15.93 -30.47
CA VAL E 61 23.05 -16.66 -29.80
C VAL E 61 22.78 -16.61 -28.31
N SER E 62 22.83 -17.75 -27.64
CA SER E 62 22.51 -17.78 -26.23
C SER E 62 23.78 -17.52 -25.43
N ALA E 63 23.59 -16.93 -24.25
CA ALA E 63 24.72 -16.39 -23.48
C ALA E 63 25.51 -17.49 -22.77
N ALA E 64 26.83 -17.30 -22.73
CA ALA E 64 27.73 -18.24 -22.05
C ALA E 64 27.71 -17.99 -20.54
N MET E 65 26.60 -18.35 -19.94
CA MET E 65 26.36 -18.10 -18.53
C MET E 65 25.83 -19.37 -17.88
N ASP E 66 26.22 -19.57 -16.62
CA ASP E 66 25.87 -20.80 -15.92
C ASP E 66 24.42 -20.83 -15.46
N THR E 67 23.65 -19.80 -15.80
CA THR E 67 22.20 -19.80 -15.63
C THR E 67 21.46 -19.73 -16.96
N VAL E 68 22.14 -20.01 -18.08
CA VAL E 68 21.56 -19.87 -19.41
C VAL E 68 21.89 -21.07 -20.30
N THR E 69 23.17 -21.35 -20.53
CA THR E 69 23.57 -22.25 -21.61
C THR E 69 24.46 -23.39 -21.11
N GLU E 70 23.88 -24.57 -20.97
CA GLU E 70 24.59 -25.84 -20.97
C GLU E 70 24.03 -26.68 -22.13
N SER E 71 24.45 -27.94 -22.23
CA SER E 71 24.16 -28.73 -23.43
C SER E 71 22.67 -28.73 -23.78
N ARG E 72 21.81 -28.90 -22.78
CA ARG E 72 20.37 -28.93 -23.06
C ARG E 72 19.94 -27.70 -23.84
N MET E 73 20.36 -26.51 -23.40
CA MET E 73 19.96 -25.28 -24.07
C MET E 73 20.67 -25.09 -25.41
N ALA E 74 21.98 -25.39 -25.47
CA ALA E 74 22.69 -25.28 -26.74
C ALA E 74 22.00 -26.09 -27.83
N ILE E 75 21.49 -27.27 -27.48
CA ILE E 75 20.81 -28.10 -28.46
C ILE E 75 19.55 -27.41 -28.94
N ALA E 76 18.74 -26.92 -28.01
CA ALA E 76 17.54 -26.19 -28.40
C ALA E 76 17.87 -24.99 -29.28
N MET E 77 18.98 -24.31 -28.97
CA MET E 77 19.40 -23.17 -29.78
C MET E 77 19.66 -23.59 -31.22
N ALA E 78 20.37 -24.71 -31.39
CA ALA E 78 20.68 -25.17 -32.73
C ALA E 78 19.44 -25.69 -33.46
N GLN E 79 18.57 -26.40 -32.73
CA GLN E 79 17.37 -26.93 -33.36
C GLN E 79 16.50 -25.81 -33.93
N ASN E 80 16.49 -24.63 -33.28
CA ASN E 80 15.73 -23.48 -33.75
C ASN E 80 16.53 -22.57 -34.68
N GLY E 81 17.69 -23.01 -35.14
CA GLY E 81 18.45 -22.29 -36.15
C GLY E 81 19.59 -21.45 -35.61
N GLY E 82 19.73 -21.35 -34.30
CA GLY E 82 20.75 -20.55 -33.67
C GLY E 82 21.88 -21.39 -33.13
N ILE E 83 22.58 -20.84 -32.15
CA ILE E 83 23.73 -21.52 -31.56
C ILE E 83 23.86 -21.06 -30.12
N GLY E 84 24.26 -21.98 -29.27
CA GLY E 84 24.55 -21.67 -27.88
C GLY E 84 26.04 -21.76 -27.60
N ILE E 85 26.52 -20.88 -26.73
CA ILE E 85 27.89 -20.90 -26.25
C ILE E 85 27.86 -21.49 -24.84
N LEU E 86 28.40 -22.69 -24.68
CA LEU E 86 28.50 -23.28 -23.35
C LEU E 86 29.42 -22.47 -22.45
N HIS E 87 28.96 -22.21 -21.23
CA HIS E 87 29.75 -21.39 -20.32
C HIS E 87 30.99 -22.17 -19.83
N LYS E 88 31.85 -21.46 -19.08
CA LYS E 88 33.15 -21.99 -18.69
C LYS E 88 33.28 -22.11 -17.18
N ASN E 89 32.17 -22.11 -16.45
CA ASN E 89 32.24 -22.38 -15.02
C ASN E 89 32.14 -23.88 -14.75
N MET E 90 33.08 -24.61 -15.35
CA MET E 90 33.16 -26.05 -15.15
C MET E 90 34.53 -26.50 -15.64
N ASP E 91 34.98 -27.64 -15.14
CA ASP E 91 36.34 -28.04 -15.53
C ASP E 91 36.35 -28.49 -16.98
N ILE E 92 37.58 -28.63 -17.52
CA ILE E 92 37.72 -28.94 -18.94
C ILE E 92 36.91 -30.17 -19.31
N ALA E 93 37.13 -31.29 -18.61
CA ALA E 93 36.46 -32.54 -18.99
C ALA E 93 34.95 -32.36 -19.07
N ALA E 94 34.36 -31.64 -18.13
CA ALA E 94 32.92 -31.46 -18.11
C ALA E 94 32.44 -30.70 -19.34
N GLN E 95 33.09 -29.56 -19.63
CA GLN E 95 32.68 -28.74 -20.75
C GLN E 95 32.87 -29.47 -22.07
N ALA E 96 33.95 -30.24 -22.20
CA ALA E 96 34.14 -31.05 -23.40
C ALA E 96 33.09 -32.14 -23.49
N ALA E 97 32.70 -32.71 -22.35
CA ALA E 97 31.56 -33.61 -22.32
C ALA E 97 30.29 -32.90 -22.80
N GLU E 98 30.11 -31.64 -22.39
CA GLU E 98 28.95 -30.88 -22.84
C GLU E 98 28.97 -30.70 -24.35
N VAL E 99 30.11 -30.30 -24.91
CA VAL E 99 30.22 -30.21 -26.36
C VAL E 99 29.85 -31.54 -27.01
N ARG E 100 30.49 -32.62 -26.56
CA ARG E 100 30.20 -33.92 -27.15
C ARG E 100 28.71 -34.24 -27.11
N ARG E 101 28.05 -33.94 -25.98
CA ARG E 101 26.63 -34.25 -25.86
C ARG E 101 25.79 -33.49 -26.87
N VAL E 102 26.25 -32.31 -27.31
CA VAL E 102 25.51 -31.58 -28.33
C VAL E 102 25.88 -32.08 -29.72
N LYS E 103 27.14 -32.48 -29.92
CA LYS E 103 27.58 -32.92 -31.24
C LYS E 103 27.01 -34.27 -31.64
N LYS E 104 26.63 -35.09 -30.66
CA LYS E 104 26.18 -36.46 -30.91
C LYS E 104 24.68 -36.63 -30.68
N PHE E 105 23.94 -35.54 -30.48
CA PHE E 105 22.51 -35.62 -30.27
C PHE E 105 21.81 -35.98 -31.58
N GLU E 106 20.72 -36.74 -31.46
CA GLU E 106 19.88 -37.08 -32.60
C GLU E 106 18.42 -37.06 -32.18
N ALA E 107 17.56 -36.71 -33.13
CA ALA E 107 16.12 -36.52 -32.89
C ALA E 107 15.31 -37.63 -33.56
N GLY E 108 14.15 -37.91 -32.98
CA GLY E 108 13.26 -38.95 -33.48
C GLY E 108 12.84 -38.75 -34.91
N SER E 112 11.01 -33.29 -35.99
CA SER E 112 12.00 -32.74 -36.90
C SER E 112 12.05 -31.21 -36.84
N TYR E 113 13.20 -30.68 -37.23
CA TYR E 113 13.53 -29.26 -37.11
C TYR E 113 14.12 -28.78 -38.42
N PRO E 114 13.27 -28.33 -39.35
CA PRO E 114 13.76 -28.01 -40.70
C PRO E 114 14.84 -26.94 -40.73
N ASN E 115 14.92 -26.09 -39.70
CA ASN E 115 15.84 -24.97 -39.72
C ASN E 115 17.05 -25.18 -38.83
N SER E 116 17.27 -26.40 -38.34
CA SER E 116 18.46 -26.74 -37.57
C SER E 116 19.71 -26.07 -38.14
N CYS E 117 20.57 -25.63 -37.23
CA CYS E 117 21.89 -25.13 -37.57
C CYS E 117 22.91 -26.25 -37.34
N LYS E 118 23.56 -26.71 -38.42
CA LYS E 118 24.36 -27.92 -38.40
C LYS E 118 25.64 -27.74 -39.23
N ASP E 119 26.68 -28.51 -38.87
CA ASP E 119 27.97 -28.44 -39.54
C ASP E 119 27.97 -29.33 -40.79
N ASP E 120 29.14 -29.46 -41.43
CA ASP E 120 29.21 -30.21 -42.69
C ASP E 120 28.77 -31.65 -42.51
N LEU E 121 29.12 -32.25 -41.37
CA LEU E 121 28.72 -33.62 -41.03
C LEU E 121 27.26 -33.74 -40.62
N GLY E 122 26.48 -32.67 -40.69
CA GLY E 122 25.11 -32.73 -40.23
C GLY E 122 24.93 -32.80 -38.73
N ARG E 123 25.92 -32.35 -37.95
CA ARG E 123 25.80 -32.29 -36.50
C ARG E 123 25.37 -30.90 -36.08
N LEU E 124 24.54 -30.82 -35.03
CA LEU E 124 24.16 -29.53 -34.48
C LEU E 124 25.42 -28.75 -34.12
N ARG E 125 25.46 -27.47 -34.49
CA ARG E 125 26.60 -26.61 -34.14
C ARG E 125 26.57 -26.28 -32.67
N VAL E 126 27.75 -25.99 -32.10
CA VAL E 126 27.80 -25.49 -30.74
C VAL E 126 29.08 -24.68 -30.57
N GLY E 127 29.04 -23.74 -29.62
CA GLY E 127 30.20 -22.98 -29.24
C GLY E 127 30.48 -23.09 -27.75
N ALA E 128 31.73 -22.85 -27.37
CA ALA E 128 32.11 -22.93 -25.97
C ALA E 128 32.97 -21.73 -25.60
N ALA E 129 32.77 -21.21 -24.39
CA ALA E 129 33.57 -20.09 -23.89
C ALA E 129 34.85 -20.60 -23.23
N VAL E 130 35.94 -19.88 -23.47
CA VAL E 130 37.15 -20.02 -22.67
C VAL E 130 37.59 -18.63 -22.23
N GLY E 131 38.50 -18.61 -21.27
CA GLY E 131 39.14 -17.41 -20.80
C GLY E 131 40.49 -17.19 -21.44
N THR E 132 41.38 -16.50 -20.70
CA THR E 132 42.76 -16.26 -21.14
C THR E 132 43.80 -16.84 -20.20
N GLY E 133 43.40 -17.38 -19.04
CA GLY E 133 44.28 -17.91 -18.03
C GLY E 133 45.06 -19.16 -18.39
N ALA E 134 45.53 -19.88 -17.36
CA ALA E 134 46.53 -20.92 -17.58
C ALA E 134 45.92 -22.19 -18.17
N ASP E 135 44.70 -22.53 -17.80
CA ASP E 135 44.08 -23.72 -18.35
C ASP E 135 43.58 -23.52 -19.78
N THR E 136 43.75 -22.33 -20.36
CA THR E 136 43.14 -22.07 -21.68
C THR E 136 43.68 -23.02 -22.74
N PRO E 137 44.99 -23.25 -22.86
CA PRO E 137 45.46 -24.13 -23.94
C PRO E 137 44.97 -25.56 -23.80
N SER E 138 44.89 -26.07 -22.57
CA SER E 138 44.32 -27.40 -22.37
C SER E 138 42.86 -27.43 -22.77
N ARG E 139 42.07 -26.42 -22.37
CA ARG E 139 40.63 -26.44 -22.61
C ARG E 139 40.32 -26.33 -24.10
N VAL E 140 40.97 -25.39 -24.80
CA VAL E 140 40.76 -25.24 -26.23
C VAL E 140 40.94 -26.59 -26.93
N GLU E 141 42.10 -27.22 -26.71
CA GLU E 141 42.40 -28.49 -27.39
C GLU E 141 41.35 -29.55 -27.10
N ALA E 142 41.04 -29.76 -25.82
CA ALA E 142 39.95 -30.66 -25.48
C ALA E 142 38.70 -30.30 -26.27
N LEU E 143 38.21 -29.06 -26.08
CA LEU E 143 36.99 -28.63 -26.74
C LEU E 143 37.03 -28.87 -28.24
N VAL E 144 38.14 -28.52 -28.90
CA VAL E 144 38.26 -28.77 -30.33
C VAL E 144 38.19 -30.26 -30.62
N GLU E 145 38.85 -31.07 -29.80
CA GLU E 145 38.82 -32.51 -30.01
C GLU E 145 37.41 -33.05 -29.88
N ALA E 146 36.58 -32.45 -29.03
CA ALA E 146 35.20 -32.87 -28.85
C ALA E 146 34.28 -32.38 -29.96
N GLY E 147 34.80 -31.60 -30.91
CA GLY E 147 34.04 -31.18 -32.07
C GLY E 147 33.30 -29.86 -31.97
N VAL E 148 33.70 -29.00 -31.03
CA VAL E 148 33.10 -27.67 -30.95
C VAL E 148 33.34 -26.94 -32.27
N ASP E 149 32.38 -26.09 -32.64
CA ASP E 149 32.44 -25.34 -33.88
C ASP E 149 33.09 -23.98 -33.70
N VAL E 150 32.99 -23.39 -32.51
CA VAL E 150 33.48 -22.05 -32.30
C VAL E 150 34.06 -21.95 -30.89
N ILE E 151 35.24 -21.33 -30.79
CA ILE E 151 35.85 -20.98 -29.52
C ILE E 151 35.56 -19.51 -29.25
N VAL E 152 35.04 -19.21 -28.07
CA VAL E 152 34.78 -17.83 -27.66
C VAL E 152 35.78 -17.45 -26.58
N VAL E 153 36.71 -16.55 -26.91
CA VAL E 153 37.56 -15.96 -25.88
C VAL E 153 36.71 -14.92 -25.17
N ASP E 154 36.11 -15.34 -24.04
CA ASP E 154 35.02 -14.65 -23.36
C ASP E 154 35.54 -13.95 -22.11
N THR E 155 35.80 -12.65 -22.22
CA THR E 155 36.35 -11.87 -21.11
C THR E 155 35.58 -10.57 -20.90
N ALA E 156 35.72 -10.04 -19.69
CA ALA E 156 35.09 -8.78 -19.35
C ALA E 156 35.64 -7.64 -20.21
N HIS E 157 36.92 -7.71 -20.59
CA HIS E 157 37.59 -6.58 -21.23
C HIS E 157 38.49 -7.07 -22.36
N GLY E 158 37.92 -7.16 -23.56
CA GLY E 158 38.64 -7.72 -24.70
C GLY E 158 39.62 -6.79 -25.37
N HIS E 159 39.66 -5.51 -25.03
CA HIS E 159 40.72 -4.63 -25.56
C HIS E 159 41.93 -4.74 -24.64
N SER E 160 42.58 -5.91 -24.70
CA SER E 160 43.65 -6.20 -23.75
C SER E 160 44.61 -7.16 -24.42
N ALA E 161 45.90 -7.00 -24.09
CA ALA E 161 46.93 -7.86 -24.65
C ALA E 161 46.58 -9.32 -24.43
N GLY E 162 46.10 -9.66 -23.23
CA GLY E 162 45.67 -11.02 -22.95
C GLY E 162 44.73 -11.57 -24.00
N VAL E 163 43.65 -10.84 -24.30
CA VAL E 163 42.66 -11.40 -25.19
C VAL E 163 43.15 -11.36 -26.63
N ILE E 164 43.82 -10.28 -27.01
CA ILE E 164 44.31 -10.18 -28.39
C ILE E 164 45.26 -11.33 -28.71
N GLU E 165 46.19 -11.60 -27.82
CA GLU E 165 47.15 -12.66 -28.12
C GLU E 165 46.53 -14.06 -27.99
N ARG E 166 45.60 -14.26 -27.05
CA ARG E 166 44.96 -15.56 -26.95
C ARG E 166 44.17 -15.87 -28.21
N VAL E 167 43.47 -14.87 -28.75
CA VAL E 167 42.74 -15.06 -30.00
C VAL E 167 43.70 -15.38 -31.14
N ARG E 168 44.91 -14.83 -31.10
CA ARG E 168 45.90 -15.16 -32.13
C ARG E 168 46.44 -16.57 -31.91
N TRP E 169 46.70 -16.93 -30.67
CA TRP E 169 47.18 -18.27 -30.35
C TRP E 169 46.19 -19.34 -30.81
N VAL E 170 44.90 -19.08 -30.65
CA VAL E 170 43.91 -20.08 -31.06
C VAL E 170 43.88 -20.17 -32.57
N LYS E 171 43.84 -19.04 -33.26
CA LYS E 171 43.80 -19.04 -34.71
C LYS E 171 45.01 -19.78 -35.28
N GLN E 172 46.22 -19.34 -34.93
CA GLN E 172 47.41 -19.96 -35.51
C GLN E 172 47.57 -21.43 -35.10
N ASN E 173 47.09 -21.81 -33.92
CA ASN E 173 47.20 -23.20 -33.48
C ASN E 173 46.03 -24.10 -33.90
N PHE E 174 44.82 -23.58 -34.06
CA PHE E 174 43.65 -24.41 -34.36
C PHE E 174 42.86 -23.81 -35.50
N PRO E 175 43.51 -23.60 -36.66
CA PRO E 175 42.81 -22.98 -37.80
C PRO E 175 41.57 -23.74 -38.24
N GLN E 176 41.44 -25.00 -37.86
CA GLN E 176 40.26 -25.76 -38.24
C GLN E 176 39.02 -25.41 -37.40
N VAL E 177 39.16 -24.55 -36.40
CA VAL E 177 38.02 -24.07 -35.63
C VAL E 177 37.95 -22.56 -35.78
N GLN E 178 36.73 -22.03 -35.71
CA GLN E 178 36.61 -20.58 -35.75
C GLN E 178 36.65 -20.02 -34.34
N VAL E 179 37.06 -18.76 -34.21
CA VAL E 179 37.25 -18.16 -32.90
C VAL E 179 36.60 -16.78 -32.87
N ILE E 180 35.98 -16.46 -31.73
CA ILE E 180 35.41 -15.14 -31.47
C ILE E 180 36.11 -14.52 -30.28
N GLY E 181 36.25 -13.19 -30.30
CA GLY E 181 36.87 -12.47 -29.22
C GLY E 181 36.00 -11.33 -28.71
N GLY E 182 36.06 -11.13 -27.39
CA GLY E 182 35.33 -10.03 -26.78
C GLY E 182 35.59 -10.04 -25.28
N ASN E 183 34.91 -9.16 -24.57
CA ASN E 183 33.93 -8.23 -25.14
C ASN E 183 34.56 -6.86 -25.42
N ILE E 184 34.03 -6.16 -26.43
CA ILE E 184 34.62 -4.91 -26.89
C ILE E 184 33.52 -3.92 -27.18
N ALA E 185 33.89 -2.63 -27.27
CA ALA E 185 32.87 -1.62 -27.54
C ALA E 185 33.36 -0.45 -28.40
N THR E 186 34.50 -0.57 -29.06
CA THR E 186 35.02 0.53 -29.87
C THR E 186 35.60 -0.03 -31.17
N GLY E 187 35.74 0.85 -32.16
CA GLY E 187 36.39 0.44 -33.40
C GLY E 187 37.80 -0.05 -33.17
N ASP E 188 38.58 0.72 -32.40
CA ASP E 188 39.96 0.35 -32.08
C ASP E 188 40.08 -1.09 -31.60
N ALA E 189 39.31 -1.44 -30.56
CA ALA E 189 39.32 -2.81 -30.07
C ALA E 189 39.07 -3.81 -31.20
N ALA E 190 38.17 -3.47 -32.14
CA ALA E 190 37.76 -4.42 -33.18
C ALA E 190 38.85 -4.59 -34.22
N LEU E 191 39.45 -3.49 -34.67
CA LEU E 191 40.62 -3.62 -35.54
C LEU E 191 41.73 -4.43 -34.87
N ALA E 192 41.93 -4.23 -33.55
CA ALA E 192 42.98 -5.00 -32.90
C ALA E 192 42.68 -6.50 -32.99
N LEU E 193 41.41 -6.88 -32.77
CA LEU E 193 41.05 -8.28 -32.81
C LEU E 193 40.91 -8.79 -34.22
N LEU E 194 40.55 -7.92 -35.17
CA LEU E 194 40.55 -8.32 -36.57
C LEU E 194 41.96 -8.68 -37.01
N ASP E 195 42.92 -7.78 -36.76
CA ASP E 195 44.30 -8.03 -37.16
C ASP E 195 44.89 -9.23 -36.41
N ALA E 196 44.39 -9.56 -35.21
CA ALA E 196 44.81 -10.75 -34.49
C ALA E 196 44.29 -12.06 -35.11
N GLY E 197 43.39 -12.00 -36.08
CA GLY E 197 42.83 -13.20 -36.69
C GLY E 197 41.46 -13.62 -36.22
N ALA E 198 40.71 -12.76 -35.52
CA ALA E 198 39.39 -13.15 -35.05
C ALA E 198 38.47 -13.43 -36.24
N ASP E 199 37.52 -14.32 -36.03
CA ASP E 199 36.54 -14.56 -37.08
C ASP E 199 35.22 -13.85 -36.79
N ALA E 200 35.12 -13.24 -35.61
CA ALA E 200 33.99 -12.42 -35.21
C ALA E 200 34.35 -11.78 -33.87
N VAL E 201 33.76 -10.63 -33.59
CA VAL E 201 33.92 -9.99 -32.29
C VAL E 201 32.56 -9.92 -31.61
N LYS E 202 32.58 -10.01 -30.28
CA LYS E 202 31.39 -9.86 -29.48
C LYS E 202 31.44 -8.50 -28.81
N VAL E 203 30.35 -7.73 -28.95
CA VAL E 203 30.32 -6.30 -28.66
C VAL E 203 29.39 -6.06 -27.48
N GLY E 204 29.89 -5.37 -26.46
CA GLY E 204 29.07 -4.96 -25.33
C GLY E 204 29.84 -4.84 -24.03
N ILE E 205 30.12 -3.60 -23.62
CA ILE E 205 30.70 -3.30 -22.31
C ILE E 205 29.64 -2.49 -21.56
N GLY E 206 28.94 -3.12 -20.62
CA GLY E 206 28.03 -2.39 -19.76
C GLY E 206 26.52 -2.56 -19.96
N PRO E 207 26.04 -3.08 -21.09
CA PRO E 207 24.60 -3.08 -21.33
C PRO E 207 23.83 -4.24 -20.72
N GLY E 208 24.48 -5.26 -20.19
CA GLY E 208 23.76 -6.46 -19.78
C GLY E 208 22.76 -6.20 -18.67
N SER E 209 21.71 -7.02 -18.63
CA SER E 209 20.63 -6.79 -17.67
C SER E 209 21.07 -6.94 -16.22
N ILE E 210 22.10 -7.76 -15.96
CA ILE E 210 22.58 -8.00 -14.60
C ILE E 210 23.93 -7.31 -14.37
N CYS E 211 24.27 -6.34 -15.22
CA CYS E 211 25.58 -5.70 -15.17
C CYS E 211 25.57 -4.57 -14.16
N THR E 212 26.59 -4.52 -13.30
CA THR E 212 26.81 -3.39 -12.40
C THR E 212 28.14 -2.70 -12.68
N THR E 213 28.74 -2.98 -13.84
CA THR E 213 30.01 -2.36 -14.20
C THR E 213 29.87 -0.85 -14.31
N ARG E 214 28.74 -0.38 -14.85
CA ARG E 214 28.50 1.05 -14.96
C ARG E 214 28.58 1.74 -13.61
N ILE E 215 28.06 1.09 -12.56
CA ILE E 215 28.02 1.64 -11.21
C ILE E 215 29.35 1.42 -10.49
N VAL E 216 29.99 0.27 -10.74
CA VAL E 216 31.17 -0.11 -9.96
C VAL E 216 32.42 0.61 -10.47
N ALA E 217 32.55 0.74 -11.79
CA ALA E 217 33.71 1.34 -12.41
C ALA E 217 33.40 2.60 -13.20
N GLY E 218 32.13 2.92 -13.42
CA GLY E 218 31.77 4.01 -14.29
C GLY E 218 32.15 3.76 -15.73
N ILE E 219 32.17 2.49 -16.14
CA ILE E 219 32.68 2.07 -17.44
C ILE E 219 31.50 1.62 -18.30
N GLY E 220 31.53 1.97 -19.58
CA GLY E 220 30.43 1.53 -20.43
C GLY E 220 30.35 2.32 -21.72
N MET E 221 29.51 1.80 -22.61
CA MET E 221 29.27 2.32 -23.94
C MET E 221 27.86 1.91 -24.34
N PRO E 222 26.93 2.86 -24.46
CA PRO E 222 25.56 2.51 -24.91
C PRO E 222 25.58 1.62 -26.15
N GLN E 223 24.76 0.56 -26.13
CA GLN E 223 24.97 -0.56 -27.06
C GLN E 223 24.83 -0.14 -28.53
N ILE E 224 23.84 0.73 -28.85
CA ILE E 224 23.62 1.10 -30.24
C ILE E 224 24.87 1.78 -30.82
N SER E 225 25.44 2.75 -30.07
CA SER E 225 26.68 3.39 -30.49
C SER E 225 27.88 2.45 -30.44
N ALA E 226 27.89 1.48 -29.50
CA ALA E 226 28.96 0.49 -29.51
C ALA E 226 28.94 -0.33 -30.79
N ILE E 227 27.74 -0.79 -31.19
CA ILE E 227 27.62 -1.55 -32.43
C ILE E 227 28.08 -0.71 -33.60
N ASP E 228 27.57 0.52 -33.71
CA ASP E 228 27.99 1.39 -34.80
C ASP E 228 29.51 1.55 -34.83
N SER E 229 30.10 1.89 -33.69
CA SER E 229 31.53 2.14 -33.65
C SER E 229 32.30 0.92 -34.13
N VAL E 230 31.95 -0.26 -33.62
CA VAL E 230 32.60 -1.52 -34.02
C VAL E 230 32.36 -1.84 -35.49
N ALA E 231 31.12 -1.63 -35.97
CA ALA E 231 30.78 -2.04 -37.32
C ALA E 231 31.37 -1.10 -38.37
N SER E 232 31.55 0.18 -38.01
CA SER E 232 32.14 1.09 -38.99
C SER E 232 33.64 0.84 -39.17
N ALA E 233 34.29 0.26 -38.15
CA ALA E 233 35.70 -0.02 -38.28
C ALA E 233 35.94 -1.33 -39.03
N LEU E 234 35.08 -2.34 -38.81
CA LEU E 234 35.29 -3.64 -39.46
C LEU E 234 35.06 -3.57 -40.96
N LYS E 235 34.12 -2.74 -41.41
CA LYS E 235 33.77 -2.65 -42.83
C LYS E 235 33.38 -4.01 -43.40
N ASP E 236 32.68 -4.81 -42.60
CA ASP E 236 32.13 -6.09 -43.00
C ASP E 236 33.19 -7.19 -43.19
N GLN E 237 34.44 -6.96 -42.77
CA GLN E 237 35.45 -8.02 -42.90
C GLN E 237 35.14 -9.21 -42.00
N ILE E 238 34.63 -8.96 -40.79
CA ILE E 238 34.07 -10.03 -39.97
C ILE E 238 32.76 -9.52 -39.38
N PRO E 239 31.90 -10.42 -38.92
CA PRO E 239 30.64 -10.00 -38.29
C PRO E 239 30.81 -9.79 -36.80
N LEU E 240 29.95 -8.96 -36.23
CA LEU E 240 29.93 -8.75 -34.79
C LEU E 240 28.67 -9.35 -34.18
N ILE E 241 28.77 -9.73 -32.92
CA ILE E 241 27.64 -10.21 -32.12
C ILE E 241 27.30 -9.11 -31.13
N ALA E 242 26.05 -8.65 -31.15
CA ALA E 242 25.60 -7.61 -30.21
C ALA E 242 25.16 -8.30 -28.92
N ASP E 243 25.95 -8.16 -27.86
CA ASP E 243 25.79 -8.95 -26.65
C ASP E 243 25.47 -8.05 -25.48
N GLY E 244 24.30 -8.23 -24.89
CA GLY E 244 23.79 -7.57 -23.71
C GLY E 244 22.77 -6.49 -24.02
N GLY E 245 21.83 -6.29 -23.08
CA GLY E 245 20.84 -5.24 -23.15
C GLY E 245 19.59 -5.54 -23.95
N ILE E 246 19.47 -6.72 -24.56
CA ILE E 246 18.30 -7.01 -25.40
C ILE E 246 17.13 -7.34 -24.50
N ARG E 247 16.09 -6.48 -24.49
CA ARG E 247 14.89 -6.70 -23.70
C ARG E 247 13.66 -7.06 -24.52
N PHE E 248 13.61 -6.61 -25.77
CA PHE E 248 12.43 -6.77 -26.62
C PHE E 248 12.90 -7.12 -28.01
N SER E 249 11.99 -7.71 -28.80
CA SER E 249 12.36 -8.04 -30.17
C SER E 249 12.77 -6.79 -30.93
N GLY E 250 12.15 -5.65 -30.65
CA GLY E 250 12.57 -4.43 -31.33
C GLY E 250 14.04 -4.12 -31.13
N ASP E 251 14.59 -4.46 -29.95
CA ASP E 251 16.02 -4.24 -29.70
C ASP E 251 16.87 -5.03 -30.66
N MET E 252 16.51 -6.28 -30.91
CA MET E 252 17.17 -7.07 -31.95
C MET E 252 17.22 -6.32 -33.27
N ALA E 253 16.09 -5.75 -33.67
CA ALA E 253 16.04 -5.10 -34.97
C ALA E 253 16.94 -3.88 -34.99
N LYS E 254 16.89 -3.05 -33.94
CA LYS E 254 17.78 -1.89 -33.90
C LYS E 254 19.24 -2.33 -33.93
N ALA E 255 19.58 -3.36 -33.15
CA ALA E 255 20.95 -3.86 -33.16
C ALA E 255 21.40 -4.24 -34.57
N ILE E 256 20.56 -4.99 -35.29
CA ILE E 256 20.99 -5.47 -36.60
C ILE E 256 21.08 -4.30 -37.57
N GLY E 257 20.13 -3.37 -37.47
CA GLY E 257 20.17 -2.18 -38.30
C GLY E 257 21.36 -1.27 -38.04
N ALA E 258 21.79 -1.18 -36.78
CA ALA E 258 22.99 -0.41 -36.43
C ALA E 258 24.29 -1.12 -36.79
N GLY E 259 24.24 -2.36 -37.28
CA GLY E 259 25.45 -3.04 -37.71
C GLY E 259 25.64 -4.48 -37.29
N ALA E 260 24.82 -4.99 -36.37
CA ALA E 260 25.01 -6.34 -35.85
C ALA E 260 24.66 -7.41 -36.88
N SER E 261 25.35 -8.55 -36.75
CA SER E 261 24.98 -9.75 -37.49
C SER E 261 24.24 -10.77 -36.64
N THR E 262 24.47 -10.76 -35.34
CA THR E 262 23.75 -11.66 -34.43
C THR E 262 23.52 -10.94 -33.11
N ILE E 263 22.66 -11.55 -32.30
CA ILE E 263 22.21 -11.04 -31.02
C ILE E 263 22.49 -12.12 -30.00
N MET E 264 23.23 -11.77 -28.92
CA MET E 264 23.39 -12.69 -27.80
C MET E 264 22.52 -12.22 -26.65
N VAL E 265 21.85 -13.17 -25.99
CA VAL E 265 20.90 -12.84 -24.92
C VAL E 265 21.08 -13.79 -23.75
N GLY E 266 21.05 -13.22 -22.55
CA GLY E 266 20.99 -13.98 -21.33
C GLY E 266 19.62 -13.91 -20.70
N SER E 267 19.18 -12.72 -20.31
N SER E 267 19.20 -12.72 -20.29
CA SER E 267 17.94 -12.63 -19.53
CA SER E 267 17.95 -12.60 -19.54
C SER E 267 16.74 -13.13 -20.32
C SER E 267 16.77 -13.16 -20.34
N LEU E 268 16.69 -12.86 -21.64
CA LEU E 268 15.56 -13.33 -22.43
C LEU E 268 15.42 -14.84 -22.42
N LEU E 269 16.53 -15.59 -22.39
CA LEU E 269 16.47 -17.05 -22.30
C LEU E 269 16.53 -17.59 -20.88
N ALA E 270 16.97 -16.79 -19.92
CA ALA E 270 16.98 -17.26 -18.54
C ALA E 270 15.56 -17.56 -18.09
N GLY E 271 15.40 -18.60 -17.29
CA GLY E 271 14.11 -19.01 -16.79
C GLY E 271 13.32 -19.93 -17.71
N THR E 272 13.84 -20.27 -18.88
CA THR E 272 13.17 -21.25 -19.73
C THR E 272 13.41 -22.65 -19.19
N GLU E 273 12.60 -23.59 -19.66
CA GLU E 273 12.76 -24.98 -19.25
C GLU E 273 14.19 -25.46 -19.51
N GLU E 274 14.78 -25.06 -20.63
CA GLU E 274 16.02 -25.65 -21.09
C GLU E 274 17.25 -25.00 -20.47
N ALA E 275 17.10 -23.94 -19.70
CA ALA E 275 18.25 -23.34 -19.08
C ALA E 275 18.65 -24.11 -17.84
N PRO E 276 19.90 -23.98 -17.40
CA PRO E 276 20.32 -24.67 -16.19
C PRO E 276 19.49 -24.23 -15.00
N GLY E 277 19.38 -25.10 -14.02
CA GLY E 277 18.76 -24.73 -12.77
C GLY E 277 17.42 -25.40 -12.57
N GLU E 278 17.03 -25.50 -11.31
CA GLU E 278 15.76 -26.09 -10.91
C GLU E 278 14.72 -24.99 -10.70
N VAL E 279 13.47 -25.31 -11.02
CA VAL E 279 12.37 -24.38 -10.78
C VAL E 279 12.01 -24.41 -9.30
N GLU E 280 12.06 -23.25 -8.67
CA GLU E 280 11.71 -23.13 -7.26
C GLU E 280 10.38 -22.43 -7.12
N PHE E 281 9.58 -22.90 -6.17
CA PHE E 281 8.30 -22.28 -5.86
C PHE E 281 8.50 -21.25 -4.75
N PHE E 282 7.83 -20.10 -4.91
CA PHE E 282 7.94 -19.04 -3.91
C PHE E 282 6.69 -18.17 -4.03
N GLN E 283 5.76 -18.33 -3.10
CA GLN E 283 4.64 -17.40 -2.96
C GLN E 283 3.72 -17.44 -4.19
N GLY E 284 3.43 -18.64 -4.67
CA GLY E 284 2.51 -18.82 -5.77
C GLY E 284 3.08 -18.55 -7.15
N ARG E 285 4.33 -18.13 -7.26
CA ARG E 285 4.99 -17.92 -8.54
C ARG E 285 6.18 -18.88 -8.66
N TYR E 286 6.57 -19.13 -9.90
CA TYR E 286 7.68 -20.02 -10.20
C TYR E 286 8.85 -19.25 -10.76
N TYR E 287 10.06 -19.64 -10.36
CA TYR E 287 11.26 -18.88 -10.64
C TYR E 287 12.42 -19.79 -10.97
N LYS E 288 13.44 -19.21 -11.60
CA LYS E 288 14.73 -19.85 -11.77
C LYS E 288 15.80 -18.82 -11.44
N ALA E 289 17.01 -19.30 -11.21
CA ALA E 289 18.13 -18.43 -10.91
C ALA E 289 18.59 -17.70 -12.17
N TYR E 290 19.01 -16.44 -12.00
CA TYR E 290 19.71 -15.69 -13.04
C TYR E 290 20.77 -14.80 -12.40
N ARG E 291 22.00 -14.88 -12.88
CA ARG E 291 23.07 -14.18 -12.19
C ARG E 291 24.23 -13.89 -13.14
N GLY E 292 24.88 -12.75 -12.91
CA GLY E 292 26.02 -12.41 -13.72
C GLY E 292 27.19 -13.35 -13.48
N MET E 293 28.08 -13.43 -14.46
CA MET E 293 29.29 -14.22 -14.29
C MET E 293 30.34 -13.47 -13.50
N GLY E 294 30.06 -12.22 -13.13
CA GLY E 294 30.86 -11.43 -12.23
C GLY E 294 30.12 -11.11 -10.95
N SER E 295 29.09 -11.88 -10.63
CA SER E 295 28.47 -11.73 -9.32
C SER E 295 29.25 -12.51 -8.26
N LEU E 296 28.87 -12.29 -7.01
CA LEU E 296 29.52 -13.02 -5.92
C LEU E 296 29.42 -14.52 -6.13
N GLY E 297 28.19 -15.03 -6.29
CA GLY E 297 27.98 -16.46 -6.36
C GLY E 297 28.68 -17.11 -7.54
N ALA E 298 28.57 -16.49 -8.72
CA ALA E 298 29.26 -17.05 -9.87
C ALA E 298 30.76 -17.17 -9.62
N MET E 299 31.36 -16.16 -8.99
CA MET E 299 32.80 -16.17 -8.81
C MET E 299 33.24 -17.09 -7.68
N ALA E 300 32.37 -17.35 -6.70
CA ALA E 300 32.63 -18.31 -5.64
C ALA E 300 32.22 -19.73 -6.05
N LEU E 320 38.43 -10.04 -7.22
CA LEU E 320 37.82 -8.89 -7.89
C LEU E 320 36.54 -8.51 -7.16
N VAL E 321 36.22 -7.21 -7.15
CA VAL E 321 34.95 -6.77 -6.57
C VAL E 321 33.85 -7.11 -7.57
N PRO E 322 32.69 -7.57 -7.12
CA PRO E 322 31.63 -7.97 -8.05
C PRO E 322 31.31 -6.90 -9.09
N GLU E 323 30.79 -7.37 -10.23
CA GLU E 323 30.29 -6.51 -11.31
C GLU E 323 28.97 -7.03 -11.87
N GLY E 324 28.33 -7.95 -11.16
CA GLY E 324 27.00 -8.40 -11.54
C GLY E 324 26.19 -8.77 -10.30
N ILE E 325 24.87 -8.78 -10.48
CA ILE E 325 23.95 -9.15 -9.44
C ILE E 325 23.54 -10.60 -9.64
N GLU E 326 22.83 -11.15 -8.65
CA GLU E 326 22.22 -12.45 -8.80
C GLU E 326 20.84 -12.43 -8.14
N GLY E 327 19.88 -13.03 -8.81
CA GLY E 327 18.52 -13.07 -8.33
C GLY E 327 17.71 -14.11 -9.06
N ARG E 328 16.42 -13.84 -9.19
CA ARG E 328 15.47 -14.79 -9.77
C ARG E 328 14.75 -14.14 -10.93
N VAL E 329 14.44 -14.94 -11.96
CA VAL E 329 13.57 -14.48 -13.04
C VAL E 329 12.42 -15.46 -13.18
N PRO E 330 11.26 -15.00 -13.65
CA PRO E 330 10.10 -15.89 -13.77
C PRO E 330 10.37 -17.08 -14.68
N TYR E 331 9.84 -18.24 -14.28
CA TYR E 331 9.87 -19.42 -15.14
C TYR E 331 9.07 -19.14 -16.40
N LYS E 332 9.71 -19.33 -17.56
CA LYS E 332 9.15 -18.87 -18.81
C LYS E 332 8.54 -19.97 -19.67
N GLY E 333 8.74 -21.24 -19.30
CA GLY E 333 8.27 -22.33 -20.12
C GLY E 333 9.30 -22.68 -21.15
N PRO E 334 8.88 -23.39 -22.21
CA PRO E 334 9.84 -23.80 -23.24
C PRO E 334 10.45 -22.61 -23.97
N MET E 335 11.75 -22.70 -24.25
CA MET E 335 12.42 -21.61 -24.93
C MET E 335 11.90 -21.42 -26.35
N GLY E 336 11.40 -22.48 -26.96
CA GLY E 336 10.96 -22.41 -28.35
C GLY E 336 9.95 -21.32 -28.60
N ASN E 337 9.07 -21.08 -27.63
CA ASN E 337 8.07 -20.03 -27.81
C ASN E 337 8.71 -18.66 -27.82
N ILE E 338 9.60 -18.39 -26.88
CA ILE E 338 10.27 -17.11 -26.83
C ILE E 338 11.01 -16.84 -28.13
N VAL E 339 11.79 -17.82 -28.59
CA VAL E 339 12.51 -17.64 -29.83
C VAL E 339 11.56 -17.31 -30.97
N HIS E 340 10.38 -17.95 -31.00
N HIS E 340 10.38 -17.95 -31.00
CA HIS E 340 9.44 -17.69 -32.08
CA HIS E 340 9.42 -17.69 -32.07
C HIS E 340 8.86 -16.29 -31.99
C HIS E 340 8.86 -16.28 -31.98
N GLN E 341 8.47 -15.84 -30.79
CA GLN E 341 8.00 -14.46 -30.63
C GLN E 341 9.08 -13.46 -31.03
N MET E 342 10.32 -13.64 -30.53
CA MET E 342 11.40 -12.75 -30.91
C MET E 342 11.50 -12.63 -32.43
N MET E 343 11.68 -13.76 -33.11
CA MET E 343 11.85 -13.74 -34.56
C MET E 343 10.61 -13.18 -35.27
N GLY E 344 9.44 -13.33 -34.66
CA GLY E 344 8.26 -12.67 -35.19
C GLY E 344 8.38 -11.15 -35.21
N GLY E 345 8.85 -10.57 -34.10
CA GLY E 345 9.09 -9.15 -34.10
C GLY E 345 10.12 -8.73 -35.12
N LEU E 346 11.21 -9.49 -35.23
CA LEU E 346 12.26 -9.12 -36.20
C LEU E 346 11.72 -9.17 -37.61
N ARG E 347 10.86 -10.16 -37.90
CA ARG E 347 10.20 -10.24 -39.21
C ARG E 347 9.33 -9.01 -39.46
N SER E 348 8.50 -8.65 -38.48
CA SER E 348 7.68 -7.47 -38.65
C SER E 348 8.52 -6.23 -38.97
N SER E 349 9.69 -6.09 -38.31
N SER E 349 9.67 -6.08 -38.31
CA SER E 349 10.55 -4.93 -38.56
CA SER E 349 10.56 -4.94 -38.55
C SER E 349 11.10 -4.94 -39.98
C SER E 349 11.06 -4.94 -39.99
N MET E 350 11.57 -6.09 -40.45
CA MET E 350 12.08 -6.17 -41.81
C MET E 350 10.95 -5.98 -42.83
N GLY E 351 9.73 -6.35 -42.46
CA GLY E 351 8.57 -5.90 -43.20
C GLY E 351 8.54 -4.38 -43.27
N TYR E 352 8.49 -3.73 -42.09
CA TYR E 352 8.42 -2.27 -42.04
C TYR E 352 9.55 -1.61 -42.82
N THR E 353 10.70 -2.29 -42.95
CA THR E 353 11.87 -1.66 -43.55
C THR E 353 12.15 -2.13 -44.96
N GLY E 354 11.23 -2.87 -45.58
CA GLY E 354 11.53 -3.43 -46.89
C GLY E 354 12.80 -4.25 -46.90
N SER E 355 13.02 -5.07 -45.87
CA SER E 355 14.28 -5.86 -45.77
C SER E 355 13.96 -7.33 -45.99
N ALA E 356 14.32 -7.84 -47.17
CA ALA E 356 14.01 -9.23 -47.49
C ALA E 356 15.00 -10.20 -46.86
N VAL E 357 16.25 -9.76 -46.67
CA VAL E 357 17.27 -10.55 -45.99
C VAL E 357 17.97 -9.68 -44.95
N ILE E 358 18.67 -10.35 -44.02
CA ILE E 358 19.38 -9.67 -42.96
C ILE E 358 20.26 -8.56 -43.52
N GLU E 359 20.94 -8.83 -44.62
CA GLU E 359 21.89 -7.84 -45.12
C GLU E 359 21.19 -6.58 -45.57
N ASP E 360 19.95 -6.66 -46.09
CA ASP E 360 19.22 -5.43 -46.42
C ASP E 360 19.11 -4.51 -45.19
N LEU E 361 18.61 -5.06 -44.09
CA LEU E 361 18.43 -4.28 -42.88
C LEU E 361 19.76 -3.71 -42.37
N ARG E 362 20.83 -4.53 -42.39
CA ARG E 362 22.13 -4.02 -41.96
C ARG E 362 22.58 -2.83 -42.79
N GLN E 363 22.30 -2.85 -44.09
CA GLN E 363 22.82 -1.85 -45.02
C GLN E 363 21.90 -0.66 -45.25
N ASN E 364 20.61 -0.79 -44.95
CA ASN E 364 19.63 0.22 -45.33
C ASN E 364 18.90 0.85 -44.15
N ALA E 365 18.98 0.26 -42.96
CA ALA E 365 18.35 0.83 -41.79
C ALA E 365 18.62 2.32 -41.71
N LYS E 366 17.57 3.08 -41.39
CA LYS E 366 17.67 4.49 -41.06
C LYS E 366 16.99 4.71 -39.73
N PHE E 367 17.60 5.55 -38.90
CA PHE E 367 17.12 5.77 -37.54
C PHE E 367 16.76 7.24 -37.36
N VAL E 368 15.93 7.50 -36.35
CA VAL E 368 15.80 8.84 -35.78
C VAL E 368 16.10 8.74 -34.30
N LYS E 369 16.67 9.79 -33.75
CA LYS E 369 16.88 9.85 -32.31
C LYS E 369 15.62 10.44 -31.70
N ILE E 370 15.12 9.82 -30.64
CA ILE E 370 13.98 10.35 -29.89
C ILE E 370 14.47 10.87 -28.54
N THR E 371 13.55 11.49 -27.80
CA THR E 371 13.83 12.10 -26.51
C THR E 371 13.20 11.26 -25.42
N SER E 372 13.32 11.77 -24.20
CA SER E 372 12.68 11.14 -23.05
C SER E 372 11.19 10.95 -23.29
N ALA E 373 10.54 11.92 -23.93
CA ALA E 373 9.08 11.90 -24.09
C ALA E 373 8.60 10.61 -24.73
N GLY E 374 9.10 10.29 -25.93
CA GLY E 374 8.89 8.97 -26.52
C GLY E 374 9.78 7.87 -25.92
N SER F 16 19.16 37.76 -27.40
CA SER F 16 19.10 37.07 -26.12
C SER F 16 20.24 37.50 -25.20
N MET F 17 19.90 38.15 -24.08
CA MET F 17 20.91 38.51 -23.10
C MET F 17 21.32 37.35 -22.20
N LEU F 18 20.69 36.18 -22.37
CA LEU F 18 20.95 35.06 -21.48
C LEU F 18 22.37 34.52 -21.67
N THR F 19 23.08 34.29 -20.56
CA THR F 19 24.47 33.87 -20.58
C THR F 19 24.56 32.44 -20.06
N ILE F 20 24.31 31.49 -20.96
CA ILE F 20 24.52 30.08 -20.66
C ILE F 20 25.97 29.75 -21.00
N VAL F 21 26.79 29.53 -19.96
CA VAL F 21 28.22 29.28 -20.18
C VAL F 21 28.42 27.98 -20.93
N GLN F 22 27.57 26.98 -20.68
CA GLN F 22 27.68 25.65 -21.27
C GLN F 22 26.56 24.75 -20.78
N GLU F 23 26.48 23.53 -21.34
CA GLU F 23 25.72 22.44 -20.74
C GLU F 23 26.64 21.72 -19.76
N ALA F 24 26.22 21.63 -18.50
CA ALA F 24 27.10 21.15 -17.44
C ALA F 24 26.74 19.71 -17.08
N LEU F 25 27.76 18.88 -16.95
CA LEU F 25 27.61 17.44 -16.81
C LEU F 25 27.85 17.02 -15.38
N THR F 26 27.00 16.15 -14.90
CA THR F 26 27.15 15.48 -13.62
C THR F 26 27.57 14.03 -13.86
N PHE F 27 27.88 13.31 -12.78
CA PHE F 27 28.39 11.95 -12.88
C PHE F 27 27.49 11.07 -13.76
N ASP F 28 26.17 11.11 -13.55
CA ASP F 28 25.24 10.25 -14.30
C ASP F 28 25.16 10.61 -15.77
N ASP F 29 25.70 11.75 -16.18
CA ASP F 29 25.62 12.13 -17.58
C ASP F 29 26.68 11.49 -18.45
N VAL F 30 27.69 10.84 -17.86
CA VAL F 30 28.79 10.32 -18.66
C VAL F 30 29.19 8.92 -18.22
N LEU F 31 29.87 8.23 -19.13
CA LEU F 31 30.57 6.97 -18.87
C LEU F 31 32.01 7.05 -19.36
N LEU F 32 32.93 6.45 -18.60
CA LEU F 32 34.30 6.27 -19.08
C LEU F 32 34.34 5.15 -20.12
N LEU F 33 35.21 5.29 -21.12
CA LEU F 33 35.34 4.36 -22.23
C LEU F 33 36.43 3.33 -21.95
N PRO F 34 36.18 2.05 -22.27
CA PRO F 34 37.25 1.06 -22.17
C PRO F 34 38.32 1.37 -23.20
N ALA F 35 39.56 1.05 -22.86
CA ALA F 35 40.66 1.30 -23.77
C ALA F 35 41.63 0.14 -23.71
N TYR F 36 42.60 0.16 -24.63
CA TYR F 36 43.64 -0.85 -24.64
C TYR F 36 44.37 -0.89 -23.30
N SER F 37 44.39 -2.08 -22.69
CA SER F 37 44.90 -2.27 -21.35
C SER F 37 45.86 -3.45 -21.30
N THR F 38 46.94 -3.29 -20.54
CA THR F 38 47.81 -4.38 -20.10
C THR F 38 48.02 -4.35 -18.60
N VAL F 39 47.02 -3.87 -17.86
N VAL F 39 47.02 -3.88 -17.85
CA VAL F 39 47.03 -3.87 -16.41
CA VAL F 39 47.08 -3.91 -16.40
C VAL F 39 45.78 -4.58 -15.91
C VAL F 39 45.80 -4.54 -15.87
N LEU F 40 45.93 -5.33 -14.89
CA LEU F 40 44.87 -5.98 -14.15
C LEU F 40 44.48 -5.14 -12.95
N PRO F 41 43.20 -5.14 -12.59
CA PRO F 41 42.82 -4.40 -11.37
C PRO F 41 43.73 -4.65 -10.18
N LYS F 42 44.16 -5.89 -9.94
CA LYS F 42 44.98 -6.16 -8.76
C LYS F 42 46.28 -5.35 -8.77
N ASP F 43 46.80 -5.03 -9.96
CA ASP F 43 48.14 -4.48 -10.11
C ASP F 43 48.19 -2.97 -10.28
N VAL F 44 47.05 -2.28 -10.32
CA VAL F 44 47.09 -0.83 -10.51
C VAL F 44 47.55 -0.17 -9.21
N SER F 45 48.28 0.94 -9.34
CA SER F 45 48.66 1.76 -8.19
C SER F 45 47.62 2.84 -7.94
N LEU F 46 47.14 2.92 -6.70
CA LEU F 46 46.15 3.90 -6.28
C LEU F 46 46.77 5.17 -5.67
N LYS F 47 48.09 5.24 -5.54
CA LYS F 47 48.71 6.39 -4.89
C LYS F 47 48.46 7.68 -5.68
N THR F 48 48.32 8.81 -4.97
CA THR F 48 48.00 10.10 -5.57
C THR F 48 48.39 11.20 -4.60
N ARG F 49 48.30 12.46 -5.05
CA ARG F 49 48.68 13.60 -4.21
C ARG F 49 47.45 14.39 -3.78
N LEU F 50 47.41 14.73 -2.48
CA LEU F 50 46.34 15.54 -1.90
C LEU F 50 46.63 17.02 -2.08
N THR F 51 47.82 17.46 -1.69
CA THR F 51 48.31 18.81 -1.93
C THR F 51 49.57 18.71 -2.76
N ARG F 52 50.16 19.85 -3.08
CA ARG F 52 51.38 19.73 -3.86
C ARG F 52 52.55 19.24 -3.02
N GLY F 53 52.38 19.13 -1.70
CA GLY F 53 53.40 18.57 -0.84
C GLY F 53 53.09 17.20 -0.25
N ILE F 54 51.82 16.90 0.00
CA ILE F 54 51.40 15.68 0.69
C ILE F 54 50.84 14.68 -0.31
N TYR F 55 51.37 13.46 -0.30
CA TYR F 55 50.86 12.37 -1.11
C TYR F 55 50.01 11.43 -0.25
N LEU F 56 49.02 10.80 -0.87
CA LEU F 56 48.23 9.78 -0.21
C LEU F 56 48.49 8.43 -0.85
N ASN F 57 48.06 7.37 -0.17
CA ASN F 57 48.14 6.04 -0.76
C ASN F 57 46.86 5.65 -1.47
N ILE F 58 45.74 6.28 -1.10
CA ILE F 58 44.50 6.19 -1.86
C ILE F 58 43.89 7.59 -1.95
N PRO F 59 43.15 7.85 -3.02
CA PRO F 59 42.61 9.19 -3.26
C PRO F 59 41.28 9.43 -2.55
N LEU F 60 41.20 9.04 -1.28
CA LEU F 60 39.98 9.15 -0.50
C LEU F 60 40.22 10.09 0.68
N VAL F 61 39.43 11.16 0.77
CA VAL F 61 39.43 12.10 1.88
C VAL F 61 38.06 12.08 2.52
N SER F 62 38.02 12.07 3.85
CA SER F 62 36.75 12.09 4.57
C SER F 62 36.38 13.53 4.91
N ALA F 63 35.08 13.79 4.95
CA ALA F 63 34.58 15.16 4.93
C ALA F 63 34.61 15.79 6.32
N ALA F 64 34.85 17.11 6.34
CA ALA F 64 34.94 17.89 7.57
C ALA F 64 33.54 18.21 8.07
N MET F 65 32.90 17.22 8.67
CA MET F 65 31.51 17.35 9.09
C MET F 65 31.33 16.73 10.46
N ASP F 66 30.55 17.38 11.32
CA ASP F 66 30.43 16.86 12.69
C ASP F 66 29.73 15.51 12.76
N THR F 67 29.43 14.90 11.61
CA THR F 67 28.81 13.58 11.56
C THR F 67 29.67 12.61 10.77
N VAL F 68 30.90 13.00 10.42
CA VAL F 68 31.75 12.17 9.57
C VAL F 68 33.15 12.04 10.16
N THR F 69 33.82 13.15 10.44
CA THR F 69 35.24 13.12 10.77
C THR F 69 35.55 13.80 12.11
N GLU F 70 35.75 13.00 13.15
CA GLU F 70 36.55 13.43 14.30
C GLU F 70 37.79 12.53 14.38
N SER F 71 38.39 12.37 15.56
CA SER F 71 39.71 11.73 15.60
C SER F 71 39.63 10.23 15.27
N ARG F 72 38.60 9.54 15.73
CA ARG F 72 38.48 8.11 15.40
C ARG F 72 38.46 7.90 13.88
N MET F 73 37.65 8.69 13.16
CA MET F 73 37.58 8.55 11.72
C MET F 73 38.87 8.99 11.03
N ALA F 74 39.51 10.05 11.52
CA ALA F 74 40.74 10.53 10.89
C ALA F 74 41.86 9.51 11.01
N ILE F 75 41.86 8.72 12.09
CA ILE F 75 42.87 7.68 12.24
C ILE F 75 42.64 6.57 11.23
N ALA F 76 41.39 6.11 11.11
CA ALA F 76 41.08 5.06 10.15
C ALA F 76 41.39 5.49 8.73
N MET F 77 41.09 6.75 8.39
CA MET F 77 41.39 7.25 7.05
C MET F 77 42.88 7.15 6.75
N ALA F 78 43.73 7.63 7.67
CA ALA F 78 45.17 7.56 7.43
C ALA F 78 45.69 6.14 7.52
N GLN F 79 45.09 5.32 8.38
CA GLN F 79 45.49 3.92 8.48
C GLN F 79 45.20 3.18 7.19
N ASN F 80 44.20 3.62 6.42
CA ASN F 80 43.91 3.02 5.12
C ASN F 80 44.60 3.73 3.96
N GLY F 81 45.50 4.67 4.23
CA GLY F 81 46.27 5.31 3.20
C GLY F 81 45.73 6.64 2.75
N GLY F 82 44.60 7.07 3.30
CA GLY F 82 44.02 8.36 2.99
C GLY F 82 44.17 9.32 4.14
N ILE F 83 43.20 10.20 4.32
CA ILE F 83 43.33 11.29 5.28
C ILE F 83 41.95 11.86 5.53
N GLY F 84 41.67 12.16 6.78
CA GLY F 84 40.43 12.81 7.18
C GLY F 84 40.68 14.26 7.54
N ILE F 85 39.67 15.10 7.33
CA ILE F 85 39.74 16.52 7.66
C ILE F 85 38.82 16.77 8.84
N LEU F 86 39.42 17.11 9.97
CA LEU F 86 38.68 17.33 11.22
C LEU F 86 37.78 18.55 11.11
N HIS F 87 36.54 18.37 11.55
CA HIS F 87 35.54 19.42 11.40
C HIS F 87 35.78 20.53 12.43
N LYS F 88 35.44 21.76 12.03
CA LYS F 88 35.69 22.96 12.81
C LYS F 88 34.52 23.32 13.72
N ASN F 89 33.50 22.47 13.81
CA ASN F 89 32.37 22.76 14.70
C ASN F 89 32.73 22.36 16.14
N MET F 90 33.72 23.05 16.69
CA MET F 90 34.19 22.84 18.05
C MET F 90 35.21 23.92 18.36
N ASP F 91 35.39 24.18 19.65
CA ASP F 91 36.28 25.27 20.05
C ASP F 91 37.72 24.93 19.72
N ILE F 92 38.56 25.97 19.66
CA ILE F 92 39.94 25.78 19.20
C ILE F 92 40.61 24.63 19.95
N ALA F 93 40.61 24.72 21.29
CA ALA F 93 41.39 23.76 22.07
C ALA F 93 40.93 22.32 21.80
N ALA F 94 39.63 22.11 21.62
CA ALA F 94 39.11 20.76 21.39
C ALA F 94 39.64 20.19 20.08
N GLN F 95 39.69 21.02 19.03
CA GLN F 95 40.13 20.54 17.73
C GLN F 95 41.64 20.37 17.68
N ALA F 96 42.36 21.20 18.45
CA ALA F 96 43.78 20.96 18.65
C ALA F 96 44.00 19.65 19.40
N ALA F 97 43.14 19.35 20.38
CA ALA F 97 43.17 18.04 21.01
C ALA F 97 42.96 16.92 20.00
N GLU F 98 41.99 17.07 19.09
CA GLU F 98 41.74 16.01 18.11
C GLU F 98 42.95 15.81 17.20
N VAL F 99 43.57 16.88 16.73
CA VAL F 99 44.78 16.74 15.94
C VAL F 99 45.82 15.91 16.69
N ARG F 100 46.17 16.35 17.90
CA ARG F 100 47.23 15.64 18.64
C ARG F 100 46.92 14.16 18.77
N ARG F 101 45.65 13.80 19.04
CA ARG F 101 45.30 12.39 19.21
C ARG F 101 45.61 11.59 17.96
N VAL F 102 45.33 12.16 16.78
CA VAL F 102 45.68 11.48 15.54
C VAL F 102 47.20 11.43 15.37
N LYS F 103 47.89 12.50 15.77
CA LYS F 103 49.33 12.58 15.57
C LYS F 103 50.12 11.76 16.61
N LYS F 104 49.55 11.53 17.79
CA LYS F 104 50.20 10.77 18.85
C LYS F 104 49.67 9.34 18.93
N PHE F 105 49.11 8.82 17.85
CA PHE F 105 48.53 7.49 17.86
C PHE F 105 49.55 6.46 17.38
N GLU F 106 49.51 5.29 18.02
CA GLU F 106 50.32 4.16 17.62
C GLU F 106 49.49 2.89 17.79
N ALA F 107 49.81 1.87 17.01
CA ALA F 107 49.12 0.58 17.06
C ALA F 107 50.11 -0.51 17.42
N GLY F 108 49.58 -1.70 17.69
CA GLY F 108 50.40 -2.84 18.07
C GLY F 108 51.14 -3.49 16.91
N SER F 112 49.40 -4.72 11.67
CA SER F 112 49.93 -3.49 11.09
C SER F 112 49.04 -3.01 9.94
N TYR F 113 49.35 -1.81 9.45
CA TYR F 113 48.68 -1.21 8.29
C TYR F 113 49.77 -0.81 7.30
N PRO F 114 50.02 -1.61 6.26
CA PRO F 114 51.17 -1.34 5.39
C PRO F 114 51.00 -0.13 4.48
N ASN F 115 49.77 0.30 4.18
CA ASN F 115 49.59 1.46 3.33
C ASN F 115 49.25 2.72 4.12
N SER F 116 49.51 2.73 5.42
CA SER F 116 49.36 3.92 6.26
C SER F 116 49.86 5.17 5.57
N CYS F 117 49.25 6.32 5.90
CA CYS F 117 49.61 7.62 5.35
C CYS F 117 50.27 8.45 6.46
N LYS F 118 51.57 8.73 6.30
CA LYS F 118 52.38 9.20 7.41
C LYS F 118 53.30 10.33 6.97
N ASP F 119 53.61 11.20 7.94
CA ASP F 119 54.53 12.32 7.76
C ASP F 119 55.97 11.84 7.90
N ASP F 120 56.91 12.77 7.69
CA ASP F 120 58.33 12.41 7.76
C ASP F 120 58.69 11.81 9.11
N LEU F 121 58.00 12.22 10.17
CA LEU F 121 58.18 11.64 11.50
C LEU F 121 57.53 10.26 11.66
N GLY F 122 56.86 9.73 10.65
CA GLY F 122 56.12 8.50 10.82
C GLY F 122 54.82 8.64 11.58
N ARG F 123 54.29 9.85 11.71
CA ARG F 123 53.00 10.06 12.35
C ARG F 123 51.87 9.96 11.32
N LEU F 124 50.72 9.48 11.79
CA LEU F 124 49.53 9.51 10.93
C LEU F 124 49.31 10.93 10.45
N ARG F 125 49.07 11.08 9.15
CA ARG F 125 48.66 12.38 8.66
C ARG F 125 47.25 12.68 9.13
N VAL F 126 46.95 13.97 9.27
CA VAL F 126 45.59 14.43 9.52
C VAL F 126 45.48 15.85 9.00
N GLY F 127 44.24 16.25 8.70
CA GLY F 127 43.95 17.62 8.32
C GLY F 127 42.86 18.18 9.21
N ALA F 128 42.71 19.50 9.16
CA ALA F 128 41.70 20.19 9.95
C ALA F 128 41.15 21.36 9.16
N ALA F 129 39.84 21.60 9.30
CA ALA F 129 39.19 22.72 8.63
C ALA F 129 39.15 23.96 9.53
N VAL F 130 39.37 25.12 8.92
CA VAL F 130 39.12 26.40 9.58
C VAL F 130 38.18 27.22 8.70
N GLY F 131 37.71 28.30 9.26
CA GLY F 131 36.95 29.28 8.54
C GLY F 131 37.77 30.50 8.16
N THR F 132 37.10 31.65 8.14
CA THR F 132 37.68 32.89 7.67
C THR F 132 37.52 34.04 8.65
N GLY F 133 36.65 33.90 9.67
CA GLY F 133 36.37 34.95 10.62
C GLY F 133 37.29 35.06 11.83
N ALA F 134 36.72 35.38 13.00
CA ALA F 134 37.50 35.92 14.11
C ALA F 134 38.50 34.92 14.67
N ASP F 135 38.04 33.71 15.02
CA ASP F 135 38.86 32.72 15.69
C ASP F 135 39.94 32.07 14.81
N THR F 136 40.03 32.43 13.53
CA THR F 136 40.86 31.70 12.57
C THR F 136 42.36 31.84 12.84
N PRO F 137 42.86 33.04 13.16
CA PRO F 137 44.28 33.15 13.57
C PRO F 137 44.62 32.21 14.73
N SER F 138 43.93 32.32 15.85
CA SER F 138 44.20 31.44 16.98
C SER F 138 44.05 29.97 16.60
N ARG F 139 43.02 29.65 15.81
CA ARG F 139 42.76 28.25 15.49
C ARG F 139 43.89 27.65 14.66
N VAL F 140 44.35 28.38 13.64
CA VAL F 140 45.42 27.85 12.80
C VAL F 140 46.64 27.53 13.64
N GLU F 141 47.11 28.50 14.41
CA GLU F 141 48.30 28.33 15.23
C GLU F 141 48.17 27.10 16.13
N ALA F 142 47.12 27.08 16.96
CA ALA F 142 46.86 25.90 17.77
C ALA F 142 46.98 24.63 16.94
N LEU F 143 46.27 24.59 15.80
CA LEU F 143 46.27 23.38 14.98
C LEU F 143 47.66 23.10 14.42
N VAL F 144 48.34 24.14 13.93
CA VAL F 144 49.69 23.92 13.41
C VAL F 144 50.65 23.56 14.54
N GLU F 145 50.39 24.05 15.76
CA GLU F 145 51.25 23.72 16.90
C GLU F 145 50.97 22.34 17.43
N ALA F 146 49.80 21.79 17.13
CA ALA F 146 49.49 20.40 17.45
C ALA F 146 49.99 19.44 16.40
N GLY F 147 50.65 19.93 15.34
CA GLY F 147 51.19 19.07 14.31
C GLY F 147 50.24 18.70 13.17
N VAL F 148 49.25 19.55 12.86
CA VAL F 148 48.40 19.27 11.71
C VAL F 148 49.21 19.35 10.43
N ASP F 149 48.89 18.48 9.47
CA ASP F 149 49.57 18.46 8.18
C ASP F 149 48.97 19.40 7.16
N VAL F 150 47.66 19.61 7.16
CA VAL F 150 47.04 20.47 6.15
C VAL F 150 45.94 21.29 6.83
N ILE F 151 45.89 22.58 6.51
CA ILE F 151 44.80 23.46 6.92
C ILE F 151 43.83 23.58 5.75
N VAL F 152 42.56 23.28 5.99
CA VAL F 152 41.51 23.48 4.98
C VAL F 152 40.73 24.73 5.34
N VAL F 153 40.94 25.81 4.56
CA VAL F 153 40.04 26.96 4.65
C VAL F 153 38.71 26.52 4.01
N ASP F 154 37.71 26.28 4.85
CA ASP F 154 36.53 25.48 4.54
C ASP F 154 35.26 26.33 4.51
N THR F 155 34.91 26.86 3.35
CA THR F 155 33.71 27.68 3.28
C THR F 155 32.77 27.18 2.18
N ALA F 156 31.54 27.68 2.26
CA ALA F 156 30.54 27.43 1.24
C ALA F 156 30.88 28.12 -0.07
N HIS F 157 31.64 29.22 -0.04
CA HIS F 157 31.82 30.04 -1.23
C HIS F 157 33.26 30.52 -1.25
N GLY F 158 34.13 29.74 -1.89
CA GLY F 158 35.55 30.03 -1.85
C GLY F 158 36.01 31.07 -2.84
N HIS F 159 35.22 31.38 -3.87
CA HIS F 159 35.61 32.44 -4.80
C HIS F 159 35.20 33.79 -4.22
N SER F 160 35.77 34.10 -3.06
CA SER F 160 35.46 35.30 -2.31
C SER F 160 36.76 35.91 -1.79
N ALA F 161 36.76 37.23 -1.68
CA ALA F 161 37.88 37.93 -1.06
C ALA F 161 38.21 37.35 0.31
N GLY F 162 37.17 36.93 1.04
CA GLY F 162 37.38 36.34 2.36
C GLY F 162 38.24 35.09 2.33
N VAL F 163 37.96 34.16 1.41
CA VAL F 163 38.72 32.92 1.42
C VAL F 163 40.06 33.12 0.74
N ILE F 164 40.12 33.95 -0.30
CA ILE F 164 41.40 34.16 -0.99
C ILE F 164 42.42 34.79 -0.06
N GLU F 165 42.03 35.83 0.69
CA GLU F 165 43.02 36.47 1.57
C GLU F 165 43.41 35.58 2.75
N ARG F 166 42.48 34.79 3.29
CA ARG F 166 42.84 33.93 4.42
C ARG F 166 43.76 32.80 3.99
N VAL F 167 43.61 32.31 2.76
CA VAL F 167 44.52 31.31 2.25
C VAL F 167 45.92 31.89 2.09
N ARG F 168 46.01 33.12 1.59
CA ARG F 168 47.33 33.73 1.40
C ARG F 168 47.97 34.09 2.74
N TRP F 169 47.16 34.58 3.68
CA TRP F 169 47.64 34.75 5.04
C TRP F 169 48.32 33.48 5.55
N VAL F 170 47.66 32.34 5.39
CA VAL F 170 48.19 31.13 5.99
C VAL F 170 49.48 30.70 5.31
N LYS F 171 49.60 30.94 4.00
CA LYS F 171 50.83 30.55 3.31
C LYS F 171 52.00 31.45 3.70
N GLN F 172 51.78 32.76 3.72
CA GLN F 172 52.84 33.68 4.12
C GLN F 172 53.29 33.40 5.56
N ASN F 173 52.33 33.15 6.45
CA ASN F 173 52.61 33.10 7.89
C ASN F 173 52.93 31.69 8.43
N PHE F 174 52.50 30.62 7.76
CA PHE F 174 52.78 29.26 8.22
C PHE F 174 53.23 28.41 7.04
N PRO F 175 54.37 28.76 6.42
CA PRO F 175 54.86 27.98 5.27
C PRO F 175 55.21 26.53 5.61
N GLN F 176 55.28 26.17 6.88
CA GLN F 176 55.56 24.79 7.28
C GLN F 176 54.32 23.90 7.24
N VAL F 177 53.15 24.45 6.95
CA VAL F 177 51.92 23.68 6.83
C VAL F 177 51.46 23.75 5.38
N GLN F 178 50.62 22.80 5.00
CA GLN F 178 49.97 22.83 3.70
C GLN F 178 48.58 23.45 3.83
N VAL F 179 48.16 24.14 2.78
CA VAL F 179 46.90 24.89 2.80
C VAL F 179 46.04 24.50 1.61
N ILE F 180 44.77 24.18 1.87
CA ILE F 180 43.76 23.96 0.84
C ILE F 180 42.72 25.07 0.96
N GLY F 181 42.13 25.45 -0.18
CA GLY F 181 41.06 26.42 -0.19
C GLY F 181 39.84 25.94 -0.95
N GLY F 182 38.66 26.35 -0.49
CA GLY F 182 37.42 26.00 -1.17
C GLY F 182 36.22 26.52 -0.40
N ASN F 183 35.03 26.21 -0.92
CA ASN F 183 34.83 25.38 -2.11
C ASN F 183 34.66 26.22 -3.38
N ILE F 184 35.08 25.67 -4.52
CA ILE F 184 35.00 26.36 -5.80
C ILE F 184 34.46 25.40 -6.86
N ALA F 185 34.04 25.99 -8.01
CA ALA F 185 33.52 25.20 -9.13
C ALA F 185 33.90 25.74 -10.50
N THR F 186 34.75 26.77 -10.58
CA THR F 186 35.11 27.34 -11.87
C THR F 186 36.62 27.54 -11.96
N GLY F 187 37.10 27.69 -13.20
CA GLY F 187 38.51 27.90 -13.41
C GLY F 187 38.99 29.21 -12.82
N ASP F 188 38.18 30.27 -12.98
CA ASP F 188 38.56 31.59 -12.45
C ASP F 188 38.81 31.52 -10.96
N ALA F 189 37.87 30.93 -10.21
CA ALA F 189 38.07 30.73 -8.79
C ALA F 189 39.39 30.00 -8.52
N ALA F 190 39.67 28.94 -9.30
CA ALA F 190 40.88 28.14 -9.09
C ALA F 190 42.13 29.01 -9.30
N LEU F 191 42.16 29.80 -10.37
CA LEU F 191 43.30 30.68 -10.61
C LEU F 191 43.45 31.69 -9.48
N ALA F 192 42.33 32.20 -8.97
CA ALA F 192 42.40 33.09 -7.82
C ALA F 192 43.14 32.42 -6.66
N LEU F 193 42.64 31.25 -6.24
CA LEU F 193 43.25 30.53 -5.13
C LEU F 193 44.67 30.07 -5.47
N LEU F 194 44.94 29.77 -6.74
CA LEU F 194 46.30 29.39 -7.11
C LEU F 194 47.27 30.56 -6.90
N ASP F 195 46.83 31.77 -7.23
CA ASP F 195 47.72 32.92 -7.09
C ASP F 195 47.87 33.34 -5.63
N ALA F 196 46.86 33.06 -4.79
CA ALA F 196 46.95 33.32 -3.37
C ALA F 196 47.93 32.41 -2.64
N GLY F 197 48.49 31.41 -3.30
CA GLY F 197 49.42 30.49 -2.68
C GLY F 197 48.86 29.16 -2.20
N ALA F 198 47.61 28.83 -2.53
CA ALA F 198 47.03 27.57 -2.09
C ALA F 198 47.84 26.40 -2.66
N ASP F 199 47.93 25.31 -1.89
CA ASP F 199 48.62 24.12 -2.39
C ASP F 199 47.64 23.08 -2.94
N ALA F 200 46.34 23.30 -2.78
CA ALA F 200 45.31 22.53 -3.45
C ALA F 200 44.03 23.34 -3.39
N VAL F 201 43.08 23.00 -4.27
CA VAL F 201 41.73 23.57 -4.18
C VAL F 201 40.73 22.43 -4.06
N LYS F 202 39.66 22.68 -3.31
CA LYS F 202 38.56 21.74 -3.16
C LYS F 202 37.36 22.19 -4.00
N VAL F 203 36.89 21.31 -4.89
CA VAL F 203 35.91 21.63 -5.92
C VAL F 203 34.56 21.01 -5.55
N GLY F 204 33.50 21.82 -5.62
CA GLY F 204 32.14 21.34 -5.40
C GLY F 204 31.23 22.41 -4.83
N ILE F 205 30.32 22.95 -5.66
CA ILE F 205 29.27 23.86 -5.24
C ILE F 205 27.96 23.21 -5.66
N GLY F 206 27.24 22.61 -4.71
CA GLY F 206 25.96 22.01 -5.04
C GLY F 206 25.81 20.48 -5.04
N PRO F 207 26.89 19.72 -5.29
CA PRO F 207 26.71 18.28 -5.52
C PRO F 207 26.50 17.42 -4.28
N GLY F 208 26.61 17.98 -3.08
CA GLY F 208 26.53 17.16 -1.89
C GLY F 208 25.18 16.48 -1.72
N SER F 209 25.21 15.26 -1.17
CA SER F 209 23.98 14.53 -0.93
C SER F 209 23.02 15.29 -0.02
N ILE F 210 23.52 16.01 0.97
CA ILE F 210 22.66 16.70 1.91
C ILE F 210 22.45 18.16 1.50
N CYS F 211 22.78 18.51 0.25
CA CYS F 211 22.77 19.90 -0.18
C CYS F 211 21.38 20.33 -0.60
N THR F 212 21.02 21.56 -0.21
CA THR F 212 19.83 22.23 -0.74
C THR F 212 20.14 23.57 -1.37
N THR F 213 21.43 23.95 -1.45
CA THR F 213 21.80 25.19 -2.11
C THR F 213 21.16 25.31 -3.49
N ARG F 214 21.15 24.22 -4.27
CA ARG F 214 20.52 24.29 -5.59
C ARG F 214 19.07 24.73 -5.49
N ILE F 215 18.34 24.21 -4.51
CA ILE F 215 16.95 24.58 -4.29
C ILE F 215 16.83 25.96 -3.65
N VAL F 216 17.65 26.24 -2.63
CA VAL F 216 17.47 27.45 -1.82
C VAL F 216 18.00 28.69 -2.55
N ALA F 217 19.05 28.57 -3.34
CA ALA F 217 19.70 29.71 -3.96
C ALA F 217 19.79 29.61 -5.47
N GLY F 218 19.33 28.51 -6.06
CA GLY F 218 19.49 28.30 -7.49
C GLY F 218 20.92 28.24 -7.97
N ILE F 219 21.85 27.94 -7.07
CA ILE F 219 23.28 28.04 -7.32
C ILE F 219 23.87 26.65 -7.42
N GLY F 220 24.77 26.46 -8.39
CA GLY F 220 25.30 25.12 -8.55
C GLY F 220 26.09 24.88 -9.81
N MET F 221 26.88 23.83 -9.81
CA MET F 221 27.62 23.48 -11.00
C MET F 221 27.76 21.97 -11.02
N PRO F 222 27.20 21.29 -12.01
CA PRO F 222 27.36 19.82 -12.08
C PRO F 222 28.83 19.42 -11.95
N GLN F 223 29.07 18.35 -11.18
CA GLN F 223 30.40 18.15 -10.62
C GLN F 223 31.42 17.74 -11.69
N ILE F 224 31.02 16.96 -12.69
CA ILE F 224 31.95 16.61 -13.77
C ILE F 224 32.45 17.87 -14.47
N SER F 225 31.55 18.83 -14.74
CA SER F 225 31.95 20.08 -15.39
C SER F 225 32.66 21.02 -14.41
N ALA F 226 32.31 21.00 -13.13
CA ALA F 226 33.11 21.72 -12.13
C ALA F 226 34.55 21.24 -12.13
N ILE F 227 34.74 19.93 -11.99
CA ILE F 227 36.07 19.33 -12.00
C ILE F 227 36.84 19.73 -13.27
N ASP F 228 36.23 19.54 -14.43
CA ASP F 228 36.94 19.84 -15.67
C ASP F 228 37.34 21.31 -15.74
N SER F 229 36.43 22.21 -15.38
CA SER F 229 36.73 23.63 -15.52
C SER F 229 37.87 24.04 -14.59
N VAL F 230 37.86 23.54 -13.36
CA VAL F 230 38.93 23.81 -12.41
C VAL F 230 40.25 23.21 -12.89
N ALA F 231 40.23 21.91 -13.23
CA ALA F 231 41.48 21.24 -13.61
C ALA F 231 42.03 21.78 -14.92
N SER F 232 41.18 22.32 -15.78
CA SER F 232 41.68 22.87 -17.04
C SER F 232 42.36 24.21 -16.81
N ALA F 233 42.01 24.91 -15.74
CA ALA F 233 42.67 26.18 -15.52
C ALA F 233 43.95 25.98 -14.72
N LEU F 234 43.95 25.04 -13.77
CA LEU F 234 45.13 24.79 -12.95
C LEU F 234 46.28 24.23 -13.78
N LYS F 235 45.98 23.33 -14.72
CA LYS F 235 47.01 22.80 -15.59
C LYS F 235 48.01 21.98 -14.79
N ASP F 236 47.50 21.29 -13.77
CA ASP F 236 48.30 20.44 -12.89
C ASP F 236 49.21 21.22 -11.95
N GLN F 237 49.23 22.56 -12.01
CA GLN F 237 50.07 23.29 -11.09
C GLN F 237 49.73 22.96 -9.63
N ILE F 238 48.48 22.57 -9.36
CA ILE F 238 48.13 22.03 -8.05
C ILE F 238 46.99 21.04 -8.17
N PRO F 239 46.88 20.07 -7.26
CA PRO F 239 45.79 19.08 -7.33
C PRO F 239 44.47 19.68 -6.85
N LEU F 240 43.38 19.08 -7.33
CA LEU F 240 42.04 19.43 -6.88
C LEU F 240 41.41 18.23 -6.16
N ILE F 241 40.63 18.53 -5.13
CA ILE F 241 39.85 17.54 -4.40
C ILE F 241 38.40 17.62 -4.90
N ALA F 242 37.89 16.52 -5.45
CA ALA F 242 36.50 16.47 -5.92
C ALA F 242 35.57 16.16 -4.73
N ASP F 243 34.79 17.14 -4.31
CA ASP F 243 34.08 17.11 -3.02
C ASP F 243 32.58 17.20 -3.24
N GLY F 244 31.87 16.19 -2.78
CA GLY F 244 30.43 16.08 -2.82
C GLY F 244 29.93 15.27 -4.01
N GLY F 245 28.81 14.58 -3.81
CA GLY F 245 28.11 13.92 -4.89
C GLY F 245 28.61 12.55 -5.25
N ILE F 246 29.58 12.01 -4.51
CA ILE F 246 30.10 10.66 -4.75
C ILE F 246 29.13 9.67 -4.12
N ARG F 247 28.57 8.79 -4.95
CA ARG F 247 27.60 7.81 -4.46
C ARG F 247 28.04 6.37 -4.64
N PHE F 248 28.83 6.10 -5.68
CA PHE F 248 29.27 4.77 -6.08
C PHE F 248 30.76 4.85 -6.42
N SER F 249 31.43 3.70 -6.44
CA SER F 249 32.85 3.73 -6.78
C SER F 249 33.09 4.27 -8.18
N GLY F 250 32.18 3.98 -9.12
CA GLY F 250 32.32 4.53 -10.47
C GLY F 250 32.32 6.04 -10.50
N ASP F 251 31.69 6.69 -9.52
CA ASP F 251 31.74 8.16 -9.47
C ASP F 251 33.15 8.64 -9.20
N MET F 252 33.90 7.89 -8.40
CA MET F 252 35.29 8.26 -8.14
C MET F 252 36.13 8.09 -9.39
N ALA F 253 35.95 6.99 -10.13
CA ALA F 253 36.67 6.85 -11.39
C ALA F 253 36.35 7.99 -12.34
N LYS F 254 35.06 8.38 -12.42
CA LYS F 254 34.68 9.52 -13.27
C LYS F 254 35.34 10.80 -12.79
N ALA F 255 35.22 11.10 -11.49
CA ALA F 255 35.89 12.28 -10.94
C ALA F 255 37.37 12.34 -11.35
N ILE F 256 38.10 11.23 -11.14
CA ILE F 256 39.54 11.27 -11.39
C ILE F 256 39.84 11.42 -12.89
N GLY F 257 39.03 10.77 -13.75
CA GLY F 257 39.18 10.98 -15.18
C GLY F 257 38.87 12.40 -15.63
N ALA F 258 37.87 13.04 -15.01
CA ALA F 258 37.62 14.44 -15.34
C ALA F 258 38.73 15.38 -14.88
N GLY F 259 39.60 14.94 -13.96
CA GLY F 259 40.72 15.76 -13.51
C GLY F 259 41.03 15.79 -12.02
N ALA F 260 40.16 15.19 -11.19
CA ALA F 260 40.39 15.19 -9.76
C ALA F 260 41.65 14.41 -9.41
N SER F 261 42.28 14.81 -8.30
CA SER F 261 43.35 14.02 -7.74
C SER F 261 42.91 13.22 -6.52
N THR F 262 41.86 13.66 -5.84
CA THR F 262 41.30 12.92 -4.74
C THR F 262 39.81 13.23 -4.68
N ILE F 263 39.12 12.44 -3.86
CA ILE F 263 37.68 12.54 -3.69
C ILE F 263 37.41 12.72 -2.22
N MET F 264 36.61 13.73 -1.87
CA MET F 264 36.11 13.85 -0.51
C MET F 264 34.69 13.31 -0.49
N VAL F 265 34.36 12.51 0.53
CA VAL F 265 33.04 11.91 0.64
C VAL F 265 32.51 12.10 2.06
N GLY F 266 31.24 12.53 2.16
CA GLY F 266 30.56 12.65 3.43
C GLY F 266 29.58 11.51 3.65
N SER F 267 28.69 11.29 2.69
CA SER F 267 27.60 10.33 2.87
C SER F 267 28.10 8.89 2.93
N LEU F 268 29.05 8.53 2.06
CA LEU F 268 29.51 7.12 2.04
C LEU F 268 30.11 6.71 3.38
N LEU F 269 30.89 7.58 4.02
CA LEU F 269 31.48 7.24 5.30
C LEU F 269 30.55 7.49 6.48
N ALA F 270 29.57 8.37 6.33
CA ALA F 270 28.59 8.57 7.38
C ALA F 270 27.95 7.24 7.76
N GLY F 271 27.64 7.08 9.04
CA GLY F 271 27.04 5.85 9.53
C GLY F 271 28.01 4.71 9.76
N THR F 272 29.30 4.88 9.44
CA THR F 272 30.25 3.83 9.79
C THR F 272 30.49 3.84 11.28
N GLU F 273 30.99 2.71 11.78
CA GLU F 273 31.29 2.64 13.20
C GLU F 273 32.21 3.77 13.64
N GLU F 274 33.10 4.23 12.77
CA GLU F 274 34.12 5.18 13.16
C GLU F 274 33.65 6.62 13.13
N ALA F 275 32.49 6.88 12.55
CA ALA F 275 32.05 8.26 12.46
C ALA F 275 31.47 8.75 13.78
N PRO F 276 31.56 10.04 14.05
CA PRO F 276 30.98 10.58 15.28
C PRO F 276 29.53 10.16 15.45
N GLY F 277 29.11 10.02 16.69
CA GLY F 277 27.70 9.83 16.96
C GLY F 277 27.39 8.46 17.52
N GLU F 278 26.32 8.39 18.30
CA GLU F 278 25.81 7.13 18.81
C GLU F 278 24.94 6.46 17.75
N VAL F 279 24.93 5.14 17.77
CA VAL F 279 24.04 4.39 16.90
C VAL F 279 22.68 4.30 17.57
N GLU F 280 21.62 4.49 16.78
CA GLU F 280 20.27 4.54 17.33
C GLU F 280 19.42 3.42 16.74
N PHE F 281 18.39 3.05 17.50
CA PHE F 281 17.44 2.04 17.08
C PHE F 281 16.16 2.72 16.63
N PHE F 282 15.45 2.06 15.72
CA PHE F 282 14.20 2.62 15.18
C PHE F 282 13.56 1.64 14.21
N GLN F 283 12.65 0.81 14.71
CA GLN F 283 11.88 -0.10 13.86
C GLN F 283 12.76 -1.26 13.37
N GLY F 284 13.49 -1.86 14.30
CA GLY F 284 14.29 -3.02 13.99
C GLY F 284 15.52 -2.75 13.15
N ARG F 285 15.81 -1.50 12.83
CA ARG F 285 16.96 -1.12 12.04
C ARG F 285 17.88 -0.20 12.85
N TYR F 286 19.10 -0.04 12.35
CA TYR F 286 20.14 0.69 13.07
C TYR F 286 20.65 1.85 12.24
N TYR F 287 20.75 3.02 12.87
CA TYR F 287 21.00 4.27 12.16
C TYR F 287 22.12 5.05 12.84
N LYS F 288 22.62 6.06 12.12
CA LYS F 288 23.39 7.15 12.71
C LYS F 288 22.93 8.45 12.07
N ALA F 289 23.22 9.57 12.74
CA ALA F 289 22.80 10.86 12.24
C ALA F 289 23.73 11.31 11.13
N TYR F 290 23.16 11.96 10.11
CA TYR F 290 23.95 12.59 9.06
C TYR F 290 23.29 13.90 8.66
N ARG F 291 24.05 14.99 8.68
CA ARG F 291 23.49 16.31 8.46
C ARG F 291 24.57 17.22 7.86
N GLY F 292 24.13 18.15 7.03
CA GLY F 292 25.06 19.11 6.48
C GLY F 292 25.47 20.16 7.50
N MET F 293 26.62 20.78 7.26
CA MET F 293 27.12 21.84 8.13
C MET F 293 26.34 23.15 7.95
N GLY F 294 25.36 23.17 7.05
CA GLY F 294 24.48 24.30 6.86
C GLY F 294 23.04 23.91 7.11
N SER F 295 22.85 22.83 7.86
CA SER F 295 21.51 22.49 8.32
C SER F 295 21.18 23.29 9.58
N LEU F 296 19.89 23.29 9.92
CA LEU F 296 19.46 24.04 11.09
C LEU F 296 20.22 23.59 12.34
N GLY F 297 20.20 22.28 12.61
CA GLY F 297 20.81 21.78 13.83
C GLY F 297 22.30 21.97 13.91
N ALA F 298 23.00 21.90 12.76
CA ALA F 298 24.44 22.09 12.81
C ALA F 298 24.79 23.55 13.06
N MET F 299 23.95 24.46 12.57
CA MET F 299 24.21 25.88 12.73
C MET F 299 23.68 26.44 14.05
N ALA F 300 22.78 25.72 14.72
CA ALA F 300 22.21 26.16 15.99
C ALA F 300 22.81 25.42 17.18
N LYS F 319 22.49 34.94 10.68
CA LYS F 319 21.14 34.40 10.55
C LYS F 319 20.88 33.84 9.14
N LEU F 320 21.78 32.98 8.64
CA LEU F 320 21.65 32.47 7.29
C LEU F 320 20.51 31.45 7.21
N VAL F 321 19.72 31.56 6.14
CA VAL F 321 18.79 30.50 5.77
C VAL F 321 19.58 29.19 5.67
N PRO F 322 19.05 28.09 6.17
CA PRO F 322 19.75 26.81 6.05
C PRO F 322 19.95 26.44 4.58
N GLU F 323 21.05 25.71 4.31
CA GLU F 323 21.32 25.17 2.99
C GLU F 323 21.68 23.69 3.04
N GLY F 324 21.23 22.97 4.07
CA GLY F 324 21.46 21.53 4.15
C GLY F 324 20.38 20.88 4.98
N ILE F 325 20.25 19.57 4.82
CA ILE F 325 19.22 18.81 5.51
C ILE F 325 19.83 18.02 6.66
N GLU F 326 18.96 17.46 7.50
CA GLU F 326 19.32 16.70 8.70
C GLU F 326 18.58 15.38 8.67
N GLY F 327 19.30 14.28 8.76
CA GLY F 327 18.64 12.99 8.75
C GLY F 327 19.46 11.91 9.41
N ARG F 328 19.01 10.67 9.23
CA ARG F 328 19.69 9.46 9.67
C ARG F 328 20.08 8.65 8.45
N VAL F 329 21.21 7.97 8.55
CA VAL F 329 21.59 7.00 7.51
C VAL F 329 21.84 5.66 8.18
N PRO F 330 21.67 4.55 7.46
CA PRO F 330 21.90 3.23 8.05
C PRO F 330 23.31 3.10 8.63
N TYR F 331 23.39 2.42 9.77
CA TYR F 331 24.67 1.96 10.27
C TYR F 331 25.30 1.03 9.23
N LYS F 332 26.59 1.25 8.95
CA LYS F 332 27.29 0.51 7.91
C LYS F 332 28.40 -0.38 8.45
N GLY F 333 28.51 -0.52 9.77
CA GLY F 333 29.58 -1.29 10.36
C GLY F 333 30.90 -0.61 10.10
N PRO F 334 32.01 -1.32 10.28
CA PRO F 334 33.32 -0.68 10.17
C PRO F 334 33.49 -0.02 8.81
N MET F 335 34.37 1.00 8.79
CA MET F 335 34.54 1.77 7.57
C MET F 335 35.50 1.10 6.59
N GLY F 336 36.44 0.29 7.06
CA GLY F 336 37.40 -0.35 6.16
C GLY F 336 36.71 -1.15 5.06
N ASN F 337 35.59 -1.76 5.39
CA ASN F 337 34.77 -2.44 4.37
C ASN F 337 34.45 -1.49 3.22
N ILE F 338 33.84 -0.34 3.55
CA ILE F 338 33.46 0.63 2.51
C ILE F 338 34.66 1.00 1.68
N VAL F 339 35.72 1.48 2.34
CA VAL F 339 36.93 1.91 1.66
C VAL F 339 37.43 0.84 0.70
N HIS F 340 37.51 -0.40 1.16
N HIS F 340 37.54 -0.40 1.19
CA HIS F 340 38.04 -1.44 0.29
CA HIS F 340 38.00 -1.50 0.34
C HIS F 340 37.09 -1.73 -0.87
C HIS F 340 37.08 -1.66 -0.87
N GLN F 341 35.78 -1.76 -0.61
CA GLN F 341 34.82 -1.88 -1.72
C GLN F 341 35.00 -0.72 -2.71
N MET F 342 35.13 0.51 -2.20
CA MET F 342 35.28 1.67 -3.08
C MET F 342 36.52 1.53 -3.97
N MET F 343 37.65 1.19 -3.38
CA MET F 343 38.89 1.11 -4.14
C MET F 343 38.93 -0.10 -5.08
N GLY F 344 38.18 -1.16 -4.78
CA GLY F 344 38.04 -2.24 -5.74
C GLY F 344 37.41 -1.79 -7.04
N GLY F 345 36.37 -0.94 -6.93
CA GLY F 345 35.73 -0.43 -8.13
C GLY F 345 36.65 0.49 -8.92
N LEU F 346 37.33 1.41 -8.23
CA LEU F 346 38.30 2.28 -8.89
C LEU F 346 39.37 1.45 -9.58
N ARG F 347 39.77 0.35 -8.94
CA ARG F 347 40.72 -0.60 -9.56
C ARG F 347 40.15 -1.17 -10.84
N SER F 348 38.97 -1.79 -10.74
CA SER F 348 38.31 -2.30 -11.93
C SER F 348 38.27 -1.26 -13.04
N SER F 349 37.98 0.01 -12.70
N SER F 349 38.00 0.01 -12.69
CA SER F 349 37.96 1.05 -13.72
CA SER F 349 37.96 1.06 -13.70
C SER F 349 39.34 1.25 -14.34
C SER F 349 39.33 1.28 -14.34
N MET F 350 40.38 1.33 -13.52
CA MET F 350 41.70 1.57 -14.06
C MET F 350 42.19 0.40 -14.89
N GLY F 351 41.68 -0.81 -14.60
CA GLY F 351 41.89 -1.92 -15.52
C GLY F 351 41.23 -1.68 -16.87
N TYR F 352 39.96 -1.27 -16.87
CA TYR F 352 39.23 -1.09 -18.13
C TYR F 352 39.86 -0.01 -18.99
N THR F 353 40.52 0.95 -18.34
CA THR F 353 41.07 2.11 -19.02
C THR F 353 42.56 1.96 -19.31
N GLY F 354 43.15 0.82 -18.98
CA GLY F 354 44.58 0.67 -19.14
C GLY F 354 45.38 1.67 -18.32
N SER F 355 44.94 1.97 -17.11
CA SER F 355 45.60 2.98 -16.29
C SER F 355 46.29 2.28 -15.12
N ALA F 356 47.63 2.23 -15.20
CA ALA F 356 48.42 1.54 -14.19
C ALA F 356 48.66 2.41 -12.97
N VAL F 357 48.69 3.75 -13.13
CA VAL F 357 48.68 4.70 -12.03
C VAL F 357 47.57 5.72 -12.23
N ILE F 358 47.27 6.43 -11.13
CA ILE F 358 46.27 7.51 -11.11
C ILE F 358 46.53 8.49 -12.23
N GLU F 359 47.80 8.86 -12.42
CA GLU F 359 48.10 9.92 -13.37
C GLU F 359 47.74 9.50 -14.79
N ASP F 360 47.79 8.21 -15.07
CA ASP F 360 47.33 7.70 -16.36
C ASP F 360 45.84 7.96 -16.57
N LEU F 361 45.03 7.61 -15.58
CA LEU F 361 43.59 7.84 -15.69
C LEU F 361 43.28 9.32 -15.84
N ARG F 362 43.99 10.18 -15.10
CA ARG F 362 43.70 11.61 -15.19
C ARG F 362 43.98 12.13 -16.60
N GLN F 363 44.90 11.52 -17.32
CA GLN F 363 45.38 12.09 -18.58
C GLN F 363 44.81 11.41 -19.81
N ASN F 364 44.39 10.16 -19.70
CA ASN F 364 43.98 9.38 -20.86
C ASN F 364 42.50 9.06 -20.87
N ALA F 365 41.79 9.24 -19.76
CA ALA F 365 40.36 8.99 -19.69
C ALA F 365 39.63 9.64 -20.84
N LYS F 366 38.77 8.85 -21.50
CA LYS F 366 37.84 9.34 -22.50
C LYS F 366 36.41 9.00 -22.08
N PHE F 367 35.52 9.97 -22.22
CA PHE F 367 34.13 9.82 -21.81
C PHE F 367 33.24 9.81 -23.03
N VAL F 368 32.03 9.30 -22.83
CA VAL F 368 30.91 9.55 -23.72
C VAL F 368 29.82 10.14 -22.86
N LYS F 369 29.01 11.01 -23.47
CA LYS F 369 27.82 11.57 -22.85
C LYS F 369 26.62 10.72 -23.21
N ILE F 370 25.84 10.32 -22.19
CA ILE F 370 24.68 9.46 -22.39
C ILE F 370 23.40 10.23 -22.07
N THR F 371 22.26 9.66 -22.51
CA THR F 371 20.95 10.29 -22.36
C THR F 371 20.28 9.84 -21.07
N SER F 372 19.08 10.36 -20.85
CA SER F 372 18.23 9.83 -19.80
C SER F 372 18.10 8.31 -19.91
N ALA F 373 17.89 7.81 -21.13
CA ALA F 373 17.60 6.38 -21.31
C ALA F 373 18.70 5.53 -20.70
N GLY F 374 19.93 5.71 -21.16
CA GLY F 374 21.08 5.05 -20.55
C GLY F 374 21.49 5.68 -19.23
N SER G 16 11.85 20.86 -44.49
CA SER G 16 11.03 20.86 -43.28
C SER G 16 10.44 22.25 -43.00
N MET G 17 9.11 22.30 -42.88
CA MET G 17 8.40 23.54 -42.64
C MET G 17 8.19 23.86 -41.16
N LEU G 18 8.48 22.92 -40.26
CA LEU G 18 8.25 23.12 -38.84
C LEU G 18 9.12 24.26 -38.30
N THR G 19 8.48 25.28 -37.75
CA THR G 19 9.13 26.52 -37.36
C THR G 19 9.41 26.48 -35.87
N ILE G 20 10.57 25.93 -35.50
CA ILE G 20 11.00 25.79 -34.12
C ILE G 20 11.85 27.01 -33.77
N VAL G 21 11.32 27.90 -32.92
CA VAL G 21 11.99 29.17 -32.64
C VAL G 21 13.21 28.95 -31.75
N GLN G 22 13.20 27.93 -30.90
CA GLN G 22 14.34 27.64 -30.04
C GLN G 22 13.97 26.48 -29.12
N GLU G 23 14.98 25.96 -28.42
CA GLU G 23 14.76 25.14 -27.23
C GLU G 23 14.65 26.09 -26.04
N ALA G 24 13.53 26.00 -25.32
CA ALA G 24 13.16 27.00 -24.35
C ALA G 24 13.28 26.40 -22.96
N LEU G 25 13.78 27.19 -22.01
CA LEU G 25 14.23 26.70 -20.73
C LEU G 25 13.30 27.16 -19.61
N THR G 26 13.03 26.24 -18.68
CA THR G 26 12.33 26.55 -17.44
C THR G 26 13.31 26.54 -16.28
N PHE G 27 12.85 26.95 -15.10
CA PHE G 27 13.73 27.12 -13.95
C PHE G 27 14.61 25.89 -13.74
N ASP G 28 14.01 24.69 -13.83
CA ASP G 28 14.72 23.44 -13.53
C ASP G 28 15.79 23.12 -14.55
N ASP G 29 15.82 23.83 -15.66
CA ASP G 29 16.76 23.49 -16.72
C ASP G 29 18.13 24.11 -16.55
N VAL G 30 18.31 25.06 -15.62
CA VAL G 30 19.56 25.82 -15.49
C VAL G 30 19.93 26.05 -14.03
N LEU G 31 21.20 26.40 -13.81
CA LEU G 31 21.70 26.83 -12.52
C LEU G 31 22.48 28.14 -12.65
N LEU G 32 22.45 28.94 -11.59
CA LEU G 32 23.30 30.11 -11.47
C LEU G 32 24.72 29.69 -11.08
N LEU G 33 25.71 30.24 -11.77
CA LEU G 33 27.10 29.92 -11.47
C LEU G 33 27.60 30.83 -10.37
N PRO G 34 28.30 30.31 -9.36
CA PRO G 34 28.87 31.19 -8.35
C PRO G 34 29.98 32.02 -8.97
N ALA G 35 30.18 33.21 -8.42
CA ALA G 35 31.19 34.11 -8.97
C ALA G 35 31.94 34.79 -7.83
N TYR G 36 33.02 35.47 -8.18
CA TYR G 36 33.77 36.23 -7.19
C TYR G 36 32.87 37.21 -6.44
N SER G 37 32.89 37.14 -5.11
CA SER G 37 32.01 37.95 -4.27
C SER G 37 32.78 38.64 -3.15
N THR G 38 32.44 39.90 -2.90
CA THR G 38 32.88 40.62 -1.72
C THR G 38 31.68 41.11 -0.91
N VAL G 39 30.57 40.36 -0.95
CA VAL G 39 29.38 40.69 -0.16
C VAL G 39 28.76 39.41 0.37
N LEU G 40 28.25 39.47 1.60
CA LEU G 40 27.55 38.52 2.47
C LEU G 40 26.05 38.67 2.34
N PRO G 41 25.34 37.56 2.27
CA PRO G 41 23.88 37.61 2.20
C PRO G 41 23.25 38.69 3.09
N LYS G 42 23.79 38.87 4.30
CA LYS G 42 23.22 39.84 5.23
C LYS G 42 23.23 41.26 4.68
N ASP G 43 24.24 41.63 3.89
CA ASP G 43 24.41 43.01 3.45
C ASP G 43 23.88 43.29 2.04
N VAL G 44 23.23 42.33 1.38
CA VAL G 44 22.73 42.61 0.03
C VAL G 44 21.45 43.43 0.13
N SER G 45 21.15 44.20 -0.91
CA SER G 45 19.91 44.97 -0.99
C SER G 45 18.92 44.28 -1.92
N LEU G 46 17.72 44.00 -1.40
CA LEU G 46 16.65 43.43 -2.20
C LEU G 46 15.75 44.47 -2.87
N LYS G 47 16.14 45.75 -2.90
CA LYS G 47 15.28 46.81 -3.42
C LYS G 47 15.24 46.76 -4.96
N THR G 48 14.09 47.07 -5.55
CA THR G 48 13.90 46.90 -7.00
C THR G 48 12.64 47.63 -7.44
N ARG G 49 12.43 47.75 -8.76
CA ARG G 49 11.26 48.46 -9.31
C ARG G 49 10.16 47.48 -9.71
N LEU G 50 8.97 47.72 -9.17
CA LEU G 50 7.78 47.08 -9.71
C LEU G 50 7.42 47.65 -11.07
N THR G 51 7.37 48.96 -11.19
CA THR G 51 7.05 49.62 -12.45
C THR G 51 8.12 50.66 -12.72
N ARG G 52 7.96 51.39 -13.83
CA ARG G 52 8.97 52.41 -14.06
C ARG G 52 8.85 53.57 -13.09
N GLY G 53 7.70 53.68 -12.39
CA GLY G 53 7.57 54.68 -11.36
C GLY G 53 7.65 54.20 -9.91
N ILE G 54 7.27 52.95 -9.65
CA ILE G 54 7.12 52.46 -8.28
C ILE G 54 8.27 51.53 -7.94
N TYR G 55 8.89 51.75 -6.78
CA TYR G 55 9.94 50.89 -6.28
C TYR G 55 9.43 50.03 -5.14
N LEU G 56 9.99 48.83 -5.02
CA LEU G 56 9.69 47.93 -3.93
C LEU G 56 10.95 47.73 -3.11
N ASN G 57 10.77 47.37 -1.83
CA ASN G 57 11.92 47.02 -1.02
C ASN G 57 12.26 45.54 -1.10
N ILE G 58 11.33 44.71 -1.57
CA ILE G 58 11.61 43.33 -1.94
C ILE G 58 10.92 43.02 -3.26
N PRO G 59 11.48 42.12 -4.04
CA PRO G 59 10.94 41.81 -5.36
C PRO G 59 9.80 40.79 -5.36
N LEU G 60 8.83 40.99 -4.48
CA LEU G 60 7.77 40.00 -4.25
C LEU G 60 6.41 40.66 -4.45
N VAL G 61 5.59 40.07 -5.32
CA VAL G 61 4.26 40.59 -5.65
C VAL G 61 3.28 39.43 -5.50
N SER G 62 2.19 39.67 -4.78
CA SER G 62 1.22 38.60 -4.53
C SER G 62 0.20 38.56 -5.66
N ALA G 63 -0.19 37.34 -6.04
CA ALA G 63 -0.93 37.12 -7.28
C ALA G 63 -2.38 37.63 -7.19
N ALA G 64 -2.89 38.15 -8.30
CA ALA G 64 -4.25 38.70 -8.36
C ALA G 64 -5.25 37.55 -8.53
N MET G 65 -5.46 36.83 -7.44
CA MET G 65 -6.25 35.62 -7.45
C MET G 65 -7.18 35.60 -6.24
N ASP G 66 -8.42 35.13 -6.44
CA ASP G 66 -9.35 35.25 -5.31
C ASP G 66 -9.04 34.30 -4.18
N THR G 67 -7.93 33.57 -4.29
CA THR G 67 -7.45 32.73 -3.19
C THR G 67 -6.10 33.19 -2.67
N VAL G 68 -5.62 34.36 -3.08
CA VAL G 68 -4.30 34.83 -2.67
C VAL G 68 -4.36 36.24 -2.10
N THR G 69 -4.86 37.19 -2.88
CA THR G 69 -4.72 38.61 -2.55
C THR G 69 -6.08 39.31 -2.45
N GLU G 70 -6.52 39.56 -1.22
CA GLU G 70 -7.46 40.61 -0.89
C GLU G 70 -6.78 41.53 0.11
N SER G 71 -7.52 42.54 0.60
CA SER G 71 -6.87 43.60 1.38
C SER G 71 -6.00 43.05 2.50
N ARG G 72 -6.49 42.06 3.26
CA ARG G 72 -5.71 41.52 4.36
C ARG G 72 -4.32 41.06 3.89
N MET G 73 -4.26 40.46 2.69
CA MET G 73 -2.97 39.97 2.18
C MET G 73 -2.15 41.09 1.54
N ALA G 74 -2.79 42.03 0.85
CA ALA G 74 -2.05 43.12 0.23
C ALA G 74 -1.42 44.05 1.25
N ILE G 75 -1.96 44.08 2.47
CA ILE G 75 -1.36 44.88 3.53
C ILE G 75 -0.11 44.19 4.07
N ALA G 76 -0.22 42.89 4.32
CA ALA G 76 0.97 42.12 4.68
C ALA G 76 2.06 42.30 3.64
N MET G 77 1.73 42.08 2.37
CA MET G 77 2.69 42.27 1.29
C MET G 77 3.42 43.60 1.43
N ALA G 78 2.67 44.70 1.53
CA ALA G 78 3.29 46.02 1.59
C ALA G 78 4.08 46.23 2.87
N GLN G 79 3.56 45.70 4.00
CA GLN G 79 4.29 45.83 5.25
C GLN G 79 5.65 45.17 5.17
N ASN G 80 5.80 44.12 4.34
CA ASN G 80 7.06 43.40 4.16
C ASN G 80 7.89 43.98 3.02
N GLY G 81 7.48 45.11 2.44
CA GLY G 81 8.27 45.79 1.44
C GLY G 81 7.92 45.46 0.02
N GLY G 82 6.90 44.63 -0.20
CA GLY G 82 6.41 44.36 -1.54
C GLY G 82 5.01 44.90 -1.75
N ILE G 83 4.22 44.23 -2.58
CA ILE G 83 2.93 44.75 -3.02
C ILE G 83 2.03 43.58 -3.38
N GLY G 84 0.74 43.76 -3.18
CA GLY G 84 -0.25 42.80 -3.62
C GLY G 84 -1.14 43.39 -4.69
N ILE G 85 -1.60 42.55 -5.61
CA ILE G 85 -2.54 42.96 -6.65
C ILE G 85 -3.88 42.37 -6.30
N LEU G 86 -4.84 43.22 -5.95
CA LEU G 86 -6.18 42.77 -5.60
C LEU G 86 -6.86 42.15 -6.82
N HIS G 87 -7.52 41.02 -6.60
CA HIS G 87 -8.16 40.32 -7.70
C HIS G 87 -9.46 41.00 -8.08
N LYS G 88 -9.85 40.82 -9.35
CA LYS G 88 -10.98 41.51 -9.93
C LYS G 88 -12.24 40.66 -9.93
N ASN G 89 -12.29 39.62 -9.12
CA ASN G 89 -13.45 38.73 -9.06
C ASN G 89 -14.45 39.22 -8.00
N MET G 90 -14.84 40.48 -8.16
CA MET G 90 -15.80 41.14 -7.28
C MET G 90 -16.28 42.38 -8.01
N ASP G 91 -17.41 42.94 -7.56
CA ASP G 91 -17.92 44.13 -8.24
C ASP G 91 -17.05 45.35 -7.92
N ILE G 92 -17.21 46.38 -8.75
CA ILE G 92 -16.37 47.57 -8.67
C ILE G 92 -16.35 48.12 -7.25
N ALA G 93 -17.54 48.32 -6.66
CA ALA G 93 -17.60 48.88 -5.31
C ALA G 93 -16.77 48.08 -4.34
N ALA G 94 -16.85 46.75 -4.40
CA ALA G 94 -16.12 45.95 -3.43
C ALA G 94 -14.61 46.08 -3.61
N GLN G 95 -14.15 46.14 -4.86
CA GLN G 95 -12.71 46.24 -5.10
C GLN G 95 -12.20 47.61 -4.72
N ALA G 96 -12.99 48.66 -4.96
CA ALA G 96 -12.58 50.00 -4.56
C ALA G 96 -12.52 50.13 -3.05
N ALA G 97 -13.35 49.39 -2.32
CA ALA G 97 -13.26 49.36 -0.86
C ALA G 97 -11.97 48.69 -0.40
N GLU G 98 -11.60 47.58 -1.04
CA GLU G 98 -10.35 46.90 -0.70
C GLU G 98 -9.16 47.83 -0.88
N VAL G 99 -9.11 48.59 -1.99
CA VAL G 99 -8.05 49.57 -2.15
C VAL G 99 -8.04 50.54 -0.97
N ARG G 100 -9.20 51.15 -0.69
N ARG G 100 -9.20 51.12 -0.66
CA ARG G 100 -9.31 52.08 0.43
CA ARG G 100 -9.26 52.10 0.43
C ARG G 100 -8.82 51.44 1.73
C ARG G 100 -8.86 51.47 1.77
N ARG G 101 -9.33 50.25 2.05
CA ARG G 101 -8.90 49.54 3.25
C ARG G 101 -7.38 49.49 3.33
N VAL G 102 -6.73 49.18 2.21
CA VAL G 102 -5.27 49.16 2.21
C VAL G 102 -4.72 50.59 2.26
N LYS G 103 -5.30 51.50 1.47
CA LYS G 103 -4.78 52.85 1.37
C LYS G 103 -4.91 53.64 2.67
N LYS G 104 -5.81 53.26 3.56
CA LYS G 104 -6.05 54.00 4.79
C LYS G 104 -5.85 53.13 6.02
N PHE G 105 -4.88 52.23 5.97
CA PHE G 105 -4.55 51.36 7.09
C PHE G 105 -3.37 51.92 7.88
N GLU G 106 -3.41 51.72 9.20
CA GLU G 106 -2.31 52.10 10.09
C GLU G 106 -2.24 51.12 11.25
N ALA G 107 -1.05 50.94 11.79
CA ALA G 107 -0.81 50.14 12.98
C ALA G 107 -0.24 51.03 14.09
N GLY G 108 0.19 50.40 15.19
CA GLY G 108 0.70 51.13 16.35
C GLY G 108 2.21 51.30 16.43
N TYR G 113 7.55 47.48 11.16
CA TYR G 113 7.82 47.25 9.74
C TYR G 113 8.59 48.42 9.10
N PRO G 114 9.90 48.47 9.31
CA PRO G 114 10.69 49.56 8.68
C PRO G 114 10.86 49.40 7.18
N ASN G 115 10.55 48.24 6.61
CA ASN G 115 10.69 48.01 5.17
C ASN G 115 9.39 48.21 4.41
N SER G 116 8.35 48.73 5.07
CA SER G 116 7.08 49.03 4.44
C SER G 116 7.26 49.65 3.07
N CYS G 117 6.37 49.32 2.14
CA CYS G 117 6.36 49.93 0.81
C CYS G 117 5.21 50.94 0.76
N LYS G 118 5.53 52.22 0.55
CA LYS G 118 4.58 53.31 0.71
C LYS G 118 4.73 54.34 -0.41
N ASP G 119 3.63 55.05 -0.68
CA ASP G 119 3.60 56.10 -1.69
C ASP G 119 4.23 57.38 -1.15
N ASP G 120 4.02 58.49 -1.87
CA ASP G 120 4.54 59.78 -1.43
C ASP G 120 3.90 60.22 -0.12
N LEU G 121 2.63 59.90 0.07
CA LEU G 121 1.87 60.31 1.23
C LEU G 121 2.04 59.39 2.44
N GLY G 122 3.02 58.49 2.42
CA GLY G 122 3.20 57.56 3.53
C GLY G 122 2.18 56.45 3.61
N ARG G 123 1.44 56.19 2.53
CA ARG G 123 0.44 55.14 2.51
C ARG G 123 0.99 53.84 1.92
N LEU G 124 0.56 52.72 2.50
CA LEU G 124 0.91 51.44 1.92
C LEU G 124 0.54 51.44 0.44
N ARG G 125 1.46 50.95 -0.40
CA ARG G 125 1.12 50.78 -1.81
C ARG G 125 0.21 49.58 -2.00
N VAL G 126 -0.52 49.57 -3.11
CA VAL G 126 -1.38 48.44 -3.45
C VAL G 126 -1.64 48.50 -4.94
N GLY G 127 -2.06 47.37 -5.51
CA GLY G 127 -2.39 47.29 -6.91
C GLY G 127 -3.72 46.59 -7.10
N ALA G 128 -4.26 46.69 -8.31
CA ALA G 128 -5.57 46.12 -8.57
C ALA G 128 -5.61 45.61 -10.01
N ALA G 129 -6.21 44.42 -10.18
CA ALA G 129 -6.40 43.82 -11.50
C ALA G 129 -7.69 44.33 -12.14
N VAL G 130 -7.60 44.64 -13.44
CA VAL G 130 -8.80 44.86 -14.25
C VAL G 130 -8.71 44.00 -15.50
N GLY G 131 -9.85 43.82 -16.14
CA GLY G 131 -9.91 43.21 -17.45
C GLY G 131 -9.85 44.24 -18.55
N THR G 132 -10.41 43.87 -19.71
CA THR G 132 -10.46 44.74 -20.88
C THR G 132 -11.88 45.00 -21.36
N GLY G 133 -12.88 44.38 -20.73
CA GLY G 133 -14.26 44.41 -21.17
C GLY G 133 -15.04 45.67 -20.81
N ALA G 134 -16.37 45.52 -20.77
CA ALA G 134 -17.25 46.69 -20.81
C ALA G 134 -17.07 47.59 -19.59
N ASP G 135 -17.00 47.02 -18.39
CA ASP G 135 -16.95 47.78 -17.15
C ASP G 135 -15.52 48.18 -16.74
N THR G 136 -14.56 48.16 -17.67
CA THR G 136 -13.19 48.44 -17.28
C THR G 136 -12.99 49.95 -17.10
N PRO G 137 -13.61 50.78 -17.95
CA PRO G 137 -13.55 52.22 -17.65
C PRO G 137 -14.11 52.56 -16.28
N SER G 138 -15.31 52.07 -15.95
CA SER G 138 -15.87 52.33 -14.62
C SER G 138 -14.92 51.85 -13.52
N ARG G 139 -14.40 50.62 -13.66
CA ARG G 139 -13.56 50.04 -12.61
C ARG G 139 -12.26 50.83 -12.42
N VAL G 140 -11.57 51.13 -13.52
CA VAL G 140 -10.31 51.87 -13.44
C VAL G 140 -10.51 53.19 -12.68
N GLU G 141 -11.51 53.97 -13.08
CA GLU G 141 -11.77 55.23 -12.41
C GLU G 141 -12.02 55.03 -10.92
N ALA G 142 -13.00 54.19 -10.58
CA ALA G 142 -13.26 53.86 -9.19
C ALA G 142 -11.98 53.50 -8.44
N LEU G 143 -11.16 52.60 -9.01
CA LEU G 143 -9.94 52.18 -8.32
C LEU G 143 -8.95 53.33 -8.18
N VAL G 144 -8.77 54.11 -9.25
CA VAL G 144 -7.91 55.29 -9.18
C VAL G 144 -8.43 56.28 -8.14
N GLU G 145 -9.75 56.45 -8.07
CA GLU G 145 -10.32 57.40 -7.12
C GLU G 145 -10.12 56.93 -5.68
N ALA G 146 -10.04 55.61 -5.48
CA ALA G 146 -9.80 55.04 -4.17
C ALA G 146 -8.34 55.12 -3.75
N GLY G 147 -7.46 55.61 -4.62
CA GLY G 147 -6.05 55.75 -4.29
C GLY G 147 -5.15 54.59 -4.65
N VAL G 148 -5.54 53.78 -5.66
CA VAL G 148 -4.72 52.63 -6.07
C VAL G 148 -3.42 53.14 -6.70
N ASP G 149 -2.34 52.40 -6.47
CA ASP G 149 -1.04 52.81 -6.99
C ASP G 149 -0.76 52.33 -8.40
N VAL G 150 -1.33 51.19 -8.78
CA VAL G 150 -1.02 50.59 -10.08
C VAL G 150 -2.24 49.80 -10.54
N ILE G 151 -2.60 50.00 -11.80
CA ILE G 151 -3.63 49.19 -12.46
C ILE G 151 -2.93 48.04 -13.16
N VAL G 152 -3.42 46.82 -12.95
CA VAL G 152 -2.91 45.65 -13.67
C VAL G 152 -3.98 45.21 -14.67
N VAL G 153 -3.76 45.53 -15.95
CA VAL G 153 -4.59 45.00 -17.04
C VAL G 153 -4.18 43.56 -17.25
N ASP G 154 -4.83 42.64 -16.55
CA ASP G 154 -4.36 41.28 -16.37
C ASP G 154 -5.28 40.33 -17.10
N THR G 155 -4.78 39.76 -18.19
CA THR G 155 -5.54 38.82 -18.99
C THR G 155 -4.72 37.56 -19.23
N ALA G 156 -5.42 36.55 -19.72
CA ALA G 156 -4.77 35.33 -20.16
C ALA G 156 -3.79 35.60 -21.29
N HIS G 157 -4.09 36.56 -22.15
CA HIS G 157 -3.38 36.64 -23.42
C HIS G 157 -3.09 38.10 -23.72
N GLY G 158 -2.05 38.63 -23.08
CA GLY G 158 -1.77 40.05 -23.20
C GLY G 158 -1.35 40.50 -24.58
N HIS G 159 -0.95 39.58 -25.45
CA HIS G 159 -0.55 39.96 -26.80
C HIS G 159 -1.76 40.02 -27.73
N SER G 160 -2.69 40.91 -27.38
CA SER G 160 -3.94 41.04 -28.10
C SER G 160 -4.31 42.51 -28.21
N ALA G 161 -5.05 42.85 -29.26
CA ALA G 161 -5.47 44.23 -29.45
C ALA G 161 -6.23 44.75 -28.24
N GLY G 162 -7.11 43.91 -27.68
CA GLY G 162 -7.82 44.27 -26.46
C GLY G 162 -6.90 44.84 -25.40
N VAL G 163 -5.83 44.11 -25.06
CA VAL G 163 -4.97 44.49 -23.95
C VAL G 163 -4.08 45.65 -24.35
N ILE G 164 -3.53 45.61 -25.57
CA ILE G 164 -2.64 46.69 -26.00
C ILE G 164 -3.38 48.04 -25.95
N GLU G 165 -4.59 48.10 -26.50
CA GLU G 165 -5.31 49.37 -26.50
C GLU G 165 -5.91 49.74 -25.14
N ARG G 166 -6.14 48.77 -24.25
CA ARG G 166 -6.64 49.14 -22.93
C ARG G 166 -5.56 49.82 -22.09
N VAL G 167 -4.37 49.20 -21.99
CA VAL G 167 -3.32 49.88 -21.21
C VAL G 167 -2.96 51.21 -21.86
N ARG G 168 -3.11 51.35 -23.18
CA ARG G 168 -2.95 52.67 -23.80
C ARG G 168 -4.02 53.64 -23.30
N TRP G 169 -5.25 53.16 -23.19
CA TRP G 169 -6.35 53.98 -22.67
C TRP G 169 -6.10 54.38 -21.22
N VAL G 170 -5.59 53.45 -20.41
CA VAL G 170 -5.34 53.78 -19.01
C VAL G 170 -4.24 54.83 -18.91
N LYS G 171 -3.23 54.72 -19.76
CA LYS G 171 -2.12 55.67 -19.72
C LYS G 171 -2.55 57.06 -20.19
N GLN G 172 -3.27 57.14 -21.31
CA GLN G 172 -3.66 58.44 -21.82
C GLN G 172 -4.67 59.14 -20.90
N ASN G 173 -5.54 58.37 -20.23
CA ASN G 173 -6.57 58.99 -19.40
C ASN G 173 -6.16 59.18 -17.94
N PHE G 174 -5.45 58.23 -17.34
CA PHE G 174 -5.06 58.32 -15.94
C PHE G 174 -3.55 58.30 -15.81
N PRO G 175 -2.87 59.30 -16.40
CA PRO G 175 -1.40 59.36 -16.29
C PRO G 175 -0.91 59.42 -14.88
N GLN G 176 -1.76 59.80 -13.93
CA GLN G 176 -1.33 59.85 -12.54
C GLN G 176 -1.25 58.46 -11.91
N VAL G 177 -1.55 57.40 -12.65
CA VAL G 177 -1.47 56.04 -12.10
C VAL G 177 -0.49 55.23 -12.93
N GLN G 178 0.11 54.22 -12.28
CA GLN G 178 0.94 53.26 -13.00
C GLN G 178 0.06 52.17 -13.62
N VAL G 179 0.42 51.71 -14.80
CA VAL G 179 -0.31 50.64 -15.46
C VAL G 179 0.64 49.50 -15.84
N ILE G 180 0.18 48.27 -15.66
CA ILE G 180 0.89 47.09 -16.15
C ILE G 180 -0.02 46.30 -17.07
N GLY G 181 0.58 45.65 -18.07
CA GLY G 181 -0.15 44.82 -19.01
C GLY G 181 0.43 43.42 -19.10
N GLY G 182 -0.44 42.47 -19.43
CA GLY G 182 -0.02 41.08 -19.50
C GLY G 182 -1.22 40.18 -19.64
N ASN G 183 -0.97 38.88 -19.73
CA ASN G 183 0.37 38.29 -19.58
C ASN G 183 0.99 38.04 -20.93
N ILE G 184 2.33 38.13 -21.00
CA ILE G 184 3.07 37.94 -22.25
C ILE G 184 4.26 37.03 -22.03
N ALA G 185 4.76 36.48 -23.14
CA ALA G 185 5.89 35.56 -23.08
C ALA G 185 6.87 35.74 -24.24
N THR G 186 6.74 36.77 -25.06
CA THR G 186 7.67 36.99 -26.16
C THR G 186 8.12 38.45 -26.16
N GLY G 187 9.25 38.70 -26.82
CA GLY G 187 9.71 40.07 -26.95
C GLY G 187 8.73 40.91 -27.76
N ASP G 188 8.18 40.32 -28.83
CA ASP G 188 7.19 41.02 -29.64
C ASP G 188 6.04 41.52 -28.79
N ALA G 189 5.47 40.65 -27.95
CA ALA G 189 4.40 41.09 -27.07
C ALA G 189 4.88 42.23 -26.17
N ALA G 190 6.13 42.17 -25.71
CA ALA G 190 6.65 43.20 -24.80
C ALA G 190 6.83 44.52 -25.51
N LEU G 191 7.36 44.50 -26.74
CA LEU G 191 7.47 45.73 -27.51
C LEU G 191 6.10 46.36 -27.73
N ALA G 192 5.13 45.57 -28.18
CA ALA G 192 3.77 46.08 -28.32
C ALA G 192 3.35 46.85 -27.08
N LEU G 193 3.45 46.20 -25.91
CA LEU G 193 2.95 46.81 -24.69
C LEU G 193 3.80 48.02 -24.30
N LEU G 194 5.11 47.95 -24.48
CA LEU G 194 5.94 49.13 -24.24
C LEU G 194 5.47 50.28 -25.11
N ASP G 195 5.14 50.00 -26.37
CA ASP G 195 4.77 51.05 -27.30
C ASP G 195 3.39 51.62 -27.00
N ALA G 196 2.59 50.90 -26.21
CA ALA G 196 1.27 51.36 -25.81
C ALA G 196 1.32 52.31 -24.62
N GLY G 197 2.43 52.37 -23.90
CA GLY G 197 2.54 53.16 -22.69
C GLY G 197 2.65 52.38 -21.38
N ALA G 198 2.78 51.05 -21.44
CA ALA G 198 2.89 50.27 -20.22
C ALA G 198 4.03 50.77 -19.36
N ASP G 199 3.88 50.63 -18.04
CA ASP G 199 4.98 50.98 -17.14
C ASP G 199 5.74 49.76 -16.68
N ALA G 200 5.33 48.56 -17.10
CA ALA G 200 5.97 47.28 -16.87
C ALA G 200 5.11 46.22 -17.54
N VAL G 201 5.68 45.03 -17.71
CA VAL G 201 4.91 43.92 -18.27
C VAL G 201 4.97 42.75 -17.32
N LYS G 202 3.87 42.00 -17.25
CA LYS G 202 3.83 40.78 -16.48
C LYS G 202 4.03 39.61 -17.45
N VAL G 203 5.05 38.77 -17.18
CA VAL G 203 5.51 37.71 -18.07
C VAL G 203 5.09 36.36 -17.52
N GLY G 204 4.47 35.54 -18.37
CA GLY G 204 4.22 34.14 -18.05
C GLY G 204 2.96 33.58 -18.70
N ILE G 205 3.13 32.67 -19.67
CA ILE G 205 2.05 31.95 -20.32
C ILE G 205 2.30 30.46 -20.10
N GLY G 206 1.56 29.84 -19.18
CA GLY G 206 1.70 28.41 -18.96
C GLY G 206 2.48 27.92 -17.74
N PRO G 207 3.32 28.74 -17.11
CA PRO G 207 4.17 28.21 -16.03
C PRO G 207 3.50 28.18 -14.66
N GLY G 208 2.23 28.55 -14.52
CA GLY G 208 1.62 28.60 -13.20
C GLY G 208 1.34 27.23 -12.64
N SER G 209 1.37 27.14 -11.30
CA SER G 209 1.21 25.83 -10.66
C SER G 209 -0.16 25.22 -10.96
N ILE G 210 -1.21 26.04 -11.04
CA ILE G 210 -2.54 25.50 -11.28
C ILE G 210 -2.93 25.62 -12.76
N CYS G 211 -1.95 25.84 -13.64
CA CYS G 211 -2.19 26.05 -15.06
C CYS G 211 -2.38 24.73 -15.80
N THR G 212 -3.40 24.70 -16.68
CA THR G 212 -3.61 23.57 -17.59
C THR G 212 -3.68 24.03 -19.05
N THR G 213 -3.40 25.31 -19.30
CA THR G 213 -3.30 25.82 -20.66
C THR G 213 -2.37 24.97 -21.52
N ARG G 214 -1.27 24.47 -20.95
CA ARG G 214 -0.35 23.62 -21.72
C ARG G 214 -1.03 22.35 -22.22
N ILE G 215 -1.85 21.72 -21.38
CA ILE G 215 -2.57 20.51 -21.74
C ILE G 215 -3.76 20.83 -22.65
N VAL G 216 -4.44 21.95 -22.41
CA VAL G 216 -5.72 22.23 -23.06
C VAL G 216 -5.53 22.89 -24.43
N ALA G 217 -4.67 23.90 -24.51
CA ALA G 217 -4.39 24.61 -25.75
C ALA G 217 -3.06 24.21 -26.38
N GLY G 218 -2.20 23.50 -25.65
CA GLY G 218 -0.86 23.24 -26.15
C GLY G 218 -0.06 24.51 -26.32
N ILE G 219 -0.36 25.51 -25.50
CA ILE G 219 0.26 26.83 -25.57
C ILE G 219 1.16 26.99 -24.36
N GLY G 220 2.31 27.62 -24.55
CA GLY G 220 3.17 27.82 -23.39
C GLY G 220 4.58 28.21 -23.78
N MET G 221 5.28 28.78 -22.82
CA MET G 221 6.66 29.20 -23.01
C MET G 221 7.42 28.99 -21.72
N PRO G 222 8.44 28.12 -21.73
CA PRO G 222 9.26 27.93 -20.52
C PRO G 222 9.73 29.26 -19.92
N GLN G 223 9.54 29.40 -18.61
CA GLN G 223 9.54 30.72 -17.97
C GLN G 223 10.91 31.41 -18.05
N ILE G 224 12.01 30.67 -17.93
CA ILE G 224 13.32 31.30 -18.07
C ILE G 224 13.47 31.94 -19.44
N SER G 225 13.05 31.23 -20.50
CA SER G 225 13.15 31.78 -21.85
C SER G 225 12.11 32.86 -22.13
N ALA G 226 10.92 32.75 -21.53
CA ALA G 226 9.99 33.86 -21.58
C ALA G 226 10.63 35.12 -21.01
N ILE G 227 11.25 34.99 -19.82
CA ILE G 227 11.83 36.15 -19.17
C ILE G 227 13.00 36.69 -19.97
N ASP G 228 13.83 35.81 -20.52
CA ASP G 228 14.96 36.29 -21.29
C ASP G 228 14.50 36.99 -22.57
N SER G 229 13.46 36.44 -23.22
CA SER G 229 12.95 36.99 -24.49
C SER G 229 12.36 38.39 -24.28
N VAL G 230 11.56 38.55 -23.23
CA VAL G 230 10.99 39.87 -22.91
C VAL G 230 12.09 40.85 -22.50
N ALA G 231 12.93 40.47 -21.54
CA ALA G 231 13.96 41.39 -21.07
C ALA G 231 14.93 41.81 -22.17
N SER G 232 15.20 40.92 -23.14
CA SER G 232 16.12 41.27 -24.21
C SER G 232 15.54 42.34 -25.13
N ALA G 233 14.23 42.31 -25.36
CA ALA G 233 13.59 43.32 -26.19
C ALA G 233 13.42 44.64 -25.44
N LEU G 234 13.01 44.57 -24.17
CA LEU G 234 12.73 45.81 -23.45
C LEU G 234 14.00 46.61 -23.24
N LYS G 235 15.12 45.94 -22.99
CA LYS G 235 16.39 46.63 -22.84
C LYS G 235 16.35 47.58 -21.65
N ASP G 236 15.68 47.14 -20.58
CA ASP G 236 15.53 47.88 -19.33
C ASP G 236 14.65 49.13 -19.46
N GLN G 237 14.06 49.40 -20.63
CA GLN G 237 13.17 50.57 -20.75
C GLN G 237 12.02 50.49 -19.74
N ILE G 238 11.52 49.29 -19.47
CA ILE G 238 10.59 49.10 -18.36
C ILE G 238 10.84 47.75 -17.71
N PRO G 239 10.59 47.65 -16.40
CA PRO G 239 10.79 46.38 -15.70
C PRO G 239 9.75 45.36 -16.11
N LEU G 240 10.10 44.07 -15.98
CA LEU G 240 9.17 42.97 -16.19
C LEU G 240 8.97 42.20 -14.88
N ILE G 241 7.73 41.74 -14.66
CA ILE G 241 7.36 40.92 -13.51
C ILE G 241 7.28 39.47 -13.94
N ALA G 242 8.04 38.58 -13.30
CA ALA G 242 8.06 37.16 -13.64
C ALA G 242 6.97 36.45 -12.84
N ASP G 243 5.91 36.03 -13.52
CA ASP G 243 4.66 35.58 -12.91
C ASP G 243 4.40 34.13 -13.30
N GLY G 244 4.27 33.26 -12.31
CA GLY G 244 3.99 31.85 -12.45
C GLY G 244 5.22 30.98 -12.29
N GLY G 245 5.01 29.75 -11.81
CA GLY G 245 6.03 28.73 -11.77
C GLY G 245 7.04 28.83 -10.64
N ILE G 246 6.92 29.82 -9.75
CA ILE G 246 7.89 29.97 -8.66
C ILE G 246 7.54 28.98 -7.56
N ARG G 247 8.44 28.01 -7.33
CA ARG G 247 8.25 26.98 -6.31
C ARG G 247 9.17 27.14 -5.12
N PHE G 248 10.39 27.59 -5.38
CA PHE G 248 11.45 27.68 -4.39
C PHE G 248 12.05 29.07 -4.45
N SER G 249 12.77 29.45 -3.40
CA SER G 249 13.43 30.75 -3.45
C SER G 249 14.45 30.79 -4.60
N GLY G 250 15.13 29.67 -4.86
CA GLY G 250 16.06 29.64 -6.00
C GLY G 250 15.43 29.98 -7.34
N ASP G 251 14.13 29.70 -7.51
CA ASP G 251 13.48 30.11 -8.75
C ASP G 251 13.43 31.63 -8.88
N MET G 252 13.35 32.33 -7.75
CA MET G 252 13.36 33.79 -7.77
C MET G 252 14.68 34.32 -8.28
N ALA G 253 15.79 33.73 -7.81
CA ALA G 253 17.10 34.22 -8.21
C ALA G 253 17.35 33.97 -9.69
N LYS G 254 16.94 32.80 -10.19
CA LYS G 254 17.13 32.55 -11.62
C LYS G 254 16.28 33.51 -12.43
N ALA G 255 15.03 33.73 -12.00
CA ALA G 255 14.17 34.69 -12.69
C ALA G 255 14.82 36.07 -12.75
N ILE G 256 15.28 36.58 -11.59
CA ILE G 256 15.93 37.89 -11.60
C ILE G 256 17.19 37.83 -12.46
N GLY G 257 17.94 36.73 -12.34
CA GLY G 257 19.13 36.56 -13.16
C GLY G 257 18.81 36.55 -14.64
N ALA G 258 17.73 35.88 -15.02
CA ALA G 258 17.32 35.84 -16.42
C ALA G 258 16.70 37.14 -16.91
N GLY G 259 16.42 38.10 -16.02
CA GLY G 259 16.05 39.44 -16.42
C GLY G 259 14.89 40.08 -15.69
N ALA G 260 14.30 39.38 -14.72
CA ALA G 260 13.13 39.89 -14.03
C ALA G 260 13.50 41.00 -13.04
N SER G 261 12.52 41.85 -12.77
CA SER G 261 12.67 42.79 -11.70
C SER G 261 11.84 42.42 -10.48
N THR G 262 10.78 41.65 -10.68
CA THR G 262 9.95 41.17 -9.60
C THR G 262 9.41 39.79 -9.93
N ILE G 263 8.79 39.18 -8.94
CA ILE G 263 8.28 37.83 -9.03
C ILE G 263 6.88 37.87 -8.43
N MET G 264 5.88 37.47 -9.21
CA MET G 264 4.53 37.30 -8.70
C MET G 264 4.34 35.83 -8.35
N VAL G 265 3.74 35.57 -7.19
CA VAL G 265 3.56 34.21 -6.71
C VAL G 265 2.11 34.02 -6.25
N GLY G 266 1.56 32.85 -6.56
CA GLY G 266 0.28 32.44 -6.04
C GLY G 266 0.38 31.32 -5.03
N SER G 267 0.74 30.12 -5.48
N SER G 267 0.73 30.12 -5.51
CA SER G 267 0.71 28.97 -4.58
CA SER G 267 0.78 28.94 -4.65
C SER G 267 1.61 29.15 -3.36
C SER G 267 1.60 29.17 -3.38
N LEU G 268 2.75 29.84 -3.51
CA LEU G 268 3.61 30.04 -2.34
C LEU G 268 2.92 30.85 -1.25
N LEU G 269 1.99 31.75 -1.62
CA LEU G 269 1.27 32.52 -0.62
C LEU G 269 -0.11 31.96 -0.32
N ALA G 270 -0.63 31.09 -1.17
CA ALA G 270 -1.91 30.46 -0.91
C ALA G 270 -1.82 29.62 0.36
N GLY G 271 -2.94 29.56 1.09
CA GLY G 271 -2.98 28.82 2.32
C GLY G 271 -2.29 29.48 3.50
N THR G 272 -1.77 30.70 3.34
CA THR G 272 -1.29 31.39 4.52
C THR G 272 -2.47 32.01 5.26
N GLU G 273 -2.19 32.49 6.48
CA GLU G 273 -3.27 33.04 7.30
C GLU G 273 -3.90 34.27 6.67
N GLU G 274 -3.13 35.06 5.93
CA GLU G 274 -3.59 36.33 5.41
C GLU G 274 -4.28 36.23 4.06
N ALA G 275 -4.34 35.04 3.47
CA ALA G 275 -5.00 34.88 2.19
C ALA G 275 -6.51 34.69 2.39
N PRO G 276 -7.31 34.97 1.35
CA PRO G 276 -8.76 34.78 1.46
C PRO G 276 -9.11 33.35 1.87
N GLY G 277 -10.28 33.22 2.49
CA GLY G 277 -10.88 31.92 2.71
C GLY G 277 -10.73 31.44 4.14
N GLU G 278 -11.44 30.36 4.43
CA GLU G 278 -11.50 29.75 5.76
C GLU G 278 -10.65 28.49 5.80
N VAL G 279 -9.96 28.28 6.93
CA VAL G 279 -9.23 27.03 7.12
C VAL G 279 -10.20 25.89 7.28
N GLU G 280 -10.03 24.84 6.48
CA GLU G 280 -10.87 23.67 6.55
C GLU G 280 -10.09 22.51 7.15
N PHE G 281 -10.79 21.61 7.84
CA PHE G 281 -10.17 20.44 8.45
C PHE G 281 -10.51 19.22 7.62
N PHE G 282 -9.55 18.30 7.52
CA PHE G 282 -9.74 17.12 6.67
C PHE G 282 -8.70 16.07 7.06
N GLN G 283 -9.14 15.06 7.81
CA GLN G 283 -8.29 13.93 8.14
C GLN G 283 -7.01 14.41 8.85
N GLY G 284 -7.20 15.26 9.85
CA GLY G 284 -6.11 15.66 10.73
C GLY G 284 -5.23 16.80 10.26
N ARG G 285 -5.35 17.24 9.01
CA ARG G 285 -4.54 18.32 8.48
C ARG G 285 -5.40 19.57 8.26
N TYR G 286 -4.73 20.71 8.13
CA TYR G 286 -5.39 21.98 7.88
C TYR G 286 -5.08 22.45 6.47
N TYR G 287 -6.09 22.98 5.79
CA TYR G 287 -5.99 23.37 4.38
C TYR G 287 -6.71 24.69 4.14
N LYS G 288 -6.41 25.29 2.99
CA LYS G 288 -7.19 26.36 2.40
C LYS G 288 -7.41 26.06 0.92
N ALA G 289 -8.15 26.94 0.25
CA ALA G 289 -8.45 26.78 -1.16
C ALA G 289 -7.39 27.49 -2.01
N TYR G 290 -6.92 26.80 -3.04
CA TYR G 290 -6.13 27.40 -4.09
C TYR G 290 -6.71 26.96 -5.42
N ARG G 291 -7.07 27.91 -6.27
CA ARG G 291 -7.70 27.58 -7.54
C ARG G 291 -7.35 28.67 -8.55
N GLY G 292 -7.24 28.27 -9.81
CA GLY G 292 -6.92 29.23 -10.85
C GLY G 292 -8.10 30.12 -11.16
N MET G 293 -7.80 31.28 -11.77
CA MET G 293 -8.87 32.16 -12.23
C MET G 293 -9.53 31.65 -13.50
N GLY G 294 -8.96 30.63 -14.13
CA GLY G 294 -9.57 29.90 -15.23
C GLY G 294 -10.15 28.57 -14.82
N SER G 295 -10.25 28.28 -13.53
CA SER G 295 -10.85 27.03 -13.10
C SER G 295 -12.37 27.08 -13.28
N LEU G 296 -12.99 25.92 -13.18
CA LEU G 296 -14.44 25.84 -13.29
C LEU G 296 -15.12 26.75 -12.26
N GLY G 297 -14.68 26.68 -11.01
CA GLY G 297 -15.34 27.44 -9.95
C GLY G 297 -15.08 28.94 -10.01
N ALA G 298 -13.85 29.34 -10.27
CA ALA G 298 -13.57 30.75 -10.41
C ALA G 298 -14.43 31.38 -11.50
N MET G 299 -14.78 30.61 -12.51
CA MET G 299 -15.56 31.14 -13.62
C MET G 299 -17.07 31.00 -13.40
N ALA G 300 -17.50 29.94 -12.74
CA ALA G 300 -18.91 29.78 -12.37
C ALA G 300 -19.20 30.42 -11.01
N LEU G 320 -15.94 29.12 -22.76
CA LEU G 320 -14.52 28.85 -22.45
C LEU G 320 -14.37 27.61 -21.58
N VAL G 321 -13.75 26.57 -22.13
CA VAL G 321 -13.40 25.40 -21.34
C VAL G 321 -12.37 25.84 -20.30
N PRO G 322 -12.39 25.24 -19.12
CA PRO G 322 -11.47 25.70 -18.06
C PRO G 322 -10.02 25.55 -18.46
N GLU G 323 -9.17 26.38 -17.82
CA GLU G 323 -7.71 26.32 -18.01
C GLU G 323 -6.96 26.34 -16.68
N GLY G 324 -7.64 26.05 -15.57
CA GLY G 324 -6.98 25.90 -14.29
C GLY G 324 -7.68 24.84 -13.47
N ILE G 325 -6.95 24.32 -12.48
CA ILE G 325 -7.53 23.38 -11.54
C ILE G 325 -7.92 24.13 -10.27
N GLU G 326 -8.78 23.48 -9.47
CA GLU G 326 -9.13 23.93 -8.14
C GLU G 326 -8.68 22.86 -7.16
N GLY G 327 -8.15 23.28 -6.02
CA GLY G 327 -7.63 22.33 -5.07
C GLY G 327 -7.50 22.93 -3.70
N ARG G 328 -6.85 22.17 -2.82
CA ARG G 328 -6.53 22.60 -1.47
C ARG G 328 -5.02 22.61 -1.30
N VAL G 329 -4.50 23.63 -0.65
CA VAL G 329 -3.08 23.63 -0.26
C VAL G 329 -3.02 23.62 1.26
N PRO G 330 -1.95 23.09 1.86
CA PRO G 330 -1.87 23.06 3.31
C PRO G 330 -1.81 24.46 3.88
N TYR G 331 -2.45 24.63 5.04
CA TYR G 331 -2.36 25.90 5.75
C TYR G 331 -0.92 26.13 6.21
N LYS G 332 -0.44 27.36 6.03
CA LYS G 332 0.98 27.65 6.18
C LYS G 332 1.31 28.62 7.30
N GLY G 333 0.32 29.05 8.07
CA GLY G 333 0.57 30.02 9.11
C GLY G 333 0.78 31.40 8.54
N PRO G 334 1.30 32.31 9.35
CA PRO G 334 1.47 33.70 8.89
C PRO G 334 2.39 33.78 7.67
N MET G 335 2.02 34.71 6.75
CA MET G 335 2.76 34.84 5.50
C MET G 335 4.14 35.42 5.73
N GLY G 336 4.32 36.17 6.81
CA GLY G 336 5.63 36.73 7.10
C GLY G 336 6.73 35.68 7.12
N ASN G 337 6.44 34.48 7.63
CA ASN G 337 7.44 33.43 7.65
C ASN G 337 7.88 33.07 6.24
N ILE G 338 6.91 32.87 5.33
CA ILE G 338 7.25 32.44 3.98
C ILE G 338 8.11 33.50 3.31
N VAL G 339 7.72 34.76 3.44
CA VAL G 339 8.44 35.84 2.77
C VAL G 339 9.88 35.90 3.27
N HIS G 340 10.09 35.83 4.58
N HIS G 340 10.06 35.86 4.58
CA HIS G 340 11.44 35.97 5.10
CA HIS G 340 11.40 35.93 5.16
C HIS G 340 12.31 34.77 4.71
C HIS G 340 12.27 34.78 4.65
N GLN G 341 11.72 33.57 4.64
CA GLN G 341 12.49 32.43 4.14
C GLN G 341 12.84 32.61 2.67
N MET G 342 11.89 33.07 1.85
CA MET G 342 12.17 33.29 0.43
C MET G 342 13.30 34.28 0.23
N MET G 343 13.27 35.40 0.95
CA MET G 343 14.27 36.45 0.75
C MET G 343 15.62 36.04 1.33
N GLY G 344 15.61 35.20 2.37
CA GLY G 344 16.86 34.62 2.82
C GLY G 344 17.54 33.83 1.71
N GLY G 345 16.76 33.07 0.95
CA GLY G 345 17.33 32.31 -0.15
C GLY G 345 17.90 33.22 -1.21
N LEU G 346 17.13 34.23 -1.62
CA LEU G 346 17.59 35.14 -2.65
C LEU G 346 18.81 35.92 -2.18
N ARG G 347 18.88 36.21 -0.87
CA ARG G 347 20.11 36.80 -0.31
C ARG G 347 21.30 35.86 -0.51
N SER G 348 21.16 34.62 -0.05
CA SER G 348 22.18 33.61 -0.25
C SER G 348 22.70 33.59 -1.69
N SER G 349 21.78 33.64 -2.67
N SER G 349 21.80 33.67 -2.69
CA SER G 349 22.19 33.56 -4.08
CA SER G 349 22.27 33.54 -4.06
C SER G 349 22.97 34.79 -4.51
C SER G 349 22.97 34.81 -4.53
N MET G 350 22.52 35.98 -4.10
CA MET G 350 23.25 37.20 -4.43
C MET G 350 24.60 37.22 -3.73
N GLY G 351 24.67 36.56 -2.57
CA GLY G 351 25.96 36.30 -1.98
C GLY G 351 26.83 35.45 -2.88
N TYR G 352 26.29 34.31 -3.36
CA TYR G 352 27.06 33.41 -4.21
C TYR G 352 27.47 34.09 -5.51
N THR G 353 26.69 35.07 -5.97
CA THR G 353 26.87 35.66 -7.29
C THR G 353 27.64 36.97 -7.29
N GLY G 354 28.12 37.43 -6.13
CA GLY G 354 28.74 38.75 -6.05
C GLY G 354 27.79 39.90 -6.33
N SER G 355 26.51 39.76 -6.00
CA SER G 355 25.51 40.76 -6.38
C SER G 355 25.07 41.54 -5.14
N ALA G 356 25.62 42.75 -4.99
CA ALA G 356 25.30 43.57 -3.83
C ALA G 356 23.91 44.22 -3.94
N VAL G 357 23.41 44.45 -5.16
CA VAL G 357 22.04 44.91 -5.40
C VAL G 357 21.40 44.08 -6.52
N ILE G 358 20.07 44.10 -6.54
CA ILE G 358 19.29 43.38 -7.55
C ILE G 358 19.89 43.60 -8.92
N GLU G 359 20.24 44.85 -9.22
CA GLU G 359 20.67 45.20 -10.57
C GLU G 359 21.99 44.53 -10.92
N ASP G 360 22.82 44.19 -9.94
CA ASP G 360 24.01 43.39 -10.22
C ASP G 360 23.63 41.98 -10.69
N LEU G 361 22.76 41.31 -9.92
CA LEU G 361 22.27 40.00 -10.30
C LEU G 361 21.64 40.01 -11.68
N ARG G 362 20.80 41.01 -12.00
CA ARG G 362 20.13 41.06 -13.30
C ARG G 362 21.13 41.18 -14.44
N GLN G 363 22.26 41.86 -14.22
CA GLN G 363 23.20 42.21 -15.28
C GLN G 363 24.39 41.26 -15.39
N ASN G 364 24.73 40.53 -14.33
CA ASN G 364 25.95 39.74 -14.26
C ASN G 364 25.71 38.25 -14.07
N ALA G 365 24.46 37.82 -13.97
CA ALA G 365 24.19 36.43 -13.70
C ALA G 365 24.71 35.60 -14.86
N LYS G 366 25.32 34.46 -14.51
CA LYS G 366 25.73 33.45 -15.48
C LYS G 366 25.07 32.12 -15.14
N PHE G 367 24.55 31.44 -16.16
CA PHE G 367 23.86 30.17 -16.01
C PHE G 367 24.61 29.06 -16.73
N VAL G 368 24.34 27.84 -16.30
CA VAL G 368 24.63 26.65 -17.09
C VAL G 368 23.33 25.90 -17.25
N LYS G 369 23.20 25.23 -18.39
CA LYS G 369 22.09 24.30 -18.63
C LYS G 369 22.50 22.93 -18.09
N ILE G 370 21.57 22.30 -17.36
CA ILE G 370 21.81 20.97 -16.80
C ILE G 370 20.86 19.98 -17.46
N THR G 371 21.22 18.69 -17.40
CA THR G 371 20.38 17.65 -17.97
C THR G 371 19.35 17.17 -16.96
N SER G 372 18.51 16.25 -17.40
CA SER G 372 17.64 15.51 -16.50
C SER G 372 18.43 14.90 -15.36
N ALA G 373 19.66 14.47 -15.63
CA ALA G 373 20.45 13.74 -14.64
C ALA G 373 20.72 14.56 -13.39
N GLY G 374 20.77 15.89 -13.51
CA GLY G 374 21.04 16.77 -12.38
C GLY G 374 19.97 17.80 -12.08
N SER H 16 31.83 7.01 -39.18
CA SER H 16 30.67 6.27 -38.68
C SER H 16 29.66 5.96 -39.79
N MET H 17 28.98 4.82 -39.65
CA MET H 17 28.03 4.36 -40.65
C MET H 17 26.57 4.52 -40.21
N LEU H 18 26.32 4.83 -38.95
CA LEU H 18 24.95 4.92 -38.45
C LEU H 18 24.26 6.13 -39.09
N THR H 19 23.04 5.92 -39.54
CA THR H 19 22.31 6.95 -40.29
C THR H 19 21.16 7.42 -39.38
N ILE H 20 21.33 8.60 -38.79
CA ILE H 20 20.33 9.19 -37.90
C ILE H 20 19.72 10.37 -38.66
N VAL H 21 18.52 10.14 -39.22
CA VAL H 21 17.93 11.12 -40.11
C VAL H 21 17.67 12.44 -39.39
N GLN H 22 17.32 12.39 -38.11
CA GLN H 22 17.10 13.61 -37.33
C GLN H 22 16.82 13.25 -35.88
N GLU H 23 16.77 14.27 -35.04
CA GLU H 23 16.12 14.17 -33.74
C GLU H 23 14.63 14.48 -33.93
N ALA H 24 13.79 13.53 -33.56
CA ALA H 24 12.40 13.54 -33.96
C ALA H 24 11.51 13.78 -32.74
N LEU H 25 10.44 14.55 -32.95
CA LEU H 25 9.65 15.13 -31.86
C LEU H 25 8.25 14.54 -31.83
N THR H 26 7.82 14.17 -30.63
CA THR H 26 6.43 13.87 -30.36
C THR H 26 5.75 15.07 -29.68
N PHE H 27 4.45 14.94 -29.41
CA PHE H 27 3.67 16.05 -28.91
C PHE H 27 4.26 16.65 -27.64
N ASP H 28 4.71 15.82 -26.72
CA ASP H 28 5.19 16.38 -25.46
C ASP H 28 6.53 17.09 -25.60
N ASP H 29 7.17 17.00 -26.76
CA ASP H 29 8.45 17.67 -26.93
C ASP H 29 8.31 19.13 -27.30
N VAL H 30 7.09 19.63 -27.57
CA VAL H 30 6.94 20.98 -28.10
C VAL H 30 5.76 21.71 -27.46
N LEU H 31 5.85 23.03 -27.51
CA LEU H 31 4.75 23.92 -27.14
C LEU H 31 4.52 24.94 -28.24
N LEU H 32 3.27 25.31 -28.43
CA LEU H 32 2.90 26.39 -29.33
C LEU H 32 3.14 27.73 -28.63
N LEU H 33 3.76 28.68 -29.35
CA LEU H 33 3.97 30.03 -28.83
C LEU H 33 2.73 30.88 -29.04
N PRO H 34 2.30 31.63 -28.02
CA PRO H 34 1.23 32.61 -28.25
C PRO H 34 1.73 33.72 -29.14
N ALA H 35 0.81 34.31 -29.90
CA ALA H 35 1.18 35.30 -30.88
C ALA H 35 0.14 36.42 -30.88
N TYR H 36 0.44 37.50 -31.61
CA TYR H 36 -0.47 38.64 -31.68
C TYR H 36 -1.83 38.20 -32.22
N SER H 37 -2.89 38.42 -31.44
CA SER H 37 -4.23 37.95 -31.77
C SER H 37 -5.28 39.04 -31.62
N THR H 38 -6.19 39.09 -32.60
CA THR H 38 -7.41 39.90 -32.58
C THR H 38 -8.66 39.04 -32.70
N VAL H 39 -8.61 37.78 -32.26
CA VAL H 39 -9.75 36.87 -32.32
C VAL H 39 -9.83 36.07 -31.03
N LEU H 40 -11.05 35.86 -30.54
CA LEU H 40 -11.59 35.18 -29.37
C LEU H 40 -11.91 33.73 -29.72
N PRO H 41 -11.57 32.81 -28.82
CA PRO H 41 -11.94 31.39 -29.05
C PRO H 41 -13.35 31.22 -29.63
N LYS H 42 -14.34 31.96 -29.12
CA LYS H 42 -15.72 31.71 -29.55
C LYS H 42 -15.93 32.01 -31.04
N ASP H 43 -15.11 32.88 -31.64
CA ASP H 43 -15.27 33.32 -33.02
C ASP H 43 -14.30 32.64 -34.01
N VAL H 44 -13.52 31.68 -33.53
CA VAL H 44 -12.65 30.91 -34.41
C VAL H 44 -13.48 29.98 -35.29
N SER H 45 -13.02 29.74 -36.51
CA SER H 45 -13.65 28.75 -37.39
C SER H 45 -12.86 27.45 -37.38
N LEU H 46 -13.57 26.34 -37.14
CA LEU H 46 -12.98 25.00 -37.08
C LEU H 46 -13.13 24.21 -38.38
N LYS H 47 -13.63 24.82 -39.46
CA LYS H 47 -13.83 24.11 -40.71
C LYS H 47 -12.50 23.77 -41.38
N THR H 48 -12.41 22.57 -41.96
CA THR H 48 -11.18 22.07 -42.58
C THR H 48 -11.55 20.95 -43.56
N ARG H 49 -10.58 20.53 -44.39
CA ARG H 49 -10.82 19.46 -45.37
C ARG H 49 -10.32 18.12 -44.85
N LEU H 50 -11.18 17.10 -44.93
CA LEU H 50 -10.76 15.71 -44.72
C LEU H 50 -9.98 15.17 -45.91
N THR H 51 -10.44 15.47 -47.13
CA THR H 51 -9.68 15.11 -48.33
C THR H 51 -9.55 16.33 -49.21
N ARG H 52 -9.12 16.12 -50.45
CA ARG H 52 -9.16 17.23 -51.36
C ARG H 52 -10.58 17.56 -51.80
N GLY H 53 -11.53 16.66 -51.55
CA GLY H 53 -12.89 16.89 -51.98
C GLY H 53 -13.94 16.98 -50.89
N ILE H 54 -13.68 16.41 -49.71
CA ILE H 54 -14.62 16.43 -48.60
C ILE H 54 -14.14 17.43 -47.55
N TYR H 55 -15.01 18.36 -47.17
CA TYR H 55 -14.75 19.27 -46.06
C TYR H 55 -15.54 18.84 -44.83
N LEU H 56 -15.01 19.19 -43.66
CA LEU H 56 -15.67 18.92 -42.40
C LEU H 56 -15.86 20.23 -41.66
N ASN H 57 -16.75 20.21 -40.67
CA ASN H 57 -16.90 21.41 -39.87
C ASN H 57 -16.07 21.41 -38.59
N ILE H 58 -15.57 20.24 -38.17
CA ILE H 58 -14.54 20.12 -37.15
C ILE H 58 -13.49 19.12 -37.62
N PRO H 59 -12.24 19.23 -37.19
CA PRO H 59 -11.17 18.38 -37.72
C PRO H 59 -10.99 17.07 -36.95
N LEU H 60 -12.10 16.39 -36.66
CA LEU H 60 -12.10 15.21 -35.82
C LEU H 60 -12.63 14.02 -36.63
N VAL H 61 -11.81 12.96 -36.73
CA VAL H 61 -12.19 11.71 -37.38
C VAL H 61 -12.07 10.58 -36.37
N SER H 62 -13.10 9.75 -36.28
CA SER H 62 -13.11 8.65 -35.33
C SER H 62 -12.41 7.44 -35.93
N ALA H 63 -11.82 6.62 -35.05
CA ALA H 63 -10.90 5.56 -35.45
C ALA H 63 -11.61 4.36 -36.09
N ALA H 64 -11.06 3.87 -37.22
CA ALA H 64 -11.56 2.66 -37.86
C ALA H 64 -11.19 1.41 -37.06
N MET H 65 -11.79 1.27 -35.89
CA MET H 65 -11.49 0.18 -34.98
C MET H 65 -12.79 -0.47 -34.51
N ASP H 66 -12.75 -1.78 -34.31
CA ASP H 66 -13.96 -2.51 -33.91
C ASP H 66 -14.35 -2.22 -32.47
N THR H 67 -13.64 -1.29 -31.81
CA THR H 67 -13.98 -0.84 -30.47
C THR H 67 -14.26 0.67 -30.44
N VAL H 68 -14.35 1.30 -31.61
CA VAL H 68 -14.52 2.75 -31.68
C VAL H 68 -15.67 3.09 -32.62
N THR H 69 -15.53 2.80 -33.91
CA THR H 69 -16.46 3.31 -34.93
C THR H 69 -17.23 2.20 -35.63
N GLU H 70 -18.53 2.14 -35.36
CA GLU H 70 -19.54 1.50 -36.21
C GLU H 70 -20.60 2.55 -36.56
N SER H 71 -21.73 2.11 -37.09
CA SER H 71 -22.70 3.07 -37.61
C SER H 71 -23.13 4.08 -36.55
N ARG H 72 -23.42 3.62 -35.34
CA ARG H 72 -23.89 4.52 -34.29
C ARG H 72 -22.89 5.65 -34.03
N MET H 73 -21.59 5.32 -33.95
CA MET H 73 -20.58 6.35 -33.71
C MET H 73 -20.36 7.22 -34.95
N ALA H 74 -20.35 6.61 -36.14
CA ALA H 74 -20.15 7.41 -37.36
C ALA H 74 -21.25 8.45 -37.51
N ILE H 75 -22.43 8.17 -36.97
CA ILE H 75 -23.54 9.12 -37.05
C ILE H 75 -23.32 10.26 -36.08
N ALA H 76 -22.95 9.94 -34.84
CA ALA H 76 -22.61 10.99 -33.90
C ALA H 76 -21.45 11.84 -34.42
N MET H 77 -20.46 11.20 -35.03
CA MET H 77 -19.38 11.97 -35.63
C MET H 77 -19.91 12.95 -36.68
N ALA H 78 -20.79 12.48 -37.55
CA ALA H 78 -21.31 13.36 -38.61
C ALA H 78 -22.22 14.43 -38.02
N GLN H 79 -23.07 14.06 -37.07
CA GLN H 79 -23.97 15.04 -36.47
C GLN H 79 -23.20 16.20 -35.87
N ASN H 80 -22.00 15.95 -35.34
CA ASN H 80 -21.16 16.96 -34.70
C ASN H 80 -20.19 17.63 -35.68
N GLY H 81 -20.32 17.37 -36.98
CA GLY H 81 -19.50 18.04 -37.97
C GLY H 81 -18.23 17.30 -38.37
N GLY H 82 -18.00 16.11 -37.83
CA GLY H 82 -16.89 15.29 -38.21
C GLY H 82 -17.32 14.12 -39.05
N ILE H 83 -16.46 13.10 -39.11
CA ILE H 83 -16.72 11.90 -39.88
C ILE H 83 -16.10 10.71 -39.14
N GLY H 84 -16.74 9.56 -39.28
CA GLY H 84 -16.22 8.32 -38.73
C GLY H 84 -15.90 7.34 -39.85
N ILE H 85 -14.88 6.52 -39.61
CA ILE H 85 -14.47 5.51 -40.57
C ILE H 85 -14.89 4.16 -40.00
N LEU H 86 -15.85 3.51 -40.67
CA LEU H 86 -16.31 2.21 -40.22
C LEU H 86 -15.19 1.17 -40.37
N HIS H 87 -14.97 0.39 -39.32
CA HIS H 87 -13.90 -0.59 -39.35
C HIS H 87 -14.24 -1.74 -40.30
N LYS H 88 -13.22 -2.56 -40.60
CA LYS H 88 -13.32 -3.60 -41.62
C LYS H 88 -13.31 -5.00 -41.01
N ASN H 89 -13.58 -5.11 -39.71
CA ASN H 89 -13.73 -6.39 -39.02
C ASN H 89 -15.17 -6.91 -39.13
N MET H 90 -15.60 -7.11 -40.37
CA MET H 90 -16.92 -7.62 -40.65
C MET H 90 -16.98 -7.92 -42.14
N ASP H 91 -17.85 -8.85 -42.52
CA ASP H 91 -17.93 -9.21 -43.94
C ASP H 91 -18.49 -8.04 -44.74
N ILE H 92 -18.27 -8.11 -46.06
CA ILE H 92 -18.66 -7.00 -46.93
C ILE H 92 -20.11 -6.61 -46.69
N ALA H 93 -21.01 -7.59 -46.63
CA ALA H 93 -22.43 -7.27 -46.46
C ALA H 93 -22.66 -6.42 -45.22
N ALA H 94 -22.00 -6.76 -44.12
CA ALA H 94 -22.24 -6.04 -42.87
C ALA H 94 -21.74 -4.60 -42.94
N GLN H 95 -20.57 -4.38 -43.55
CA GLN H 95 -20.03 -3.03 -43.67
C GLN H 95 -20.90 -2.17 -44.58
N ALA H 96 -21.31 -2.72 -45.73
CA ALA H 96 -22.21 -2.01 -46.62
C ALA H 96 -23.51 -1.64 -45.92
N ALA H 97 -24.01 -2.53 -45.06
CA ALA H 97 -25.19 -2.20 -44.27
C ALA H 97 -24.92 -1.04 -43.33
N GLU H 98 -23.79 -1.09 -42.61
CA GLU H 98 -23.41 0.02 -41.73
C GLU H 98 -23.41 1.34 -42.49
N VAL H 99 -22.81 1.37 -43.67
CA VAL H 99 -22.79 2.60 -44.46
C VAL H 99 -24.21 3.09 -44.69
N ARG H 100 -25.06 2.23 -45.27
N ARG H 100 -25.08 2.22 -45.24
CA ARG H 100 -26.45 2.60 -45.54
CA ARG H 100 -26.43 2.65 -45.55
C ARG H 100 -27.10 3.20 -44.31
C ARG H 100 -27.14 3.18 -44.31
N ARG H 101 -26.97 2.53 -43.16
CA ARG H 101 -27.57 3.02 -41.92
C ARG H 101 -27.14 4.46 -41.63
N VAL H 102 -25.93 4.84 -42.03
CA VAL H 102 -25.49 6.23 -41.88
C VAL H 102 -26.05 7.09 -43.01
N LYS H 103 -26.01 6.60 -44.24
CA LYS H 103 -26.47 7.41 -45.36
C LYS H 103 -27.99 7.62 -45.34
N LYS H 104 -28.74 6.70 -44.74
CA LYS H 104 -30.20 6.78 -44.67
C LYS H 104 -30.69 7.15 -43.26
N PHE H 105 -29.97 8.04 -42.58
CA PHE H 105 -30.39 8.45 -41.24
C PHE H 105 -31.12 9.78 -41.31
N GLU H 106 -32.05 9.97 -40.36
CA GLU H 106 -32.79 11.21 -40.18
C GLU H 106 -33.06 11.41 -38.70
N ALA H 107 -33.14 12.65 -38.27
CA ALA H 107 -33.40 13.01 -36.87
C ALA H 107 -34.71 13.80 -36.77
N GLY H 108 -35.09 14.11 -35.53
CA GLY H 108 -36.33 14.81 -35.27
C GLY H 108 -36.60 16.00 -36.17
N TYR H 113 -28.70 19.72 -34.97
CA TYR H 113 -27.33 19.55 -35.47
C TYR H 113 -27.07 20.40 -36.73
N PRO H 114 -26.95 21.72 -36.54
CA PRO H 114 -26.69 22.61 -37.68
C PRO H 114 -25.24 22.59 -38.16
N ASN H 115 -24.33 21.93 -37.43
CA ASN H 115 -22.97 21.73 -37.90
C ASN H 115 -22.75 20.35 -38.49
N SER H 116 -23.83 19.65 -38.84
CA SER H 116 -23.72 18.33 -39.45
C SER H 116 -22.77 18.35 -40.65
N CYS H 117 -22.07 17.23 -40.86
CA CYS H 117 -21.25 17.02 -42.05
C CYS H 117 -22.04 16.21 -43.07
N LYS H 118 -22.33 16.81 -44.23
CA LYS H 118 -23.28 16.24 -45.17
C LYS H 118 -22.80 16.39 -46.61
N ASP H 119 -23.13 15.37 -47.43
CA ASP H 119 -22.86 15.38 -48.86
C ASP H 119 -23.86 16.27 -49.61
N ASP H 120 -23.72 16.33 -50.93
CA ASP H 120 -24.57 17.18 -51.76
C ASP H 120 -26.05 16.90 -51.53
N LEU H 121 -26.39 15.64 -51.29
CA LEU H 121 -27.77 15.20 -51.09
C LEU H 121 -28.25 15.40 -49.66
N GLY H 122 -27.58 16.23 -48.88
CA GLY H 122 -27.96 16.39 -47.49
C GLY H 122 -27.82 15.14 -46.65
N ARG H 123 -27.03 14.17 -47.12
CA ARG H 123 -26.77 12.95 -46.36
C ARG H 123 -25.58 13.14 -45.42
N LEU H 124 -25.69 12.54 -44.23
CA LEU H 124 -24.56 12.49 -43.31
C LEU H 124 -23.38 11.80 -43.97
N ARG H 125 -22.24 12.47 -44.01
CA ARG H 125 -21.05 11.83 -44.56
C ARG H 125 -20.66 10.62 -43.73
N VAL H 126 -19.91 9.70 -44.35
CA VAL H 126 -19.35 8.55 -43.66
C VAL H 126 -18.19 8.02 -44.48
N GLY H 127 -17.29 7.29 -43.82
CA GLY H 127 -16.18 6.66 -44.49
C GLY H 127 -16.03 5.22 -44.01
N ALA H 128 -15.24 4.44 -44.74
CA ALA H 128 -15.07 3.04 -44.41
C ALA H 128 -13.68 2.57 -44.83
N ALA H 129 -13.14 1.64 -44.05
CA ALA H 129 -11.79 1.11 -44.25
C ALA H 129 -11.82 -0.19 -45.06
N VAL H 130 -10.85 -0.32 -45.97
CA VAL H 130 -10.61 -1.58 -46.67
C VAL H 130 -9.15 -1.96 -46.51
N GLY H 131 -8.83 -3.19 -46.89
CA GLY H 131 -7.50 -3.71 -46.89
C GLY H 131 -6.85 -3.66 -48.26
N THR H 132 -5.88 -4.53 -48.47
CA THR H 132 -5.21 -4.62 -49.76
C THR H 132 -5.40 -5.97 -50.45
N GLY H 133 -5.88 -6.99 -49.72
CA GLY H 133 -5.98 -8.35 -50.21
C GLY H 133 -7.29 -8.70 -50.91
N ALA H 134 -7.65 -9.99 -50.84
CA ALA H 134 -8.52 -10.59 -51.85
C ALA H 134 -9.83 -9.83 -52.02
N ASP H 135 -10.57 -9.64 -50.92
CA ASP H 135 -11.95 -9.17 -50.94
C ASP H 135 -12.10 -7.68 -51.29
N THR H 136 -11.00 -6.96 -51.47
CA THR H 136 -11.05 -5.50 -51.55
C THR H 136 -11.79 -5.02 -52.79
N PRO H 137 -11.69 -5.71 -53.93
CA PRO H 137 -12.54 -5.33 -55.08
C PRO H 137 -14.04 -5.40 -54.77
N SER H 138 -14.53 -6.55 -54.29
CA SER H 138 -15.93 -6.67 -53.87
C SER H 138 -16.29 -5.68 -52.77
N ARG H 139 -15.36 -5.45 -51.82
CA ARG H 139 -15.66 -4.58 -50.69
C ARG H 139 -15.86 -3.14 -51.14
N VAL H 140 -14.90 -2.59 -51.87
CA VAL H 140 -15.03 -1.23 -52.39
C VAL H 140 -16.37 -1.07 -53.10
N GLU H 141 -16.70 -2.02 -53.99
CA GLU H 141 -17.94 -1.93 -54.77
C GLU H 141 -19.16 -1.89 -53.86
N ALA H 142 -19.31 -2.89 -52.99
CA ALA H 142 -20.43 -2.87 -52.05
C ALA H 142 -20.51 -1.54 -51.32
N LEU H 143 -19.36 -1.01 -50.87
CA LEU H 143 -19.35 0.21 -50.07
C LEU H 143 -19.66 1.44 -50.92
N VAL H 144 -19.04 1.54 -52.11
CA VAL H 144 -19.33 2.68 -52.99
C VAL H 144 -20.79 2.71 -53.38
N GLU H 145 -21.35 1.55 -53.71
CA GLU H 145 -22.73 1.48 -54.16
C GLU H 145 -23.71 1.71 -53.02
N ALA H 146 -23.27 1.55 -51.77
CA ALA H 146 -24.10 1.90 -50.63
C ALA H 146 -24.01 3.38 -50.27
N GLY H 147 -23.21 4.15 -51.02
CA GLY H 147 -23.12 5.58 -50.82
C GLY H 147 -22.04 6.08 -49.89
N VAL H 148 -20.93 5.34 -49.73
CA VAL H 148 -19.84 5.78 -48.87
C VAL H 148 -19.16 7.00 -49.49
N ASP H 149 -18.79 7.96 -48.63
CA ASP H 149 -18.17 9.19 -49.12
C ASP H 149 -16.68 9.04 -49.33
N VAL H 150 -16.03 8.13 -48.60
CA VAL H 150 -14.59 7.99 -48.67
C VAL H 150 -14.19 6.55 -48.35
N ILE H 151 -13.22 6.05 -49.10
CA ILE H 151 -12.62 4.75 -48.88
C ILE H 151 -11.24 4.99 -48.28
N VAL H 152 -10.92 4.26 -47.20
CA VAL H 152 -9.61 4.37 -46.55
C VAL H 152 -8.89 3.04 -46.75
N VAL H 153 -7.91 3.01 -47.65
CA VAL H 153 -7.01 1.86 -47.73
C VAL H 153 -6.17 1.88 -46.46
N ASP H 154 -6.46 0.95 -45.54
CA ASP H 154 -6.15 1.08 -44.12
C ASP H 154 -5.15 0.00 -43.70
N THR H 155 -3.86 0.28 -43.72
CA THR H 155 -2.88 -0.74 -43.42
C THR H 155 -1.87 -0.29 -42.38
N ALA H 156 -1.17 -1.29 -41.85
CA ALA H 156 -0.10 -1.02 -40.91
C ALA H 156 1.04 -0.28 -41.59
N HIS H 157 1.34 -0.62 -42.84
CA HIS H 157 2.55 -0.11 -43.47
C HIS H 157 2.18 0.41 -44.86
N GLY H 158 1.83 1.69 -44.92
CA GLY H 158 1.31 2.24 -46.15
C GLY H 158 2.35 2.49 -47.20
N HIS H 159 3.62 2.54 -46.82
CA HIS H 159 4.69 2.74 -47.81
C HIS H 159 5.07 1.38 -48.42
N SER H 160 4.12 0.82 -49.16
CA SER H 160 4.23 -0.54 -49.65
C SER H 160 3.58 -0.61 -51.02
N ALA H 161 4.21 -1.35 -51.95
CA ALA H 161 3.59 -1.56 -53.25
C ALA H 161 2.12 -1.93 -53.10
N GLY H 162 1.79 -2.75 -52.10
CA GLY H 162 0.42 -3.17 -51.89
C GLY H 162 -0.54 -2.00 -51.74
N VAL H 163 -0.17 -1.03 -50.90
CA VAL H 163 -1.09 0.07 -50.63
C VAL H 163 -1.12 1.04 -51.80
N ILE H 164 0.05 1.35 -52.35
CA ILE H 164 0.12 2.34 -53.42
C ILE H 164 -0.78 1.92 -54.59
N GLU H 165 -0.63 0.68 -55.06
CA GLU H 165 -1.38 0.27 -56.25
C GLU H 165 -2.88 0.08 -55.95
N ARG H 166 -3.24 -0.34 -54.74
CA ARG H 166 -4.66 -0.43 -54.39
C ARG H 166 -5.33 0.94 -54.39
N VAL H 167 -4.61 1.96 -53.92
CA VAL H 167 -5.12 3.32 -53.95
C VAL H 167 -5.17 3.86 -55.38
N ARG H 168 -4.19 3.48 -56.21
CA ARG H 168 -4.27 3.78 -57.64
C ARG H 168 -5.47 3.08 -58.27
N TRP H 169 -5.77 1.86 -57.83
CA TRP H 169 -6.90 1.12 -58.39
C TRP H 169 -8.23 1.77 -58.02
N VAL H 170 -8.41 2.14 -56.75
CA VAL H 170 -9.68 2.73 -56.33
C VAL H 170 -9.91 4.04 -57.07
N LYS H 171 -8.86 4.83 -57.26
CA LYS H 171 -9.00 6.09 -58.00
C LYS H 171 -9.31 5.84 -59.47
N GLN H 172 -8.54 4.97 -60.12
CA GLN H 172 -8.75 4.70 -61.54
C GLN H 172 -10.13 4.09 -61.80
N ASN H 173 -10.68 3.32 -60.85
CA ASN H 173 -11.93 2.60 -61.07
C ASN H 173 -13.15 3.14 -60.35
N PHE H 174 -12.98 4.00 -59.35
CA PHE H 174 -14.13 4.63 -58.70
C PHE H 174 -13.83 6.11 -58.50
N PRO H 175 -13.59 6.85 -59.58
CA PRO H 175 -13.28 8.28 -59.45
C PRO H 175 -14.42 9.11 -58.87
N GLN H 176 -15.55 8.51 -58.51
CA GLN H 176 -16.63 9.25 -57.88
C GLN H 176 -16.61 9.11 -56.36
N VAL H 177 -15.63 8.41 -55.81
CA VAL H 177 -15.44 8.31 -54.37
C VAL H 177 -14.04 8.84 -54.05
N GLN H 178 -13.92 9.48 -52.90
CA GLN H 178 -12.61 9.91 -52.42
C GLN H 178 -11.87 8.73 -51.80
N VAL H 179 -10.55 8.71 -51.98
CA VAL H 179 -9.72 7.65 -51.41
C VAL H 179 -8.58 8.22 -50.56
N ILE H 180 -8.32 7.56 -49.43
CA ILE H 180 -7.19 7.88 -48.57
C ILE H 180 -6.30 6.64 -48.43
N GLY H 181 -5.00 6.87 -48.31
CA GLY H 181 -4.05 5.79 -48.06
C GLY H 181 -3.16 6.04 -46.86
N GLY H 182 -2.78 4.93 -46.21
CA GLY H 182 -1.92 5.01 -45.04
C GLY H 182 -1.78 3.63 -44.42
N ASN H 183 -1.10 3.58 -43.28
CA ASN H 183 -0.53 4.75 -42.59
C ASN H 183 0.94 4.94 -42.99
N ILE H 184 1.43 6.16 -42.87
CA ILE H 184 2.75 6.55 -43.33
C ILE H 184 3.34 7.56 -42.36
N ALA H 185 4.65 7.81 -42.49
CA ALA H 185 5.31 8.73 -41.57
C ALA H 185 6.44 9.51 -42.21
N THR H 186 6.62 9.47 -43.52
CA THR H 186 7.74 10.15 -44.15
C THR H 186 7.26 10.87 -45.41
N GLY H 187 8.01 11.89 -45.82
CA GLY H 187 7.69 12.58 -47.05
C GLY H 187 7.71 11.67 -48.26
N ASP H 188 8.73 10.81 -48.35
CA ASP H 188 8.80 9.88 -49.47
C ASP H 188 7.52 9.06 -49.58
N ALA H 189 7.06 8.50 -48.47
CA ALA H 189 5.83 7.71 -48.49
C ALA H 189 4.65 8.56 -48.96
N ALA H 190 4.60 9.83 -48.56
CA ALA H 190 3.48 10.67 -48.95
C ALA H 190 3.52 11.00 -50.43
N LEU H 191 4.72 11.22 -50.99
CA LEU H 191 4.83 11.50 -52.42
C LEU H 191 4.42 10.28 -53.24
N ALA H 192 4.79 9.08 -52.79
CA ALA H 192 4.39 7.88 -53.50
C ALA H 192 2.88 7.75 -53.58
N LEU H 193 2.18 8.11 -52.49
CA LEU H 193 0.72 8.02 -52.45
C LEU H 193 0.05 9.21 -53.13
N LEU H 194 0.69 10.37 -53.10
CA LEU H 194 0.18 11.50 -53.89
C LEU H 194 0.17 11.16 -55.37
N ASP H 195 1.29 10.60 -55.87
CA ASP H 195 1.39 10.27 -57.29
C ASP H 195 0.43 9.15 -57.66
N ALA H 196 0.08 8.30 -56.71
CA ALA H 196 -0.83 7.19 -56.97
C ALA H 196 -2.27 7.63 -57.21
N GLY H 197 -2.66 8.81 -56.73
CA GLY H 197 -4.02 9.29 -56.88
C GLY H 197 -4.75 9.57 -55.57
N ALA H 198 -4.03 9.54 -54.45
CA ALA H 198 -4.66 9.69 -53.14
C ALA H 198 -5.27 11.09 -53.00
N ASP H 199 -6.43 11.16 -52.35
CA ASP H 199 -7.02 12.48 -52.09
C ASP H 199 -6.62 13.02 -50.73
N ALA H 200 -5.90 12.24 -49.92
CA ALA H 200 -5.35 12.55 -48.61
C ALA H 200 -4.59 11.33 -48.14
N VAL H 201 -3.70 11.52 -47.17
CA VAL H 201 -2.97 10.42 -46.56
C VAL H 201 -3.16 10.46 -45.06
N LYS H 202 -3.13 9.29 -44.44
CA LYS H 202 -3.20 9.18 -42.99
C LYS H 202 -1.80 8.91 -42.44
N VAL H 203 -1.35 9.79 -41.52
CA VAL H 203 0.01 9.80 -41.00
C VAL H 203 0.03 9.21 -39.59
N GLY H 204 0.97 8.30 -39.34
CA GLY H 204 1.15 7.78 -37.99
C GLY H 204 1.63 6.34 -37.90
N ILE H 205 2.92 6.12 -37.64
CA ILE H 205 3.51 4.79 -37.44
C ILE H 205 4.08 4.74 -36.03
N GLY H 206 3.39 4.04 -35.13
CA GLY H 206 3.86 3.94 -33.75
C GLY H 206 3.25 4.86 -32.67
N PRO H 207 2.57 5.95 -33.04
CA PRO H 207 2.08 6.86 -31.99
C PRO H 207 0.83 6.39 -31.25
N GLY H 208 0.13 5.36 -31.73
CA GLY H 208 -1.13 4.98 -31.13
C GLY H 208 -1.00 4.54 -29.68
N SER H 209 -2.04 4.84 -28.90
CA SER H 209 -1.98 4.55 -27.47
C SER H 209 -1.99 3.06 -27.18
N ILE H 210 -2.65 2.25 -28.02
CA ILE H 210 -2.62 0.81 -27.83
C ILE H 210 -1.52 0.18 -28.69
N CYS H 211 -0.60 0.98 -29.21
CA CYS H 211 0.43 0.49 -30.13
C CYS H 211 1.59 -0.10 -29.35
N THR H 212 2.03 -1.29 -29.77
CA THR H 212 3.25 -1.90 -29.28
C THR H 212 4.28 -2.09 -30.41
N THR H 213 4.04 -1.50 -31.57
CA THR H 213 4.97 -1.63 -32.69
C THR H 213 6.36 -1.13 -32.30
N ARG H 214 6.43 -0.05 -31.52
N ARG H 214 6.43 -0.06 -31.49
CA ARG H 214 7.72 0.45 -31.06
CA ARG H 214 7.73 0.45 -31.10
C ARG H 214 8.50 -0.63 -30.33
C ARG H 214 8.51 -0.56 -30.26
N ILE H 215 7.82 -1.42 -29.50
CA ILE H 215 8.48 -2.46 -28.72
C ILE H 215 8.76 -3.69 -29.57
N VAL H 216 7.80 -4.09 -30.40
CA VAL H 216 7.90 -5.38 -31.07
C VAL H 216 8.86 -5.32 -32.24
N ALA H 217 8.74 -4.28 -33.05
CA ALA H 217 9.50 -4.16 -34.29
C ALA H 217 10.66 -3.18 -34.18
N GLY H 218 10.68 -2.35 -33.14
CA GLY H 218 11.61 -1.23 -33.05
C GLY H 218 11.33 -0.10 -34.00
N ILE H 219 10.12 -0.05 -34.57
CA ILE H 219 9.75 0.82 -35.67
C ILE H 219 8.88 1.97 -35.16
N GLY H 220 9.08 3.15 -35.71
CA GLY H 220 8.30 4.28 -35.24
C GLY H 220 8.82 5.62 -35.68
N MET H 221 8.00 6.65 -35.53
CA MET H 221 8.31 8.01 -35.95
C MET H 221 7.52 8.97 -35.08
N PRO H 222 8.17 9.71 -34.19
CA PRO H 222 7.46 10.67 -33.34
C PRO H 222 6.46 11.54 -34.12
N GLN H 223 5.22 11.60 -33.63
CA GLN H 223 4.10 12.04 -34.46
C GLN H 223 4.28 13.47 -34.96
N ILE H 224 4.79 14.39 -34.12
CA ILE H 224 4.95 15.77 -34.59
C ILE H 224 5.91 15.81 -35.76
N SER H 225 7.05 15.10 -35.65
CA SER H 225 8.01 15.06 -36.76
C SER H 225 7.47 14.28 -37.95
N ALA H 226 6.62 13.28 -37.72
CA ALA H 226 5.98 12.60 -38.83
C ALA H 226 5.04 13.53 -39.57
N ILE H 227 4.28 14.34 -38.82
CA ILE H 227 3.36 15.30 -39.45
C ILE H 227 4.13 16.33 -40.27
N ASP H 228 5.24 16.81 -39.74
CA ASP H 228 6.02 17.81 -40.47
C ASP H 228 6.68 17.21 -41.70
N SER H 229 7.18 15.97 -41.60
CA SER H 229 7.85 15.35 -42.74
C SER H 229 6.89 15.16 -43.89
N VAL H 230 5.69 14.66 -43.60
CA VAL H 230 4.66 14.46 -44.62
C VAL H 230 4.15 15.79 -45.16
N ALA H 231 3.87 16.77 -44.28
CA ALA H 231 3.31 18.03 -44.76
C ALA H 231 4.32 18.83 -45.58
N SER H 232 5.61 18.73 -45.29
CA SER H 232 6.59 19.42 -46.14
C SER H 232 6.68 18.80 -47.53
N ALA H 233 6.42 17.50 -47.65
CA ALA H 233 6.46 16.89 -48.96
C ALA H 233 5.20 17.19 -49.77
N LEU H 234 4.02 17.14 -49.14
CA LEU H 234 2.78 17.33 -49.88
C LEU H 234 2.61 18.77 -50.38
N LYS H 235 3.16 19.75 -49.65
CA LYS H 235 3.05 21.16 -50.04
C LYS H 235 1.60 21.56 -50.29
N ASP H 236 0.70 20.99 -49.49
CA ASP H 236 -0.72 21.29 -49.49
C ASP H 236 -1.47 20.72 -50.68
N GLN H 237 -0.82 19.97 -51.58
CA GLN H 237 -1.56 19.35 -52.68
C GLN H 237 -2.69 18.47 -52.15
N ILE H 238 -2.46 17.74 -51.06
CA ILE H 238 -3.56 17.05 -50.39
C ILE H 238 -3.38 17.15 -48.89
N PRO H 239 -4.48 17.08 -48.15
CA PRO H 239 -4.41 17.16 -46.69
C PRO H 239 -3.99 15.82 -46.09
N LEU H 240 -3.37 15.89 -44.91
CA LEU H 240 -3.01 14.69 -44.18
C LEU H 240 -3.83 14.61 -42.89
N ILE H 241 -4.07 13.39 -42.43
CA ILE H 241 -4.83 13.09 -41.22
C ILE H 241 -3.82 12.61 -40.17
N ALA H 242 -3.72 13.34 -39.05
CA ALA H 242 -2.80 12.97 -38.00
C ALA H 242 -3.45 11.93 -37.10
N ASP H 243 -3.00 10.67 -37.20
CA ASP H 243 -3.70 9.51 -36.65
C ASP H 243 -2.88 8.83 -35.55
N GLY H 244 -3.39 8.87 -34.33
CA GLY H 244 -2.83 8.22 -33.17
C GLY H 244 -1.98 9.15 -32.31
N GLY H 245 -1.92 8.84 -31.01
CA GLY H 245 -1.16 9.59 -30.05
C GLY H 245 -1.90 10.73 -29.36
N ILE H 246 -3.13 11.03 -29.76
CA ILE H 246 -3.83 12.21 -29.26
C ILE H 246 -4.44 11.89 -27.90
N ARG H 247 -3.99 12.62 -26.87
CA ARG H 247 -4.46 12.42 -25.51
C ARG H 247 -5.24 13.60 -24.96
N PHE H 248 -4.91 14.81 -25.41
CA PHE H 248 -5.46 16.05 -24.91
C PHE H 248 -5.77 16.96 -26.10
N SER H 249 -6.69 17.90 -25.87
CA SER H 249 -7.01 18.86 -26.91
C SER H 249 -5.76 19.60 -27.36
N GLY H 250 -4.84 19.88 -26.43
CA GLY H 250 -3.59 20.52 -26.80
C GLY H 250 -2.80 19.77 -27.86
N ASP H 251 -2.91 18.42 -27.88
CA ASP H 251 -2.24 17.66 -28.94
C ASP H 251 -2.88 17.90 -30.30
N MET H 252 -4.17 18.22 -30.34
CA MET H 252 -4.79 18.55 -31.62
C MET H 252 -4.21 19.83 -32.20
N ALA H 253 -4.04 20.86 -31.37
CA ALA H 253 -3.52 22.13 -31.88
C ALA H 253 -2.11 21.96 -32.44
N LYS H 254 -1.21 21.28 -31.69
CA LYS H 254 0.15 21.02 -32.18
C LYS H 254 0.13 20.25 -33.49
N ALA H 255 -0.66 19.17 -33.56
CA ALA H 255 -0.77 18.41 -34.81
C ALA H 255 -1.13 19.31 -35.98
N ILE H 256 -2.17 20.14 -35.82
CA ILE H 256 -2.60 21.03 -36.89
C ILE H 256 -1.53 22.06 -37.17
N GLY H 257 -0.97 22.65 -36.10
CA GLY H 257 0.14 23.59 -36.27
C GLY H 257 1.36 23.00 -36.97
N ALA H 258 1.68 21.73 -36.70
CA ALA H 258 2.76 21.06 -37.42
C ALA H 258 2.38 20.69 -38.86
N GLY H 259 1.09 20.76 -39.23
CA GLY H 259 0.70 20.57 -40.63
C GLY H 259 -0.56 19.75 -40.90
N ALA H 260 -1.09 19.11 -39.86
CA ALA H 260 -2.28 18.30 -40.01
C ALA H 260 -3.48 19.13 -40.48
N SER H 261 -4.34 18.49 -41.27
CA SER H 261 -5.64 19.07 -41.56
C SER H 261 -6.76 18.47 -40.71
N THR H 262 -6.58 17.24 -40.25
CA THR H 262 -7.51 16.61 -39.34
C THR H 262 -6.78 15.68 -38.41
N ILE H 263 -7.50 15.25 -37.39
CA ILE H 263 -6.99 14.40 -36.33
C ILE H 263 -7.87 13.16 -36.29
N MET H 264 -7.24 11.99 -36.24
CA MET H 264 -7.94 10.75 -36.04
C MET H 264 -7.66 10.26 -34.63
N VAL H 265 -8.71 9.86 -33.91
CA VAL H 265 -8.54 9.43 -32.51
C VAL H 265 -9.28 8.13 -32.28
N GLY H 266 -8.64 7.24 -31.53
CA GLY H 266 -9.27 6.03 -31.05
C GLY H 266 -9.60 6.08 -29.57
N SER H 267 -8.59 6.21 -28.72
N SER H 267 -8.57 6.19 -28.73
CA SER H 267 -8.84 6.04 -27.29
CA SER H 267 -8.76 6.09 -27.29
C SER H 267 -9.70 7.17 -26.73
C SER H 267 -9.71 7.15 -26.77
N LEU H 268 -9.55 8.40 -27.23
CA LEU H 268 -10.38 9.48 -26.69
C LEU H 268 -11.86 9.23 -26.93
N LEU H 269 -12.22 8.51 -28.01
CA LEU H 269 -13.63 8.22 -28.26
C LEU H 269 -14.08 6.86 -27.74
N ALA H 270 -13.16 5.93 -27.48
CA ALA H 270 -13.56 4.65 -26.94
C ALA H 270 -14.06 4.82 -25.50
N GLY H 271 -15.01 3.97 -25.11
CA GLY H 271 -15.66 4.09 -23.83
C GLY H 271 -16.86 5.02 -23.81
N THR H 272 -17.13 5.73 -24.91
CA THR H 272 -18.31 6.56 -25.02
C THR H 272 -19.54 5.70 -25.26
N GLU H 273 -20.69 6.25 -24.88
CA GLU H 273 -21.93 5.53 -25.10
C GLU H 273 -22.05 5.07 -26.55
N GLU H 274 -21.67 5.92 -27.49
CA GLU H 274 -21.91 5.63 -28.90
C GLU H 274 -20.91 4.63 -29.49
N ALA H 275 -19.93 4.21 -28.71
CA ALA H 275 -18.98 3.29 -29.32
C ALA H 275 -19.43 1.84 -29.18
N PRO H 276 -19.01 0.97 -30.10
CA PRO H 276 -19.41 -0.44 -30.03
C PRO H 276 -19.12 -1.07 -28.68
N GLY H 277 -19.74 -2.20 -28.38
CA GLY H 277 -19.48 -2.94 -27.16
C GLY H 277 -20.45 -2.59 -26.04
N GLU H 278 -20.51 -3.46 -25.05
CA GLU H 278 -21.36 -3.30 -23.89
C GLU H 278 -20.55 -2.80 -22.71
N VAL H 279 -21.18 -2.01 -21.85
CA VAL H 279 -20.53 -1.53 -20.63
C VAL H 279 -20.44 -2.67 -19.63
N GLU H 280 -19.27 -2.87 -19.04
CA GLU H 280 -19.06 -3.89 -18.03
C GLU H 280 -18.93 -3.24 -16.66
N PHE H 281 -19.17 -4.04 -15.63
CA PHE H 281 -19.02 -3.62 -14.25
C PHE H 281 -17.85 -4.37 -13.64
N PHE H 282 -16.97 -3.64 -12.95
CA PHE H 282 -15.74 -4.25 -12.42
C PHE H 282 -15.29 -3.39 -11.23
N GLN H 283 -15.70 -3.80 -10.03
CA GLN H 283 -15.23 -3.15 -8.81
C GLN H 283 -15.78 -1.72 -8.73
N GLY H 284 -17.10 -1.59 -8.81
CA GLY H 284 -17.75 -0.30 -8.65
C GLY H 284 -17.49 0.73 -9.73
N ARG H 285 -16.71 0.40 -10.75
CA ARG H 285 -16.48 1.28 -11.87
C ARG H 285 -17.11 0.69 -13.13
N TYR H 286 -17.26 1.54 -14.15
CA TYR H 286 -17.83 1.12 -15.42
C TYR H 286 -16.81 1.28 -16.53
N TYR H 287 -16.79 0.32 -17.46
CA TYR H 287 -15.77 0.27 -18.48
C TYR H 287 -16.36 -0.13 -19.83
N LYS H 288 -15.52 -0.03 -20.86
CA LYS H 288 -15.77 -0.64 -22.15
C LYS H 288 -14.45 -1.25 -22.63
N ALA H 289 -14.53 -1.96 -23.74
CA ALA H 289 -13.35 -2.58 -24.33
C ALA H 289 -12.68 -1.59 -25.27
N TYR H 290 -11.35 -1.59 -25.25
CA TYR H 290 -10.56 -0.89 -26.25
C TYR H 290 -9.34 -1.73 -26.58
N ARG H 291 -9.16 -2.03 -27.86
CA ARG H 291 -8.10 -2.93 -28.27
C ARG H 291 -7.59 -2.51 -29.65
N GLY H 292 -6.33 -2.77 -29.90
CA GLY H 292 -5.78 -2.48 -31.21
C GLY H 292 -6.22 -3.50 -32.23
N MET H 293 -6.21 -3.08 -33.50
CA MET H 293 -6.54 -4.01 -34.57
C MET H 293 -5.40 -4.99 -34.83
N GLY H 294 -4.25 -4.79 -34.20
CA GLY H 294 -3.16 -5.75 -34.26
C GLY H 294 -2.95 -6.50 -32.96
N SER H 295 -3.97 -6.53 -32.10
CA SER H 295 -3.89 -7.33 -30.90
C SER H 295 -4.36 -8.75 -31.21
N LEU H 296 -4.11 -9.65 -30.24
CA LEU H 296 -4.52 -11.05 -30.41
C LEU H 296 -6.01 -11.15 -30.68
N GLY H 297 -6.82 -10.49 -29.85
CA GLY H 297 -8.26 -10.61 -29.97
C GLY H 297 -8.78 -10.08 -31.30
N ALA H 298 -8.38 -8.86 -31.66
CA ALA H 298 -8.80 -8.35 -32.95
C ALA H 298 -8.43 -9.30 -34.08
N MET H 299 -7.31 -10.00 -33.96
CA MET H 299 -6.84 -10.83 -35.06
C MET H 299 -7.40 -12.24 -35.05
N ALA H 300 -7.89 -12.71 -33.90
CA ALA H 300 -8.48 -14.04 -33.82
C ALA H 300 -10.00 -13.98 -33.62
N LEU H 320 1.32 -13.42 -37.86
CA LEU H 320 1.77 -12.13 -37.36
C LEU H 320 1.73 -12.08 -35.83
N VAL H 321 2.86 -11.75 -35.21
CA VAL H 321 2.83 -11.55 -33.76
C VAL H 321 2.06 -10.26 -33.48
N PRO H 322 1.27 -10.20 -32.42
CA PRO H 322 0.45 -9.00 -32.19
C PRO H 322 1.32 -7.76 -32.09
N GLU H 323 0.72 -6.63 -32.49
CA GLU H 323 1.36 -5.32 -32.46
C GLU H 323 0.49 -4.30 -31.72
N GLY H 324 -0.47 -4.78 -30.93
CA GLY H 324 -1.31 -3.91 -30.12
C GLY H 324 -1.83 -4.69 -28.95
N ILE H 325 -2.30 -3.96 -27.95
CA ILE H 325 -2.76 -4.56 -26.70
C ILE H 325 -4.28 -4.61 -26.68
N GLU H 326 -4.82 -5.31 -25.68
CA GLU H 326 -6.26 -5.32 -25.38
C GLU H 326 -6.49 -4.81 -23.96
N GLY H 327 -7.57 -4.06 -23.75
CA GLY H 327 -7.82 -3.59 -22.40
C GLY H 327 -9.20 -2.95 -22.27
N ARG H 328 -9.49 -2.55 -21.03
CA ARG H 328 -10.68 -1.78 -20.69
C ARG H 328 -10.33 -0.30 -20.58
N VAL H 329 -11.27 0.55 -20.97
CA VAL H 329 -11.16 1.98 -20.70
C VAL H 329 -12.39 2.41 -19.92
N PRO H 330 -12.29 3.42 -19.06
CA PRO H 330 -13.46 3.88 -18.30
C PRO H 330 -14.60 4.33 -19.22
N TYR H 331 -15.82 4.02 -18.81
CA TYR H 331 -16.99 4.51 -19.50
C TYR H 331 -17.01 6.04 -19.46
N LYS H 332 -17.31 6.65 -20.61
CA LYS H 332 -17.16 8.10 -20.73
C LYS H 332 -18.47 8.84 -20.92
N GLY H 333 -19.60 8.14 -21.04
CA GLY H 333 -20.85 8.79 -21.31
C GLY H 333 -20.89 9.27 -22.73
N PRO H 334 -21.85 10.14 -23.04
CA PRO H 334 -22.05 10.54 -24.45
C PRO H 334 -20.78 11.11 -25.06
N MET H 335 -20.58 10.80 -26.33
CA MET H 335 -19.43 11.31 -27.07
C MET H 335 -19.50 12.82 -27.27
N GLY H 336 -20.69 13.42 -27.23
CA GLY H 336 -20.80 14.86 -27.46
C GLY H 336 -20.03 15.69 -26.45
N ASN H 337 -20.02 15.27 -25.17
CA ASN H 337 -19.29 16.02 -24.16
C ASN H 337 -17.79 16.03 -24.45
N ILE H 338 -17.25 14.89 -24.86
CA ILE H 338 -15.83 14.80 -25.18
C ILE H 338 -15.51 15.64 -26.40
N VAL H 339 -16.28 15.46 -27.47
CA VAL H 339 -16.06 16.23 -28.69
C VAL H 339 -16.07 17.72 -28.40
N HIS H 340 -17.06 18.18 -27.61
N HIS H 340 -17.06 18.17 -27.62
CA HIS H 340 -17.16 19.61 -27.35
CA HIS H 340 -17.18 19.60 -27.33
C HIS H 340 -16.00 20.11 -26.50
C HIS H 340 -15.98 20.08 -26.52
N GLN H 341 -15.63 19.36 -25.45
CA GLN H 341 -14.48 19.78 -24.64
C GLN H 341 -13.22 19.83 -25.49
N MET H 342 -13.01 18.82 -26.34
CA MET H 342 -11.88 18.83 -27.26
C MET H 342 -11.84 20.11 -28.09
N MET H 343 -12.92 20.37 -28.84
CA MET H 343 -12.92 21.56 -29.70
C MET H 343 -12.83 22.85 -28.87
N GLY H 344 -13.35 22.84 -27.64
CA GLY H 344 -13.10 23.96 -26.75
C GLY H 344 -11.62 24.25 -26.60
N GLY H 345 -10.83 23.23 -26.30
CA GLY H 345 -9.40 23.42 -26.16
C GLY H 345 -8.77 23.95 -27.43
N LEU H 346 -9.14 23.36 -28.58
CA LEU H 346 -8.56 23.81 -29.85
C LEU H 346 -8.91 25.27 -30.11
N ARG H 347 -10.15 25.68 -29.80
CA ARG H 347 -10.52 27.09 -29.90
C ARG H 347 -9.60 27.96 -29.04
N SER H 348 -9.46 27.58 -27.78
CA SER H 348 -8.55 28.31 -26.89
C SER H 348 -7.18 28.51 -27.54
N SER H 349 -6.67 27.47 -28.19
N SER H 349 -6.65 27.48 -28.22
CA SER H 349 -5.34 27.54 -28.80
CA SER H 349 -5.32 27.62 -28.78
C SER H 349 -5.33 28.51 -29.97
C SER H 349 -5.28 28.46 -30.04
N MET H 350 -6.34 28.44 -30.85
CA MET H 350 -6.36 29.32 -32.00
C MET H 350 -6.57 30.77 -31.58
N GLY H 351 -7.26 30.98 -30.45
CA GLY H 351 -7.27 32.31 -29.85
C GLY H 351 -5.88 32.74 -29.40
N TYR H 352 -5.18 31.86 -28.65
CA TYR H 352 -3.81 32.17 -28.23
C TYR H 352 -2.93 32.47 -29.42
N THR H 353 -3.20 31.82 -30.56
CA THR H 353 -2.30 31.88 -31.71
C THR H 353 -2.67 32.94 -32.72
N GLY H 354 -3.77 33.66 -32.52
CA GLY H 354 -4.27 34.57 -33.54
C GLY H 354 -4.74 33.87 -34.79
N SER H 355 -5.36 32.70 -34.67
CA SER H 355 -5.77 31.90 -35.82
C SER H 355 -7.29 31.92 -35.94
N ALA H 356 -7.81 32.74 -36.87
CA ALA H 356 -9.26 32.84 -37.01
C ALA H 356 -9.82 31.64 -37.76
N VAL H 357 -9.03 31.01 -38.64
CA VAL H 357 -9.41 29.79 -39.33
C VAL H 357 -8.30 28.74 -39.22
N ILE H 358 -8.72 27.48 -39.38
CA ILE H 358 -7.80 26.35 -39.28
C ILE H 358 -6.55 26.62 -40.08
N GLU H 359 -6.71 27.25 -41.25
CA GLU H 359 -5.59 27.41 -42.16
C GLU H 359 -4.58 28.43 -41.64
N ASP H 360 -4.99 29.35 -40.78
CA ASP H 360 -4.01 30.26 -40.15
C ASP H 360 -3.11 29.49 -39.19
N LEU H 361 -3.70 28.68 -38.31
CA LEU H 361 -2.91 27.82 -37.44
C LEU H 361 -1.89 27.01 -38.22
N ARG H 362 -2.36 26.27 -39.26
CA ARG H 362 -1.46 25.45 -40.06
C ARG H 362 -0.30 26.25 -40.62
N GLN H 363 -0.54 27.50 -41.03
CA GLN H 363 0.45 28.28 -41.77
C GLN H 363 1.38 29.11 -40.89
N ASN H 364 0.93 29.52 -39.70
CA ASN H 364 1.64 30.53 -38.91
C ASN H 364 2.17 30.02 -37.58
N ALA H 365 1.85 28.79 -37.20
CA ALA H 365 2.22 28.28 -35.88
C ALA H 365 3.73 28.25 -35.70
N LYS H 366 4.18 28.81 -34.58
CA LYS H 366 5.56 28.71 -34.14
C LYS H 366 5.63 27.83 -32.89
N PHE H 367 6.69 27.03 -32.81
CA PHE H 367 6.88 26.12 -31.69
C PHE H 367 8.21 26.43 -31.03
N VAL H 368 8.31 26.06 -29.77
CA VAL H 368 9.61 25.92 -29.12
C VAL H 368 9.73 24.47 -28.70
N LYS H 369 10.97 23.97 -28.68
CA LYS H 369 11.28 22.67 -28.11
C LYS H 369 11.50 22.84 -26.61
N ILE H 370 10.90 21.97 -25.81
CA ILE H 370 11.08 21.95 -24.36
C ILE H 370 11.75 20.65 -23.95
N THR H 371 12.40 20.68 -22.77
CA THR H 371 13.12 19.52 -22.24
C THR H 371 12.21 18.63 -21.40
N SER H 372 12.80 17.55 -20.88
CA SER H 372 12.13 16.71 -19.90
C SER H 372 11.65 17.52 -18.70
N ALA H 373 12.43 18.53 -18.29
CA ALA H 373 12.04 19.37 -17.14
C ALA H 373 10.65 19.94 -17.34
N GLY H 374 10.41 20.60 -18.48
CA GLY H 374 9.09 21.13 -18.82
C GLY H 374 8.18 20.12 -19.49
#